data_4FXT
#
_entry.id   4FXT
#
_cell.length_a   52.810
_cell.length_b   351.002
_cell.length_c   90.343
_cell.angle_alpha   90.000
_cell.angle_beta   93.420
_cell.angle_gamma   90.000
#
_symmetry.space_group_name_H-M   'P 1 21 1'
#
loop_
_entity.id
_entity.type
_entity.pdbx_description
1 polymer 'Uncharacterized protein'
2 non-polymer 1,2-ETHANEDIOL
3 water water
#
_entity_poly.entity_id   1
_entity_poly.type   'polypeptide(L)'
_entity_poly.pdbx_seq_one_letter_code
;GNFEEPKATLTGKAIYDGEAVGVRSGSSEFALFQDGYALKGSIPVYIAQDGSYSVSLFNGDYKLVR(MSE)GNAPWERPS
NDTIYITVRGNTVQDIPVTPYFFVRNVSFAKNGNKITARFTINKVVANAN(MSE)ENVGIYLGTGILTDEKQKEAELKLG
NTVSLDQENTAEIEIPSGLVNESYLYARVGVKSDKSSEYCYSQSIKVALK
;
_entity_poly.pdbx_strand_id   A,B,C,D,E,F,G,H,I,J,K,L,M,N
#
loop_
_chem_comp.id
_chem_comp.type
_chem_comp.name
_chem_comp.formula
EDO non-polymer 1,2-ETHANEDIOL 'C2 H6 O2'
#
# COMPACT_ATOMS: atom_id res chain seq x y z
N PRO A 6 63.84 -22.13 -34.06
CA PRO A 6 63.28 -21.20 -33.06
C PRO A 6 61.97 -20.56 -33.58
N LYS A 7 61.31 -21.27 -34.53
CA LYS A 7 60.08 -20.87 -35.22
C LYS A 7 58.87 -21.31 -34.40
N ALA A 8 58.34 -20.37 -33.62
CA ALA A 8 57.20 -20.41 -32.67
C ALA A 8 55.85 -20.72 -33.34
N THR A 9 54.80 -20.98 -32.51
CA THR A 9 53.44 -21.27 -32.97
C THR A 9 52.48 -20.22 -32.41
N LEU A 10 51.75 -19.51 -33.29
CA LEU A 10 50.70 -18.55 -32.90
C LEU A 10 49.35 -19.19 -33.12
N THR A 11 48.60 -19.39 -32.04
CA THR A 11 47.28 -20.01 -32.12
C THR A 11 46.26 -19.10 -31.48
N GLY A 12 45.00 -19.34 -31.74
CA GLY A 12 43.89 -18.55 -31.20
C GLY A 12 42.57 -18.90 -31.86
N LYS A 13 41.59 -18.00 -31.71
CA LYS A 13 40.23 -18.13 -32.21
C LYS A 13 39.64 -16.79 -32.64
N ALA A 14 38.77 -16.80 -33.68
CA ALA A 14 37.97 -15.63 -34.06
C ALA A 14 36.82 -15.57 -33.08
N ILE A 15 36.79 -14.52 -32.25
CA ILE A 15 35.89 -14.46 -31.11
C ILE A 15 34.88 -13.31 -31.18
N TYR A 16 33.65 -13.66 -30.82
CA TYR A 16 32.52 -12.76 -30.64
C TYR A 16 31.78 -13.18 -29.42
N ASP A 17 31.50 -12.21 -28.51
CA ASP A 17 30.79 -12.42 -27.26
C ASP A 17 31.35 -13.70 -26.61
N GLY A 18 32.69 -13.77 -26.54
CA GLY A 18 33.46 -14.85 -25.93
C GLY A 18 33.32 -16.24 -26.51
N GLU A 19 32.75 -16.34 -27.71
CA GLU A 19 32.52 -17.61 -28.41
C GLU A 19 33.26 -17.65 -29.73
N ALA A 20 33.74 -18.85 -30.11
CA ALA A 20 34.41 -19.00 -31.41
C ALA A 20 33.38 -18.91 -32.53
N VAL A 21 33.64 -18.02 -33.48
CA VAL A 21 32.72 -17.75 -34.60
C VAL A 21 32.90 -18.81 -35.68
N GLY A 22 31.84 -19.58 -35.91
CA GLY A 22 31.83 -20.65 -36.89
C GLY A 22 31.92 -20.12 -38.31
N VAL A 23 32.74 -20.78 -39.13
CA VAL A 23 32.83 -20.30 -40.49
C VAL A 23 32.99 -21.52 -41.42
N ARG A 24 32.98 -21.30 -42.77
CA ARG A 24 33.15 -22.38 -43.72
C ARG A 24 34.67 -22.71 -43.87
N SER A 25 35.02 -24.02 -43.81
CA SER A 25 36.40 -24.46 -43.94
C SER A 25 36.90 -24.03 -45.30
N GLY A 26 38.08 -23.41 -45.31
CA GLY A 26 38.77 -22.87 -46.47
C GLY A 26 38.18 -21.61 -47.05
N SER A 27 37.59 -20.74 -46.21
CA SER A 27 36.94 -19.54 -46.76
C SER A 27 37.45 -18.22 -46.16
N SER A 28 37.79 -18.27 -44.85
CA SER A 28 38.14 -17.09 -44.10
C SER A 28 39.58 -17.12 -43.63
N GLU A 29 40.16 -15.91 -43.56
CA GLU A 29 41.56 -15.65 -43.22
C GLU A 29 41.76 -14.38 -42.44
N PHE A 30 43.00 -14.21 -41.94
CA PHE A 30 43.60 -13.02 -41.38
C PHE A 30 44.93 -12.82 -42.10
N ALA A 31 45.44 -11.60 -42.15
CA ALA A 31 46.74 -11.35 -42.76
C ALA A 31 47.67 -10.81 -41.71
N LEU A 32 48.88 -11.36 -41.69
CA LEU A 32 49.88 -11.05 -40.70
C LEU A 32 51.05 -10.28 -41.37
N PHE A 33 51.35 -9.11 -40.83
CA PHE A 33 52.38 -8.23 -41.35
C PHE A 33 53.44 -7.92 -40.34
N GLN A 34 54.58 -7.46 -40.86
CA GLN A 34 55.73 -6.98 -40.12
C GLN A 34 55.87 -5.44 -40.45
N ASP A 35 55.98 -4.60 -39.39
CA ASP A 35 56.07 -3.14 -39.54
C ASP A 35 57.46 -2.74 -40.08
N GLY A 36 58.49 -3.49 -39.66
CA GLY A 36 59.87 -3.29 -40.08
C GLY A 36 60.12 -3.77 -41.48
N GLY A 41 56.22 -8.57 -47.87
CA GLY A 41 54.86 -9.09 -48.03
C GLY A 41 54.08 -9.42 -46.76
N SER A 42 52.91 -10.08 -46.91
CA SER A 42 52.03 -10.52 -45.82
C SER A 42 52.04 -12.05 -45.63
N ILE A 43 51.70 -12.51 -44.42
CA ILE A 43 51.61 -13.93 -44.05
C ILE A 43 50.13 -14.32 -43.92
N PRO A 44 49.62 -15.31 -44.67
CA PRO A 44 48.21 -15.70 -44.49
C PRO A 44 48.00 -16.53 -43.20
N VAL A 45 46.81 -16.45 -42.62
CA VAL A 45 46.43 -17.11 -41.37
C VAL A 45 45.04 -17.73 -41.58
N TYR A 46 45.07 -18.98 -42.05
CA TYR A 46 43.92 -19.74 -42.46
C TYR A 46 43.12 -20.26 -41.23
N ILE A 47 41.86 -19.84 -41.18
CA ILE A 47 40.92 -20.13 -40.10
C ILE A 47 40.13 -21.38 -40.43
N ALA A 48 40.15 -22.34 -39.47
CA ALA A 48 39.45 -23.60 -39.48
C ALA A 48 37.94 -23.37 -39.30
N GLN A 49 37.11 -24.39 -39.63
CA GLN A 49 35.63 -24.25 -39.58
C GLN A 49 35.09 -23.95 -38.14
N ASP A 50 35.88 -24.25 -37.08
CA ASP A 50 35.43 -24.00 -35.71
C ASP A 50 35.88 -22.64 -35.21
N GLY A 51 36.34 -21.79 -36.14
CA GLY A 51 36.83 -20.45 -35.85
C GLY A 51 38.27 -20.36 -35.34
N SER A 52 38.92 -21.50 -35.13
CA SER A 52 40.29 -21.45 -34.60
C SER A 52 41.34 -21.31 -35.75
N TYR A 53 42.57 -20.88 -35.41
CA TYR A 53 43.67 -20.78 -36.34
C TYR A 53 45.00 -21.15 -35.65
N SER A 54 46.01 -21.50 -36.45
CA SER A 54 47.40 -21.81 -36.05
C SER A 54 48.29 -21.47 -37.19
N VAL A 55 49.45 -20.86 -36.89
CA VAL A 55 50.41 -20.41 -37.91
C VAL A 55 51.78 -20.43 -37.27
N SER A 56 52.77 -21.05 -37.94
CA SER A 56 54.13 -21.05 -37.39
C SER A 56 54.84 -19.80 -37.91
N LEU A 57 55.49 -19.09 -36.99
CA LEU A 57 56.16 -17.82 -37.25
C LEU A 57 57.48 -17.73 -36.56
N PHE A 58 58.34 -16.82 -37.04
CA PHE A 58 59.56 -16.54 -36.31
C PHE A 58 59.21 -15.55 -35.22
N ASN A 59 59.96 -15.55 -34.11
CA ASN A 59 59.73 -14.61 -33.01
C ASN A 59 59.88 -13.17 -33.51
N GLY A 60 59.14 -12.26 -32.89
CA GLY A 60 59.13 -10.85 -33.25
C GLY A 60 57.73 -10.28 -33.16
N ASP A 61 57.58 -9.01 -33.48
CA ASP A 61 56.29 -8.35 -33.39
C ASP A 61 55.60 -8.37 -34.78
N TYR A 62 54.27 -8.50 -34.76
CA TYR A 62 53.41 -8.58 -35.94
C TYR A 62 52.17 -7.72 -35.80
N LYS A 63 51.60 -7.32 -36.95
CA LYS A 63 50.36 -6.56 -37.07
C LYS A 63 49.35 -7.42 -37.84
N LEU A 64 48.19 -7.74 -37.22
CA LEU A 64 47.14 -8.58 -37.83
C LEU A 64 45.96 -7.73 -38.26
N VAL A 65 45.44 -8.03 -39.46
CA VAL A 65 44.27 -7.33 -40.02
C VAL A 65 43.25 -8.32 -40.49
N ARG A 66 41.98 -7.92 -40.38
CA ARG A 66 40.84 -8.70 -40.85
C ARG A 66 40.61 -8.33 -42.29
N MSE A 67 40.46 -9.32 -43.14
CA MSE A 67 40.23 -9.13 -44.59
C MSE A 67 39.58 -10.39 -45.19
O MSE A 67 39.11 -11.29 -44.46
CB MSE A 67 41.56 -8.77 -45.31
CG MSE A 67 42.78 -9.56 -44.81
SE MSE A 67 42.70 -11.53 -44.94
CE MSE A 67 42.87 -11.69 -46.96
N GLY A 68 39.59 -10.43 -46.53
CA GLY A 68 39.06 -11.53 -47.30
C GLY A 68 37.55 -11.52 -47.36
N ASN A 69 36.93 -12.72 -47.39
CA ASN A 69 35.49 -12.87 -47.56
C ASN A 69 34.82 -13.30 -46.26
N ALA A 70 35.56 -13.29 -45.13
CA ALA A 70 35.06 -13.67 -43.80
C ALA A 70 33.68 -13.00 -43.47
N PRO A 71 32.76 -13.73 -42.79
CA PRO A 71 31.43 -13.16 -42.51
C PRO A 71 31.40 -12.20 -41.28
N TRP A 72 32.41 -11.33 -41.18
CA TRP A 72 32.48 -10.32 -40.15
C TRP A 72 33.07 -9.04 -40.71
N GLU A 73 32.96 -7.92 -39.94
CA GLU A 73 33.55 -6.65 -40.34
C GLU A 73 35.04 -6.80 -40.53
N ARG A 74 35.53 -6.24 -41.64
CA ARG A 74 36.93 -6.30 -42.04
C ARG A 74 37.51 -4.87 -42.24
N PRO A 75 37.74 -4.11 -41.13
CA PRO A 75 38.32 -2.75 -41.29
C PRO A 75 39.81 -2.81 -41.63
N SER A 76 40.21 -2.00 -42.61
CA SER A 76 41.58 -1.85 -43.11
C SER A 76 42.47 -1.17 -42.07
N ASN A 77 41.94 -0.06 -41.50
CA ASN A 77 42.51 0.85 -40.50
C ASN A 77 42.82 0.16 -39.16
N ASP A 78 41.94 -0.78 -38.72
CA ASP A 78 42.05 -1.47 -37.43
C ASP A 78 43.03 -2.68 -37.55
N THR A 79 44.16 -2.57 -36.81
CA THR A 79 45.22 -3.56 -36.73
C THR A 79 45.32 -4.09 -35.29
N ILE A 80 45.82 -5.33 -35.13
CA ILE A 80 46.01 -5.95 -33.83
C ILE A 80 47.47 -6.27 -33.71
N TYR A 81 48.14 -5.67 -32.71
CA TYR A 81 49.56 -5.87 -32.49
C TYR A 81 49.75 -7.10 -31.63
N ILE A 82 50.52 -8.06 -32.14
CA ILE A 82 50.82 -9.34 -31.52
C ILE A 82 52.31 -9.49 -31.37
N THR A 83 52.78 -9.65 -30.14
CA THR A 83 54.21 -9.87 -29.91
C THR A 83 54.37 -11.39 -29.65
N VAL A 84 55.11 -12.06 -30.54
CA VAL A 84 55.34 -13.49 -30.40
C VAL A 84 56.81 -13.69 -29.91
N ARG A 85 56.91 -14.25 -28.71
CA ARG A 85 58.13 -14.64 -28.01
C ARG A 85 57.84 -16.03 -27.47
N GLY A 86 58.20 -17.03 -28.27
CA GLY A 86 57.90 -18.44 -28.01
C GLY A 86 56.47 -18.70 -28.43
N ASN A 87 55.96 -19.91 -28.17
CA ASN A 87 54.58 -20.24 -28.51
C ASN A 87 53.67 -19.25 -27.83
N THR A 88 52.84 -18.57 -28.63
CA THR A 88 51.94 -17.51 -28.20
C THR A 88 50.51 -17.84 -28.64
N VAL A 89 49.54 -17.47 -27.80
CA VAL A 89 48.12 -17.70 -28.04
C VAL A 89 47.39 -16.34 -27.87
N GLN A 90 46.66 -15.91 -28.92
CA GLN A 90 45.89 -14.67 -28.85
C GLN A 90 44.62 -14.80 -29.67
N ASP A 91 43.47 -14.62 -29.02
CA ASP A 91 42.19 -14.66 -29.69
C ASP A 91 41.98 -13.33 -30.42
N ILE A 92 41.34 -13.38 -31.60
CA ILE A 92 41.11 -12.19 -32.43
C ILE A 92 39.63 -11.82 -32.35
N PRO A 93 39.29 -10.69 -31.71
CA PRO A 93 37.88 -10.28 -31.65
C PRO A 93 37.42 -9.86 -33.05
N VAL A 94 36.30 -10.45 -33.46
CA VAL A 94 35.65 -10.16 -34.72
C VAL A 94 34.24 -9.65 -34.38
N THR A 95 33.57 -9.00 -35.36
CA THR A 95 32.21 -8.52 -35.17
C THR A 95 31.41 -9.06 -36.41
N PRO A 96 30.73 -10.24 -36.24
CA PRO A 96 29.92 -10.78 -37.35
C PRO A 96 28.74 -9.87 -37.70
N TYR A 97 28.20 -10.00 -38.94
CA TYR A 97 27.06 -9.17 -39.33
C TYR A 97 25.84 -9.72 -38.61
N PHE A 98 25.71 -11.03 -38.66
CA PHE A 98 24.73 -11.86 -37.97
C PHE A 98 25.47 -12.96 -37.25
N PHE A 99 25.01 -13.30 -36.03
CA PHE A 99 25.66 -14.34 -35.24
C PHE A 99 24.66 -15.44 -34.88
N VAL A 100 25.10 -16.72 -34.96
CA VAL A 100 24.27 -17.88 -34.61
C VAL A 100 24.72 -18.43 -33.26
N ARG A 101 23.81 -18.46 -32.26
CA ARG A 101 24.13 -19.09 -30.95
C ARG A 101 23.03 -20.05 -30.43
N ASN A 102 23.37 -20.76 -29.33
CA ASN A 102 22.52 -21.67 -28.54
C ASN A 102 21.82 -22.65 -29.49
N VAL A 103 22.65 -23.36 -30.26
CA VAL A 103 22.24 -24.29 -31.32
C VAL A 103 22.26 -25.72 -30.79
N SER A 104 21.16 -26.45 -31.02
CA SER A 104 20.95 -27.83 -30.62
C SER A 104 20.19 -28.58 -31.69
N PHE A 105 20.47 -29.87 -31.84
CA PHE A 105 19.84 -30.73 -32.84
C PHE A 105 19.37 -32.03 -32.22
N ALA A 106 18.29 -32.60 -32.78
CA ALA A 106 17.74 -33.86 -32.33
C ALA A 106 17.07 -34.61 -33.45
N LYS A 107 17.23 -35.92 -33.49
CA LYS A 107 16.55 -36.76 -34.47
C LYS A 107 15.13 -36.98 -33.96
N ASN A 108 14.13 -36.71 -34.80
CA ASN A 108 12.72 -36.93 -34.54
C ASN A 108 12.14 -37.52 -35.80
N GLY A 109 12.09 -38.86 -35.82
CA GLY A 109 11.61 -39.63 -36.95
C GLY A 109 12.61 -39.65 -38.08
N ASN A 110 12.18 -39.16 -39.27
CA ASN A 110 13.03 -39.02 -40.46
C ASN A 110 13.53 -37.58 -40.58
N LYS A 111 13.46 -36.82 -39.46
CA LYS A 111 13.82 -35.42 -39.47
C LYS A 111 14.82 -35.08 -38.36
N ILE A 112 15.51 -33.95 -38.55
CA ILE A 112 16.44 -33.38 -37.58
C ILE A 112 15.81 -32.07 -37.12
N THR A 113 15.46 -31.99 -35.84
CA THR A 113 14.88 -30.79 -35.28
C THR A 113 16.02 -29.87 -34.84
N ALA A 114 16.11 -28.71 -35.50
CA ALA A 114 17.12 -27.71 -35.21
C ALA A 114 16.53 -26.58 -34.39
N ARG A 115 17.18 -26.22 -33.26
CA ARG A 115 16.82 -25.10 -32.41
C ARG A 115 18.01 -24.15 -32.39
N PHE A 116 17.76 -22.85 -32.65
CA PHE A 116 18.83 -21.87 -32.80
C PHE A 116 18.34 -20.44 -32.55
N THR A 117 19.29 -19.57 -32.21
CA THR A 117 19.06 -18.15 -31.99
C THR A 117 19.96 -17.37 -32.95
N ILE A 118 19.44 -16.25 -33.47
CA ILE A 118 20.16 -15.40 -34.45
C ILE A 118 20.12 -13.98 -33.97
N ASN A 119 21.30 -13.33 -33.99
CA ASN A 119 21.45 -11.92 -33.59
C ASN A 119 21.88 -11.06 -34.76
N LYS A 120 21.34 -9.85 -34.88
CA LYS A 120 21.79 -8.89 -35.88
C LYS A 120 22.76 -7.99 -35.16
N VAL A 121 24.07 -8.23 -35.36
CA VAL A 121 25.15 -7.54 -34.64
C VAL A 121 25.46 -6.18 -35.34
N VAL A 122 25.55 -6.15 -36.70
CA VAL A 122 25.78 -4.96 -37.53
C VAL A 122 24.42 -4.44 -38.04
N ALA A 123 23.95 -3.30 -37.49
CA ALA A 123 22.62 -2.72 -37.75
C ALA A 123 22.40 -2.40 -39.25
N ASN A 124 23.48 -2.04 -39.92
CA ASN A 124 23.63 -1.71 -41.33
C ASN A 124 23.30 -2.92 -42.24
N ALA A 125 23.68 -4.17 -41.81
CA ALA A 125 23.55 -5.42 -42.55
C ALA A 125 22.10 -5.86 -42.72
N ASN A 126 21.84 -6.62 -43.80
CA ASN A 126 20.52 -7.15 -44.13
C ASN A 126 20.63 -8.63 -44.41
N MSE A 127 19.71 -9.37 -43.83
CA MSE A 127 19.66 -10.84 -43.87
C MSE A 127 19.25 -11.31 -45.26
O MSE A 127 18.26 -10.79 -45.80
CB MSE A 127 18.68 -11.31 -42.79
CG MSE A 127 18.31 -12.77 -42.83
SE MSE A 127 17.49 -13.43 -41.17
CE MSE A 127 16.07 -12.03 -40.70
N GLU A 128 20.03 -12.27 -45.85
CA GLU A 128 19.73 -12.84 -47.19
C GLU A 128 19.06 -14.19 -47.08
N ASN A 129 19.57 -15.03 -46.17
CA ASN A 129 19.07 -16.39 -45.98
C ASN A 129 19.55 -16.99 -44.68
N VAL A 130 18.77 -17.95 -44.18
CA VAL A 130 19.12 -18.80 -43.07
C VAL A 130 19.02 -20.22 -43.60
N GLY A 131 20.03 -21.02 -43.36
CA GLY A 131 20.06 -22.42 -43.80
C GLY A 131 20.42 -23.42 -42.72
N ILE A 132 19.82 -24.62 -42.80
CA ILE A 132 20.13 -25.79 -41.98
C ILE A 132 20.82 -26.77 -42.93
N TYR A 133 21.99 -27.28 -42.54
CA TYR A 133 22.77 -28.19 -43.38
C TYR A 133 23.04 -29.51 -42.65
N LEU A 134 22.96 -30.62 -43.39
CA LEU A 134 23.30 -31.97 -42.93
C LEU A 134 24.40 -32.52 -43.80
N GLY A 135 25.46 -33.04 -43.19
CA GLY A 135 26.62 -33.58 -43.90
C GLY A 135 27.12 -34.91 -43.36
N THR A 136 27.92 -35.64 -44.16
CA THR A 136 28.44 -36.94 -43.72
C THR A 136 29.64 -36.72 -42.78
N GLY A 137 30.42 -35.66 -43.06
CA GLY A 137 31.64 -35.30 -42.32
C GLY A 137 31.57 -34.05 -41.48
N ILE A 138 32.53 -33.92 -40.56
CA ILE A 138 32.72 -32.82 -39.61
C ILE A 138 32.70 -31.46 -40.40
N LEU A 139 33.11 -31.43 -41.66
CA LEU A 139 33.00 -30.21 -42.47
C LEU A 139 31.69 -30.19 -43.21
N THR A 140 30.79 -29.37 -42.75
CA THR A 140 29.44 -29.19 -43.34
C THR A 140 29.24 -27.69 -43.46
N ASP A 141 28.76 -27.25 -44.62
CA ASP A 141 28.54 -25.85 -44.92
C ASP A 141 27.62 -25.72 -46.14
N GLU A 142 27.42 -24.51 -46.63
CA GLU A 142 26.54 -24.25 -47.77
C GLU A 142 27.11 -24.94 -49.06
N LYS A 143 28.46 -25.18 -49.16
CA LYS A 143 29.06 -25.79 -50.35
C LYS A 143 29.14 -27.32 -50.20
N GLN A 144 29.54 -27.85 -49.02
CA GLN A 144 29.61 -29.28 -48.71
C GLN A 144 28.47 -29.68 -47.84
N LYS A 145 27.50 -30.37 -48.43
CA LYS A 145 26.26 -30.76 -47.73
C LYS A 145 25.62 -31.93 -48.42
N GLU A 146 24.87 -32.73 -47.64
CA GLU A 146 24.13 -33.88 -48.15
C GLU A 146 22.64 -33.48 -48.28
N ALA A 147 22.25 -32.45 -47.52
CA ALA A 147 20.92 -31.84 -47.51
C ALA A 147 20.97 -30.42 -46.99
N GLU A 148 20.09 -29.54 -47.53
CA GLU A 148 19.99 -28.16 -47.04
C GLU A 148 18.55 -27.78 -46.92
N LEU A 149 18.28 -26.75 -46.12
CA LEU A 149 16.96 -26.16 -45.92
C LEU A 149 17.13 -24.67 -45.90
N LYS A 150 16.58 -23.96 -46.90
CA LYS A 150 16.68 -22.50 -46.97
C LYS A 150 15.39 -21.92 -46.38
N LEU A 151 15.49 -21.20 -45.26
CA LEU A 151 14.36 -20.69 -44.50
C LEU A 151 13.92 -19.24 -44.90
N GLY A 152 14.70 -18.58 -45.77
CA GLY A 152 14.40 -17.21 -46.16
C GLY A 152 15.15 -16.21 -45.30
N ASN A 153 14.70 -14.97 -45.28
CA ASN A 153 15.42 -13.91 -44.62
C ASN A 153 14.55 -13.10 -43.67
N THR A 154 13.50 -13.72 -43.06
CA THR A 154 12.60 -13.03 -42.12
C THR A 154 12.53 -13.84 -40.81
N VAL A 155 13.58 -14.61 -40.51
CA VAL A 155 13.65 -15.36 -39.25
C VAL A 155 13.73 -14.35 -38.09
N SER A 156 12.89 -14.52 -37.04
CA SER A 156 12.90 -13.65 -35.88
C SER A 156 14.29 -13.70 -35.17
N LEU A 157 14.67 -12.56 -34.61
CA LEU A 157 15.94 -12.32 -33.96
C LEU A 157 15.87 -12.40 -32.44
N ASP A 158 17.07 -12.59 -31.82
CA ASP A 158 17.32 -12.60 -30.37
C ASP A 158 16.32 -13.52 -29.60
N GLN A 159 15.97 -14.67 -30.22
CA GLN A 159 15.01 -15.65 -29.68
C GLN A 159 15.20 -16.98 -30.38
N GLU A 160 14.85 -18.06 -29.68
CA GLU A 160 14.96 -19.39 -30.22
C GLU A 160 13.94 -19.60 -31.33
N ASN A 161 14.37 -20.29 -32.38
CA ASN A 161 13.48 -20.71 -33.45
C ASN A 161 13.70 -22.20 -33.67
N THR A 162 12.66 -22.90 -34.14
CA THR A 162 12.73 -24.33 -34.44
C THR A 162 12.45 -24.57 -35.94
N ALA A 163 13.25 -25.43 -36.56
CA ALA A 163 13.10 -25.84 -37.95
C ALA A 163 13.45 -27.33 -38.09
N GLU A 164 12.73 -28.05 -38.96
CA GLU A 164 12.96 -29.47 -39.15
C GLU A 164 13.37 -29.75 -40.58
N ILE A 165 14.56 -30.37 -40.76
CA ILE A 165 15.15 -30.78 -42.03
C ILE A 165 15.04 -32.30 -42.11
N GLU A 166 14.60 -32.80 -43.27
CA GLU A 166 14.46 -34.23 -43.52
C GLU A 166 15.84 -34.89 -43.78
N ILE A 167 16.08 -36.05 -43.14
CA ILE A 167 17.30 -36.82 -43.29
C ILE A 167 17.33 -37.42 -44.71
N PRO A 168 18.36 -37.11 -45.53
CA PRO A 168 18.38 -37.62 -46.91
C PRO A 168 18.65 -39.14 -46.96
N SER A 169 18.30 -39.77 -48.10
CA SER A 169 18.43 -41.20 -48.37
C SER A 169 19.86 -41.73 -48.11
N GLY A 170 20.84 -40.97 -48.52
CA GLY A 170 22.24 -41.36 -48.35
C GLY A 170 22.83 -41.12 -46.97
N LEU A 171 21.96 -40.81 -45.97
CA LEU A 171 22.40 -40.55 -44.60
C LEU A 171 21.57 -41.31 -43.57
N VAL A 172 20.41 -41.84 -44.00
CA VAL A 172 19.40 -42.41 -43.13
C VAL A 172 19.92 -43.74 -42.46
N ASN A 173 20.87 -44.46 -43.07
CA ASN A 173 21.36 -45.71 -42.50
C ASN A 173 22.75 -45.56 -41.90
N GLU A 174 23.19 -44.32 -41.68
CA GLU A 174 24.47 -44.01 -41.06
C GLU A 174 24.33 -43.96 -39.56
N SER A 175 25.46 -44.18 -38.84
CA SER A 175 25.51 -44.23 -37.39
C SER A 175 25.25 -42.85 -36.76
N TYR A 176 25.62 -41.78 -37.50
CA TYR A 176 25.47 -40.37 -37.12
C TYR A 176 25.68 -39.45 -38.32
N LEU A 177 25.39 -38.16 -38.15
CA LEU A 177 25.63 -37.12 -39.15
C LEU A 177 26.06 -35.82 -38.45
N TYR A 178 26.47 -34.85 -39.24
CA TYR A 178 26.85 -33.54 -38.73
C TYR A 178 25.82 -32.55 -39.21
N ALA A 179 25.35 -31.71 -38.29
CA ALA A 179 24.33 -30.71 -38.55
C ALA A 179 24.84 -29.35 -38.24
N ARG A 180 24.35 -28.34 -38.96
CA ARG A 180 24.84 -26.97 -38.79
C ARG A 180 23.85 -25.92 -39.29
N VAL A 181 23.87 -24.73 -38.68
CA VAL A 181 22.99 -23.62 -39.03
C VAL A 181 23.86 -22.48 -39.55
N GLY A 182 23.48 -21.89 -40.69
CA GLY A 182 24.20 -20.78 -41.32
C GLY A 182 23.33 -19.60 -41.60
N VAL A 183 23.81 -18.39 -41.38
CA VAL A 183 23.04 -17.17 -41.74
C VAL A 183 23.93 -16.32 -42.67
N LYS A 184 23.40 -15.91 -43.85
CA LYS A 184 24.13 -15.07 -44.80
C LYS A 184 23.54 -13.65 -44.86
N SER A 185 24.41 -12.64 -44.82
CA SER A 185 24.04 -11.21 -44.95
C SER A 185 24.42 -10.70 -46.32
N ASP A 186 24.00 -9.47 -46.64
CA ASP A 186 24.30 -8.80 -47.89
C ASP A 186 25.68 -8.15 -47.86
N LYS A 187 26.41 -8.25 -46.69
CA LYS A 187 27.70 -7.56 -46.51
C LYS A 187 28.91 -8.53 -46.65
N SER A 188 28.68 -9.82 -46.82
CA SER A 188 29.72 -10.84 -47.01
C SER A 188 29.25 -11.92 -47.97
N SER A 189 30.18 -12.51 -48.75
CA SER A 189 29.93 -13.60 -49.69
C SER A 189 29.84 -14.94 -48.96
N GLU A 190 30.05 -14.91 -47.66
CA GLU A 190 30.09 -16.09 -46.83
C GLU A 190 28.99 -16.11 -45.79
N TYR A 191 28.55 -17.30 -45.43
CA TYR A 191 27.65 -17.50 -44.33
C TYR A 191 28.42 -17.49 -43.03
N CYS A 192 27.73 -17.15 -41.96
CA CYS A 192 28.25 -17.31 -40.62
C CYS A 192 27.53 -18.49 -40.01
N TYR A 193 28.28 -19.42 -39.43
CA TYR A 193 27.69 -20.66 -38.97
C TYR A 193 27.82 -20.91 -37.49
N SER A 194 26.99 -21.86 -37.06
CA SER A 194 26.99 -22.48 -35.75
C SER A 194 28.10 -23.47 -35.73
N GLN A 195 28.29 -24.17 -34.62
CA GLN A 195 29.28 -25.21 -34.62
C GLN A 195 28.73 -26.42 -35.38
N SER A 196 29.63 -27.22 -36.04
CA SER A 196 29.21 -28.46 -36.70
C SER A 196 29.04 -29.51 -35.61
N ILE A 197 27.80 -29.91 -35.34
CA ILE A 197 27.41 -30.79 -34.24
C ILE A 197 27.02 -32.17 -34.73
N LYS A 198 27.63 -33.19 -34.11
CA LYS A 198 27.33 -34.58 -34.40
C LYS A 198 25.95 -34.93 -33.83
N VAL A 199 25.14 -35.62 -34.64
CA VAL A 199 23.78 -36.03 -34.29
C VAL A 199 23.67 -37.52 -34.48
N ALA A 200 23.42 -38.26 -33.41
CA ALA A 200 23.26 -39.71 -33.47
C ALA A 200 22.01 -40.08 -34.24
N LEU A 201 22.09 -41.10 -35.10
CA LEU A 201 20.93 -41.57 -35.89
C LEU A 201 20.55 -42.97 -35.41
N LYS A 202 21.49 -43.64 -34.75
CA LYS A 202 21.36 -44.98 -34.19
C LYS A 202 21.70 -44.96 -32.70
N PRO B 6 -29.25 -8.70 2.39
CA PRO B 6 -27.89 -8.72 2.93
C PRO B 6 -26.99 -9.61 2.05
N LYS B 7 -26.59 -9.07 0.85
CA LYS B 7 -25.85 -9.70 -0.27
C LYS B 7 -24.57 -10.46 0.23
N ALA B 8 -24.14 -11.47 -0.57
CA ALA B 8 -23.03 -12.38 -0.27
C ALA B 8 -21.66 -11.70 -0.37
N THR B 9 -20.62 -12.39 0.18
CA THR B 9 -19.24 -11.90 0.20
C THR B 9 -18.29 -12.86 -0.55
N LEU B 10 -17.62 -12.36 -1.59
CA LEU B 10 -16.57 -13.12 -2.29
C LEU B 10 -15.19 -12.68 -1.80
N THR B 11 -14.46 -13.59 -1.16
CA THR B 11 -13.11 -13.27 -0.65
C THR B 11 -12.11 -14.24 -1.25
N GLY B 12 -10.85 -13.91 -1.19
CA GLY B 12 -9.77 -14.73 -1.70
C GLY B 12 -8.46 -14.00 -1.64
N LYS B 13 -7.50 -14.45 -2.46
CA LYS B 13 -6.13 -13.94 -2.58
C LYS B 13 -5.57 -14.12 -4.00
N ALA B 14 -4.72 -13.15 -4.43
CA ALA B 14 -3.96 -13.25 -5.66
C ALA B 14 -2.79 -14.15 -5.35
N ILE B 15 -2.88 -15.43 -5.78
CA ILE B 15 -1.89 -16.47 -5.44
C ILE B 15 -0.92 -16.74 -6.62
N TYR B 16 0.34 -17.00 -6.26
CA TYR B 16 1.45 -17.50 -7.06
C TYR B 16 2.26 -18.39 -6.17
N ASP B 17 2.45 -19.64 -6.61
CA ASP B 17 3.18 -20.71 -5.92
C ASP B 17 2.66 -20.85 -4.46
N GLY B 18 1.35 -20.82 -4.31
CA GLY B 18 0.69 -20.98 -3.02
C GLY B 18 0.83 -19.86 -2.02
N GLU B 19 1.35 -18.70 -2.47
CA GLU B 19 1.61 -17.52 -1.65
C GLU B 19 0.86 -16.32 -2.18
N ALA B 20 0.40 -15.45 -1.27
CA ALA B 20 -0.27 -14.22 -1.68
C ALA B 20 0.75 -13.26 -2.24
N VAL B 21 0.46 -12.75 -3.43
CA VAL B 21 1.36 -11.83 -4.16
C VAL B 21 1.17 -10.41 -3.62
N GLY B 22 2.17 -9.91 -2.89
CA GLY B 22 2.12 -8.57 -2.32
C GLY B 22 2.15 -7.50 -3.40
N VAL B 23 1.33 -6.46 -3.25
CA VAL B 23 1.27 -5.42 -4.26
C VAL B 23 1.12 -4.03 -3.55
N ARG B 24 1.15 -2.92 -4.31
CA ARG B 24 0.97 -1.60 -3.72
C ARG B 24 -0.53 -1.36 -3.46
N SER B 25 -0.87 -0.88 -2.22
CA SER B 25 -2.27 -0.62 -1.87
C SER B 25 -2.82 0.43 -2.82
N GLY B 26 -4.01 0.15 -3.35
CA GLY B 26 -4.73 1.01 -4.29
C GLY B 26 -4.15 1.10 -5.69
N SER B 27 -3.53 0.01 -6.19
CA SER B 27 -2.91 -0.01 -7.51
C SER B 27 -3.45 -1.15 -8.42
N SER B 28 -3.76 -2.30 -7.80
CA SER B 28 -4.16 -3.49 -8.52
C SER B 28 -5.56 -3.90 -8.21
N GLU B 29 -6.20 -4.48 -9.25
CA GLU B 29 -7.59 -4.93 -9.25
C GLU B 29 -7.80 -6.15 -10.12
N PHE B 30 -9.02 -6.68 -10.03
CA PHE B 30 -9.66 -7.67 -10.88
C PHE B 30 -10.99 -7.10 -11.32
N ALA B 31 -11.48 -7.56 -12.47
CA ALA B 31 -12.76 -7.13 -13.01
C ALA B 31 -13.68 -8.31 -13.05
N LEU B 32 -14.88 -8.10 -12.54
CA LEU B 32 -15.91 -9.12 -12.42
C LEU B 32 -17.08 -8.79 -13.34
N PHE B 33 -17.47 -9.74 -14.18
CA PHE B 33 -18.57 -9.62 -15.14
C PHE B 33 -19.60 -10.67 -14.93
N GLN B 34 -20.83 -10.43 -15.37
CA GLN B 34 -21.86 -11.45 -15.37
C GLN B 34 -22.74 -11.21 -16.62
N ASP B 35 -22.86 -12.26 -17.49
CA ASP B 35 -23.63 -12.25 -18.76
C ASP B 35 -25.06 -11.67 -18.50
N GLY B 36 -25.33 -10.46 -19.03
CA GLY B 36 -26.58 -9.72 -18.87
C GLY B 36 -26.39 -8.23 -18.66
N GLY B 41 -22.16 -2.51 -16.14
CA GLY B 41 -20.86 -2.85 -16.72
C GLY B 41 -20.08 -3.95 -15.99
N SER B 42 -18.78 -3.70 -15.71
CA SER B 42 -17.92 -4.60 -14.90
C SER B 42 -17.94 -4.16 -13.44
N ILE B 43 -17.68 -5.10 -12.51
CA ILE B 43 -17.61 -4.80 -11.07
C ILE B 43 -16.14 -4.80 -10.65
N PRO B 44 -15.60 -3.70 -10.08
CA PRO B 44 -14.18 -3.71 -9.64
C PRO B 44 -13.97 -4.56 -8.38
N VAL B 45 -12.85 -5.25 -8.34
CA VAL B 45 -12.42 -6.05 -7.21
C VAL B 45 -11.11 -5.43 -6.80
N TYR B 46 -11.10 -4.70 -5.68
CA TYR B 46 -9.92 -4.00 -5.20
C TYR B 46 -9.10 -4.91 -4.33
N ILE B 47 -7.81 -5.08 -4.74
CA ILE B 47 -6.86 -5.97 -4.08
C ILE B 47 -6.12 -5.15 -3.06
N ALA B 48 -6.14 -5.64 -1.81
CA ALA B 48 -5.41 -5.00 -0.73
C ALA B 48 -3.92 -5.27 -0.89
N GLN B 49 -3.14 -4.49 -0.15
CA GLN B 49 -1.68 -4.53 -0.10
C GLN B 49 -1.12 -5.96 0.03
N ASP B 50 -1.73 -6.84 0.83
CA ASP B 50 -1.24 -8.21 1.10
C ASP B 50 -1.73 -9.24 0.09
N GLY B 51 -2.24 -8.77 -1.06
CA GLY B 51 -2.73 -9.66 -2.10
C GLY B 51 -4.10 -10.27 -1.87
N SER B 52 -4.78 -9.93 -0.76
CA SER B 52 -6.13 -10.43 -0.50
C SER B 52 -7.18 -9.46 -1.02
N TYR B 53 -8.41 -9.93 -1.17
CA TYR B 53 -9.52 -9.12 -1.65
C TYR B 53 -10.82 -9.58 -1.01
N SER B 54 -11.83 -8.70 -1.03
CA SER B 54 -13.22 -8.94 -0.64
C SER B 54 -14.09 -8.04 -1.46
N VAL B 55 -15.23 -8.56 -1.91
CA VAL B 55 -16.17 -7.81 -2.73
C VAL B 55 -17.56 -8.35 -2.39
N SER B 56 -18.50 -7.44 -2.07
CA SER B 56 -19.86 -7.90 -1.77
C SER B 56 -20.63 -7.90 -3.10
N LEU B 57 -21.31 -9.02 -3.34
CA LEU B 57 -22.04 -9.27 -4.57
C LEU B 57 -23.41 -9.88 -4.33
N PHE B 58 -24.27 -9.83 -5.34
CA PHE B 58 -25.49 -10.60 -5.29
C PHE B 58 -25.15 -12.00 -5.75
N ASN B 59 -25.91 -13.00 -5.30
CA ASN B 59 -25.71 -14.39 -5.72
C ASN B 59 -25.89 -14.49 -7.24
N GLY B 60 -25.00 -15.23 -7.88
CA GLY B 60 -25.01 -15.38 -9.32
C GLY B 60 -23.76 -16.03 -9.86
N ASP B 61 -23.68 -16.10 -11.19
CA ASP B 61 -22.55 -16.68 -11.91
C ASP B 61 -21.75 -15.56 -12.53
N TYR B 62 -20.47 -15.44 -12.11
CA TYR B 62 -19.58 -14.36 -12.54
C TYR B 62 -18.35 -14.87 -13.28
N LYS B 63 -17.77 -13.99 -14.12
CA LYS B 63 -16.54 -14.22 -14.88
C LYS B 63 -15.51 -13.14 -14.43
N LEU B 64 -14.34 -13.57 -13.89
CA LEU B 64 -13.29 -12.67 -13.40
C LEU B 64 -12.11 -12.61 -14.38
N VAL B 65 -11.61 -11.40 -14.67
CA VAL B 65 -10.48 -11.19 -15.55
C VAL B 65 -9.44 -10.33 -14.88
N ARG B 66 -8.17 -10.61 -15.21
CA ARG B 66 -7.01 -9.86 -14.74
C ARG B 66 -6.82 -8.70 -15.66
N MSE B 67 -6.64 -7.51 -15.06
CA MSE B 67 -6.45 -6.26 -15.82
C MSE B 67 -5.79 -5.20 -14.95
O MSE B 67 -5.24 -5.50 -13.87
CB MSE B 67 -7.80 -5.74 -16.38
CG MSE B 67 -9.01 -5.88 -15.42
SE MSE B 67 -8.98 -4.95 -13.69
CE MSE B 67 -9.04 -3.03 -14.30
N GLY B 68 -5.82 -3.97 -15.47
CA GLY B 68 -5.24 -2.79 -14.86
C GLY B 68 -3.73 -2.76 -14.98
N ASN B 69 -3.08 -2.24 -13.96
CA ASN B 69 -1.63 -2.08 -13.93
C ASN B 69 -0.94 -3.08 -13.04
N ALA B 70 -1.71 -4.04 -12.45
CA ALA B 70 -1.20 -5.11 -11.58
C ALA B 70 0.14 -5.73 -12.12
N PRO B 71 1.10 -6.04 -11.21
CA PRO B 71 2.42 -6.55 -11.66
C PRO B 71 2.44 -8.05 -12.04
N TRP B 72 1.44 -8.50 -12.80
CA TRP B 72 1.35 -9.86 -13.27
C TRP B 72 0.73 -9.88 -14.65
N GLU B 73 0.80 -11.05 -15.35
CA GLU B 73 0.21 -11.21 -16.68
C GLU B 73 -1.28 -10.95 -16.59
N ARG B 74 -1.83 -10.18 -17.55
CA ARG B 74 -3.24 -9.79 -17.58
C ARG B 74 -3.88 -10.21 -18.92
N PRO B 75 -4.09 -11.54 -19.16
CA PRO B 75 -4.70 -11.98 -20.43
C PRO B 75 -6.20 -11.69 -20.47
N SER B 76 -6.65 -11.16 -21.63
CA SER B 76 -8.04 -10.79 -21.90
C SER B 76 -8.93 -12.03 -22.06
N ASN B 77 -8.38 -13.01 -22.82
CA ASN B 77 -8.94 -14.30 -23.21
C ASN B 77 -9.21 -15.23 -22.01
N ASP B 78 -8.42 -15.12 -20.90
CA ASP B 78 -8.56 -16.04 -19.75
C ASP B 78 -9.39 -15.43 -18.62
N THR B 79 -10.65 -15.92 -18.54
CA THR B 79 -11.68 -15.62 -17.55
C THR B 79 -11.75 -16.76 -16.53
N ILE B 80 -12.05 -16.43 -15.29
CA ILE B 80 -12.20 -17.37 -14.17
C ILE B 80 -13.67 -17.36 -13.79
N TYR B 81 -14.32 -18.51 -13.90
CA TYR B 81 -15.74 -18.63 -13.60
C TYR B 81 -15.91 -18.91 -12.11
N ILE B 82 -16.68 -18.04 -11.46
CA ILE B 82 -16.97 -18.09 -10.04
C ILE B 82 -18.47 -18.17 -9.83
N THR B 83 -18.92 -19.22 -9.13
CA THR B 83 -20.34 -19.38 -8.80
C THR B 83 -20.49 -19.01 -7.32
N VAL B 84 -21.13 -17.89 -7.05
CA VAL B 84 -21.30 -17.42 -5.69
C VAL B 84 -22.79 -17.58 -5.31
N ARG B 85 -22.99 -18.52 -4.36
CA ARG B 85 -24.19 -18.96 -3.65
C ARG B 85 -23.85 -18.89 -2.18
N GLY B 86 -24.18 -17.74 -1.57
CA GLY B 86 -23.84 -17.42 -0.19
C GLY B 86 -22.41 -16.97 -0.16
N ASN B 87 -21.84 -16.73 1.05
CA ASN B 87 -20.42 -16.31 1.16
C ASN B 87 -19.53 -17.34 0.41
N THR B 88 -18.65 -16.81 -0.47
CA THR B 88 -17.80 -17.65 -1.32
C THR B 88 -16.32 -17.21 -1.22
N VAL B 89 -15.45 -18.20 -1.19
CA VAL B 89 -14.02 -17.93 -1.14
C VAL B 89 -13.35 -18.62 -2.36
N GLN B 90 -12.59 -17.84 -3.15
CA GLN B 90 -11.87 -18.38 -4.28
C GLN B 90 -10.56 -17.61 -4.51
N ASP B 91 -9.43 -18.30 -4.45
CA ASP B 91 -8.15 -17.66 -4.71
C ASP B 91 -7.97 -17.54 -6.23
N ILE B 92 -7.31 -16.47 -6.68
CA ILE B 92 -7.10 -16.19 -8.10
C ILE B 92 -5.63 -16.41 -8.46
N PRO B 93 -5.33 -17.42 -9.29
CA PRO B 93 -3.94 -17.62 -9.71
C PRO B 93 -3.50 -16.50 -10.67
N VAL B 94 -2.35 -15.93 -10.38
CA VAL B 94 -1.68 -14.91 -11.19
C VAL B 94 -0.30 -15.47 -11.57
N THR B 95 0.38 -14.81 -12.50
CA THR B 95 1.74 -15.15 -12.88
C THR B 95 2.48 -13.80 -12.90
N PRO B 96 3.17 -13.48 -11.78
CA PRO B 96 3.94 -12.22 -11.72
C PRO B 96 5.11 -12.25 -12.72
N TYR B 97 5.62 -11.09 -13.13
CA TYR B 97 6.74 -11.08 -14.06
C TYR B 97 8.00 -11.52 -13.28
N PHE B 98 8.12 -10.99 -12.07
CA PHE B 98 9.12 -11.26 -11.04
C PHE B 98 8.44 -11.40 -9.74
N PHE B 99 8.89 -12.35 -8.93
CA PHE B 99 8.27 -12.66 -7.64
C PHE B 99 9.30 -12.57 -6.50
N VAL B 100 8.90 -11.99 -5.35
CA VAL B 100 9.75 -11.82 -4.15
C VAL B 100 9.30 -12.80 -3.08
N ARG B 101 10.22 -13.68 -2.64
CA ARG B 101 9.90 -14.67 -1.60
C ARG B 101 11.01 -14.75 -0.51
N ASN B 102 10.72 -15.50 0.57
CA ASN B 102 11.59 -15.83 1.71
C ASN B 102 12.33 -14.56 2.22
N VAL B 103 11.52 -13.55 2.54
CA VAL B 103 11.92 -12.21 2.95
C VAL B 103 11.93 -12.10 4.46
N SER B 104 13.07 -11.60 5.01
CA SER B 104 13.27 -11.39 6.44
C SER B 104 14.01 -10.12 6.64
N PHE B 105 13.74 -9.42 7.78
CA PHE B 105 14.39 -8.16 8.13
C PHE B 105 14.88 -8.19 9.55
N ALA B 106 16.01 -7.50 9.82
CA ALA B 106 16.56 -7.39 11.16
C ALA B 106 17.22 -6.04 11.38
N LYS B 107 17.02 -5.45 12.58
CA LYS B 107 17.69 -4.21 12.96
C LYS B 107 19.11 -4.58 13.35
N ASN B 108 20.09 -3.89 12.76
CA ASN B 108 21.52 -4.06 13.03
C ASN B 108 22.11 -2.67 13.07
N GLY B 109 22.16 -2.11 14.26
CA GLY B 109 22.61 -0.75 14.50
C GLY B 109 21.58 0.27 14.06
N ASN B 110 21.99 1.17 13.15
CA ASN B 110 21.15 2.21 12.55
C ASN B 110 20.68 1.73 11.19
N LYS B 111 20.79 0.41 10.94
CA LYS B 111 20.44 -0.18 9.66
C LYS B 111 19.43 -1.34 9.80
N ILE B 112 18.74 -1.63 8.70
CA ILE B 112 17.82 -2.75 8.58
C ILE B 112 18.44 -3.71 7.58
N THR B 113 18.79 -4.92 8.02
CA THR B 113 19.35 -5.93 7.14
C THR B 113 18.18 -6.69 6.47
N ALA B 114 18.06 -6.56 5.15
CA ALA B 114 17.04 -7.24 4.37
C ALA B 114 17.63 -8.45 3.65
N ARG B 115 16.97 -9.61 3.79
CA ARG B 115 17.32 -10.86 3.12
C ARG B 115 16.13 -11.29 2.30
N PHE B 116 16.35 -11.58 1.02
CA PHE B 116 15.26 -11.85 0.08
C PHE B 116 15.71 -12.68 -1.12
N THR B 117 14.76 -13.34 -1.77
CA THR B 117 14.94 -14.14 -2.96
C THR B 117 14.02 -13.58 -4.05
N ILE B 118 14.53 -13.52 -5.31
CA ILE B 118 13.81 -13.00 -6.47
C ILE B 118 13.79 -14.04 -7.58
N ASN B 119 12.61 -14.26 -8.17
CA ASN B 119 12.42 -15.19 -9.27
C ASN B 119 11.96 -14.49 -10.53
N LYS B 120 12.50 -14.88 -11.71
CA LYS B 120 12.02 -14.36 -12.99
C LYS B 120 11.03 -15.38 -13.48
N VAL B 121 9.72 -15.07 -13.33
CA VAL B 121 8.63 -16.01 -13.63
C VAL B 121 8.29 -15.94 -15.14
N VAL B 122 8.20 -14.72 -15.71
CA VAL B 122 7.94 -14.49 -17.13
C VAL B 122 9.33 -14.26 -17.81
N ALA B 123 9.74 -15.21 -18.67
CA ALA B 123 11.04 -15.23 -19.35
C ALA B 123 11.26 -14.00 -20.25
N ASN B 124 10.18 -13.52 -20.85
CA ASN B 124 10.09 -12.36 -21.73
C ASN B 124 10.41 -11.04 -20.99
N ALA B 125 10.04 -10.91 -19.70
CA ALA B 125 10.19 -9.72 -18.85
C ALA B 125 11.65 -9.40 -18.55
N ASN B 126 11.91 -8.11 -18.32
CA ASN B 126 13.24 -7.61 -17.98
C ASN B 126 13.13 -6.73 -16.75
N MSE B 127 14.01 -6.96 -15.77
CA MSE B 127 14.07 -6.27 -14.49
C MSE B 127 14.53 -4.82 -14.66
O MSE B 127 15.48 -4.57 -15.39
CB MSE B 127 15.04 -7.06 -13.60
CG MSE B 127 15.30 -6.45 -12.24
SE MSE B 127 16.11 -7.73 -11.02
CE MSE B 127 17.61 -8.43 -12.01
N GLU B 128 13.82 -3.89 -14.01
CA GLU B 128 14.14 -2.47 -14.03
C GLU B 128 14.81 -2.03 -12.72
N ASN B 129 14.33 -2.50 -11.57
CA ASN B 129 14.90 -2.13 -10.27
C ASN B 129 14.45 -3.05 -9.10
N VAL B 130 15.35 -3.28 -8.17
CA VAL B 130 15.02 -3.94 -6.91
C VAL B 130 15.09 -2.86 -5.83
N GLY B 131 14.01 -2.64 -5.12
CA GLY B 131 13.93 -1.64 -4.07
C GLY B 131 13.71 -2.25 -2.70
N ILE B 132 14.17 -1.55 -1.67
CA ILE B 132 14.04 -1.89 -0.24
C ILE B 132 13.50 -0.68 0.39
N TYR B 133 12.31 -0.79 0.98
CA TYR B 133 11.50 0.32 1.52
C TYR B 133 11.25 0.22 3.01
N LEU B 134 11.36 1.37 3.70
CA LEU B 134 11.03 1.55 5.12
C LEU B 134 9.91 2.58 5.25
N GLY B 135 8.92 2.28 6.08
CA GLY B 135 7.77 3.15 6.29
C GLY B 135 7.28 3.22 7.72
N THR B 136 6.48 4.28 8.05
CA THR B 136 5.95 4.47 9.40
C THR B 136 4.74 3.53 9.62
N GLY B 137 3.93 3.33 8.58
CA GLY B 137 2.73 2.50 8.63
C GLY B 137 2.75 1.23 7.81
N ILE B 138 1.76 0.33 8.09
CA ILE B 138 1.55 -0.99 7.46
C ILE B 138 1.57 -0.81 5.93
N LEU B 139 1.14 0.34 5.38
CA LEU B 139 1.20 0.57 3.93
C LEU B 139 2.55 1.22 3.57
N THR B 140 3.45 0.43 2.99
CA THR B 140 4.78 0.86 2.56
C THR B 140 4.97 0.34 1.16
N ASP B 141 5.42 1.20 0.25
CA ASP B 141 5.63 0.87 -1.16
C ASP B 141 6.54 1.93 -1.80
N GLU B 142 6.69 1.89 -3.12
CA GLU B 142 7.57 2.82 -3.82
C GLU B 142 6.99 4.26 -3.75
N LYS B 143 5.66 4.44 -3.57
CA LYS B 143 5.07 5.78 -3.50
C LYS B 143 4.99 6.30 -2.04
N GLN B 144 4.60 5.43 -1.07
CA GLN B 144 4.53 5.75 0.37
CA GLN B 144 4.54 5.87 0.33
C GLN B 144 5.67 5.13 1.08
N LYS B 145 6.67 5.91 1.45
CA LYS B 145 7.87 5.40 2.10
C LYS B 145 8.50 6.49 2.93
N GLU B 146 9.35 6.12 3.87
CA GLU B 146 10.10 7.08 4.65
C GLU B 146 11.56 7.05 4.19
N ALA B 147 11.99 5.91 3.67
CA ALA B 147 13.32 5.74 3.07
C ALA B 147 13.23 4.75 1.95
N GLU B 148 14.15 4.82 1.01
CA GLU B 148 14.25 3.82 -0.06
C GLU B 148 15.72 3.57 -0.37
N LEU B 149 15.97 2.43 -1.01
CA LEU B 149 17.28 2.02 -1.45
C LEU B 149 17.08 1.29 -2.75
N LYS B 150 17.61 1.85 -3.85
CA LYS B 150 17.47 1.29 -5.20
C LYS B 150 18.69 0.48 -5.49
N LEU B 151 18.55 -0.84 -5.69
CA LEU B 151 19.69 -1.78 -5.85
C LEU B 151 20.09 -2.04 -7.31
N GLY B 152 19.31 -1.53 -8.27
CA GLY B 152 19.60 -1.73 -9.68
C GLY B 152 18.80 -2.88 -10.26
N ASN B 153 19.25 -3.39 -11.38
CA ASN B 153 18.53 -4.44 -12.09
C ASN B 153 19.43 -5.61 -12.47
N THR B 154 20.44 -5.93 -11.64
CA THR B 154 21.32 -7.05 -11.94
C THR B 154 21.38 -7.97 -10.71
N VAL B 155 20.37 -7.90 -9.85
CA VAL B 155 20.32 -8.72 -8.63
C VAL B 155 20.20 -10.18 -9.07
N SER B 156 21.07 -11.09 -8.53
CA SER B 156 21.02 -12.51 -8.83
C SER B 156 19.60 -13.10 -8.46
N LEU B 157 19.21 -14.09 -9.25
CA LEU B 157 17.92 -14.76 -9.18
C LEU B 157 18.00 -16.11 -8.48
N ASP B 158 16.83 -16.60 -8.02
CA ASP B 158 16.57 -17.91 -7.42
C ASP B 158 17.59 -18.23 -6.28
N GLN B 159 17.99 -17.20 -5.52
CA GLN B 159 18.94 -17.30 -4.42
C GLN B 159 18.78 -16.12 -3.48
N GLU B 160 19.20 -16.29 -2.22
CA GLU B 160 19.10 -15.26 -1.20
C GLU B 160 20.10 -14.17 -1.48
N ASN B 161 19.70 -12.92 -1.28
CA ASN B 161 20.58 -11.76 -1.35
C ASN B 161 20.38 -10.93 -0.09
N THR B 162 21.40 -10.18 0.32
CA THR B 162 21.36 -9.31 1.51
C THR B 162 21.64 -7.88 1.11
N ALA B 163 20.86 -6.95 1.69
CA ALA B 163 21.02 -5.50 1.52
C ALA B 163 20.74 -4.78 2.82
N GLU B 164 21.47 -3.70 3.11
CA GLU B 164 21.26 -2.93 4.34
C GLU B 164 20.86 -1.52 4.03
N ILE B 165 19.67 -1.10 4.52
CA ILE B 165 19.11 0.24 4.36
C ILE B 165 19.21 0.95 5.73
N GLU B 166 19.67 2.22 5.71
CA GLU B 166 19.84 3.02 6.91
C GLU B 166 18.46 3.56 7.39
N ILE B 167 18.22 3.51 8.74
CA ILE B 167 16.97 3.94 9.34
C ILE B 167 16.91 5.48 9.22
N PRO B 168 15.83 6.07 8.66
CA PRO B 168 15.83 7.52 8.48
C PRO B 168 15.50 8.27 9.77
N SER B 169 15.94 9.53 9.80
CA SER B 169 15.79 10.54 10.83
C SER B 169 14.41 10.50 11.53
N GLY B 170 13.35 10.56 10.75
CA GLY B 170 12.00 10.58 11.31
C GLY B 170 11.42 9.22 11.61
N LEU B 171 12.27 8.21 11.81
CA LEU B 171 11.77 6.87 12.07
C LEU B 171 12.63 6.19 13.14
N VAL B 172 13.76 6.81 13.46
CA VAL B 172 14.76 6.29 14.38
C VAL B 172 14.26 6.29 15.88
N ASN B 173 13.26 7.10 16.23
CA ASN B 173 12.76 7.12 17.60
C ASN B 173 11.44 6.39 17.72
N GLU B 174 11.07 5.67 16.67
CA GLU B 174 9.80 4.95 16.69
C GLU B 174 10.01 3.60 17.35
N SER B 175 8.92 3.08 17.92
CA SER B 175 8.88 1.81 18.62
C SER B 175 9.11 0.65 17.64
N TYR B 176 8.71 0.86 16.38
CA TYR B 176 8.82 -0.10 15.26
C TYR B 176 8.62 0.60 13.93
N LEU B 177 8.88 -0.12 12.83
CA LEU B 177 8.68 0.35 11.46
C LEU B 177 8.26 -0.79 10.61
N TYR B 178 7.92 -0.50 9.35
CA TYR B 178 7.53 -1.53 8.40
C TYR B 178 8.52 -1.51 7.28
N ALA B 179 8.95 -2.70 6.88
CA ALA B 179 9.96 -2.90 5.87
C ALA B 179 9.41 -3.76 4.75
N ARG B 180 9.91 -3.53 3.52
CA ARG B 180 9.36 -4.26 2.38
C ARG B 180 10.37 -4.29 1.20
N VAL B 181 10.32 -5.34 0.40
CA VAL B 181 11.13 -5.45 -0.80
C VAL B 181 10.21 -5.34 -2.01
N GLY B 182 10.70 -4.81 -3.10
CA GLY B 182 9.91 -4.68 -4.32
C GLY B 182 10.75 -4.85 -5.55
N VAL B 183 10.19 -5.42 -6.61
CA VAL B 183 10.92 -5.59 -7.88
C VAL B 183 10.00 -5.13 -9.05
N LYS B 184 10.52 -4.21 -9.90
CA LYS B 184 9.76 -3.68 -11.04
C LYS B 184 10.30 -4.22 -12.37
N SER B 185 9.38 -4.65 -13.27
CA SER B 185 9.74 -5.12 -14.60
C SER B 185 9.38 -4.10 -15.65
N ASP B 186 9.80 -4.34 -16.91
CA ASP B 186 9.49 -3.48 -18.03
C ASP B 186 8.09 -3.79 -18.61
N LYS B 187 7.36 -4.78 -18.03
CA LYS B 187 6.08 -5.23 -18.57
C LYS B 187 4.85 -4.70 -17.75
N SER B 188 5.10 -4.00 -16.63
CA SER B 188 4.08 -3.41 -15.75
C SER B 188 4.55 -2.10 -15.18
N SER B 189 3.63 -1.19 -14.93
CA SER B 189 3.91 0.13 -14.36
C SER B 189 4.01 0.05 -12.82
N GLU B 190 3.74 -1.12 -12.27
CA GLU B 190 3.69 -1.34 -10.84
C GLU B 190 4.75 -2.35 -10.39
N TYR B 191 5.34 -2.14 -9.19
CA TYR B 191 6.28 -3.09 -8.57
C TYR B 191 5.55 -4.27 -8.00
N CYS B 192 6.25 -5.37 -7.83
CA CYS B 192 5.75 -6.53 -7.13
C CYS B 192 6.47 -6.60 -5.82
N TYR B 193 5.76 -6.74 -4.72
CA TYR B 193 6.39 -6.66 -3.41
C TYR B 193 6.27 -7.92 -2.53
N SER B 194 7.11 -7.94 -1.51
CA SER B 194 7.08 -8.86 -0.39
C SER B 194 5.99 -8.43 0.54
N GLN B 195 5.83 -9.14 1.64
CA GLN B 195 4.86 -8.70 2.62
C GLN B 195 5.43 -7.53 3.40
N SER B 196 4.57 -6.61 3.86
CA SER B 196 5.02 -5.48 4.70
C SER B 196 5.21 -6.02 6.09
N ILE B 197 6.48 -6.13 6.53
CA ILE B 197 6.85 -6.76 7.78
C ILE B 197 7.26 -5.73 8.82
N LYS B 198 6.64 -5.81 10.01
CA LYS B 198 6.97 -4.97 11.16
C LYS B 198 8.34 -5.34 11.67
N VAL B 199 9.17 -4.33 11.97
CA VAL B 199 10.50 -4.53 12.51
C VAL B 199 10.59 -3.72 13.82
N ALA B 200 10.76 -4.40 14.97
CA ALA B 200 10.87 -3.70 16.24
C ALA B 200 12.21 -2.95 16.29
N LEU B 201 12.17 -1.69 16.78
CA LEU B 201 13.35 -0.86 16.88
C LEU B 201 13.77 -0.68 18.35
N LYS B 202 12.81 -0.95 19.25
CA LYS B 202 12.94 -0.87 20.70
C LYS B 202 12.52 -2.22 21.34
N PRO C 6 -46.78 1.22 35.91
CA PRO C 6 -45.52 1.97 35.83
C PRO C 6 -44.55 1.34 34.80
N LYS C 7 -43.91 2.18 33.92
CA LYS C 7 -43.01 1.72 32.83
C LYS C 7 -41.51 2.07 33.17
N ALA C 8 -40.62 1.03 33.18
CA ALA C 8 -39.20 1.11 33.58
C ALA C 8 -38.23 1.20 32.40
N THR C 9 -36.95 1.52 32.68
CA THR C 9 -35.89 1.64 31.67
C THR C 9 -34.74 0.66 31.95
N LEU C 10 -34.48 -0.27 31.00
CA LEU C 10 -33.35 -1.20 31.07
C LEU C 10 -32.22 -0.68 30.20
N THR C 11 -31.07 -0.36 30.81
CA THR C 11 -29.90 0.14 30.06
C THR C 11 -28.69 -0.76 30.35
N GLY C 12 -27.66 -0.63 29.55
CA GLY C 12 -26.44 -1.41 29.68
C GLY C 12 -25.53 -1.25 28.49
N LYS C 13 -24.61 -2.22 28.31
CA LYS C 13 -23.58 -2.26 27.26
C LYS C 13 -23.25 -3.67 26.83
N ALA C 14 -22.86 -3.85 25.54
CA ALA C 14 -22.32 -5.12 25.05
C ALA C 14 -20.86 -5.14 25.48
N ILE C 15 -20.49 -6.06 26.42
CA ILE C 15 -19.20 -6.06 27.09
C ILE C 15 -18.30 -7.25 26.73
N TYR C 16 -17.03 -6.90 26.45
CA TYR C 16 -15.92 -7.81 26.23
C TYR C 16 -14.70 -7.25 26.93
N ASP C 17 -14.04 -8.06 27.79
CA ASP C 17 -12.84 -7.72 28.58
C ASP C 17 -13.06 -6.33 29.25
N GLY C 18 -14.27 -6.14 29.79
CA GLY C 18 -14.68 -4.91 30.49
C GLY C 18 -14.86 -3.67 29.63
N GLU C 19 -14.78 -3.81 28.29
CA GLU C 19 -14.94 -2.69 27.37
C GLU C 19 -16.19 -2.81 26.51
N ALA C 20 -16.82 -1.67 26.17
CA ALA C 20 -18.00 -1.68 25.29
C ALA C 20 -17.56 -2.01 23.88
N VAL C 21 -18.23 -2.99 23.26
CA VAL C 21 -17.87 -3.49 21.93
C VAL C 21 -18.52 -2.59 20.87
N GLY C 22 -17.69 -1.86 20.13
CA GLY C 22 -18.13 -0.97 19.09
C GLY C 22 -18.80 -1.72 17.96
N VAL C 23 -19.84 -1.12 17.38
CA VAL C 23 -20.51 -1.80 16.28
C VAL C 23 -21.10 -0.72 15.31
N ARG C 24 -21.65 -1.14 14.16
CA ARG C 24 -22.24 -0.23 13.21
C ARG C 24 -23.66 0.16 13.67
N SER C 25 -23.98 1.49 13.66
CA SER C 25 -25.30 1.95 14.09
C SER C 25 -26.35 1.31 13.21
N GLY C 26 -27.38 0.76 13.85
CA GLY C 26 -28.52 0.10 13.20
C GLY C 26 -28.21 -1.23 12.55
N SER C 27 -27.29 -2.02 13.14
CA SER C 27 -26.91 -3.32 12.58
C SER C 27 -27.09 -4.46 13.58
N SER C 28 -26.81 -4.17 14.87
CA SER C 28 -26.81 -5.17 15.91
C SER C 28 -27.90 -4.92 16.94
N GLU C 29 -28.42 -6.07 17.46
CA GLU C 29 -29.50 -6.16 18.40
C GLU C 29 -29.34 -7.31 19.38
N PHE C 30 -30.26 -7.33 20.37
CA PHE C 30 -30.55 -8.40 21.31
C PHE C 30 -32.03 -8.61 21.28
N ALA C 31 -32.49 -9.81 21.65
CA ALA C 31 -33.91 -10.15 21.71
C ALA C 31 -34.29 -10.50 23.13
N LEU C 32 -35.41 -9.95 23.57
CA LEU C 32 -35.95 -10.10 24.92
C LEU C 32 -37.22 -10.98 24.91
N PHE C 33 -37.34 -11.87 25.91
CA PHE C 33 -38.46 -12.82 25.99
C PHE C 33 -39.01 -12.98 27.42
N GLN C 34 -40.31 -13.33 27.54
CA GLN C 34 -41.03 -13.59 28.79
C GLN C 34 -41.61 -15.01 28.79
N GLY C 41 -44.45 -13.08 21.61
CA GLY C 41 -43.68 -12.16 20.79
C GLY C 41 -42.44 -11.62 21.49
N SER C 42 -41.35 -11.41 20.73
CA SER C 42 -40.07 -10.90 21.25
C SER C 42 -39.99 -9.38 21.23
N ILE C 43 -39.12 -8.80 22.10
CA ILE C 43 -38.88 -7.35 22.23
C ILE C 43 -37.49 -7.04 21.68
N PRO C 44 -37.36 -6.17 20.65
CA PRO C 44 -36.02 -5.87 20.14
C PRO C 44 -35.28 -4.91 21.07
N VAL C 45 -33.98 -5.11 21.19
CA VAL C 45 -33.08 -4.27 21.95
C VAL C 45 -32.04 -3.78 20.95
N TYR C 46 -32.15 -2.50 20.56
CA TYR C 46 -31.29 -1.90 19.55
C TYR C 46 -30.04 -1.32 20.22
N ILE C 47 -28.84 -1.68 19.69
CA ILE C 47 -27.54 -1.22 20.20
C ILE C 47 -27.02 -0.06 19.33
N ALA C 48 -26.59 1.03 19.98
CA ALA C 48 -26.02 2.20 19.28
C ALA C 48 -24.59 1.88 18.88
N GLN C 49 -23.97 2.71 18.05
CA GLN C 49 -22.63 2.37 17.60
C GLN C 49 -21.60 2.21 18.75
N ASP C 50 -21.85 2.78 19.94
CA ASP C 50 -20.85 2.70 21.02
C ASP C 50 -21.03 1.45 21.93
N GLY C 51 -21.86 0.49 21.50
CA GLY C 51 -22.08 -0.74 22.25
C GLY C 51 -23.12 -0.67 23.34
N SER C 52 -23.68 0.52 23.64
CA SER C 52 -24.70 0.64 24.70
C SER C 52 -26.10 0.52 24.14
N TYR C 53 -27.06 0.24 25.03
CA TYR C 53 -28.45 0.10 24.68
C TYR C 53 -29.37 0.65 25.77
N SER C 54 -30.65 0.89 25.42
CA SER C 54 -31.75 1.29 26.32
C SER C 54 -33.04 0.78 25.74
N VAL C 55 -33.91 0.25 26.58
CA VAL C 55 -35.20 -0.28 26.16
C VAL C 55 -36.20 -0.04 27.30
N SER C 56 -37.38 0.54 27.00
CA SER C 56 -38.38 0.73 28.05
C SER C 56 -39.24 -0.52 28.08
N LEU C 57 -39.45 -1.04 29.28
CA LEU C 57 -40.19 -2.28 29.53
C LEU C 57 -41.15 -2.18 30.70
N PHE C 58 -42.11 -3.12 30.76
CA PHE C 58 -42.91 -3.26 31.96
C PHE C 58 -42.10 -4.05 32.96
N ASN C 59 -42.31 -3.83 34.28
CA ASN C 59 -41.60 -4.57 35.31
C ASN C 59 -41.91 -6.06 35.18
N GLY C 60 -40.87 -6.90 35.29
CA GLY C 60 -41.04 -8.34 35.15
C GLY C 60 -39.75 -9.10 35.01
N ASP C 61 -39.86 -10.40 34.71
CA ASP C 61 -38.73 -11.29 34.54
C ASP C 61 -38.57 -11.61 33.05
N TYR C 62 -37.38 -11.25 32.50
CA TYR C 62 -37.05 -11.39 31.09
C TYR C 62 -35.87 -12.30 30.86
N LYS C 63 -35.81 -12.88 29.64
CA LYS C 63 -34.73 -13.72 29.14
C LYS C 63 -34.17 -13.05 27.86
N LEU C 64 -32.85 -12.70 27.87
CA LEU C 64 -32.19 -12.04 26.73
C LEU C 64 -31.33 -13.03 25.98
N VAL C 65 -31.40 -12.97 24.64
CA VAL C 65 -30.64 -13.86 23.76
C VAL C 65 -29.94 -13.05 22.68
N ARG C 66 -28.69 -13.43 22.38
CA ARG C 66 -27.88 -12.81 21.33
C ARG C 66 -28.29 -13.41 20.00
N MSE C 67 -28.54 -12.55 19.03
CA MSE C 67 -28.94 -12.94 17.69
C MSE C 67 -28.60 -11.83 16.68
O MSE C 67 -27.85 -10.87 16.98
CB MSE C 67 -30.44 -13.29 17.64
CG MSE C 67 -31.36 -12.33 18.45
SE MSE C 67 -31.39 -10.42 17.92
CE MSE C 67 -32.28 -10.52 16.21
N GLY C 68 -29.17 -11.97 15.48
CA GLY C 68 -29.00 -11.02 14.41
C GLY C 68 -27.70 -11.18 13.68
N ASN C 69 -27.18 -10.08 13.18
CA ASN C 69 -25.95 -10.07 12.40
C ASN C 69 -24.78 -9.51 13.19
N ALA C 70 -24.94 -9.32 14.50
CA ALA C 70 -23.92 -8.78 15.41
C ALA C 70 -22.56 -9.48 15.24
N PRO C 71 -21.43 -8.69 15.31
CA PRO C 71 -20.10 -9.30 15.11
C PRO C 71 -19.57 -10.08 16.34
N TRP C 72 -20.42 -10.88 16.97
CA TRP C 72 -20.04 -11.71 18.11
C TRP C 72 -20.81 -13.02 18.07
N GLU C 73 -20.39 -13.99 18.89
CA GLU C 73 -21.06 -15.28 18.98
C GLU C 73 -22.49 -15.06 19.42
N ARG C 74 -23.43 -15.75 18.75
CA ARG C 74 -24.87 -15.62 19.00
C ARG C 74 -25.46 -17.01 19.36
N PRO C 75 -25.15 -17.57 20.56
CA PRO C 75 -25.70 -18.90 20.91
C PRO C 75 -27.16 -18.84 21.25
N SER C 76 -27.93 -19.79 20.71
CA SER C 76 -29.38 -19.96 20.89
C SER C 76 -29.70 -20.42 22.31
N ASN C 77 -28.95 -21.43 22.76
CA ASN C 77 -28.99 -22.12 24.06
C ASN C 77 -28.71 -21.17 25.26
N ASP C 78 -27.75 -20.21 25.09
CA ASP C 78 -27.32 -19.30 26.15
C ASP C 78 -28.29 -18.09 26.25
N THR C 79 -28.98 -18.01 27.41
CA THR C 79 -29.93 -16.96 27.77
C THR C 79 -29.39 -16.18 28.99
N ILE C 80 -29.79 -14.92 29.11
CA ILE C 80 -29.40 -14.06 30.24
C ILE C 80 -30.69 -13.63 30.93
N TYR C 81 -30.83 -14.02 32.21
CA TYR C 81 -32.01 -13.72 32.98
C TYR C 81 -31.85 -12.35 33.61
N ILE C 82 -32.82 -11.46 33.30
CA ILE C 82 -32.83 -10.07 33.77
C ILE C 82 -34.14 -9.82 34.52
N THR C 83 -34.02 -9.40 35.79
CA THR C 83 -35.19 -9.07 36.59
C THR C 83 -35.25 -7.54 36.64
N VAL C 84 -36.33 -6.97 36.05
CA VAL C 84 -36.49 -5.53 36.02
C VAL C 84 -37.62 -5.16 37.00
N ARG C 85 -37.23 -4.41 38.04
CA ARG C 85 -38.07 -3.85 39.09
C ARG C 85 -37.61 -2.41 39.25
N GLY C 86 -38.24 -1.52 38.49
CA GLY C 86 -37.86 -0.13 38.37
C GLY C 86 -36.72 -0.02 37.37
N ASN C 87 -36.14 1.19 37.21
CA ASN C 87 -35.04 1.36 36.28
C ASN C 87 -33.90 0.42 36.68
N THR C 88 -33.47 -0.42 35.72
CA THR C 88 -32.47 -1.46 35.92
C THR C 88 -31.35 -1.29 34.87
N VAL C 89 -30.12 -1.61 35.27
CA VAL C 89 -28.93 -1.55 34.43
C VAL C 89 -28.21 -2.91 34.48
N GLN C 90 -27.95 -3.51 33.30
CA GLN C 90 -27.25 -4.80 33.22
C GLN C 90 -26.47 -4.89 31.91
N ASP C 91 -25.15 -5.07 32.03
CA ASP C 91 -24.30 -5.22 30.86
C ASP C 91 -24.45 -6.65 30.33
N ILE C 92 -24.34 -6.80 29.00
CA ILE C 92 -24.47 -8.10 28.36
C ILE C 92 -23.09 -8.58 27.86
N PRO C 93 -22.52 -9.65 28.48
CA PRO C 93 -21.23 -10.17 28.02
C PRO C 93 -21.36 -10.76 26.62
N VAL C 94 -20.46 -10.32 25.72
CA VAL C 94 -20.44 -10.79 24.34
C VAL C 94 -18.99 -11.23 24.03
N THR C 95 -18.89 -12.19 23.08
CA THR C 95 -17.61 -12.75 22.70
C THR C 95 -17.43 -12.44 21.20
N PRO C 96 -16.73 -11.32 20.88
CA PRO C 96 -16.53 -10.97 19.45
C PRO C 96 -15.62 -11.98 18.78
N TYR C 97 -15.68 -12.08 17.44
CA TYR C 97 -14.80 -13.01 16.73
C TYR C 97 -13.40 -12.42 16.78
N PHE C 98 -13.32 -11.11 16.50
CA PHE C 98 -12.16 -10.25 16.57
C PHE C 98 -12.52 -9.00 17.33
N PHE C 99 -11.58 -8.49 18.13
CA PHE C 99 -11.81 -7.31 18.94
C PHE C 99 -10.75 -6.25 18.67
N VAL C 100 -11.18 -4.97 18.59
CA VAL C 100 -10.29 -3.82 18.35
C VAL C 100 -10.12 -3.05 19.64
N ARG C 101 -8.87 -2.87 20.11
CA ARG C 101 -8.62 -2.12 21.37
C ARG C 101 -7.44 -1.12 21.23
N ASN C 102 -7.25 -0.28 22.23
CA ASN C 102 -6.17 0.70 22.42
C ASN C 102 -5.92 1.47 21.10
N VAL C 103 -7.02 2.10 20.62
CA VAL C 103 -7.09 2.83 19.37
C VAL C 103 -6.89 4.33 19.61
N SER C 104 -5.99 4.93 18.83
CA SER C 104 -5.66 6.35 18.86
C SER C 104 -5.46 6.88 17.45
N PHE C 105 -5.79 8.13 17.22
CA PHE C 105 -5.63 8.77 15.91
C PHE C 105 -4.94 10.11 16.05
N ALA C 106 -4.19 10.52 15.00
CA ALA C 106 -3.52 11.81 14.98
C ALA C 106 -3.40 12.33 13.57
N LYS C 107 -3.60 13.64 13.39
CA LYS C 107 -3.39 14.28 12.10
C LYS C 107 -1.87 14.49 11.91
N ASN C 108 -1.34 14.03 10.78
CA ASN C 108 0.06 14.16 10.39
C ASN C 108 0.07 14.52 8.90
N GLY C 109 0.07 15.84 8.66
CA GLY C 109 -0.01 16.41 7.32
C GLY C 109 -1.42 16.30 6.76
N ASN C 110 -1.53 15.66 5.59
CA ASN C 110 -2.81 15.39 4.90
C ASN C 110 -3.26 13.97 5.22
N LYS C 111 -2.70 13.37 6.29
CA LYS C 111 -3.00 12.00 6.68
C LYS C 111 -3.42 11.89 8.16
N ILE C 112 -4.14 10.82 8.48
CA ILE C 112 -4.57 10.46 9.83
C ILE C 112 -3.81 9.21 10.20
N THR C 113 -2.94 9.29 11.20
CA THR C 113 -2.17 8.15 11.66
C THR C 113 -3.01 7.39 12.66
N ALA C 114 -3.40 6.16 12.32
CA ALA C 114 -4.18 5.28 13.16
C ALA C 114 -3.30 4.25 13.84
N ARG C 115 -3.41 4.13 15.18
CA ARG C 115 -2.70 3.12 15.97
C ARG C 115 -3.74 2.26 16.64
N PHE C 116 -3.61 0.92 16.52
CA PHE C 116 -4.61 0.00 17.03
C PHE C 116 -4.05 -1.39 17.31
N THR C 117 -4.77 -2.14 18.15
CA THR C 117 -4.45 -3.52 18.49
C THR C 117 -5.67 -4.37 18.14
N ILE C 118 -5.43 -5.58 17.57
CA ILE C 118 -6.48 -6.52 17.16
C ILE C 118 -6.24 -7.86 17.83
N ASN C 119 -7.32 -8.43 18.38
CA ASN C 119 -7.28 -9.76 19.02
C ASN C 119 -8.18 -10.76 18.29
N LYS C 120 -7.73 -12.01 18.15
CA LYS C 120 -8.56 -13.09 17.62
C LYS C 120 -9.12 -13.81 18.84
N VAL C 121 -10.36 -13.54 19.18
CA VAL C 121 -11.03 -14.03 20.38
C VAL C 121 -11.61 -15.45 20.12
N VAL C 122 -12.26 -15.65 18.95
CA VAL C 122 -12.81 -16.92 18.50
C VAL C 122 -11.78 -17.56 17.57
N ALA C 123 -11.14 -18.65 18.03
CA ALA C 123 -10.08 -19.39 17.31
C ALA C 123 -10.54 -19.92 15.94
N ASN C 124 -11.83 -20.28 15.86
CA ASN C 124 -12.51 -20.79 14.69
C ASN C 124 -12.58 -19.76 13.54
N ALA C 125 -12.76 -18.47 13.89
CA ALA C 125 -12.93 -17.34 12.96
C ALA C 125 -11.70 -17.03 12.15
N ASN C 126 -11.92 -16.47 10.95
CA ASN C 126 -10.86 -16.07 10.02
C ASN C 126 -11.12 -14.63 9.57
N MSE C 127 -10.08 -13.81 9.61
CA MSE C 127 -10.14 -12.41 9.27
C MSE C 127 -10.34 -12.21 7.75
O MSE C 127 -9.73 -12.90 6.94
CB MSE C 127 -8.82 -11.79 9.73
CG MSE C 127 -8.61 -10.36 9.36
SE MSE C 127 -7.15 -9.59 10.38
CE MSE C 127 -5.66 -10.88 10.19
N GLU C 128 -11.26 -11.30 7.37
CA GLU C 128 -11.56 -10.97 5.97
C GLU C 128 -10.93 -9.64 5.56
N ASN C 129 -11.06 -8.63 6.43
CA ASN C 129 -10.57 -7.29 6.18
C ASN C 129 -10.42 -6.51 7.43
N VAL C 130 -9.48 -5.54 7.41
CA VAL C 130 -9.26 -4.52 8.42
C VAL C 130 -9.33 -3.21 7.71
N GLY C 131 -10.24 -2.35 8.18
CA GLY C 131 -10.44 -1.05 7.60
C GLY C 131 -10.32 0.12 8.55
N ILE C 132 -9.82 1.25 8.02
CA ILE C 132 -9.76 2.55 8.68
C ILE C 132 -10.78 3.40 7.97
N TYR C 133 -11.67 4.05 8.73
CA TYR C 133 -12.75 4.85 8.17
C TYR C 133 -12.71 6.27 8.73
N LEU C 134 -12.96 7.26 7.84
CA LEU C 134 -13.04 8.68 8.19
C LEU C 134 -14.42 9.18 7.80
N GLY C 135 -15.10 9.88 8.72
CA GLY C 135 -16.45 10.39 8.50
C GLY C 135 -16.66 11.83 8.92
N THR C 136 -17.75 12.46 8.41
CA THR C 136 -18.09 13.84 8.76
C THR C 136 -18.75 13.85 10.14
N GLY C 137 -19.55 12.82 10.43
CA GLY C 137 -20.29 12.72 11.69
C GLY C 137 -19.99 11.51 12.56
N ILE C 138 -20.45 11.58 13.87
CA ILE C 138 -20.31 10.62 15.01
C ILE C 138 -20.45 9.20 14.46
N LEU C 139 -21.49 8.95 13.61
CA LEU C 139 -21.72 7.64 12.99
C LEU C 139 -20.83 7.44 11.77
N THR C 140 -19.77 6.64 11.94
CA THR C 140 -18.81 6.32 10.87
C THR C 140 -18.62 4.81 10.93
N ASP C 141 -18.72 4.16 9.76
CA ASP C 141 -18.62 2.71 9.64
C ASP C 141 -18.30 2.34 8.19
N GLU C 142 -18.35 1.05 7.86
CA GLU C 142 -18.02 0.58 6.51
C GLU C 142 -19.09 1.08 5.49
N LYS C 143 -20.36 1.38 5.93
CA LYS C 143 -21.40 1.86 5.02
C LYS C 143 -21.37 3.41 4.93
N GLN C 144 -21.27 4.12 6.08
CA GLN C 144 -21.18 5.59 6.13
C GLN C 144 -19.78 6.02 6.40
N LYS C 145 -19.13 6.60 5.39
CA LYS C 145 -17.72 7.01 5.45
C LYS C 145 -17.45 8.03 4.37
N GLU C 146 -16.48 8.90 4.61
CA GLU C 146 -16.07 9.88 3.61
C GLU C 146 -14.79 9.33 2.90
N ALA C 147 -14.10 8.38 3.56
CA ALA C 147 -12.91 7.72 3.08
C ALA C 147 -12.70 6.39 3.80
N GLU C 148 -12.11 5.39 3.10
CA GLU C 148 -11.78 4.11 3.72
C GLU C 148 -10.41 3.68 3.26
N LEU C 149 -9.83 2.75 4.03
CA LEU C 149 -8.55 2.13 3.75
C LEU C 149 -8.67 0.66 4.07
N LYS C 150 -8.55 -0.21 3.05
CA LYS C 150 -8.66 -1.66 3.23
C LYS C 150 -7.23 -2.20 3.35
N LEU C 151 -6.87 -2.73 4.53
CA LEU C 151 -5.51 -3.19 4.84
C LEU C 151 -5.29 -4.68 4.54
N GLY C 152 -6.37 -5.40 4.22
CA GLY C 152 -6.26 -6.83 3.97
C GLY C 152 -6.62 -7.63 5.19
N ASN C 153 -6.16 -8.86 5.21
CA ASN C 153 -6.50 -9.78 6.29
C ASN C 153 -5.27 -10.49 6.85
N THR C 154 -4.12 -9.79 6.88
CA THR C 154 -2.92 -10.41 7.40
C THR C 154 -2.31 -9.48 8.47
N VAL C 155 -3.13 -8.57 9.04
CA VAL C 155 -2.65 -7.66 10.08
C VAL C 155 -2.21 -8.51 11.30
N SER C 156 -1.00 -8.28 11.85
CA SER C 156 -0.53 -8.98 13.06
C SER C 156 -1.49 -8.73 14.27
N LEU C 157 -1.58 -9.75 15.11
CA LEU C 157 -2.48 -9.79 16.27
C LEU C 157 -1.78 -9.52 17.58
N ASP C 158 -2.56 -9.14 18.61
CA ASP C 158 -2.18 -8.94 20.01
C ASP C 158 -0.95 -7.99 20.13
N GLN C 159 -0.88 -6.97 19.24
CA GLN C 159 0.20 -5.99 19.20
C GLN C 159 -0.26 -4.75 18.45
N GLU C 160 0.36 -3.60 18.76
CA GLU C 160 0.02 -2.33 18.13
C GLU C 160 0.44 -2.35 16.65
N ASN C 161 -0.40 -1.78 15.80
CA ASN C 161 -0.07 -1.60 14.38
C ASN C 161 -0.38 -0.15 14.03
N THR C 162 0.29 0.36 13.00
CA THR C 162 0.11 1.75 12.54
C THR C 162 -0.28 1.75 11.07
N ALA C 163 -1.26 2.57 10.72
CA ALA C 163 -1.72 2.78 9.34
C ALA C 163 -2.07 4.24 9.12
N GLU C 164 -1.82 4.78 7.92
CA GLU C 164 -2.10 6.18 7.59
C GLU C 164 -3.07 6.26 6.46
N ILE C 165 -4.21 6.91 6.70
CA ILE C 165 -5.28 7.13 5.71
C ILE C 165 -5.26 8.61 5.34
N GLU C 166 -5.37 8.91 4.04
CA GLU C 166 -5.33 10.27 3.53
C GLU C 166 -6.69 10.95 3.78
N ILE C 167 -6.65 12.20 4.25
CA ILE C 167 -7.84 13.02 4.54
C ILE C 167 -8.47 13.38 3.20
N PRO C 168 -9.76 13.02 2.95
CA PRO C 168 -10.37 13.29 1.62
C PRO C 168 -10.64 14.77 1.42
N SER C 169 -10.80 15.17 0.15
CA SER C 169 -11.00 16.56 -0.31
C SER C 169 -12.19 17.23 0.40
N GLY C 170 -13.29 16.51 0.58
CA GLY C 170 -14.48 17.06 1.22
C GLY C 170 -14.45 17.09 2.73
N LEU C 171 -13.28 16.92 3.31
CA LEU C 171 -13.17 16.86 4.76
C LEU C 171 -11.92 17.60 5.24
N VAL C 172 -11.09 18.01 4.28
CA VAL C 172 -9.78 18.60 4.48
C VAL C 172 -9.88 20.03 5.06
N ASN C 173 -11.04 20.70 4.92
CA ASN C 173 -11.20 22.09 5.43
C ASN C 173 -12.22 22.14 6.57
N GLU C 174 -12.54 20.99 7.16
CA GLU C 174 -13.46 20.91 8.28
C GLU C 174 -12.68 21.09 9.58
N SER C 175 -13.39 21.48 10.63
CA SER C 175 -12.83 21.75 11.95
C SER C 175 -12.32 20.46 12.61
N TYR C 176 -12.98 19.34 12.34
CA TYR C 176 -12.70 18.01 12.87
C TYR C 176 -13.39 16.95 12.02
N LEU C 177 -12.95 15.69 12.14
CA LEU C 177 -13.52 14.53 11.49
C LEU C 177 -13.63 13.43 12.54
N TYR C 178 -14.26 12.30 12.18
CA TYR C 178 -14.38 11.15 13.06
C TYR C 178 -13.70 10.01 12.41
N ALA C 179 -12.86 9.33 13.17
CA ALA C 179 -12.10 8.22 12.68
C ALA C 179 -12.46 6.95 13.41
N ARG C 180 -12.32 5.80 12.75
CA ARG C 180 -12.68 4.51 13.33
C ARG C 180 -11.97 3.35 12.65
N VAL C 181 -11.70 2.29 13.41
CA VAL C 181 -11.03 1.07 12.93
C VAL C 181 -12.03 -0.07 13.02
N GLY C 182 -12.12 -0.87 11.97
CA GLY C 182 -13.02 -2.02 11.93
C GLY C 182 -12.35 -3.28 11.43
N VAL C 183 -12.77 -4.44 11.97
CA VAL C 183 -12.25 -5.74 11.53
C VAL C 183 -13.47 -6.67 11.24
N LYS C 184 -13.50 -7.28 10.03
CA LYS C 184 -14.55 -8.22 9.63
C LYS C 184 -14.02 -9.64 9.55
N SER C 185 -14.81 -10.59 10.11
CA SER C 185 -14.49 -12.03 10.07
C SER C 185 -15.41 -12.73 9.09
N ASP C 186 -15.11 -14.00 8.82
CA ASP C 186 -15.89 -14.84 7.93
C ASP C 186 -17.13 -15.42 8.67
N LYS C 187 -17.31 -15.09 9.99
CA LYS C 187 -18.38 -15.68 10.81
C LYS C 187 -19.56 -14.70 11.06
N SER C 188 -19.45 -13.44 10.61
CA SER C 188 -20.49 -12.42 10.74
C SER C 188 -20.50 -11.52 9.52
N SER C 189 -21.69 -10.99 9.18
CA SER C 189 -21.88 -10.10 8.04
C SER C 189 -21.50 -8.66 8.40
N GLU C 190 -21.18 -8.44 9.68
CA GLU C 190 -20.93 -7.13 10.20
C GLU C 190 -19.48 -7.00 10.74
N TYR C 191 -18.87 -5.81 10.58
CA TYR C 191 -17.55 -5.50 11.15
C TYR C 191 -17.67 -5.24 12.63
N CYS C 192 -16.57 -5.42 13.34
CA CYS C 192 -16.46 -5.05 14.73
C CYS C 192 -15.56 -3.85 14.78
N TYR C 193 -16.00 -2.79 15.44
CA TYR C 193 -15.26 -1.55 15.41
C TYR C 193 -14.74 -1.05 16.74
N SER C 194 -13.81 -0.09 16.63
CA SER C 194 -13.28 0.73 17.70
C SER C 194 -14.29 1.77 18.04
N GLN C 195 -13.97 2.66 18.96
CA GLN C 195 -14.88 3.75 19.25
C GLN C 195 -14.72 4.80 18.14
N SER C 196 -15.80 5.54 17.83
CA SER C 196 -15.72 6.62 16.84
C SER C 196 -15.07 7.78 17.56
N ILE C 197 -13.83 8.13 17.15
CA ILE C 197 -13.03 9.13 17.82
C ILE C 197 -12.93 10.40 16.99
N LYS C 198 -13.25 11.54 17.62
CA LYS C 198 -13.10 12.85 17.02
C LYS C 198 -11.61 13.18 16.86
N VAL C 199 -11.24 13.70 15.68
CA VAL C 199 -9.85 14.08 15.40
C VAL C 199 -9.86 15.52 14.94
N ALA C 200 -9.21 16.41 15.70
CA ALA C 200 -9.16 17.83 15.32
C ALA C 200 -8.29 18.02 14.08
N LEU C 201 -8.77 18.86 13.14
CA LEU C 201 -8.04 19.13 11.91
C LEU C 201 -7.49 20.57 11.89
N LYS C 202 -8.05 21.39 12.79
CA LYS C 202 -7.72 22.80 13.00
C LYS C 202 -7.41 23.01 14.49
N PRO D 6 -61.57 38.38 35.40
CA PRO D 6 -60.96 39.33 36.37
C PRO D 6 -59.59 38.84 36.88
N LYS D 7 -58.90 37.93 36.14
CA LYS D 7 -57.61 37.28 36.50
C LYS D 7 -56.36 37.91 35.81
N ALA D 8 -55.20 37.79 36.48
CA ALA D 8 -53.88 38.26 36.05
C ALA D 8 -53.11 37.18 35.28
N THR D 9 -51.99 37.54 34.61
CA THR D 9 -51.22 36.57 33.83
C THR D 9 -49.73 36.49 34.32
N LEU D 10 -49.31 35.29 34.77
CA LEU D 10 -47.92 35.02 35.16
C LEU D 10 -47.24 34.29 34.04
N THR D 11 -46.21 34.90 33.44
CA THR D 11 -45.46 34.30 32.34
C THR D 11 -43.97 34.26 32.73
N GLY D 12 -43.20 33.47 31.99
CA GLY D 12 -41.77 33.32 32.20
C GLY D 12 -41.24 32.17 31.39
N LYS D 13 -40.06 31.66 31.80
CA LYS D 13 -39.31 30.58 31.16
C LYS D 13 -38.52 29.75 32.15
N ALA D 14 -38.36 28.43 31.85
CA ALA D 14 -37.44 27.57 32.60
C ALA D 14 -36.01 27.89 32.10
N ILE D 15 -35.19 28.55 32.95
CA ILE D 15 -33.88 29.08 32.55
C ILE D 15 -32.72 28.31 33.18
N TYR D 16 -31.66 28.17 32.35
CA TYR D 16 -30.34 27.64 32.65
C TYR D 16 -29.34 28.38 31.80
N ASP D 17 -28.32 28.95 32.44
CA ASP D 17 -27.23 29.74 31.83
C ASP D 17 -27.84 30.82 30.90
N GLY D 18 -28.94 31.43 31.36
CA GLY D 18 -29.63 32.47 30.62
C GLY D 18 -30.39 32.03 29.36
N GLU D 19 -30.50 30.73 29.13
CA GLU D 19 -31.24 30.20 28.00
C GLU D 19 -32.45 29.48 28.47
N ALA D 20 -33.46 29.35 27.58
CA ALA D 20 -34.66 28.58 27.88
C ALA D 20 -34.36 27.13 27.61
N VAL D 21 -34.72 26.26 28.57
CA VAL D 21 -34.49 24.80 28.49
C VAL D 21 -35.62 24.17 27.70
N GLY D 22 -35.29 23.63 26.52
CA GLY D 22 -36.23 22.90 25.67
C GLY D 22 -36.72 21.64 26.35
N VAL D 23 -37.99 21.31 26.15
CA VAL D 23 -38.60 20.19 26.85
C VAL D 23 -39.59 19.51 25.89
N ARG D 24 -40.14 18.36 26.28
CA ARG D 24 -41.14 17.70 25.47
C ARG D 24 -42.51 18.30 25.78
N SER D 25 -43.24 18.78 24.76
CA SER D 25 -44.56 19.37 24.97
C SER D 25 -45.44 18.41 25.70
N GLY D 26 -46.12 18.90 26.74
CA GLY D 26 -47.01 18.13 27.60
C GLY D 26 -46.33 17.11 28.50
N SER D 27 -45.08 17.40 28.93
CA SER D 27 -44.35 16.47 29.79
C SER D 27 -43.95 17.06 31.13
N SER D 28 -43.56 18.35 31.11
CA SER D 28 -43.00 19.02 32.26
C SER D 28 -43.89 20.15 32.78
N GLU D 29 -43.83 20.35 34.09
CA GLU D 29 -44.63 21.31 34.84
C GLU D 29 -43.89 21.91 36.03
N PHE D 30 -44.55 22.91 36.65
CA PHE D 30 -44.25 23.52 37.93
C PHE D 30 -45.53 23.48 38.74
N ALA D 31 -45.40 23.49 40.08
CA ALA D 31 -46.54 23.52 40.99
C ALA D 31 -46.53 24.80 41.74
N LEU D 32 -47.68 25.46 41.79
CA LEU D 32 -47.87 26.75 42.43
C LEU D 32 -48.81 26.61 43.60
N PHE D 33 -48.38 27.08 44.77
CA PHE D 33 -49.13 27.04 46.02
C PHE D 33 -49.38 28.43 46.56
N GLN D 34 -50.47 28.65 47.29
CA GLN D 34 -50.80 29.94 47.88
C GLN D 34 -50.96 29.73 49.41
N ASP D 35 -51.39 30.73 50.20
CA ASP D 35 -51.59 30.55 51.65
C ASP D 35 -53.06 30.32 51.97
N GLY D 41 -55.02 23.40 47.97
CA GLY D 41 -54.56 22.66 46.80
C GLY D 41 -53.50 23.36 45.96
N SER D 42 -52.86 22.64 45.01
CA SER D 42 -51.83 23.23 44.16
C SER D 42 -52.38 23.62 42.77
N ILE D 43 -51.72 24.58 42.10
CA ILE D 43 -52.08 25.07 40.76
C ILE D 43 -51.03 24.57 39.78
N PRO D 44 -51.43 23.80 38.72
CA PRO D 44 -50.41 23.37 37.75
C PRO D 44 -49.97 24.51 36.84
N VAL D 45 -48.68 24.50 36.49
CA VAL D 45 -48.06 25.43 35.57
C VAL D 45 -47.50 24.57 34.48
N TYR D 46 -48.13 24.58 33.31
CA TYR D 46 -47.74 23.73 32.17
C TYR D 46 -46.67 24.45 31.34
N ILE D 47 -45.52 23.78 31.17
CA ILE D 47 -44.37 24.29 30.43
C ILE D 47 -44.47 23.84 28.97
N ALA D 48 -44.44 24.83 28.08
CA ALA D 48 -44.44 24.60 26.65
C ALA D 48 -43.09 23.99 26.23
N GLN D 49 -43.02 23.51 24.99
CA GLN D 49 -41.88 22.87 24.39
C GLN D 49 -40.63 23.75 24.38
N ASP D 50 -40.80 25.08 24.25
CA ASP D 50 -39.67 26.00 24.14
C ASP D 50 -39.19 26.48 25.50
N GLY D 51 -39.63 25.80 26.56
CA GLY D 51 -39.28 26.14 27.92
C GLY D 51 -40.03 27.31 28.50
N SER D 52 -41.04 27.87 27.80
CA SER D 52 -41.81 29.01 28.33
C SER D 52 -43.11 28.52 28.97
N TYR D 53 -43.75 29.37 29.78
CA TYR D 53 -45.01 29.06 30.42
C TYR D 53 -45.86 30.33 30.57
N SER D 54 -47.16 30.15 30.78
CA SER D 54 -48.16 31.15 31.11
C SER D 54 -49.26 30.48 31.92
N VAL D 55 -49.70 31.17 32.96
CA VAL D 55 -50.73 30.67 33.86
C VAL D 55 -51.54 31.89 34.32
N SER D 56 -52.89 31.82 34.23
CA SER D 56 -53.70 32.94 34.71
C SER D 56 -54.02 32.68 36.18
N LEU D 57 -53.81 33.69 37.03
CA LEU D 57 -54.01 33.59 38.47
C LEU D 57 -54.71 34.76 39.07
N PHE D 58 -55.25 34.60 40.28
CA PHE D 58 -55.77 35.75 41.01
C PHE D 58 -54.59 36.42 41.68
N ASN D 59 -54.67 37.74 41.91
CA ASN D 59 -53.58 38.48 42.57
C ASN D 59 -53.35 37.91 43.96
N GLY D 60 -52.09 37.74 44.30
CA GLY D 60 -51.72 37.17 45.59
C GLY D 60 -50.27 36.78 45.69
N ASP D 61 -49.91 36.13 46.80
CA ASP D 61 -48.55 35.68 47.07
C ASP D 61 -48.49 34.16 46.90
N TYR D 62 -47.65 33.71 45.96
CA TYR D 62 -47.52 32.29 45.60
C TYR D 62 -46.13 31.75 45.82
N LYS D 63 -46.05 30.41 46.03
CA LYS D 63 -44.82 29.65 46.20
C LYS D 63 -44.79 28.62 45.10
N LEU D 64 -43.76 28.71 44.22
CA LEU D 64 -43.56 27.81 43.09
C LEU D 64 -42.53 26.75 43.42
N VAL D 65 -42.78 25.48 43.02
CA VAL D 65 -41.83 24.37 43.21
C VAL D 65 -41.66 23.60 41.92
N ARG D 66 -40.54 22.92 41.85
CA ARG D 66 -40.17 22.07 40.73
C ARG D 66 -40.54 20.66 41.10
N MSE D 67 -41.23 19.99 40.19
CA MSE D 67 -41.69 18.62 40.38
C MSE D 67 -41.96 17.97 39.03
O MSE D 67 -41.56 18.48 37.97
CB MSE D 67 -42.94 18.58 41.28
CG MSE D 67 -44.00 19.69 40.99
SE MSE D 67 -44.82 19.80 39.18
CE MSE D 67 -45.90 18.15 39.23
N GLY D 68 -42.62 16.83 39.11
CA GLY D 68 -43.00 16.06 37.95
C GLY D 68 -41.87 15.25 37.40
N ASN D 69 -41.87 15.05 36.09
CA ASN D 69 -40.89 14.24 35.39
C ASN D 69 -39.89 15.08 34.61
N ALA D 70 -39.91 16.41 34.80
CA ALA D 70 -39.05 17.39 34.13
C ALA D 70 -37.57 16.96 34.16
N PRO D 71 -36.82 17.20 33.06
CA PRO D 71 -35.41 16.74 33.01
C PRO D 71 -34.44 17.67 33.76
N TRP D 72 -34.81 18.10 34.97
CA TRP D 72 -33.96 18.94 35.84
C TRP D 72 -34.18 18.56 37.29
N GLU D 73 -33.30 19.02 38.18
CA GLU D 73 -33.43 18.76 39.61
C GLU D 73 -34.74 19.32 40.12
N ARG D 74 -35.46 18.50 40.90
CA ARG D 74 -36.76 18.84 41.46
C ARG D 74 -36.74 18.75 43.01
N PRO D 75 -36.08 19.72 43.70
CA PRO D 75 -36.03 19.65 45.16
C PRO D 75 -37.32 20.15 45.79
N SER D 76 -37.83 19.36 46.74
CA SER D 76 -39.09 19.60 47.44
C SER D 76 -39.00 20.85 48.29
N ASN D 77 -37.88 20.95 49.06
CA ASN D 77 -37.50 21.98 50.01
C ASN D 77 -37.35 23.37 49.36
N ASP D 78 -36.78 23.45 48.13
CA ASP D 78 -36.50 24.70 47.42
C ASP D 78 -37.76 25.22 46.71
N THR D 79 -38.23 26.40 47.16
CA THR D 79 -39.41 27.11 46.65
C THR D 79 -39.01 28.45 46.04
N ILE D 80 -39.88 29.01 45.17
CA ILE D 80 -39.66 30.33 44.59
C ILE D 80 -40.89 31.19 44.92
N TYR D 81 -40.69 32.27 45.70
CA TYR D 81 -41.77 33.15 46.11
C TYR D 81 -42.01 34.21 45.03
N ILE D 82 -43.26 34.25 44.55
CA ILE D 82 -43.73 35.12 43.47
C ILE D 82 -44.90 35.97 43.96
N THR D 83 -44.76 37.30 43.86
CA THR D 83 -45.84 38.20 44.25
C THR D 83 -46.49 38.69 42.96
N VAL D 84 -47.76 38.31 42.74
CA VAL D 84 -48.47 38.69 41.54
C VAL D 84 -49.49 39.79 41.90
N ARG D 85 -49.24 40.96 41.31
CA ARG D 85 -50.05 42.20 41.38
C ARG D 85 -50.13 42.71 39.95
N GLY D 86 -51.25 42.40 39.30
CA GLY D 86 -51.44 42.69 37.88
C GLY D 86 -50.74 41.63 37.06
N ASN D 87 -50.38 41.97 35.82
CA ASN D 87 -49.67 41.01 34.95
C ASN D 87 -48.19 40.96 35.40
N THR D 88 -47.66 39.73 35.57
CA THR D 88 -46.35 39.47 36.14
C THR D 88 -45.52 38.53 35.27
N VAL D 89 -44.19 38.72 35.31
CA VAL D 89 -43.26 37.91 34.54
C VAL D 89 -42.06 37.52 35.47
N GLN D 90 -41.78 36.20 35.57
CA GLN D 90 -40.67 35.71 36.39
C GLN D 90 -40.11 34.41 35.81
N ASP D 91 -38.83 34.42 35.45
CA ASP D 91 -38.18 33.22 34.92
C ASP D 91 -37.83 32.29 36.10
N ILE D 92 -37.92 30.97 35.87
CA ILE D 92 -37.65 30.00 36.93
C ILE D 92 -36.32 29.26 36.63
N PRO D 93 -35.30 29.47 37.48
CA PRO D 93 -34.04 28.73 37.26
C PRO D 93 -34.22 27.25 37.57
N VAL D 94 -33.77 26.42 36.65
CA VAL D 94 -33.74 24.96 36.73
C VAL D 94 -32.29 24.51 36.51
N THR D 95 -31.91 23.39 37.09
CA THR D 95 -30.55 22.86 36.89
C THR D 95 -30.76 21.52 36.18
N PRO D 96 -30.62 21.49 34.82
CA PRO D 96 -30.80 20.23 34.07
C PRO D 96 -29.71 19.22 34.41
N TYR D 97 -29.95 17.93 34.21
CA TYR D 97 -28.91 16.93 34.50
C TYR D 97 -27.85 17.04 33.41
N PHE D 98 -28.32 17.13 32.17
CA PHE D 98 -27.57 17.37 30.94
C PHE D 98 -28.24 18.51 30.19
N PHE D 99 -27.46 19.35 29.52
CA PHE D 99 -27.99 20.50 28.79
C PHE D 99 -27.45 20.51 27.35
N VAL D 100 -28.33 20.83 26.37
CA VAL D 100 -28.03 20.89 24.94
C VAL D 100 -27.95 22.36 24.51
N ARG D 101 -26.80 22.78 23.95
CA ARG D 101 -26.64 24.16 23.50
C ARG D 101 -25.96 24.24 22.13
N ASN D 102 -25.96 25.45 21.53
CA ASN D 102 -25.30 25.86 20.27
C ASN D 102 -25.60 24.85 19.17
N VAL D 103 -26.90 24.67 18.95
CA VAL D 103 -27.47 23.70 18.03
C VAL D 103 -27.81 24.39 16.68
N SER D 104 -27.36 23.76 15.59
CA SER D 104 -27.59 24.20 14.22
C SER D 104 -27.84 23.00 13.33
N PHE D 105 -28.68 23.17 12.30
CA PHE D 105 -29.01 22.11 11.33
C PHE D 105 -28.88 22.60 9.92
N ALA D 106 -28.55 21.69 9.00
CA ALA D 106 -28.41 22.01 7.57
C ALA D 106 -28.72 20.81 6.71
N LYS D 107 -29.43 21.04 5.60
CA LYS D 107 -29.72 19.98 4.64
C LYS D 107 -28.48 19.79 3.79
N ASN D 108 -28.01 18.56 3.68
CA ASN D 108 -26.86 18.17 2.86
C ASN D 108 -27.26 16.88 2.18
N GLY D 109 -27.77 17.04 0.95
CA GLY D 109 -28.28 15.93 0.15
C GLY D 109 -29.61 15.42 0.68
N ASN D 110 -29.66 14.12 1.03
CA ASN D 110 -30.84 13.48 1.60
C ASN D 110 -30.65 13.37 3.13
N LYS D 111 -29.73 14.19 3.68
CA LYS D 111 -29.42 14.15 5.10
C LYS D 111 -29.54 15.55 5.75
N ILE D 112 -29.71 15.55 7.08
CA ILE D 112 -29.72 16.74 7.92
C ILE D 112 -28.49 16.66 8.78
N THR D 113 -27.55 17.61 8.58
CA THR D 113 -26.34 17.67 9.39
C THR D 113 -26.66 18.44 10.68
N ALA D 114 -26.57 17.76 11.82
CA ALA D 114 -26.81 18.36 13.13
C ALA D 114 -25.50 18.64 13.85
N ARG D 115 -25.33 19.86 14.35
CA ARG D 115 -24.17 20.29 15.14
C ARG D 115 -24.69 20.73 16.48
N PHE D 116 -24.09 20.23 17.57
CA PHE D 116 -24.57 20.46 18.93
C PHE D 116 -23.49 20.24 20.00
N THR D 117 -23.70 20.86 21.15
CA THR D 117 -22.81 20.75 22.32
C THR D 117 -23.65 20.24 23.49
N ILE D 118 -23.06 19.34 24.31
CA ILE D 118 -23.74 18.73 25.47
C ILE D 118 -22.89 18.96 26.72
N ASN D 119 -23.55 19.36 27.81
CA ASN D 119 -22.93 19.61 29.10
C ASN D 119 -23.47 18.70 30.17
N LYS D 120 -22.61 18.16 31.06
CA LYS D 120 -23.05 17.39 32.21
C LYS D 120 -23.12 18.37 33.36
N VAL D 121 -24.34 18.77 33.72
CA VAL D 121 -24.53 19.80 34.75
C VAL D 121 -24.47 19.15 36.15
N VAL D 122 -25.27 18.11 36.35
CA VAL D 122 -25.35 17.35 37.61
C VAL D 122 -24.31 16.24 37.53
N ALA D 123 -23.27 16.32 38.37
CA ALA D 123 -22.13 15.39 38.40
C ALA D 123 -22.56 13.94 38.70
N ASN D 124 -23.62 13.82 39.51
CA ASN D 124 -24.22 12.58 39.97
C ASN D 124 -24.88 11.80 38.81
N ALA D 125 -25.46 12.52 37.83
CA ALA D 125 -26.21 11.98 36.68
C ALA D 125 -25.33 11.22 35.70
N ASN D 126 -25.94 10.27 34.99
CA ASN D 126 -25.29 9.44 33.98
C ASN D 126 -26.14 9.44 32.71
N MSE D 127 -25.51 9.66 31.57
CA MSE D 127 -26.12 9.75 30.25
C MSE D 127 -26.62 8.38 29.79
O MSE D 127 -25.90 7.38 29.93
CB MSE D 127 -25.07 10.32 29.31
CG MSE D 127 -25.49 10.38 27.87
SE MSE D 127 -24.36 11.56 26.84
CE MSE D 127 -22.58 10.92 27.26
N GLU D 128 -27.85 8.33 29.28
CA GLU D 128 -28.47 7.11 28.76
C GLU D 128 -28.48 7.10 27.24
N ASN D 129 -28.84 8.23 26.63
CA ASN D 129 -28.92 8.39 25.18
C ASN D 129 -28.90 9.84 24.76
N VAL D 130 -28.37 10.10 23.56
CA VAL D 130 -28.46 11.30 22.76
C VAL D 130 -29.29 10.94 21.48
N GLY D 131 -30.24 11.79 21.15
CA GLY D 131 -31.03 11.57 19.94
C GLY D 131 -31.20 12.79 19.07
N ILE D 132 -31.27 12.56 17.76
CA ILE D 132 -31.58 13.58 16.73
C ILE D 132 -32.96 13.21 16.22
N TYR D 133 -33.87 14.17 16.20
CA TYR D 133 -35.26 13.92 15.79
C TYR D 133 -35.67 14.85 14.65
N LEU D 134 -36.42 14.32 13.70
CA LEU D 134 -37.01 15.03 12.57
C LEU D 134 -38.53 14.87 12.62
N GLY D 135 -39.26 15.98 12.51
CA GLY D 135 -40.72 15.97 12.54
C GLY D 135 -41.36 16.83 11.48
N THR D 136 -42.68 16.63 11.24
CA THR D 136 -43.40 17.41 10.24
C THR D 136 -43.78 18.76 10.85
N GLY D 137 -44.14 18.75 12.14
CA GLY D 137 -44.59 19.93 12.88
C GLY D 137 -43.66 20.43 13.97
N ILE D 138 -43.91 21.68 14.43
CA ILE D 138 -43.22 22.43 15.48
C ILE D 138 -42.95 21.53 16.70
N LEU D 139 -43.88 20.62 17.04
CA LEU D 139 -43.68 19.69 18.16
C LEU D 139 -42.99 18.43 17.68
N THR D 140 -41.70 18.32 18.01
CA THR D 140 -40.85 17.21 17.66
C THR D 140 -40.11 16.82 18.94
N ASP D 141 -40.10 15.52 19.24
CA ASP D 141 -39.51 14.98 20.46
C ASP D 141 -39.31 13.48 20.32
N GLU D 142 -38.92 12.78 21.39
CA GLU D 142 -38.69 11.34 21.35
C GLU D 142 -40.03 10.60 21.10
N LYS D 143 -41.21 11.17 21.46
CA LYS D 143 -42.50 10.47 21.24
C LYS D 143 -43.11 10.82 19.83
N GLN D 144 -43.09 12.11 19.44
CA GLN D 144 -43.57 12.61 18.15
C GLN D 144 -42.40 12.91 17.25
N LYS D 145 -42.19 12.05 16.26
CA LYS D 145 -41.05 12.15 15.32
C LYS D 145 -41.40 11.40 14.04
N GLU D 146 -40.80 11.82 12.91
CA GLU D 146 -40.96 11.15 11.63
C GLU D 146 -39.73 10.29 11.39
N ALA D 147 -38.64 10.58 12.12
CA ALA D 147 -37.35 9.88 12.11
C ALA D 147 -36.53 10.20 13.36
N GLU D 148 -35.75 9.23 13.85
CA GLU D 148 -34.85 9.41 15.00
C GLU D 148 -33.55 8.76 14.73
N LEU D 149 -32.54 9.20 15.48
CA LEU D 149 -31.18 8.69 15.44
C LEU D 149 -30.69 8.61 16.87
N LYS D 150 -30.43 7.39 17.36
CA LYS D 150 -29.97 7.15 18.73
C LYS D 150 -28.48 7.00 18.67
N LEU D 151 -27.72 7.95 19.27
CA LEU D 151 -26.25 8.00 19.18
C LEU D 151 -25.55 7.25 20.34
N GLY D 152 -26.30 6.81 21.34
CA GLY D 152 -25.70 6.13 22.46
C GLY D 152 -25.44 7.07 23.62
N ASN D 153 -24.52 6.71 24.51
CA ASN D 153 -24.29 7.48 25.72
C ASN D 153 -22.82 7.74 25.98
N THR D 154 -22.02 7.92 24.92
CA THR D 154 -20.61 8.21 25.12
C THR D 154 -20.24 9.46 24.33
N VAL D 155 -21.24 10.30 24.00
CA VAL D 155 -21.02 11.54 23.24
C VAL D 155 -20.11 12.45 24.09
N SER D 156 -19.01 12.98 23.46
CA SER D 156 -18.07 13.88 24.15
C SER D 156 -18.83 15.14 24.65
N LEU D 157 -18.38 15.65 25.78
CA LEU D 157 -18.98 16.77 26.46
C LEU D 157 -18.24 18.07 26.23
N ASP D 158 -18.92 19.20 26.49
CA ASP D 158 -18.42 20.57 26.47
C ASP D 158 -17.69 20.91 25.16
N GLN D 159 -18.15 20.32 24.03
CA GLN D 159 -17.55 20.52 22.70
C GLN D 159 -18.56 20.19 21.63
N GLU D 160 -18.39 20.78 20.43
CA GLU D 160 -19.29 20.56 19.30
C GLU D 160 -19.14 19.15 18.77
N ASN D 161 -20.26 18.53 18.41
CA ASN D 161 -20.26 17.23 17.76
C ASN D 161 -21.17 17.33 16.56
N THR D 162 -20.91 16.49 15.53
CA THR D 162 -21.67 16.46 14.30
C THR D 162 -22.28 15.06 14.11
N ALA D 163 -23.56 15.03 13.68
CA ALA D 163 -24.29 13.82 13.36
C ALA D 163 -25.18 14.08 12.16
N GLU D 164 -25.32 13.08 11.28
CA GLU D 164 -26.18 13.21 10.10
C GLU D 164 -27.31 12.19 10.14
N ILE D 165 -28.55 12.68 10.14
CA ILE D 165 -29.76 11.87 10.13
C ILE D 165 -30.37 11.95 8.71
N GLU D 166 -30.77 10.80 8.16
CA GLU D 166 -31.34 10.74 6.82
C GLU D 166 -32.82 11.24 6.84
N ILE D 167 -33.17 12.07 5.85
CA ILE D 167 -34.51 12.60 5.68
C ILE D 167 -35.44 11.44 5.28
N PRO D 168 -36.50 11.15 6.09
CA PRO D 168 -37.38 10.01 5.78
C PRO D 168 -38.20 10.25 4.51
N SER D 169 -38.70 9.15 3.93
CA SER D 169 -39.48 9.11 2.68
C SER D 169 -40.68 10.03 2.75
N GLY D 170 -41.40 10.04 3.87
CA GLY D 170 -42.61 10.84 4.06
C GLY D 170 -42.37 12.30 4.41
N LEU D 171 -41.16 12.79 4.19
CA LEU D 171 -40.84 14.15 4.59
C LEU D 171 -39.95 14.81 3.55
N VAL D 172 -39.43 14.01 2.60
CA VAL D 172 -38.45 14.40 1.59
C VAL D 172 -39.09 15.38 0.55
N ASN D 173 -40.42 15.36 0.35
CA ASN D 173 -41.03 16.24 -0.64
C ASN D 173 -41.79 17.38 0.03
N GLU D 174 -41.49 17.64 1.32
CA GLU D 174 -42.10 18.74 2.06
C GLU D 174 -41.25 19.98 1.88
N SER D 175 -41.88 21.16 2.06
CA SER D 175 -41.25 22.46 1.89
C SER D 175 -40.17 22.72 2.96
N TYR D 176 -40.37 22.15 4.17
CA TYR D 176 -39.49 22.25 5.34
C TYR D 176 -39.83 21.18 6.37
N LEU D 177 -39.00 21.07 7.41
CA LEU D 177 -39.20 20.14 8.50
C LEU D 177 -38.68 20.77 9.79
N TYR D 178 -38.93 20.11 10.94
CA TYR D 178 -38.44 20.58 12.23
C TYR D 178 -37.46 19.55 12.77
N ALA D 179 -36.30 20.03 13.22
CA ALA D 179 -35.22 19.19 13.71
C ALA D 179 -34.92 19.53 15.15
N ARG D 180 -34.45 18.54 15.91
CA ARG D 180 -34.21 18.74 17.34
C ARG D 180 -33.22 17.72 17.91
N VAL D 181 -32.48 18.10 18.95
CA VAL D 181 -31.52 17.23 19.62
C VAL D 181 -31.96 17.05 21.05
N GLY D 182 -31.91 15.83 21.55
CA GLY D 182 -32.29 15.51 22.93
C GLY D 182 -31.27 14.66 23.64
N VAL D 183 -31.15 14.83 24.97
CA VAL D 183 -30.25 14.00 25.78
C VAL D 183 -31.06 13.50 27.04
N LYS D 184 -31.03 12.15 27.29
CA LYS D 184 -31.68 11.54 28.44
C LYS D 184 -30.67 11.01 29.46
N SER D 185 -30.90 11.31 30.76
CA SER D 185 -30.10 10.85 31.89
C SER D 185 -30.82 9.74 32.63
N ASP D 186 -30.12 9.12 33.59
CA ASP D 186 -30.66 8.07 34.43
C ASP D 186 -31.46 8.67 35.61
N LYS D 187 -31.52 10.03 35.73
CA LYS D 187 -32.16 10.69 36.87
C LYS D 187 -33.59 11.28 36.55
N SER D 188 -34.01 11.21 35.27
CA SER D 188 -35.34 11.67 34.83
C SER D 188 -35.89 10.74 33.75
N SER D 189 -37.22 10.62 33.69
CA SER D 189 -37.91 9.81 32.68
C SER D 189 -38.06 10.56 31.35
N GLU D 190 -37.65 11.82 31.35
CA GLU D 190 -37.82 12.71 30.22
C GLU D 190 -36.46 13.20 29.67
N TYR D 191 -36.38 13.38 28.33
CA TYR D 191 -35.21 13.96 27.65
C TYR D 191 -35.16 15.44 27.83
N CYS D 192 -33.99 16.02 27.72
CA CYS D 192 -33.79 17.45 27.69
C CYS D 192 -33.43 17.81 26.27
N TYR D 193 -34.11 18.79 25.69
CA TYR D 193 -33.93 19.07 24.28
C TYR D 193 -33.41 20.47 23.94
N SER D 194 -32.95 20.58 22.69
CA SER D 194 -32.58 21.81 22.02
C SER D 194 -33.85 22.49 21.59
N GLN D 195 -33.75 23.62 20.92
CA GLN D 195 -34.96 24.23 20.40
C GLN D 195 -35.40 23.48 19.13
N SER D 196 -36.71 23.43 18.85
CA SER D 196 -37.20 22.81 17.62
C SER D 196 -36.98 23.82 16.49
N ILE D 197 -36.03 23.52 15.60
CA ILE D 197 -35.58 24.43 14.54
C ILE D 197 -36.08 23.97 13.17
N LYS D 198 -36.69 24.91 12.43
CA LYS D 198 -37.17 24.68 11.07
C LYS D 198 -35.99 24.56 10.15
N VAL D 199 -36.04 23.60 9.23
CA VAL D 199 -35.00 23.37 8.25
C VAL D 199 -35.64 23.35 6.88
N ALA D 200 -35.31 24.32 6.02
CA ALA D 200 -35.83 24.37 4.64
C ALA D 200 -35.32 23.18 3.83
N LEU D 201 -36.22 22.55 3.04
CA LEU D 201 -35.86 21.40 2.20
C LEU D 201 -35.93 21.78 0.73
N LYS D 202 -36.63 22.87 0.43
CA LYS D 202 -36.81 23.44 -0.90
C LYS D 202 -36.37 24.92 -0.88
N GLY E 1 -10.92 16.59 -13.45
CA GLY E 1 -9.50 16.88 -13.62
C GLY E 1 -9.04 16.81 -15.06
N ASN E 2 -8.04 17.67 -15.46
CA ASN E 2 -7.49 17.72 -16.83
C ASN E 2 -6.71 16.42 -17.12
N PHE E 3 -7.08 15.72 -18.21
CA PHE E 3 -6.51 14.41 -18.57
C PHE E 3 -5.02 14.46 -18.81
N GLU E 4 -4.29 13.56 -18.13
CA GLU E 4 -2.85 13.46 -18.30
C GLU E 4 -2.47 12.03 -18.53
N GLU E 5 -1.67 11.79 -19.61
CA GLU E 5 -1.10 10.48 -19.88
C GLU E 5 -0.04 10.25 -18.80
N PRO E 6 -0.03 9.07 -18.14
CA PRO E 6 0.94 8.87 -17.03
C PRO E 6 2.39 8.96 -17.51
N LYS E 7 3.32 9.22 -16.57
CA LYS E 7 4.74 9.35 -16.91
C LYS E 7 5.28 8.03 -17.49
N ALA E 8 6.13 8.12 -18.53
CA ALA E 8 6.81 6.99 -19.16
C ALA E 8 8.08 6.62 -18.34
N THR E 9 8.75 5.50 -18.67
CA THR E 9 9.94 5.08 -17.94
C THR E 9 11.15 5.05 -18.88
N LEU E 10 12.20 5.85 -18.57
CA LEU E 10 13.47 5.85 -19.30
C LEU E 10 14.47 5.05 -18.52
N THR E 11 14.94 3.93 -19.08
CA THR E 11 15.93 3.07 -18.42
C THR E 11 17.13 2.90 -19.33
N GLY E 12 18.23 2.46 -18.77
CA GLY E 12 19.48 2.27 -19.49
C GLY E 12 20.60 1.93 -18.55
N LYS E 13 21.84 2.12 -19.05
CA LYS E 13 23.09 1.84 -18.35
C LYS E 13 24.20 2.81 -18.76
N ALA E 14 25.14 3.11 -17.83
CA ALA E 14 26.38 3.82 -18.12
C ALA E 14 27.32 2.80 -18.73
N ILE E 15 27.59 2.91 -20.05
CA ILE E 15 28.34 1.91 -20.80
C ILE E 15 29.74 2.39 -21.22
N TYR E 16 30.68 1.43 -21.21
CA TYR E 16 32.03 1.49 -21.73
C TYR E 16 32.38 0.11 -22.27
N ASP E 17 32.86 0.05 -23.54
CA ASP E 17 33.24 -1.18 -24.26
C ASP E 17 32.12 -2.23 -24.09
N GLY E 18 30.86 -1.78 -24.20
CA GLY E 18 29.67 -2.61 -24.11
C GLY E 18 29.36 -3.23 -22.77
N GLU E 19 29.98 -2.68 -21.70
CA GLU E 19 29.77 -3.15 -20.32
C GLU E 19 29.27 -2.04 -19.43
N ALA E 20 28.42 -2.39 -18.43
CA ALA E 20 27.92 -1.42 -17.44
C ALA E 20 29.04 -1.05 -16.48
N VAL E 21 29.28 0.26 -16.31
CA VAL E 21 30.38 0.76 -15.48
C VAL E 21 29.90 0.82 -14.03
N GLY E 22 30.47 -0.06 -13.20
CA GLY E 22 30.12 -0.16 -11.79
C GLY E 22 30.59 1.06 -11.03
N VAL E 23 29.75 1.57 -10.14
CA VAL E 23 30.09 2.78 -9.40
C VAL E 23 29.55 2.66 -7.93
N ARG E 24 29.86 3.64 -7.06
CA ARG E 24 29.38 3.62 -5.68
C ARG E 24 27.93 4.09 -5.64
N SER E 25 27.07 3.33 -4.93
CA SER E 25 25.65 3.67 -4.82
C SER E 25 25.52 5.04 -4.14
N GLY E 26 24.71 5.89 -4.77
CA GLY E 26 24.45 7.25 -4.32
C GLY E 26 25.58 8.23 -4.50
N SER E 27 26.38 8.08 -5.57
CA SER E 27 27.53 8.95 -5.82
C SER E 27 27.51 9.60 -7.20
N SER E 28 26.99 8.86 -8.20
CA SER E 28 27.03 9.29 -9.58
C SER E 28 25.66 9.47 -10.16
N GLU E 29 25.57 10.45 -11.07
CA GLU E 29 24.35 10.89 -11.73
C GLU E 29 24.56 11.36 -13.16
N PHE E 30 23.44 11.61 -13.83
CA PHE E 30 23.30 12.30 -15.11
C PHE E 30 22.26 13.41 -14.89
N ALA E 31 22.37 14.46 -15.72
CA ALA E 31 21.48 15.60 -15.70
C ALA E 31 20.64 15.61 -16.95
N LEU E 32 19.32 15.64 -16.77
CA LEU E 32 18.37 15.56 -17.86
C LEU E 32 17.64 16.89 -17.98
N PHE E 33 17.66 17.49 -19.18
CA PHE E 33 17.05 18.79 -19.48
C PHE E 33 16.03 18.68 -20.57
N GLN E 34 14.96 19.47 -20.52
CA GLN E 34 13.90 19.51 -21.54
C GLN E 34 13.79 20.91 -22.08
N ASP E 35 13.71 21.06 -23.40
CA ASP E 35 13.58 22.39 -24.01
C ASP E 35 12.11 22.81 -24.09
N GLY E 36 11.91 24.13 -24.13
CA GLY E 36 10.62 24.79 -24.15
C GLY E 36 10.11 25.01 -22.74
N TYR E 37 10.38 24.02 -21.88
CA TYR E 37 10.05 23.99 -20.48
C TYR E 37 10.97 24.99 -19.78
N ALA E 38 12.28 24.71 -19.73
CA ALA E 38 13.34 25.57 -19.16
C ALA E 38 13.15 25.71 -17.63
N LEU E 39 11.98 26.23 -17.22
CA LEU E 39 11.55 26.48 -15.84
C LEU E 39 11.65 25.21 -14.98
N LYS E 40 11.35 24.02 -15.57
CA LYS E 40 11.38 22.69 -14.94
C LYS E 40 12.80 22.35 -14.42
N GLY E 41 13.77 23.22 -14.78
CA GLY E 41 15.17 23.09 -14.41
C GLY E 41 15.71 21.77 -14.89
N SER E 42 16.70 21.22 -14.18
CA SER E 42 17.21 19.92 -14.58
C SER E 42 16.55 18.82 -13.77
N ILE E 43 16.46 17.61 -14.36
CA ILE E 43 15.94 16.39 -13.76
C ILE E 43 17.12 15.49 -13.38
N PRO E 44 17.30 15.11 -12.09
CA PRO E 44 18.42 14.21 -11.77
C PRO E 44 18.14 12.78 -12.22
N VAL E 45 19.16 12.11 -12.68
CA VAL E 45 19.12 10.72 -13.09
C VAL E 45 20.13 10.02 -12.20
N TYR E 46 19.64 9.28 -11.20
CA TYR E 46 20.47 8.60 -10.22
C TYR E 46 20.88 7.22 -10.75
N ILE E 47 22.21 7.00 -10.81
CA ILE E 47 22.82 5.77 -11.30
C ILE E 47 23.05 4.80 -10.13
N ALA E 48 22.54 3.55 -10.27
CA ALA E 48 22.68 2.48 -9.29
C ALA E 48 24.11 2.02 -9.25
N GLN E 49 24.48 1.21 -8.23
CA GLN E 49 25.86 0.79 -8.14
C GLN E 49 26.26 -0.01 -9.38
N ASP E 50 25.35 -0.80 -9.97
CA ASP E 50 25.64 -1.66 -11.13
C ASP E 50 25.62 -0.88 -12.46
N GLY E 51 25.70 0.44 -12.35
CA GLY E 51 25.73 1.36 -13.48
C GLY E 51 24.41 1.57 -14.20
N SER E 52 23.31 0.95 -13.71
CA SER E 52 22.01 1.08 -14.37
C SER E 52 21.30 2.31 -13.88
N TYR E 53 20.20 2.71 -14.54
CA TYR E 53 19.38 3.84 -14.11
C TYR E 53 17.95 3.66 -14.61
N SER E 54 17.02 4.35 -13.96
CA SER E 54 15.60 4.46 -14.31
C SER E 54 15.10 5.79 -13.83
N VAL E 55 14.32 6.46 -14.66
CA VAL E 55 13.78 7.77 -14.33
C VAL E 55 12.41 7.85 -15.00
N SER E 56 11.36 8.25 -14.25
CA SER E 56 10.05 8.37 -14.88
C SER E 56 9.93 9.79 -15.38
N LEU E 57 9.49 9.92 -16.65
CA LEU E 57 9.37 11.19 -17.35
C LEU E 57 8.11 11.32 -18.14
N PHE E 58 7.72 12.56 -18.46
CA PHE E 58 6.63 12.74 -19.40
C PHE E 58 7.20 12.61 -20.80
N ASN E 59 6.39 12.17 -21.77
CA ASN E 59 6.82 12.03 -23.16
C ASN E 59 7.31 13.38 -23.68
N GLY E 60 8.44 13.38 -24.38
CA GLY E 60 9.04 14.59 -24.91
C GLY E 60 10.45 14.39 -25.39
N ASP E 61 11.11 15.52 -25.74
CA ASP E 61 12.47 15.53 -26.23
C ASP E 61 13.37 16.10 -25.13
N TYR E 62 14.36 15.29 -24.71
CA TYR E 62 15.28 15.61 -23.61
C TYR E 62 16.73 15.64 -24.07
N LYS E 63 17.57 16.39 -23.32
CA LYS E 63 19.03 16.50 -23.47
C LYS E 63 19.69 16.02 -22.18
N LEU E 64 20.53 14.99 -22.24
CA LEU E 64 21.22 14.44 -21.06
C LEU E 64 22.71 14.86 -21.10
N VAL E 65 23.28 15.21 -19.93
CA VAL E 65 24.68 15.62 -19.77
C VAL E 65 25.31 14.87 -18.62
N ARG E 66 26.61 14.60 -18.77
CA ARG E 66 27.41 13.94 -17.75
C ARG E 66 27.96 14.99 -16.84
N MSE E 67 27.81 14.79 -15.54
CA MSE E 67 28.26 15.72 -14.53
C MSE E 67 28.45 14.99 -13.19
O MSE E 67 28.50 13.75 -13.12
CB MSE E 67 27.29 16.92 -14.38
CG MSE E 67 25.79 16.55 -14.46
SE MSE E 67 25.05 15.30 -13.12
CE MSE E 67 25.17 16.40 -11.48
N GLY E 68 28.56 15.80 -12.14
CA GLY E 68 28.75 15.33 -10.78
C GLY E 68 30.16 14.86 -10.51
N ASN E 69 30.27 13.86 -9.62
CA ASN E 69 31.56 13.34 -9.19
C ASN E 69 31.84 11.95 -9.79
N ALA E 70 31.05 11.53 -10.78
CA ALA E 70 31.17 10.25 -11.45
C ALA E 70 32.61 9.96 -11.90
N PRO E 71 33.08 8.68 -11.80
CA PRO E 71 34.46 8.36 -12.18
C PRO E 71 34.68 8.24 -13.70
N TRP E 72 34.13 9.16 -14.48
CA TRP E 72 34.31 9.21 -15.93
C TRP E 72 34.36 10.66 -16.40
N GLU E 73 34.76 10.89 -17.66
CA GLU E 73 34.83 12.25 -18.23
C GLU E 73 33.43 12.85 -18.24
N ARG E 74 33.33 14.12 -17.82
CA ARG E 74 32.06 14.84 -17.70
C ARG E 74 32.10 16.14 -18.57
N PRO E 75 32.06 16.03 -19.93
CA PRO E 75 32.12 17.24 -20.77
C PRO E 75 30.81 18.02 -20.73
N SER E 76 30.96 19.36 -20.61
CA SER E 76 29.86 20.32 -20.56
C SER E 76 29.17 20.44 -21.91
N ASN E 77 30.02 20.56 -22.97
CA ASN E 77 29.70 20.70 -24.39
C ASN E 77 28.94 19.50 -24.97
N ASP E 78 29.28 18.26 -24.55
CA ASP E 78 28.68 17.04 -25.07
C ASP E 78 27.35 16.71 -24.36
N THR E 79 26.26 16.75 -25.16
CA THR E 79 24.88 16.44 -24.76
C THR E 79 24.38 15.21 -25.54
N ILE E 80 23.44 14.45 -24.97
CA ILE E 80 22.86 13.27 -25.60
C ILE E 80 21.37 13.51 -25.73
N TYR E 81 20.88 13.53 -26.96
CA TYR E 81 19.48 13.80 -27.26
C TYR E 81 18.71 12.49 -27.21
N ILE E 82 17.68 12.47 -26.36
CA ILE E 82 16.82 11.32 -26.08
C ILE E 82 15.37 11.69 -26.37
N THR E 83 14.72 10.93 -27.25
CA THR E 83 13.32 11.15 -27.57
C THR E 83 12.53 10.06 -26.87
N VAL E 84 11.69 10.46 -25.91
CA VAL E 84 10.91 9.49 -25.16
C VAL E 84 9.41 9.60 -25.63
N ARG E 85 8.95 8.50 -26.23
CA ARG E 85 7.59 8.12 -26.64
C ARG E 85 7.33 6.78 -26.00
N GLY E 86 6.60 6.79 -24.90
CA GLY E 86 6.32 5.60 -24.10
C GLY E 86 7.58 5.14 -23.42
N ASN E 87 7.56 3.95 -22.80
CA ASN E 87 8.73 3.41 -22.15
C ASN E 87 9.86 3.30 -23.17
N THR E 88 11.00 3.96 -22.85
CA THR E 88 12.17 4.08 -23.71
C THR E 88 13.40 3.59 -22.96
N VAL E 89 14.32 2.97 -23.69
CA VAL E 89 15.57 2.45 -23.15
C VAL E 89 16.74 3.02 -24.01
N GLN E 90 17.72 3.66 -23.35
CA GLN E 90 18.90 4.20 -24.03
C GLN E 90 20.12 4.15 -23.10
N ASP E 91 21.15 3.45 -23.51
CA ASP E 91 22.39 3.38 -22.77
C ASP E 91 23.19 4.66 -23.01
N ILE E 92 23.94 5.10 -21.97
CA ILE E 92 24.71 6.34 -22.04
C ILE E 92 26.20 5.98 -22.07
N PRO E 93 26.90 6.26 -23.19
CA PRO E 93 28.35 5.97 -23.22
C PRO E 93 29.12 6.91 -22.29
N VAL E 94 30.15 6.35 -21.64
CA VAL E 94 31.02 7.05 -20.69
C VAL E 94 32.48 6.67 -21.00
N THR E 95 33.37 7.57 -20.66
CA THR E 95 34.78 7.33 -20.81
C THR E 95 35.37 7.30 -19.37
N PRO E 96 35.40 6.12 -18.66
CA PRO E 96 36.04 6.09 -17.32
C PRO E 96 37.49 6.48 -17.43
N TYR E 97 38.10 6.93 -16.33
CA TYR E 97 39.52 7.29 -16.38
C TYR E 97 40.31 5.97 -16.39
N PHE E 98 39.89 5.07 -15.48
CA PHE E 98 40.36 3.70 -15.33
C PHE E 98 39.17 2.79 -15.32
N PHE E 99 39.30 1.60 -15.93
CA PHE E 99 38.19 0.68 -16.00
C PHE E 99 38.60 -0.70 -15.46
N VAL E 100 37.71 -1.33 -14.66
CA VAL E 100 37.92 -2.65 -14.06
C VAL E 100 37.08 -3.66 -14.82
N ARG E 101 37.74 -4.67 -15.44
CA ARG E 101 37.03 -5.72 -16.17
C ARG E 101 37.51 -7.13 -15.73
N ASN E 102 36.81 -8.20 -16.20
CA ASN E 102 37.07 -9.64 -16.06
C ASN E 102 37.46 -9.99 -14.61
N VAL E 103 36.56 -9.60 -13.70
CA VAL E 103 36.70 -9.76 -12.26
C VAL E 103 36.04 -11.08 -11.81
N SER E 104 36.73 -11.82 -10.94
CA SER E 104 36.28 -13.08 -10.36
C SER E 104 36.81 -13.22 -8.94
N PHE E 105 36.04 -13.86 -8.06
CA PHE E 105 36.43 -14.06 -6.66
C PHE E 105 36.24 -15.49 -6.22
N ALA E 106 37.10 -15.96 -5.30
CA ALA E 106 37.02 -17.31 -4.78
C ALA E 106 37.50 -17.39 -3.35
N LYS E 107 36.82 -18.18 -2.52
CA LYS E 107 37.24 -18.42 -1.14
C LYS E 107 38.37 -19.44 -1.18
N ASN E 108 39.47 -19.12 -0.50
CA ASN E 108 40.66 -19.97 -0.34
C ASN E 108 41.15 -19.77 1.07
N GLY E 109 40.86 -20.72 1.96
CA GLY E 109 41.19 -20.62 3.36
C GLY E 109 40.32 -19.56 4.03
N ASN E 110 40.95 -18.65 4.78
CA ASN E 110 40.30 -17.50 5.44
C ASN E 110 40.47 -16.25 4.54
N LYS E 111 40.71 -16.50 3.23
CA LYS E 111 40.97 -15.41 2.29
C LYS E 111 40.06 -15.50 1.05
N ILE E 112 39.93 -14.36 0.38
CA ILE E 112 39.15 -14.16 -0.84
C ILE E 112 40.16 -13.85 -1.93
N THR E 113 40.32 -14.75 -2.88
CA THR E 113 41.26 -14.53 -3.98
C THR E 113 40.53 -13.74 -5.07
N ALA E 114 40.99 -12.52 -5.32
CA ALA E 114 40.44 -11.62 -6.32
C ALA E 114 41.29 -11.59 -7.55
N ARG E 115 40.68 -11.81 -8.72
CA ARG E 115 41.35 -11.76 -10.03
C ARG E 115 40.67 -10.67 -10.83
N PHE E 116 41.47 -9.75 -11.40
CA PHE E 116 40.94 -8.58 -12.10
C PHE E 116 41.94 -8.00 -13.11
N THR E 117 41.41 -7.24 -14.07
CA THR E 117 42.16 -6.54 -15.09
C THR E 117 41.82 -5.05 -14.98
N ILE E 118 42.82 -4.17 -15.16
CA ILE E 118 42.65 -2.72 -15.07
C ILE E 118 43.19 -2.07 -16.35
N ASN E 119 42.41 -1.13 -16.90
CA ASN E 119 42.77 -0.39 -18.10
C ASN E 119 42.87 1.10 -17.83
N LYS E 120 43.89 1.77 -18.42
CA LYS E 120 43.99 3.23 -18.34
C LYS E 120 43.35 3.74 -19.63
N VAL E 121 42.10 4.23 -19.53
CA VAL E 121 41.30 4.64 -20.68
C VAL E 121 41.64 6.10 -21.06
N VAL E 122 41.74 7.00 -20.06
CA VAL E 122 42.08 8.42 -20.24
C VAL E 122 43.59 8.56 -19.98
N ALA E 123 44.38 8.86 -21.03
CA ALA E 123 45.85 8.95 -20.99
C ALA E 123 46.35 10.00 -20.01
N ASN E 124 45.60 11.08 -19.86
CA ASN E 124 45.84 12.22 -18.99
C ASN E 124 45.78 11.84 -17.48
N ALA E 125 44.88 10.90 -17.11
CA ALA E 125 44.61 10.45 -15.72
C ALA E 125 45.77 9.69 -15.11
N ASN E 126 45.88 9.76 -13.78
CA ASN E 126 46.91 9.08 -12.99
C ASN E 126 46.24 8.32 -11.85
N MSE E 127 46.61 7.04 -11.68
CA MSE E 127 46.07 6.12 -10.68
C MSE E 127 46.51 6.53 -9.28
O MSE E 127 47.69 6.85 -9.08
CB MSE E 127 46.56 4.71 -11.03
CG MSE E 127 46.19 3.63 -10.03
SE MSE E 127 46.38 1.84 -10.79
CE MSE E 127 48.20 1.83 -11.46
N GLU E 128 45.56 6.57 -8.33
CA GLU E 128 45.83 6.91 -6.92
C GLU E 128 45.89 5.66 -6.03
N ASN E 129 44.94 4.73 -6.22
CA ASN E 129 44.87 3.51 -5.43
C ASN E 129 43.91 2.50 -6.05
N VAL E 130 44.17 1.22 -5.78
CA VAL E 130 43.35 0.09 -6.18
C VAL E 130 42.97 -0.64 -4.89
N GLY E 131 41.69 -0.92 -4.73
CA GLY E 131 41.24 -1.60 -3.54
C GLY E 131 40.34 -2.79 -3.76
N ILE E 132 40.42 -3.73 -2.85
CA ILE E 132 39.55 -4.88 -2.79
C ILE E 132 38.68 -4.65 -1.58
N TYR E 133 37.35 -4.80 -1.74
CA TYR E 133 36.41 -4.56 -0.67
C TYR E 133 35.54 -5.78 -0.45
N LEU E 134 35.23 -6.08 0.83
CA LEU E 134 34.29 -7.14 1.26
C LEU E 134 33.19 -6.50 2.07
N GLY E 135 31.93 -6.84 1.75
CA GLY E 135 30.75 -6.30 2.46
C GLY E 135 29.73 -7.36 2.84
N THR E 136 28.84 -7.04 3.79
CA THR E 136 27.78 -7.97 4.21
C THR E 136 26.64 -7.97 3.14
N GLY E 137 26.23 -6.78 2.68
CA GLY E 137 25.17 -6.64 1.69
C GLY E 137 25.66 -6.27 0.30
N ILE E 138 24.74 -6.32 -0.70
CA ILE E 138 24.95 -6.04 -2.14
C ILE E 138 25.75 -4.73 -2.29
N LEU E 139 25.39 -3.66 -1.57
CA LEU E 139 26.12 -2.39 -1.76
C LEU E 139 27.39 -2.38 -0.89
N THR E 140 28.51 -2.57 -1.55
CA THR E 140 29.90 -2.57 -1.03
C THR E 140 30.70 -1.59 -1.90
N ASP E 141 31.54 -0.78 -1.25
CA ASP E 141 32.36 0.25 -1.88
C ASP E 141 33.40 0.74 -0.90
N GLU E 142 34.13 1.82 -1.25
CA GLU E 142 35.19 2.36 -0.39
C GLU E 142 34.57 2.96 0.91
N LYS E 143 33.28 3.39 0.89
CA LYS E 143 32.67 3.94 2.10
C LYS E 143 31.96 2.82 2.94
N GLN E 144 31.19 1.92 2.28
CA GLN E 144 30.53 0.80 2.94
C GLN E 144 31.28 -0.48 2.69
N LYS E 145 31.95 -0.99 3.71
CA LYS E 145 32.78 -2.19 3.61
C LYS E 145 32.98 -2.81 4.98
N GLU E 146 33.17 -4.12 5.02
CA GLU E 146 33.46 -4.81 6.28
C GLU E 146 34.98 -5.01 6.38
N ALA E 147 35.66 -4.92 5.22
CA ALA E 147 37.11 -5.06 5.07
C ALA E 147 37.58 -4.44 3.78
N GLU E 148 38.81 -3.89 3.79
CA GLU E 148 39.42 -3.32 2.58
C GLU E 148 40.88 -3.71 2.51
N LEU E 149 41.43 -3.64 1.30
CA LEU E 149 42.82 -3.92 0.98
C LEU E 149 43.27 -2.87 -0.01
N LYS E 150 44.23 -2.02 0.37
CA LYS E 150 44.72 -0.94 -0.49
C LYS E 150 46.00 -1.46 -1.14
N LEU E 151 46.01 -1.59 -2.48
CA LEU E 151 47.12 -2.18 -3.21
C LEU E 151 48.18 -1.16 -3.74
N GLY E 152 47.87 0.13 -3.63
CA GLY E 152 48.77 1.16 -4.13
C GLY E 152 48.37 1.63 -5.52
N ASN E 153 49.33 2.24 -6.27
CA ASN E 153 49.00 2.80 -7.57
C ASN E 153 50.02 2.40 -8.64
N THR E 154 50.59 1.18 -8.53
CA THR E 154 51.52 0.73 -9.55
C THR E 154 51.10 -0.66 -10.05
N VAL E 155 49.81 -0.99 -9.93
CA VAL E 155 49.27 -2.27 -10.41
C VAL E 155 49.43 -2.30 -11.95
N SER E 156 49.98 -3.42 -12.50
CA SER E 156 50.15 -3.59 -13.95
C SER E 156 48.79 -3.49 -14.67
N LEU E 157 48.82 -2.93 -15.86
CA LEU E 157 47.64 -2.66 -16.68
C LEU E 157 47.45 -3.68 -17.80
N ASP E 158 46.21 -3.73 -18.33
CA ASP E 158 45.77 -4.53 -19.49
C ASP E 158 46.18 -6.02 -19.36
N GLN E 159 46.14 -6.54 -18.12
CA GLN E 159 46.50 -7.93 -17.79
C GLN E 159 45.88 -8.32 -16.46
N GLU E 160 45.67 -9.63 -16.25
CA GLU E 160 45.07 -10.15 -15.02
C GLU E 160 46.06 -10.03 -13.88
N ASN E 161 45.55 -9.65 -12.70
CA ASN E 161 46.32 -9.59 -11.47
C ASN E 161 45.54 -10.32 -10.40
N THR E 162 46.22 -10.84 -9.39
CA THR E 162 45.61 -11.58 -8.29
C THR E 162 45.99 -10.92 -6.98
N ALA E 163 45.01 -10.76 -6.09
CA ALA E 163 45.17 -10.23 -4.73
C ALA E 163 44.31 -11.01 -3.76
N GLU E 164 44.78 -11.23 -2.54
CA GLU E 164 44.05 -11.96 -1.51
C GLU E 164 43.77 -11.11 -0.31
N ILE E 165 42.49 -10.93 0.00
CA ILE E 165 41.98 -10.15 1.13
C ILE E 165 41.43 -11.15 2.16
N GLU E 166 41.83 -10.95 3.43
CA GLU E 166 41.42 -11.81 4.53
C GLU E 166 39.96 -11.53 4.90
N ILE E 167 39.18 -12.60 5.12
CA ILE E 167 37.79 -12.55 5.52
C ILE E 167 37.73 -12.03 6.95
N PRO E 168 36.99 -10.92 7.17
CA PRO E 168 36.88 -10.35 8.52
C PRO E 168 36.29 -11.29 9.57
N SER E 169 36.45 -10.91 10.86
CA SER E 169 35.92 -11.64 12.02
C SER E 169 34.37 -11.64 12.00
N GLY E 170 33.77 -10.48 11.71
CA GLY E 170 32.32 -10.34 11.67
C GLY E 170 31.63 -10.80 10.40
N LEU E 171 32.36 -11.59 9.58
CA LEU E 171 31.81 -12.01 8.31
C LEU E 171 32.18 -13.47 8.02
N VAL E 172 33.10 -14.03 8.83
CA VAL E 172 33.65 -15.38 8.68
C VAL E 172 32.57 -16.47 8.95
N ASN E 173 31.50 -16.17 9.72
CA ASN E 173 30.50 -17.20 10.01
C ASN E 173 29.23 -16.98 9.17
N GLU E 174 29.30 -16.11 8.16
CA GLU E 174 28.16 -15.82 7.29
C GLU E 174 28.13 -16.81 6.12
N SER E 175 26.94 -17.00 5.55
CA SER E 175 26.67 -17.93 4.48
C SER E 175 27.36 -17.51 3.17
N TYR E 176 27.50 -16.20 2.97
CA TYR E 176 28.11 -15.56 1.79
C TYR E 176 28.46 -14.10 2.11
N LEU E 177 29.27 -13.50 1.26
CA LEU E 177 29.59 -12.08 1.32
C LEU E 177 29.66 -11.58 -0.12
N TYR E 178 29.73 -10.25 -0.26
CA TYR E 178 29.84 -9.55 -1.52
C TYR E 178 31.23 -9.00 -1.58
N ALA E 179 31.86 -9.13 -2.72
CA ALA E 179 33.23 -8.72 -2.97
C ALA E 179 33.27 -7.78 -4.17
N ARG E 180 34.24 -6.85 -4.18
CA ARG E 180 34.34 -5.84 -5.23
C ARG E 180 35.75 -5.25 -5.35
N VAL E 181 36.13 -4.84 -6.56
CA VAL E 181 37.41 -4.22 -6.86
C VAL E 181 37.15 -2.79 -7.32
N GLY E 182 37.89 -1.84 -6.78
CA GLY E 182 37.79 -0.44 -7.18
C GLY E 182 39.13 0.19 -7.52
N VAL E 183 39.11 1.18 -8.45
CA VAL E 183 40.32 1.93 -8.83
C VAL E 183 39.98 3.46 -8.85
N LYS E 184 40.78 4.26 -8.10
CA LYS E 184 40.61 5.70 -8.04
C LYS E 184 41.71 6.45 -8.79
N SER E 185 41.32 7.46 -9.59
CA SER E 185 42.23 8.32 -10.33
C SER E 185 42.32 9.68 -9.66
N ASP E 186 43.26 10.52 -10.12
CA ASP E 186 43.43 11.89 -9.64
C ASP E 186 42.42 12.86 -10.30
N LYS E 187 41.53 12.35 -11.22
CA LYS E 187 40.64 13.19 -12.00
C LYS E 187 39.17 13.14 -11.50
N SER E 188 38.88 12.29 -10.51
CA SER E 188 37.55 12.16 -9.91
C SER E 188 37.67 11.87 -8.42
N SER E 189 36.68 12.29 -7.64
CA SER E 189 36.61 12.08 -6.20
C SER E 189 36.07 10.70 -5.89
N GLU E 190 35.63 9.97 -6.92
CA GLU E 190 34.96 8.70 -6.77
C GLU E 190 35.75 7.56 -7.44
N TYR E 191 35.74 6.35 -6.84
CA TYR E 191 36.35 5.17 -7.42
C TYR E 191 35.50 4.60 -8.53
N CYS E 192 36.11 3.85 -9.43
CA CYS E 192 35.41 3.10 -10.46
C CYS E 192 35.50 1.65 -10.06
N TYR E 193 34.36 0.96 -10.03
CA TYR E 193 34.34 -0.39 -9.51
C TYR E 193 33.91 -1.49 -10.49
N SER E 194 34.25 -2.72 -10.09
CA SER E 194 33.79 -3.95 -10.68
C SER E 194 32.38 -4.20 -10.24
N GLN E 195 31.78 -5.30 -10.65
CA GLN E 195 30.43 -5.57 -10.17
C GLN E 195 30.52 -6.13 -8.73
N SER E 196 29.44 -5.97 -7.93
CA SER E 196 29.43 -6.53 -6.59
C SER E 196 29.04 -7.98 -6.70
N ILE E 197 30.00 -8.86 -6.51
CA ILE E 197 29.81 -10.30 -6.73
C ILE E 197 29.68 -11.06 -5.41
N LYS E 198 28.61 -11.84 -5.28
CA LYS E 198 28.36 -12.72 -4.14
C LYS E 198 29.37 -13.86 -4.16
N VAL E 199 29.95 -14.15 -2.99
CA VAL E 199 30.94 -15.21 -2.83
C VAL E 199 30.45 -16.12 -1.75
N ALA E 200 30.21 -17.40 -2.08
CA ALA E 200 29.77 -18.36 -1.07
C ALA E 200 30.91 -18.63 -0.07
N LEU E 201 30.60 -18.49 1.22
CA LEU E 201 31.59 -18.73 2.29
C LEU E 201 31.37 -20.10 2.87
N LYS E 202 30.10 -20.47 3.08
CA LYS E 202 29.68 -21.77 3.58
C LYS E 202 29.31 -22.68 2.36
N ASN F 2 44.99 -5.29 12.44
CA ASN F 2 45.96 -6.36 12.63
C ASN F 2 47.21 -5.83 13.35
N PHE F 3 47.33 -6.20 14.64
CA PHE F 3 48.39 -5.81 15.60
C PHE F 3 49.52 -6.83 15.63
N GLU F 4 50.76 -6.37 15.89
CA GLU F 4 51.93 -7.25 15.99
C GLU F 4 52.82 -6.87 17.19
N GLU F 5 52.88 -7.75 18.22
CA GLU F 5 53.71 -7.56 19.43
C GLU F 5 55.18 -7.81 19.04
N PRO F 6 56.03 -6.76 19.04
CA PRO F 6 57.40 -6.91 18.53
C PRO F 6 58.30 -7.75 19.44
N LYS F 7 58.61 -8.99 19.02
CA LYS F 7 59.53 -9.84 19.80
C LYS F 7 60.97 -9.57 19.33
N ALA F 8 61.97 -9.89 20.17
CA ALA F 8 63.39 -9.62 19.93
C ALA F 8 63.96 -10.51 18.82
N THR F 9 65.14 -10.10 18.28
CA THR F 9 65.86 -10.81 17.22
C THR F 9 67.25 -11.28 17.72
N LEU F 10 67.47 -12.61 17.73
CA LEU F 10 68.76 -13.19 18.08
C LEU F 10 69.51 -13.53 16.78
N THR F 11 70.65 -12.88 16.54
CA THR F 11 71.45 -13.12 15.35
C THR F 11 72.88 -13.51 15.77
N GLY F 12 73.64 -14.06 14.83
CA GLY F 12 75.00 -14.51 15.07
C GLY F 12 75.53 -15.33 13.90
N LYS F 13 76.61 -16.07 14.16
CA LYS F 13 77.30 -16.91 13.19
C LYS F 13 77.88 -18.18 13.84
N ALA F 14 77.95 -19.30 13.08
CA ALA F 14 78.68 -20.50 13.50
C ALA F 14 80.15 -20.23 13.22
N ILE F 15 80.97 -20.05 14.29
CA ILE F 15 82.36 -19.61 14.19
C ILE F 15 83.36 -20.73 14.52
N TYR F 16 84.47 -20.73 13.75
CA TYR F 16 85.68 -21.52 13.91
C TYR F 16 86.87 -20.66 13.49
N ASP F 17 87.91 -20.54 14.37
CA ASP F 17 89.11 -19.73 14.15
C ASP F 17 88.70 -18.31 13.63
N GLY F 18 87.65 -17.76 14.22
CA GLY F 18 87.11 -16.44 13.88
C GLY F 18 86.47 -16.28 12.52
N GLU F 19 86.11 -17.39 11.85
CA GLU F 19 85.47 -17.35 10.54
C GLU F 19 84.15 -18.08 10.56
N ALA F 20 83.18 -17.56 9.80
CA ALA F 20 81.89 -18.20 9.66
C ALA F 20 82.07 -19.48 8.89
N VAL F 21 81.60 -20.58 9.48
CA VAL F 21 81.72 -21.92 8.88
C VAL F 21 80.61 -22.10 7.80
N GLY F 22 81.01 -22.13 6.52
CA GLY F 22 80.09 -22.27 5.40
C GLY F 22 79.43 -23.64 5.41
N VAL F 23 78.12 -23.68 5.12
CA VAL F 23 77.40 -24.95 5.14
C VAL F 23 76.34 -24.98 3.97
N ARG F 24 75.65 -26.11 3.77
CA ARG F 24 74.64 -26.22 2.73
C ARG F 24 73.34 -25.58 3.21
N SER F 25 72.71 -24.72 2.37
CA SER F 25 71.48 -24.05 2.75
C SER F 25 70.41 -25.10 3.01
N GLY F 26 69.74 -24.95 4.15
CA GLY F 26 68.68 -25.83 4.61
C GLY F 26 69.11 -27.20 5.07
N SER F 27 70.31 -27.31 5.67
CA SER F 27 70.83 -28.59 6.15
C SER F 27 71.20 -28.57 7.63
N SER F 28 71.68 -27.41 8.11
CA SER F 28 72.20 -27.30 9.46
C SER F 28 71.36 -26.36 10.31
N GLU F 29 71.33 -26.69 11.62
CA GLU F 29 70.56 -26.00 12.65
C GLU F 29 71.24 -26.02 14.01
N PHE F 30 70.64 -25.27 14.94
CA PHE F 30 70.85 -25.25 16.38
C PHE F 30 69.49 -25.40 17.02
N ALA F 31 69.46 -25.90 18.25
CA ALA F 31 68.22 -26.06 19.01
C ALA F 31 68.27 -25.17 20.23
N LEU F 32 67.21 -24.43 20.45
CA LEU F 32 67.12 -23.46 21.52
C LEU F 32 66.05 -23.91 22.51
N PHE F 33 66.42 -24.02 23.78
CA PHE F 33 65.54 -24.45 24.85
C PHE F 33 65.37 -23.36 25.85
N GLN F 34 64.13 -23.19 26.31
CA GLN F 34 63.84 -22.24 27.36
C GLN F 34 63.85 -23.10 28.62
N ASP F 35 63.93 -22.51 29.81
CA ASP F 35 64.03 -23.35 30.99
C ASP F 35 62.62 -23.68 31.59
N GLY F 36 61.56 -23.20 30.94
CA GLY F 36 60.17 -23.44 31.36
C GLY F 36 59.40 -24.33 30.40
N GLY F 41 58.46 -26.95 24.25
CA GLY F 41 59.49 -27.72 23.58
C GLY F 41 60.73 -26.94 23.17
N SER F 42 61.38 -27.36 22.06
CA SER F 42 62.57 -26.71 21.51
C SER F 42 62.21 -25.73 20.36
N ILE F 43 63.06 -24.71 20.17
CA ILE F 43 62.93 -23.72 19.09
C ILE F 43 64.04 -23.98 18.05
N PRO F 44 63.70 -24.19 16.75
CA PRO F 44 64.75 -24.41 15.76
C PRO F 44 65.43 -23.08 15.38
N VAL F 45 66.71 -23.15 15.15
CA VAL F 45 67.53 -22.03 14.71
C VAL F 45 68.13 -22.49 13.39
N TYR F 46 67.58 -21.96 12.29
CA TYR F 46 68.01 -22.36 10.96
C TYR F 46 69.21 -21.53 10.53
N ILE F 47 70.32 -22.24 10.16
CA ILE F 47 71.57 -21.64 9.77
C ILE F 47 71.61 -21.48 8.25
N ALA F 48 71.89 -20.24 7.80
CA ALA F 48 72.04 -19.85 6.40
C ALA F 48 73.33 -20.42 5.80
N GLN F 49 73.38 -20.42 4.45
CA GLN F 49 74.50 -20.95 3.69
C GLN F 49 75.84 -20.45 4.28
N ASP F 50 75.99 -19.11 4.46
CA ASP F 50 77.20 -18.45 4.96
C ASP F 50 77.48 -18.69 6.43
N GLY F 51 76.77 -19.63 7.07
CA GLY F 51 76.99 -19.92 8.47
C GLY F 51 76.35 -18.97 9.47
N SER F 52 75.62 -17.93 9.00
CA SER F 52 74.93 -16.97 9.88
C SER F 52 73.50 -17.44 10.20
N TYR F 53 72.91 -16.89 11.25
CA TYR F 53 71.55 -17.25 11.63
C TYR F 53 70.81 -16.04 12.22
N SER F 54 69.48 -16.14 12.25
CA SER F 54 68.56 -15.18 12.86
C SER F 54 67.33 -15.93 13.30
N VAL F 55 66.84 -15.61 14.48
CA VAL F 55 65.65 -16.26 15.06
C VAL F 55 64.93 -15.21 15.91
N SER F 56 63.60 -15.03 15.70
CA SER F 56 62.87 -14.08 16.53
C SER F 56 62.35 -14.83 17.74
N LEU F 57 62.55 -14.25 18.93
CA LEU F 57 62.22 -14.84 20.23
C LEU F 57 61.63 -13.87 21.18
N PHE F 58 60.96 -14.37 22.23
CA PHE F 58 60.57 -13.47 23.30
C PHE F 58 61.76 -13.33 24.24
N ASN F 59 61.83 -12.20 24.96
CA ASN F 59 62.94 -11.94 25.90
C ASN F 59 62.97 -13.04 26.96
N GLY F 60 64.17 -13.56 27.22
CA GLY F 60 64.34 -14.65 28.16
C GLY F 60 65.69 -15.33 28.14
N ASP F 61 65.87 -16.24 29.10
CA ASP F 61 67.10 -17.00 29.24
C ASP F 61 66.93 -18.33 28.50
N TYR F 62 67.78 -18.53 27.48
CA TYR F 62 67.77 -19.71 26.62
C TYR F 62 69.07 -20.52 26.73
N LYS F 63 68.95 -21.82 26.41
CA LYS F 63 70.06 -22.77 26.34
C LYS F 63 70.12 -23.29 24.90
N LEU F 64 71.27 -23.08 24.21
CA LEU F 64 71.45 -23.50 22.81
C LEU F 64 72.33 -24.76 22.76
N VAL F 65 71.90 -25.74 21.94
CA VAL F 65 72.65 -26.97 21.74
C VAL F 65 72.88 -27.22 20.26
N ARG F 66 74.04 -27.81 19.97
CA ARG F 66 74.43 -28.23 18.64
C ARG F 66 73.80 -29.58 18.39
N MSE F 67 73.23 -29.76 17.22
CA MSE F 67 72.58 -31.00 16.82
C MSE F 67 72.39 -31.02 15.32
O MSE F 67 72.94 -30.19 14.59
CB MSE F 67 71.24 -31.22 17.58
CG MSE F 67 70.34 -29.97 17.72
SE MSE F 67 69.72 -29.04 16.09
CE MSE F 67 68.49 -30.41 15.39
N GLY F 68 71.58 -31.99 14.88
CA GLY F 68 71.26 -32.18 13.48
C GLY F 68 72.35 -32.88 12.72
N ASN F 69 72.45 -32.55 11.44
CA ASN F 69 73.41 -33.17 10.54
C ASN F 69 74.56 -32.25 10.20
N ALA F 70 74.66 -31.10 10.90
CA ALA F 70 75.71 -30.09 10.72
C ALA F 70 77.13 -30.70 10.66
N PRO F 71 78.02 -30.18 9.78
CA PRO F 71 79.36 -30.78 9.63
C PRO F 71 80.36 -30.37 10.73
N TRP F 72 79.92 -30.38 11.99
CA TRP F 72 80.76 -30.07 13.14
C TRP F 72 80.35 -30.92 14.32
N GLU F 73 81.19 -30.95 15.38
CA GLU F 73 80.90 -31.70 16.60
C GLU F 73 79.60 -31.18 17.20
N ARG F 74 78.72 -32.13 17.56
CA ARG F 74 77.39 -31.85 18.11
C ARG F 74 77.23 -32.51 19.49
N PRO F 75 77.89 -31.98 20.55
CA PRO F 75 77.70 -32.59 21.87
C PRO F 75 76.34 -32.21 22.47
N SER F 76 75.65 -33.22 23.00
CA SER F 76 74.35 -33.11 23.65
C SER F 76 74.49 -32.42 25.02
N ASN F 77 75.53 -32.83 25.78
CA ASN F 77 75.91 -32.36 27.11
C ASN F 77 76.31 -30.86 27.15
N ASP F 78 76.99 -30.36 26.09
CA ASP F 78 77.49 -28.98 26.00
C ASP F 78 76.36 -28.02 25.52
N THR F 79 75.99 -27.09 26.41
CA THR F 79 74.97 -26.06 26.20
C THR F 79 75.61 -24.66 26.23
N ILE F 80 74.98 -23.70 25.53
CA ILE F 80 75.42 -22.30 25.49
C ILE F 80 74.28 -21.46 26.03
N TYR F 81 74.54 -20.76 27.13
CA TYR F 81 73.52 -19.94 27.79
C TYR F 81 73.51 -18.56 27.16
N ILE F 82 72.34 -18.19 26.64
CA ILE F 82 72.08 -16.93 25.95
C ILE F 82 70.96 -16.18 26.65
N THR F 83 71.24 -14.99 27.16
CA THR F 83 70.22 -14.14 27.79
C THR F 83 69.82 -13.11 26.76
N VAL F 84 68.53 -13.05 26.39
CA VAL F 84 68.08 -12.12 25.37
C VAL F 84 67.16 -11.06 26.01
N ARG F 85 67.65 -9.81 26.00
CA ARG F 85 66.95 -8.61 26.47
C ARG F 85 67.06 -7.60 25.35
N GLY F 86 66.05 -7.62 24.48
CA GLY F 86 66.02 -6.82 23.25
C GLY F 86 66.82 -7.53 22.19
N ASN F 87 67.04 -6.89 21.02
CA ASN F 87 67.82 -7.51 19.95
C ASN F 87 69.21 -7.87 20.50
N THR F 88 69.56 -9.17 20.40
CA THR F 88 70.80 -9.73 20.94
C THR F 88 71.55 -10.44 19.82
N VAL F 89 72.88 -10.37 19.89
CA VAL F 89 73.79 -10.98 18.92
C VAL F 89 74.82 -11.84 19.68
N GLN F 90 74.93 -13.13 19.31
CA GLN F 90 75.90 -14.03 19.91
C GLN F 90 76.39 -15.06 18.89
N ASP F 91 77.70 -15.09 18.63
CA ASP F 91 78.28 -16.08 17.74
C ASP F 91 78.39 -17.41 18.49
N ILE F 92 78.18 -18.53 17.77
CA ILE F 92 78.21 -19.86 18.36
C ILE F 92 79.49 -20.59 17.93
N PRO F 93 80.42 -20.85 18.86
CA PRO F 93 81.64 -21.57 18.47
C PRO F 93 81.29 -23.02 18.09
N VAL F 94 81.84 -23.48 16.96
CA VAL F 94 81.62 -24.82 16.43
C VAL F 94 82.99 -25.47 16.17
N THR F 95 83.01 -26.81 16.12
CA THR F 95 84.24 -27.50 15.82
C THR F 95 84.01 -28.37 14.59
N PRO F 96 84.33 -27.88 13.37
CA PRO F 96 84.20 -28.75 12.18
C PRO F 96 85.11 -29.94 12.26
N TYR F 97 84.80 -30.98 11.51
CA TYR F 97 85.68 -32.14 11.45
C TYR F 97 86.87 -31.77 10.57
N PHE F 98 86.55 -31.16 9.43
CA PHE F 98 87.46 -30.58 8.44
C PHE F 98 87.00 -29.17 8.15
N PHE F 99 87.97 -28.26 7.96
CA PHE F 99 87.64 -26.86 7.70
C PHE F 99 88.32 -26.38 6.40
N VAL F 100 87.57 -25.61 5.58
CA VAL F 100 88.04 -25.07 4.29
C VAL F 100 88.33 -23.59 4.47
N ARG F 101 89.58 -23.15 4.17
CA ARG F 101 89.95 -21.74 4.31
C ARG F 101 90.76 -21.25 3.10
N ASN F 102 90.98 -19.92 3.02
CA ASN F 102 91.83 -19.19 2.06
C ASN F 102 91.55 -19.66 0.62
N VAL F 103 90.28 -19.58 0.26
CA VAL F 103 89.70 -20.01 -0.98
C VAL F 103 89.55 -18.83 -1.93
N SER F 104 89.98 -19.04 -3.17
CA SER F 104 89.97 -18.12 -4.28
C SER F 104 89.65 -18.88 -5.53
N PHE F 105 89.06 -18.22 -6.51
CA PHE F 105 88.72 -18.81 -7.81
C PHE F 105 89.07 -17.87 -8.93
N ALA F 106 89.37 -18.43 -10.11
CA ALA F 106 89.69 -17.63 -11.28
C ALA F 106 89.33 -18.35 -12.55
N LYS F 107 88.76 -17.64 -13.53
CA LYS F 107 88.48 -18.21 -14.84
C LYS F 107 89.80 -18.26 -15.61
N ASN F 108 90.12 -19.41 -16.17
CA ASN F 108 91.30 -19.66 -16.99
C ASN F 108 90.85 -20.53 -18.13
N GLY F 109 90.49 -19.87 -19.23
CA GLY F 109 89.96 -20.51 -20.42
C GLY F 109 88.53 -20.97 -20.22
N ASN F 110 88.29 -22.28 -20.41
CA ASN F 110 86.99 -22.91 -20.20
C ASN F 110 86.97 -23.58 -18.81
N LYS F 111 87.89 -23.16 -17.93
CA LYS F 111 88.04 -23.77 -16.61
C LYS F 111 88.04 -22.73 -15.49
N ILE F 112 87.71 -23.18 -14.28
CA ILE F 112 87.74 -22.38 -13.07
C ILE F 112 88.85 -22.95 -12.21
N THR F 113 89.91 -22.15 -11.97
CA THR F 113 91.04 -22.56 -11.15
C THR F 113 90.71 -22.27 -9.69
N ALA F 114 90.57 -23.33 -8.88
CA ALA F 114 90.27 -23.23 -7.47
C ALA F 114 91.52 -23.43 -6.64
N ARG F 115 91.78 -22.49 -5.72
CA ARG F 115 92.90 -22.56 -4.78
C ARG F 115 92.29 -22.57 -3.39
N PHE F 116 92.70 -23.54 -2.56
CA PHE F 116 92.11 -23.74 -1.23
C PHE F 116 93.05 -24.47 -0.27
N THR F 117 92.78 -24.30 1.03
CA THR F 117 93.50 -24.95 2.11
C THR F 117 92.48 -25.75 2.94
N ILE F 118 92.84 -26.96 3.36
CA ILE F 118 91.98 -27.85 4.16
C ILE F 118 92.72 -28.24 5.44
N ASN F 119 92.00 -28.19 6.56
CA ASN F 119 92.51 -28.55 7.89
C ASN F 119 91.74 -29.71 8.46
N LYS F 120 92.44 -30.66 9.13
CA LYS F 120 91.78 -31.74 9.86
C LYS F 120 91.75 -31.26 11.28
N VAL F 121 90.58 -30.76 11.72
CA VAL F 121 90.37 -30.16 13.04
C VAL F 121 90.14 -31.26 14.10
N VAL F 122 89.32 -32.25 13.77
CA VAL F 122 89.03 -33.41 14.62
C VAL F 122 89.95 -34.52 14.14
N ALA F 123 90.88 -34.97 15.01
CA ALA F 123 91.88 -35.99 14.67
C ALA F 123 91.22 -37.36 14.41
N ASN F 124 90.10 -37.60 15.08
CA ASN F 124 89.28 -38.81 15.03
C ASN F 124 88.64 -39.03 13.63
N ALA F 125 88.25 -37.93 12.96
CA ALA F 125 87.55 -37.88 11.67
C ALA F 125 88.40 -38.35 10.52
N ASN F 126 87.75 -38.88 9.49
CA ASN F 126 88.40 -39.37 8.29
C ASN F 126 87.69 -38.78 7.07
N MSE F 127 88.48 -38.22 6.16
CA MSE F 127 88.04 -37.54 4.96
C MSE F 127 87.44 -38.55 3.97
O MSE F 127 88.04 -39.62 3.76
CB MSE F 127 89.25 -36.80 4.36
CG MSE F 127 89.01 -36.15 3.03
SE MSE F 127 90.37 -34.86 2.55
CE MSE F 127 92.01 -35.86 2.78
N GLU F 128 86.25 -38.24 3.42
CA GLU F 128 85.56 -39.09 2.44
C GLU F 128 85.72 -38.56 1.04
N ASN F 129 85.57 -37.23 0.87
CA ASN F 129 85.69 -36.57 -0.43
C ASN F 129 85.91 -35.07 -0.29
N VAL F 130 86.55 -34.50 -1.30
CA VAL F 130 86.73 -33.07 -1.49
C VAL F 130 86.11 -32.75 -2.83
N GLY F 131 85.24 -31.75 -2.86
CA GLY F 131 84.56 -31.37 -4.09
C GLY F 131 84.63 -29.90 -4.43
N ILE F 132 84.66 -29.60 -5.74
CA ILE F 132 84.58 -28.26 -6.30
C ILE F 132 83.25 -28.22 -6.99
N TYR F 133 82.44 -27.20 -6.70
CA TYR F 133 81.07 -27.06 -7.23
C TYR F 133 80.90 -25.73 -7.94
N LEU F 134 80.22 -25.75 -9.08
CA LEU F 134 79.86 -24.56 -9.86
C LEU F 134 78.35 -24.49 -9.97
N GLY F 135 77.76 -23.32 -9.68
CA GLY F 135 76.31 -23.11 -9.73
C GLY F 135 75.89 -21.83 -10.41
N THR F 136 74.61 -21.74 -10.80
CA THR F 136 74.08 -20.53 -11.46
C THR F 136 73.79 -19.48 -10.38
N GLY F 137 73.31 -19.95 -9.22
CA GLY F 137 72.93 -19.08 -8.10
C GLY F 137 73.83 -19.09 -6.88
N ILE F 138 73.64 -18.07 -6.00
CA ILE F 138 74.38 -17.84 -4.75
C ILE F 138 74.36 -19.16 -3.90
N LEU F 139 73.28 -19.98 -3.98
CA LEU F 139 73.25 -21.27 -3.28
C LEU F 139 73.83 -22.36 -4.17
N THR F 140 75.02 -22.79 -3.86
CA THR F 140 75.75 -23.85 -4.57
C THR F 140 76.29 -24.81 -3.51
N ASP F 141 76.11 -26.12 -3.72
CA ASP F 141 76.50 -27.16 -2.78
C ASP F 141 76.52 -28.51 -3.49
N GLU F 142 76.71 -29.60 -2.73
CA GLU F 142 76.78 -30.94 -3.31
C GLU F 142 75.39 -31.34 -3.89
N LYS F 143 74.25 -30.78 -3.40
CA LYS F 143 72.93 -31.13 -3.95
C LYS F 143 72.52 -30.19 -5.13
N GLN F 144 72.75 -28.88 -5.00
CA GLN F 144 72.47 -27.87 -6.02
C GLN F 144 73.75 -27.44 -6.69
N LYS F 145 73.96 -27.86 -7.92
CA LYS F 145 75.22 -27.60 -8.69
C LYS F 145 74.96 -27.75 -10.18
N GLU F 146 75.71 -27.04 -10.99
CA GLU F 146 75.62 -27.14 -12.43
C GLU F 146 76.76 -28.04 -12.92
N ALA F 147 77.78 -28.23 -12.06
CA ALA F 147 78.97 -29.05 -12.29
C ALA F 147 79.64 -29.37 -10.97
N GLU F 148 80.22 -30.59 -10.86
CA GLU F 148 81.00 -30.96 -9.67
C GLU F 148 82.28 -31.66 -10.09
N LEU F 149 83.24 -31.67 -9.18
CA LEU F 149 84.54 -32.32 -9.35
C LEU F 149 84.88 -33.01 -8.04
N LYS F 150 84.95 -34.34 -8.06
CA LYS F 150 85.24 -35.11 -6.85
C LYS F 150 86.73 -35.43 -6.89
N LEU F 151 87.49 -34.92 -5.91
CA LEU F 151 88.96 -35.03 -5.89
C LEU F 151 89.46 -36.25 -5.10
N GLY F 152 88.55 -36.94 -4.41
CA GLY F 152 88.94 -38.08 -3.58
C GLY F 152 89.16 -37.68 -2.13
N ASN F 153 89.91 -38.48 -1.39
CA ASN F 153 90.09 -38.22 0.02
C ASN F 153 91.56 -38.27 0.43
N THR F 154 92.49 -37.85 -0.46
CA THR F 154 93.90 -37.87 -0.08
C THR F 154 94.51 -36.48 -0.34
N VAL F 155 93.66 -35.43 -0.35
CA VAL F 155 94.12 -34.06 -0.56
C VAL F 155 95.04 -33.68 0.62
N SER F 156 96.24 -33.09 0.32
CA SER F 156 97.18 -32.68 1.37
C SER F 156 96.52 -31.59 2.25
N LEU F 157 96.90 -31.61 3.53
CA LEU F 157 96.36 -30.75 4.57
C LEU F 157 97.29 -29.58 4.90
N ASP F 158 96.71 -28.54 5.53
CA ASP F 158 97.38 -27.35 6.08
C ASP F 158 98.32 -26.70 5.04
N GLN F 159 97.90 -26.70 3.77
CA GLN F 159 98.67 -26.14 2.65
C GLN F 159 97.74 -25.88 1.48
N GLU F 160 98.11 -24.92 0.60
CA GLU F 160 97.31 -24.55 -0.56
C GLU F 160 97.35 -25.66 -1.58
N ASN F 161 96.20 -25.96 -2.20
CA ASN F 161 96.12 -26.90 -3.29
C ASN F 161 95.37 -26.23 -4.43
N THR F 162 95.61 -26.68 -5.67
CA THR F 162 95.00 -26.13 -6.85
C THR F 162 94.29 -27.22 -7.61
N ALA F 163 93.04 -26.95 -8.05
CA ALA F 163 92.23 -27.85 -8.86
C ALA F 163 91.48 -27.04 -9.91
N GLU F 164 91.27 -27.60 -11.10
CA GLU F 164 90.55 -26.93 -12.17
C GLU F 164 89.35 -27.73 -12.61
N ILE F 165 88.17 -27.09 -12.54
CA ILE F 165 86.87 -27.65 -12.93
C ILE F 165 86.43 -26.96 -14.22
N GLU F 166 85.97 -27.75 -15.20
CA GLU F 166 85.53 -27.24 -16.48
C GLU F 166 84.15 -26.59 -16.37
N ILE F 167 83.99 -25.39 -16.99
CA ILE F 167 82.75 -24.61 -17.00
C ILE F 167 81.74 -25.37 -17.85
N PRO F 168 80.57 -25.77 -17.26
CA PRO F 168 79.60 -26.56 -18.04
C PRO F 168 78.91 -25.74 -19.13
N SER F 169 78.33 -26.45 -20.10
CA SER F 169 77.65 -25.93 -21.30
C SER F 169 76.58 -24.89 -20.96
N GLY F 170 75.77 -25.15 -19.93
CA GLY F 170 74.70 -24.24 -19.56
C GLY F 170 75.12 -23.08 -18.67
N LEU F 171 76.41 -22.80 -18.63
CA LEU F 171 76.88 -21.75 -17.74
C LEU F 171 77.97 -20.93 -18.44
N VAL F 172 78.48 -21.43 -19.56
CA VAL F 172 79.59 -20.87 -20.32
C VAL F 172 79.19 -19.48 -20.96
N ASN F 173 77.93 -19.23 -21.29
CA ASN F 173 77.64 -17.94 -21.94
C ASN F 173 77.00 -16.97 -20.95
N GLU F 174 77.10 -17.29 -19.68
CA GLU F 174 76.58 -16.47 -18.61
C GLU F 174 77.64 -15.48 -18.20
N SER F 175 77.16 -14.37 -17.63
CA SER F 175 77.90 -13.20 -17.21
C SER F 175 78.85 -13.52 -16.03
N TYR F 176 78.43 -14.47 -15.18
CA TYR F 176 79.14 -14.94 -13.98
C TYR F 176 78.55 -16.22 -13.46
N LEU F 177 79.25 -16.88 -12.53
CA LEU F 177 78.79 -18.08 -11.84
C LEU F 177 79.19 -18.03 -10.34
N TYR F 178 78.74 -19.03 -9.57
CA TYR F 178 79.13 -19.13 -8.16
C TYR F 178 79.93 -20.41 -8.00
N ALA F 179 81.07 -20.32 -7.32
CA ALA F 179 81.98 -21.42 -7.11
C ALA F 179 82.18 -21.69 -5.65
N ARG F 180 82.43 -22.97 -5.31
CA ARG F 180 82.56 -23.35 -3.91
C ARG F 180 83.36 -24.66 -3.74
N VAL F 181 84.04 -24.78 -2.59
CA VAL F 181 84.82 -25.97 -2.24
C VAL F 181 84.16 -26.60 -1.02
N GLY F 182 84.08 -27.91 -1.00
CA GLY F 182 83.49 -28.65 0.10
C GLY F 182 84.31 -29.84 0.48
N VAL F 183 84.23 -30.24 1.75
CA VAL F 183 84.97 -31.41 2.25
C VAL F 183 84.01 -32.20 3.17
N LYS F 184 83.84 -33.52 2.89
CA LYS F 184 82.98 -34.41 3.67
C LYS F 184 83.80 -35.42 4.47
N SER F 185 83.44 -35.59 5.77
CA SER F 185 84.07 -36.56 6.66
C SER F 185 83.14 -37.74 6.89
N ASP F 186 83.63 -38.79 7.56
CA ASP F 186 82.85 -39.97 7.92
C ASP F 186 82.03 -39.72 9.20
N LYS F 187 82.12 -38.51 9.81
CA LYS F 187 81.48 -38.22 11.09
C LYS F 187 80.20 -37.34 10.92
N SER F 188 79.90 -36.87 9.70
CA SER F 188 78.70 -36.10 9.38
C SER F 188 78.19 -36.46 7.99
N SER F 189 76.86 -36.36 7.80
CA SER F 189 76.19 -36.65 6.54
C SER F 189 76.26 -35.45 5.60
N GLU F 190 76.81 -34.34 6.10
CA GLU F 190 76.84 -33.09 5.39
C GLU F 190 78.28 -32.62 5.14
N TYR F 191 78.53 -31.99 3.98
CA TYR F 191 79.84 -31.39 3.67
C TYR F 191 80.04 -30.09 4.41
N CYS F 192 81.30 -29.71 4.60
CA CYS F 192 81.66 -28.42 5.13
C CYS F 192 82.20 -27.61 3.98
N TYR F 193 81.71 -26.40 3.80
CA TYR F 193 82.07 -25.64 2.62
C TYR F 193 82.79 -24.32 2.88
N SER F 194 83.39 -23.84 1.79
CA SER F 194 83.99 -22.52 1.65
C SER F 194 82.89 -21.56 1.44
N GLN F 195 83.20 -20.29 1.28
CA GLN F 195 82.15 -19.35 0.98
C GLN F 195 81.76 -19.49 -0.51
N SER F 196 80.49 -19.22 -0.85
CA SER F 196 80.06 -19.27 -2.25
C SER F 196 80.50 -17.97 -2.87
N ILE F 197 81.48 -18.06 -3.77
CA ILE F 197 82.14 -16.89 -4.36
C ILE F 197 81.70 -16.70 -5.81
N LYS F 198 81.30 -15.45 -6.13
CA LYS F 198 80.94 -15.06 -7.50
C LYS F 198 82.18 -15.01 -8.34
N VAL F 199 82.13 -15.58 -9.56
CA VAL F 199 83.26 -15.60 -10.47
C VAL F 199 82.78 -15.01 -11.78
N ALA F 200 83.26 -13.81 -12.16
CA ALA F 200 82.92 -13.19 -13.44
C ALA F 200 83.38 -14.06 -14.64
N LEU F 201 82.54 -14.25 -15.67
CA LEU F 201 82.94 -15.08 -16.83
C LEU F 201 83.15 -14.24 -18.07
N LYS F 202 82.69 -12.98 -18.00
CA LYS F 202 82.75 -11.99 -19.07
C LYS F 202 83.47 -10.75 -18.53
N LYS G 7 -85.59 51.79 13.39
CA LYS G 7 -84.28 52.46 13.47
C LYS G 7 -83.28 51.77 12.49
N ALA G 8 -82.19 52.49 12.10
CA ALA G 8 -81.19 52.05 11.13
C ALA G 8 -80.28 50.95 11.69
N THR G 9 -79.54 50.27 10.77
CA THR G 9 -78.60 49.22 11.12
C THR G 9 -77.16 49.60 10.69
N LEU G 10 -76.21 49.66 11.65
CA LEU G 10 -74.79 49.90 11.38
C LEU G 10 -74.04 48.59 11.42
N THR G 11 -73.48 48.18 10.29
CA THR G 11 -72.73 46.91 10.21
C THR G 11 -71.32 47.19 9.69
N GLY G 12 -70.43 46.23 9.87
CA GLY G 12 -69.05 46.36 9.46
C GLY G 12 -68.20 45.22 10.00
N LYS G 13 -66.88 45.43 10.01
CA LYS G 13 -65.85 44.50 10.46
C LYS G 13 -64.64 45.19 11.10
N ALA G 14 -63.99 44.53 12.08
CA ALA G 14 -62.71 44.97 12.62
C ALA G 14 -61.68 44.50 11.64
N ILE G 15 -61.07 45.45 10.91
CA ILE G 15 -60.20 45.17 9.79
C ILE G 15 -58.74 45.49 10.10
N TYR G 16 -57.86 44.65 9.53
CA TYR G 16 -56.41 44.72 9.46
C TYR G 16 -55.95 44.10 8.15
N ASP G 17 -55.16 44.85 7.36
CA ASP G 17 -54.64 44.44 6.04
C ASP G 17 -55.79 43.83 5.18
N GLY G 18 -56.97 44.50 5.25
CA GLY G 18 -58.17 44.13 4.51
C GLY G 18 -58.85 42.84 4.94
N GLU G 19 -58.45 42.29 6.08
CA GLU G 19 -59.01 41.04 6.61
C GLU G 19 -59.69 41.27 7.95
N ALA G 20 -60.78 40.53 8.20
CA ALA G 20 -61.48 40.60 9.47
C ALA G 20 -60.64 39.94 10.56
N VAL G 21 -60.44 40.65 11.66
CA VAL G 21 -59.61 40.22 12.77
C VAL G 21 -60.46 39.32 13.66
N GLY G 22 -60.16 38.03 13.64
CA GLY G 22 -60.87 37.03 14.42
C GLY G 22 -60.61 37.23 15.89
N VAL G 23 -61.65 37.10 16.71
CA VAL G 23 -61.50 37.32 18.15
C VAL G 23 -62.38 36.30 18.91
N ARG G 24 -62.32 36.29 20.26
CA ARG G 24 -63.14 35.38 21.06
C ARG G 24 -64.55 35.95 21.20
N SER G 25 -65.59 35.13 20.98
CA SER G 25 -66.97 35.60 21.06
C SER G 25 -67.22 36.09 22.49
N GLY G 26 -67.81 37.30 22.56
CA GLY G 26 -68.15 38.00 23.80
C GLY G 26 -66.96 38.46 24.61
N SER G 27 -65.90 38.91 23.94
CA SER G 27 -64.70 39.42 24.63
C SER G 27 -64.36 40.87 24.22
N SER G 28 -64.63 41.20 22.95
CA SER G 28 -64.23 42.45 22.37
C SER G 28 -65.41 43.28 21.93
N GLU G 29 -65.24 44.59 22.07
CA GLU G 29 -66.22 45.64 21.82
C GLU G 29 -65.61 46.92 21.28
N PHE G 30 -66.51 47.81 20.86
CA PHE G 30 -66.30 49.19 20.50
C PHE G 30 -67.32 50.02 21.29
N ALA G 31 -66.95 51.28 21.54
CA ALA G 31 -67.82 52.25 22.18
C ALA G 31 -68.35 53.21 21.12
N LEU G 32 -69.69 53.42 21.10
CA LEU G 32 -70.28 54.30 20.10
C LEU G 32 -71.00 55.45 20.82
N PHE G 33 -70.35 56.64 20.82
CA PHE G 33 -70.87 57.83 21.45
C PHE G 33 -71.68 58.59 20.46
N GLN G 34 -72.86 59.08 20.87
CA GLN G 34 -73.81 59.80 20.04
C GLN G 34 -73.80 61.30 20.35
N ASP G 35 -73.50 62.15 19.33
CA ASP G 35 -73.50 63.61 19.48
C ASP G 35 -74.85 64.08 20.03
N GLY G 36 -74.79 65.01 20.99
CA GLY G 36 -75.95 65.60 21.66
C GLY G 36 -76.51 64.81 22.82
N TYR G 37 -75.83 63.70 23.18
CA TYR G 37 -76.21 62.75 24.24
C TYR G 37 -74.95 62.34 25.04
N ALA G 38 -74.21 63.35 25.55
CA ALA G 38 -72.97 63.19 26.33
C ALA G 38 -73.22 62.46 27.64
N LEU G 39 -74.41 62.73 28.24
CA LEU G 39 -74.95 62.26 29.52
C LEU G 39 -75.42 60.80 29.42
N LYS G 40 -75.95 60.38 28.25
CA LYS G 40 -76.38 59.00 28.00
C LYS G 40 -75.17 58.09 27.87
N GLY G 41 -74.01 58.67 27.55
CA GLY G 41 -72.75 57.96 27.38
C GLY G 41 -72.70 57.12 26.12
N SER G 42 -71.84 56.10 26.13
CA SER G 42 -71.63 55.22 24.99
C SER G 42 -72.53 54.01 24.99
N ILE G 43 -72.89 53.62 23.76
CA ILE G 43 -73.62 52.46 23.28
C ILE G 43 -72.63 51.37 23.01
N PRO G 44 -72.77 50.15 23.57
CA PRO G 44 -71.81 49.08 23.24
C PRO G 44 -72.01 48.54 21.83
N VAL G 45 -70.91 48.20 21.15
CA VAL G 45 -70.90 47.53 19.83
C VAL G 45 -70.20 46.21 20.03
N TYR G 46 -70.97 45.15 20.16
CA TYR G 46 -70.44 43.81 20.40
C TYR G 46 -69.95 43.20 19.10
N ILE G 47 -68.65 42.83 19.13
CA ILE G 47 -67.96 42.25 17.99
C ILE G 47 -68.07 40.72 18.03
N ALA G 48 -68.58 40.15 16.91
CA ALA G 48 -68.73 38.72 16.67
C ALA G 48 -67.38 38.08 16.44
N GLN G 49 -67.26 36.80 16.84
CA GLN G 49 -66.04 36.00 16.76
C GLN G 49 -65.27 36.16 15.39
N ASP G 50 -66.00 36.37 14.27
CA ASP G 50 -65.42 36.52 12.92
C ASP G 50 -65.01 37.97 12.59
N GLY G 51 -64.98 38.85 13.59
CA GLY G 51 -64.61 40.24 13.43
C GLY G 51 -65.73 41.15 13.00
N SER G 52 -66.90 40.61 12.70
CA SER G 52 -68.00 41.47 12.24
C SER G 52 -68.84 41.98 13.40
N TYR G 53 -69.60 43.03 13.15
CA TYR G 53 -70.50 43.62 14.13
C TYR G 53 -71.76 44.16 13.43
N SER G 54 -72.82 44.29 14.19
CA SER G 54 -74.10 44.90 13.82
C SER G 54 -74.68 45.51 15.06
N VAL G 55 -75.23 46.72 14.93
CA VAL G 55 -75.82 47.46 16.03
C VAL G 55 -76.94 48.29 15.44
N SER G 56 -78.14 48.23 16.05
CA SER G 56 -79.23 49.06 15.56
C SER G 56 -79.16 50.38 16.30
N LEU G 57 -79.26 51.47 15.53
CA LEU G 57 -79.14 52.83 16.03
C LEU G 57 -80.15 53.77 15.42
N PHE G 58 -80.37 54.90 16.09
CA PHE G 58 -81.17 55.95 15.46
C PHE G 58 -80.26 56.74 14.57
N ASN G 59 -80.82 57.36 13.51
CA ASN G 59 -80.05 58.18 12.58
C ASN G 59 -79.40 59.33 13.35
N GLY G 60 -78.16 59.64 13.00
CA GLY G 60 -77.40 60.69 13.66
C GLY G 60 -75.91 60.61 13.43
N ASP G 61 -75.16 61.45 14.15
CA ASP G 61 -73.71 61.49 14.05
C ASP G 61 -73.11 60.86 15.30
N TYR G 62 -72.27 59.83 15.09
CA TYR G 62 -71.64 59.07 16.15
C TYR G 62 -70.12 59.12 16.07
N LYS G 63 -69.48 58.97 17.24
CA LYS G 63 -68.02 58.88 17.43
C LYS G 63 -67.70 57.48 18.03
N LEU G 64 -66.88 56.67 17.33
CA LEU G 64 -66.54 55.32 17.79
C LEU G 64 -65.12 55.31 18.33
N VAL G 65 -64.92 54.63 19.48
CA VAL G 65 -63.60 54.48 20.09
C VAL G 65 -63.35 53.01 20.42
N ARG G 66 -62.07 52.63 20.31
CA ARG G 66 -61.59 51.30 20.62
C ARG G 66 -61.31 51.26 22.11
N MSE G 67 -61.94 50.31 22.77
CA MSE G 67 -61.88 50.10 24.22
C MSE G 67 -61.82 48.60 24.54
O MSE G 67 -61.63 47.76 23.63
CB MSE G 67 -63.12 50.73 24.88
N GLY G 68 -61.95 48.30 25.83
CA GLY G 68 -62.03 46.97 26.39
C GLY G 68 -60.76 46.16 26.44
N ASN G 69 -60.93 44.84 26.28
CA ASN G 69 -59.82 43.91 26.36
C ASN G 69 -59.44 43.36 24.98
N ALA G 70 -59.99 43.95 23.90
CA ALA G 70 -59.72 43.55 22.51
C ALA G 70 -58.20 43.38 22.23
N PRO G 71 -57.81 42.35 21.41
CA PRO G 71 -56.38 42.11 21.16
C PRO G 71 -55.77 43.06 20.11
N TRP G 72 -56.09 44.36 20.19
CA TRP G 72 -55.52 45.37 19.32
C TRP G 72 -55.32 46.68 20.09
N GLU G 73 -54.56 47.63 19.51
CA GLU G 73 -54.33 48.92 20.12
C GLU G 73 -55.67 49.62 20.33
N ARG G 74 -55.85 50.20 21.53
CA ARG G 74 -57.07 50.88 21.96
C ARG G 74 -56.77 52.35 22.38
N PRO G 75 -56.47 53.28 21.44
CA PRO G 75 -56.22 54.67 21.87
C PRO G 75 -57.52 55.40 22.18
N SER G 76 -57.48 56.09 23.31
CA SER G 76 -58.56 56.94 23.81
C SER G 76 -58.76 58.13 22.88
N ASN G 77 -57.62 58.75 22.45
CA ASN G 77 -57.44 59.90 21.58
C ASN G 77 -58.00 59.71 20.15
N ASP G 78 -57.85 58.51 19.56
CA ASP G 78 -58.29 58.22 18.20
C ASP G 78 -59.77 57.83 18.18
N THR G 79 -60.59 58.65 17.48
CA THR G 79 -62.03 58.45 17.31
C THR G 79 -62.38 58.21 15.82
N ILE G 80 -63.45 57.47 15.57
CA ILE G 80 -64.00 57.21 14.24
C ILE G 80 -65.32 57.96 14.15
N TYR G 81 -65.48 58.82 13.15
CA TYR G 81 -66.72 59.56 12.96
C TYR G 81 -67.57 58.82 11.95
N ILE G 82 -68.78 58.42 12.37
CA ILE G 82 -69.73 57.66 11.58
C ILE G 82 -71.02 58.45 11.46
N THR G 83 -71.44 58.75 10.22
CA THR G 83 -72.71 59.44 9.99
C THR G 83 -73.69 58.37 9.52
N VAL G 84 -74.71 58.11 10.33
CA VAL G 84 -75.68 57.08 9.99
C VAL G 84 -76.99 57.79 9.57
N ARG G 85 -77.32 57.61 8.28
CA ARG G 85 -78.52 58.09 7.58
C ARG G 85 -79.00 56.90 6.77
N GLY G 86 -79.89 56.13 7.40
CA GLY G 86 -80.40 54.85 6.90
C GLY G 86 -79.40 53.76 7.21
N ASN G 87 -79.63 52.53 6.74
CA ASN G 87 -78.67 51.45 6.98
C ASN G 87 -77.32 51.86 6.42
N THR G 88 -76.30 51.81 7.30
CA THR G 88 -74.93 52.25 7.02
C THR G 88 -73.96 51.12 7.34
N VAL G 89 -72.91 51.01 6.53
CA VAL G 89 -71.86 49.99 6.66
C VAL G 89 -70.49 50.71 6.71
N GLN G 90 -69.69 50.43 7.77
CA GLN G 90 -68.36 51.01 7.90
C GLN G 90 -67.42 50.05 8.65
N ASP G 91 -66.33 49.66 7.99
CA ASP G 91 -65.34 48.81 8.62
C ASP G 91 -64.47 49.66 9.55
N ILE G 92 -64.04 49.08 10.67
CA ILE G 92 -63.26 49.79 11.67
C ILE G 92 -61.81 49.29 11.61
N PRO G 93 -60.85 50.17 11.20
CA PRO G 93 -59.45 49.73 11.17
C PRO G 93 -58.92 49.55 12.58
N VAL G 94 -58.29 48.40 12.81
CA VAL G 94 -57.68 48.04 14.09
C VAL G 94 -56.24 47.66 13.79
N THR G 95 -55.39 47.75 14.81
CA THR G 95 -53.98 47.40 14.67
C THR G 95 -53.71 46.32 15.74
N PRO G 96 -53.81 45.01 15.38
CA PRO G 96 -53.55 43.95 16.37
C PRO G 96 -52.08 43.96 16.80
N TYR G 97 -51.77 43.41 17.99
CA TYR G 97 -50.38 43.35 18.46
C TYR G 97 -49.66 42.29 17.61
N PHE G 98 -50.31 41.13 17.47
CA PHE G 98 -49.93 40.02 16.62
C PHE G 98 -51.13 39.66 15.74
N PHE G 99 -50.87 39.24 14.50
CA PHE G 99 -51.93 38.89 13.56
C PHE G 99 -51.70 37.50 12.99
N VAL G 100 -52.78 36.68 12.87
CA VAL G 100 -52.77 35.31 12.36
C VAL G 100 -53.38 35.31 10.97
N ARG G 101 -52.59 34.90 9.96
CA ARG G 101 -53.06 34.84 8.59
C ARG G 101 -52.70 33.49 7.93
N ASN G 102 -53.30 33.23 6.75
CA ASN G 102 -53.09 32.11 5.80
C ASN G 102 -53.12 30.77 6.54
N VAL G 103 -54.24 30.56 7.23
CA VAL G 103 -54.51 29.44 8.09
C VAL G 103 -55.30 28.37 7.33
N SER G 104 -54.81 27.11 7.40
CA SER G 104 -55.43 25.94 6.80
C SER G 104 -55.30 24.75 7.75
N PHE G 105 -56.27 23.84 7.70
CA PHE G 105 -56.31 22.64 8.53
C PHE G 105 -56.64 21.44 7.72
N ALA G 106 -56.10 20.27 8.14
CA ALA G 106 -56.34 18.99 7.48
C ALA G 106 -56.29 17.86 8.48
N LYS G 107 -57.19 16.87 8.31
CA LYS G 107 -57.15 15.67 9.12
C LYS G 107 -56.08 14.75 8.54
N ASN G 108 -55.17 14.22 9.38
CA ASN G 108 -54.09 13.29 8.99
C ASN G 108 -53.96 12.26 10.07
N GLY G 109 -54.85 11.26 10.00
CA GLY G 109 -54.96 10.20 10.99
C GLY G 109 -55.85 10.61 12.14
N ASN G 110 -55.31 10.55 13.37
CA ASN G 110 -56.00 10.99 14.60
C ASN G 110 -55.57 12.41 14.95
N LYS G 111 -54.98 13.12 13.98
CA LYS G 111 -54.46 14.46 14.21
C LYS G 111 -55.01 15.47 13.19
N ILE G 112 -54.96 16.76 13.57
CA ILE G 112 -55.32 17.89 12.72
C ILE G 112 -54.02 18.64 12.44
N THR G 113 -53.61 18.67 11.17
CA THR G 113 -52.42 19.41 10.78
C THR G 113 -52.81 20.86 10.53
N ALA G 114 -52.31 21.77 11.39
CA ALA G 114 -52.53 23.20 11.28
C ALA G 114 -51.33 23.89 10.60
N ARG G 115 -51.60 24.70 9.57
CA ARG G 115 -50.60 25.52 8.88
C ARG G 115 -51.03 26.96 9.03
N PHE G 116 -50.11 27.84 9.46
CA PHE G 116 -50.42 29.24 9.79
C PHE G 116 -49.21 30.14 9.75
N THR G 117 -49.44 31.44 9.59
CA THR G 117 -48.44 32.50 9.58
C THR G 117 -48.80 33.51 10.68
N ILE G 118 -47.77 34.02 11.39
CA ILE G 118 -47.96 35.00 12.47
C ILE G 118 -47.08 36.23 12.20
N ASN G 119 -47.67 37.41 12.37
CA ASN G 119 -46.98 38.69 12.19
C ASN G 119 -46.93 39.49 13.49
N LYS G 120 -45.79 40.15 13.78
CA LYS G 120 -45.68 41.05 14.93
C LYS G 120 -45.93 42.44 14.35
N VAL G 121 -47.16 42.96 14.56
CA VAL G 121 -47.62 44.23 13.99
C VAL G 121 -47.16 45.41 14.88
N VAL G 122 -47.28 45.27 16.22
CA VAL G 122 -46.86 46.25 17.23
C VAL G 122 -45.47 45.83 17.73
N ALA G 123 -44.43 46.61 17.39
CA ALA G 123 -43.03 46.28 17.71
C ALA G 123 -42.77 46.21 19.23
N ASN G 124 -43.52 47.01 19.98
CA ASN G 124 -43.51 47.14 21.44
C ASN G 124 -43.96 45.83 22.15
N ALA G 125 -44.94 45.10 21.56
CA ALA G 125 -45.58 43.89 22.09
C ALA G 125 -44.63 42.70 22.15
N ASN G 126 -44.91 41.78 23.07
CA ASN G 126 -44.14 40.56 23.26
C ASN G 126 -45.10 39.38 23.32
N MSE G 127 -44.81 38.33 22.57
CA MSE G 127 -45.62 37.12 22.44
C MSE G 127 -45.58 36.30 23.73
O MSE G 127 -44.52 36.15 24.33
CB MSE G 127 -45.07 36.32 21.25
CG MSE G 127 -45.71 34.97 21.03
SE MSE G 127 -45.32 34.31 19.25
CE MSE G 127 -43.36 34.35 19.17
N GLU G 128 -46.76 35.84 24.17
CA GLU G 128 -46.87 35.04 25.40
C GLU G 128 -47.10 33.57 25.08
N ASN G 129 -48.02 33.30 24.13
CA ASN G 129 -48.36 31.94 23.72
C ASN G 129 -49.03 31.92 22.36
N VAL G 130 -48.88 30.79 21.68
CA VAL G 130 -49.56 30.43 20.45
C VAL G 130 -50.27 29.14 20.73
N GLY G 131 -51.57 29.11 20.42
CA GLY G 131 -52.39 27.93 20.62
C GLY G 131 -53.19 27.49 19.41
N ILE G 132 -53.39 26.16 19.31
CA ILE G 132 -54.27 25.49 18.35
C ILE G 132 -55.42 24.96 19.17
N TYR G 133 -56.66 25.25 18.73
CA TYR G 133 -57.86 24.84 19.45
C TYR G 133 -58.77 24.05 18.54
N LEU G 134 -59.38 22.99 19.10
CA LEU G 134 -60.40 22.16 18.45
C LEU G 134 -61.67 22.24 19.28
N GLY G 135 -62.80 22.47 18.62
CA GLY G 135 -64.10 22.58 19.28
C GLY G 135 -65.21 21.82 18.56
N THR G 136 -66.34 21.56 19.26
CA THR G 136 -67.46 20.84 18.64
C THR G 136 -68.27 21.85 17.81
N GLY G 137 -68.32 23.10 18.27
CA GLY G 137 -69.09 24.16 17.66
C GLY G 137 -68.30 25.30 17.06
N ILE G 138 -68.99 26.10 16.23
CA ILE G 138 -68.50 27.26 15.47
C ILE G 138 -67.77 28.24 16.43
N LEU G 139 -68.17 28.33 17.71
CA LEU G 139 -67.43 29.14 18.69
C LEU G 139 -66.36 28.30 19.37
N THR G 140 -65.10 28.54 18.97
CA THR G 140 -63.93 27.83 19.49
C THR G 140 -62.91 28.92 19.81
N ASP G 141 -62.31 28.83 21.01
CA ASP G 141 -61.34 29.81 21.50
C ASP G 141 -60.58 29.22 22.69
N GLU G 142 -59.78 30.05 23.37
CA GLU G 142 -58.98 29.59 24.52
C GLU G 142 -59.91 29.20 25.70
N LYS G 143 -61.15 29.75 25.80
CA LYS G 143 -62.04 29.40 26.91
C LYS G 143 -62.98 28.21 26.53
N GLN G 144 -63.54 28.20 25.29
CA GLN G 144 -64.38 27.10 24.77
C GLN G 144 -63.59 26.26 23.80
N LYS G 145 -63.23 25.05 24.23
CA LYS G 145 -62.41 24.14 23.42
C LYS G 145 -62.61 22.72 23.89
N GLU G 146 -62.43 21.76 23.00
CA GLU G 146 -62.50 20.36 23.35
C GLU G 146 -61.07 19.83 23.51
N ALA G 147 -60.10 20.55 22.92
CA ALA G 147 -58.67 20.27 22.96
C ALA G 147 -57.86 21.50 22.65
N GLU G 148 -56.67 21.63 23.28
CA GLU G 148 -55.76 22.75 22.99
C GLU G 148 -54.34 22.23 22.89
N LEU G 149 -53.49 23.05 22.26
CA LEU G 149 -52.07 22.81 22.08
C LEU G 149 -51.36 24.14 22.30
N LYS G 150 -50.54 24.22 23.38
CA LYS G 150 -49.82 25.45 23.72
C LYS G 150 -48.41 25.31 23.19
N LEU G 151 -48.04 26.14 22.19
CA LEU G 151 -46.79 26.01 21.46
C LEU G 151 -45.65 26.86 22.04
N GLY G 152 -45.96 27.74 22.99
CA GLY G 152 -44.94 28.60 23.55
C GLY G 152 -44.94 29.97 22.90
N ASN G 153 -43.84 30.69 23.05
CA ASN G 153 -43.77 32.07 22.55
C ASN G 153 -42.50 32.31 21.72
N THR G 154 -42.05 31.28 20.99
CA THR G 154 -40.86 31.44 20.17
C THR G 154 -41.18 30.98 18.73
N VAL G 155 -42.49 30.94 18.37
CA VAL G 155 -42.92 30.57 17.02
C VAL G 155 -42.37 31.61 16.04
N SER G 156 -41.70 31.15 14.95
CA SER G 156 -41.12 32.06 13.96
C SER G 156 -42.24 32.93 13.31
N LEU G 157 -41.87 34.13 12.94
CA LEU G 157 -42.74 35.15 12.35
C LEU G 157 -42.61 35.26 10.85
N ASP G 158 -43.65 35.86 10.22
CA ASP G 158 -43.75 36.20 8.80
C ASP G 158 -43.39 35.00 7.89
N GLN G 159 -43.77 33.79 8.31
CA GLN G 159 -43.51 32.54 7.58
C GLN G 159 -44.48 31.48 8.05
N GLU G 160 -44.74 30.48 7.18
CA GLU G 160 -45.65 29.41 7.51
C GLU G 160 -45.02 28.49 8.55
N ASN G 161 -45.85 28.04 9.49
CA ASN G 161 -45.42 27.04 10.46
C ASN G 161 -46.48 25.92 10.47
N THR G 162 -46.06 24.71 10.85
CA THR G 162 -46.93 23.54 10.92
C THR G 162 -46.96 22.99 12.35
N ALA G 163 -48.13 22.64 12.83
CA ALA G 163 -48.33 22.01 14.13
C ALA G 163 -49.44 20.97 14.03
N GLU G 164 -49.33 19.87 14.77
CA GLU G 164 -50.34 18.82 14.76
C GLU G 164 -50.91 18.62 16.15
N ILE G 165 -52.23 18.79 16.26
CA ILE G 165 -53.02 18.61 17.49
C ILE G 165 -53.83 17.33 17.34
N GLU G 166 -53.82 16.49 18.41
CA GLU G 166 -54.52 15.23 18.42
C GLU G 166 -56.03 15.44 18.63
N ILE G 167 -56.85 14.74 17.83
CA ILE G 167 -58.31 14.79 17.90
C ILE G 167 -58.74 14.12 19.23
N PRO G 168 -59.46 14.86 20.12
CA PRO G 168 -59.86 14.28 21.42
C PRO G 168 -60.95 13.23 21.28
N SER G 169 -61.06 12.37 22.33
CA SER G 169 -62.00 11.24 22.45
C SER G 169 -63.44 11.63 22.14
N GLY G 170 -63.88 12.77 22.68
CA GLY G 170 -65.26 13.23 22.48
C GLY G 170 -65.52 13.93 21.17
N LEU G 171 -64.63 13.76 20.17
CA LEU G 171 -64.76 14.44 18.90
C LEU G 171 -64.31 13.55 17.74
N VAL G 172 -63.75 12.38 18.08
CA VAL G 172 -63.17 11.45 17.12
C VAL G 172 -64.31 10.75 16.29
N ASN G 173 -65.53 10.64 16.84
CA ASN G 173 -66.58 9.96 16.08
C ASN G 173 -67.59 10.95 15.52
N GLU G 174 -67.22 12.23 15.51
CA GLU G 174 -68.09 13.28 14.98
C GLU G 174 -67.86 13.45 13.48
N SER G 175 -68.86 14.01 12.81
CA SER G 175 -68.91 14.21 11.37
C SER G 175 -67.89 15.27 10.94
N TYR G 176 -67.64 16.25 11.82
CA TYR G 176 -66.73 17.36 11.63
C TYR G 176 -66.42 18.04 12.97
N LEU G 177 -65.47 18.97 12.96
CA LEU G 177 -65.07 19.78 14.10
C LEU G 177 -64.69 21.18 13.59
N TYR G 178 -64.44 22.11 14.53
CA TYR G 178 -64.00 23.46 14.21
C TYR G 178 -62.62 23.64 14.78
N ALA G 179 -61.73 24.20 13.98
CA ALA G 179 -60.35 24.39 14.35
C ALA G 179 -59.99 25.85 14.26
N ARG G 180 -59.03 26.28 15.11
CA ARG G 180 -58.66 27.66 15.16
C ARG G 180 -57.27 27.86 15.76
N VAL G 181 -56.57 28.89 15.28
CA VAL G 181 -55.26 29.28 15.78
C VAL G 181 -55.39 30.67 16.37
N GLY G 182 -54.72 30.90 17.49
CA GLY G 182 -54.71 32.13 18.25
C GLY G 182 -53.32 32.43 18.76
N VAL G 183 -53.04 33.71 19.03
CA VAL G 183 -51.77 34.21 19.54
C VAL G 183 -52.08 35.28 20.62
N LYS G 184 -51.47 35.15 21.82
CA LYS G 184 -51.63 36.11 22.90
C LYS G 184 -50.34 36.90 23.14
N SER G 185 -50.49 38.25 23.32
CA SER G 185 -49.39 39.16 23.64
C SER G 185 -49.45 39.58 25.09
N ASP G 186 -48.42 40.28 25.55
CA ASP G 186 -48.34 40.82 26.92
C ASP G 186 -49.11 42.16 27.04
N LYS G 187 -49.71 42.66 25.92
CA LYS G 187 -50.35 43.97 25.87
C LYS G 187 -51.92 43.87 25.91
N SER G 188 -52.48 42.64 25.86
CA SER G 188 -53.93 42.40 25.94
C SER G 188 -54.21 41.10 26.69
N SER G 189 -55.35 41.02 27.37
CA SER G 189 -55.79 39.86 28.14
C SER G 189 -56.46 38.83 27.24
N GLU G 190 -56.62 39.19 25.97
CA GLU G 190 -57.33 38.38 25.02
C GLU G 190 -56.40 37.93 23.87
N TYR G 191 -56.60 36.69 23.36
CA TYR G 191 -55.90 36.18 22.19
C TYR G 191 -56.44 36.79 20.93
N CYS G 192 -55.63 36.81 19.89
CA CYS G 192 -56.06 37.20 18.55
C CYS G 192 -56.12 35.93 17.74
N TYR G 193 -57.22 35.69 17.05
CA TYR G 193 -57.41 34.41 16.38
C TYR G 193 -57.58 34.46 14.87
N SER G 194 -57.41 33.28 14.27
CA SER G 194 -57.70 32.94 12.89
C SER G 194 -59.17 32.77 12.76
N GLN G 195 -59.64 32.43 11.56
CA GLN G 195 -61.07 32.18 11.44
C GLN G 195 -61.38 30.77 11.99
N SER G 196 -62.58 30.57 12.53
CA SER G 196 -62.99 29.24 12.99
C SER G 196 -63.39 28.45 11.75
N ILE G 197 -62.56 27.45 11.38
CA ILE G 197 -62.68 26.67 10.16
C ILE G 197 -63.17 25.24 10.46
N LYS G 198 -64.23 24.82 9.75
CA LYS G 198 -64.79 23.49 9.84
C LYS G 198 -63.82 22.51 9.21
N VAL G 199 -63.62 21.36 9.86
CA VAL G 199 -62.74 20.31 9.37
C VAL G 199 -63.52 19.01 9.35
N ALA G 200 -63.75 18.44 8.16
CA ALA G 200 -64.45 17.16 8.02
C ALA G 200 -63.63 16.04 8.59
N LEU G 201 -64.30 15.14 9.34
CA LEU G 201 -63.63 13.99 9.97
C LEU G 201 -64.10 12.69 9.29
N LYS G 202 -65.23 12.77 8.61
CA LYS G 202 -65.86 11.67 7.84
C LYS G 202 -66.08 12.11 6.38
N LYS H 7 78.53 -57.64 -32.62
CA LYS H 7 77.35 -56.77 -32.54
C LYS H 7 76.05 -57.59 -32.22
N ALA H 8 74.92 -56.87 -32.11
CA ALA H 8 73.60 -57.41 -31.78
C ALA H 8 72.50 -56.44 -32.22
N THR H 9 71.26 -56.94 -32.38
CA THR H 9 70.15 -56.09 -32.80
C THR H 9 69.14 -55.93 -31.64
N LEU H 10 68.83 -54.66 -31.31
CA LEU H 10 67.79 -54.27 -30.34
C LEU H 10 66.62 -53.75 -31.10
N THR H 11 65.48 -54.44 -31.01
CA THR H 11 64.25 -54.00 -31.69
C THR H 11 63.13 -53.84 -30.66
N GLY H 12 62.06 -53.15 -31.09
CA GLY H 12 60.89 -52.90 -30.25
C GLY H 12 59.94 -51.94 -30.91
N LYS H 13 59.05 -51.34 -30.09
CA LYS H 13 58.02 -50.39 -30.51
C LYS H 13 57.71 -49.34 -29.44
N ALA H 14 57.32 -48.12 -29.86
CA ALA H 14 56.82 -47.10 -28.94
C ALA H 14 55.36 -47.46 -28.65
N ILE H 15 55.04 -47.91 -27.42
CA ILE H 15 53.72 -48.46 -27.09
C ILE H 15 52.93 -47.56 -26.13
N TYR H 16 51.62 -47.44 -26.43
CA TYR H 16 50.57 -46.73 -25.67
C TYR H 16 49.31 -47.55 -25.73
N ASP H 17 48.72 -47.90 -24.57
CA ASP H 17 47.50 -48.71 -24.50
C ASP H 17 47.64 -49.93 -25.47
N GLY H 18 48.81 -50.58 -25.42
CA GLY H 18 49.18 -51.76 -26.19
C GLY H 18 49.28 -51.59 -27.70
N GLU H 19 49.29 -50.34 -28.19
CA GLU H 19 49.38 -50.08 -29.61
C GLU H 19 50.62 -49.27 -29.97
N ALA H 20 51.19 -49.53 -31.16
CA ALA H 20 52.29 -48.72 -31.68
C ALA H 20 51.80 -47.29 -31.91
N VAL H 21 52.64 -46.30 -31.60
CA VAL H 21 52.27 -44.90 -31.67
C VAL H 21 52.88 -44.31 -32.98
N GLY H 22 52.02 -44.14 -33.99
CA GLY H 22 52.39 -43.65 -35.30
C GLY H 22 52.99 -42.26 -35.22
N VAL H 23 54.09 -42.04 -35.95
CA VAL H 23 54.76 -40.75 -35.88
C VAL H 23 55.29 -40.37 -37.31
N ARG H 24 55.90 -39.18 -37.45
CA ARG H 24 56.46 -38.78 -38.73
C ARG H 24 57.84 -39.43 -38.94
N SER H 25 58.08 -40.02 -40.14
CA SER H 25 59.37 -40.63 -40.43
C SER H 25 60.46 -39.58 -40.33
N GLY H 26 61.51 -39.91 -39.59
CA GLY H 26 62.68 -39.06 -39.38
C GLY H 26 62.45 -37.88 -38.46
N SER H 27 61.59 -38.04 -37.43
CA SER H 27 61.29 -36.94 -36.51
C SER H 27 61.51 -37.29 -35.04
N SER H 28 61.21 -38.55 -34.70
CA SER H 28 61.23 -39.00 -33.32
C SER H 28 62.28 -40.05 -33.08
N GLU H 29 62.85 -39.97 -31.86
CA GLU H 29 63.96 -40.78 -31.40
C GLU H 29 63.88 -41.12 -29.93
N PHE H 30 64.81 -42.01 -29.52
CA PHE H 30 65.17 -42.36 -28.15
C PHE H 30 66.68 -42.21 -28.05
N ALA H 31 67.15 -41.98 -26.85
CA ALA H 31 68.59 -41.86 -26.59
C ALA H 31 69.01 -42.97 -25.68
N LEU H 32 70.09 -43.66 -26.07
CA LEU H 32 70.61 -44.82 -25.38
C LEU H 32 71.98 -44.48 -24.82
N PHE H 33 72.17 -44.73 -23.51
CA PHE H 33 73.41 -44.47 -22.77
C PHE H 33 73.95 -45.77 -22.24
N GLN H 34 75.28 -46.00 -22.34
CA GLN H 34 75.84 -47.28 -21.91
C GLN H 34 76.36 -47.15 -20.46
N ASP H 35 75.97 -48.14 -19.64
CA ASP H 35 76.37 -48.23 -18.24
C ASP H 35 77.84 -48.60 -18.18
N GLY H 36 78.57 -47.83 -17.37
CA GLY H 36 80.01 -47.99 -17.20
C GLY H 36 80.78 -47.00 -18.05
N TYR H 37 80.05 -46.25 -18.91
CA TYR H 37 80.58 -45.29 -19.85
C TYR H 37 79.74 -44.01 -19.77
N ALA H 38 79.93 -43.19 -18.68
CA ALA H 38 79.16 -41.96 -18.41
C ALA H 38 79.42 -40.88 -19.49
N LEU H 39 80.70 -40.50 -19.58
CA LEU H 39 81.36 -39.54 -20.47
C LEU H 39 81.39 -40.02 -21.97
N LYS H 40 80.79 -41.20 -22.27
CA LYS H 40 80.80 -41.83 -23.59
C LYS H 40 79.98 -41.10 -24.64
N GLY H 41 78.89 -40.46 -24.24
CA GLY H 41 78.01 -39.84 -25.21
C GLY H 41 76.97 -40.85 -25.66
N SER H 42 75.81 -40.33 -26.04
CA SER H 42 74.60 -41.07 -26.30
C SER H 42 74.55 -41.71 -27.71
N ILE H 43 73.76 -42.81 -27.81
CA ILE H 43 73.49 -43.56 -29.05
C ILE H 43 72.06 -43.26 -29.52
N PRO H 44 71.87 -42.74 -30.76
CA PRO H 44 70.51 -42.45 -31.21
C PRO H 44 69.77 -43.72 -31.58
N VAL H 45 68.46 -43.75 -31.28
CA VAL H 45 67.53 -44.83 -31.56
C VAL H 45 66.44 -44.22 -32.42
N TYR H 46 66.55 -44.37 -33.74
CA TYR H 46 65.63 -43.76 -34.69
C TYR H 46 64.35 -44.60 -34.83
N ILE H 47 63.19 -43.94 -34.60
CA ILE H 47 61.86 -44.55 -34.62
C ILE H 47 61.25 -44.40 -36.02
N ALA H 48 60.77 -45.55 -36.53
CA ALA H 48 60.10 -45.71 -37.81
C ALA H 48 58.70 -45.17 -37.69
N GLN H 49 58.14 -44.71 -38.84
CA GLN H 49 56.81 -44.13 -38.99
C GLN H 49 55.71 -44.92 -38.18
N ASP H 50 55.67 -46.25 -38.28
CA ASP H 50 54.68 -47.08 -37.58
C ASP H 50 54.97 -47.26 -36.07
N GLY H 51 55.96 -46.53 -35.56
CA GLY H 51 56.37 -46.57 -34.16
C GLY H 51 57.41 -47.60 -33.77
N SER H 52 57.83 -48.46 -34.71
CA SER H 52 58.84 -49.49 -34.39
C SER H 52 60.25 -48.93 -34.52
N TYR H 53 61.25 -49.63 -33.96
CA TYR H 53 62.65 -49.21 -34.05
C TYR H 53 63.56 -50.45 -34.09
N SER H 54 64.82 -50.24 -34.53
CA SER H 54 65.92 -51.20 -34.55
C SER H 54 67.21 -50.44 -34.47
N VAL H 55 68.15 -50.94 -33.67
CA VAL H 55 69.46 -50.32 -33.47
C VAL H 55 70.47 -51.44 -33.23
N SER H 56 71.62 -51.40 -33.92
CA SER H 56 72.65 -52.42 -33.69
C SER H 56 73.57 -51.93 -32.59
N LEU H 57 73.89 -52.84 -31.64
CA LEU H 57 74.70 -52.53 -30.46
C LEU H 57 75.69 -53.63 -30.08
N PHE H 58 76.73 -53.26 -29.32
CA PHE H 58 77.61 -54.24 -28.71
C PHE H 58 76.96 -54.71 -27.42
N ASN H 59 77.12 -56.01 -27.11
CA ASN H 59 76.54 -56.62 -25.92
C ASN H 59 77.02 -55.84 -24.68
N GLY H 60 76.05 -55.40 -23.88
CA GLY H 60 76.30 -54.57 -22.70
C GLY H 60 75.02 -53.98 -22.13
N ASP H 61 75.13 -53.34 -20.96
CA ASP H 61 73.97 -52.75 -20.27
C ASP H 61 73.76 -51.32 -20.70
N TYR H 62 72.52 -50.97 -21.02
CA TYR H 62 72.19 -49.63 -21.48
C TYR H 62 71.05 -49.01 -20.64
N LYS H 63 70.88 -47.69 -20.77
CA LYS H 63 69.83 -46.87 -20.17
C LYS H 63 69.22 -46.02 -21.29
N LEU H 64 67.89 -46.17 -21.52
CA LEU H 64 67.15 -45.46 -22.57
C LEU H 64 66.31 -44.33 -21.98
N VAL H 65 66.34 -43.16 -22.65
CA VAL H 65 65.54 -41.99 -22.25
C VAL H 65 64.75 -41.46 -23.45
N ARG H 66 63.57 -40.93 -23.13
CA ARG H 66 62.71 -40.30 -24.10
C ARG H 66 63.13 -38.86 -24.21
N MSE H 67 63.29 -38.39 -25.44
CA MSE H 67 63.73 -37.02 -25.72
C MSE H 67 63.34 -36.62 -27.15
O MSE H 67 62.54 -37.29 -27.83
CB MSE H 67 65.25 -36.86 -25.48
CG MSE H 67 66.10 -38.04 -26.01
SE MSE H 67 66.02 -38.45 -27.94
CE MSE H 67 66.97 -36.92 -28.69
N GLY H 68 63.94 -35.52 -27.59
CA GLY H 68 63.73 -34.97 -28.92
C GLY H 68 62.42 -34.21 -29.02
N ASN H 69 61.84 -34.26 -30.21
CA ASN H 69 60.61 -33.56 -30.51
C ASN H 69 59.41 -34.51 -30.60
N ALA H 70 59.58 -35.80 -30.20
CA ALA H 70 58.55 -36.84 -30.21
C ALA H 70 57.21 -36.36 -29.61
N PRO H 71 56.05 -36.75 -30.22
CA PRO H 71 54.76 -36.27 -29.70
C PRO H 71 54.26 -37.02 -28.44
N TRP H 72 55.16 -37.24 -27.49
CA TRP H 72 54.82 -37.86 -26.22
C TRP H 72 55.65 -37.24 -25.10
N GLU H 73 55.27 -37.52 -23.82
CA GLU H 73 56.00 -37.04 -22.65
C GLU H 73 57.42 -37.55 -22.71
N ARG H 74 58.39 -36.66 -22.48
CA ARG H 74 59.82 -36.93 -22.53
C ARG H 74 60.48 -36.57 -21.17
N PRO H 75 60.24 -37.38 -20.09
CA PRO H 75 60.92 -37.08 -18.81
C PRO H 75 62.40 -37.42 -18.83
N SER H 76 63.23 -36.50 -18.33
CA SER H 76 64.69 -36.63 -18.25
C SER H 76 65.10 -37.64 -17.20
N ASN H 77 64.45 -37.55 -16.04
CA ASN H 77 64.59 -38.35 -14.82
C ASN H 77 64.25 -39.85 -15.05
N ASP H 78 63.22 -40.15 -15.88
CA ASP H 78 62.75 -41.52 -16.13
C ASP H 78 63.62 -42.20 -17.21
N THR H 79 64.33 -43.27 -16.80
CA THR H 79 65.22 -44.11 -17.61
C THR H 79 64.68 -45.54 -17.69
N ILE H 80 65.02 -46.25 -18.77
CA ILE H 80 64.60 -47.65 -19.00
C ILE H 80 65.86 -48.48 -19.15
N TYR H 81 66.07 -49.48 -18.26
CA TYR H 81 67.26 -50.35 -18.29
C TYR H 81 67.01 -51.54 -19.22
N ILE H 82 67.95 -51.73 -20.18
CA ILE H 82 67.92 -52.77 -21.22
C ILE H 82 69.25 -53.51 -21.25
N THR H 83 69.22 -54.84 -20.98
CA THR H 83 70.42 -55.69 -21.05
C THR H 83 70.39 -56.41 -22.37
N VAL H 84 71.38 -56.15 -23.22
CA VAL H 84 71.47 -56.85 -24.49
C VAL H 84 72.63 -57.86 -24.39
N ARG H 85 72.23 -59.11 -24.54
CA ARG H 85 73.06 -60.31 -24.63
C ARG H 85 72.48 -61.08 -25.80
N GLY H 86 73.04 -60.81 -26.98
CA GLY H 86 72.55 -61.30 -28.27
C GLY H 86 71.40 -60.43 -28.71
N ASN H 87 70.75 -60.79 -29.83
CA ASN H 87 69.61 -60.06 -30.34
C ASN H 87 68.53 -60.04 -29.24
N THR H 88 68.06 -58.82 -28.90
CA THR H 88 67.14 -58.50 -27.83
C THR H 88 65.98 -57.65 -28.36
N VAL H 89 64.79 -57.81 -27.76
CA VAL H 89 63.57 -57.08 -28.13
C VAL H 89 62.94 -56.48 -26.84
N GLN H 90 62.62 -55.17 -26.85
CA GLN H 90 61.97 -54.51 -25.72
C GLN H 90 61.14 -53.31 -26.19
N ASP H 91 59.83 -53.34 -25.93
CA ASP H 91 58.95 -52.23 -26.27
C ASP H 91 59.13 -51.10 -25.24
N ILE H 92 58.97 -49.85 -25.70
CA ILE H 92 59.17 -48.66 -24.87
C ILE H 92 57.82 -47.97 -24.63
N PRO H 93 57.33 -48.00 -23.37
CA PRO H 93 56.04 -47.34 -23.09
C PRO H 93 56.20 -45.82 -23.18
N VAL H 94 55.25 -45.18 -23.86
CA VAL H 94 55.24 -43.73 -24.07
C VAL H 94 53.84 -43.25 -23.67
N THR H 95 53.72 -41.93 -23.35
CA THR H 95 52.50 -41.25 -22.98
C THR H 95 52.28 -40.13 -24.01
N PRO H 96 51.53 -40.40 -25.13
CA PRO H 96 51.28 -39.32 -26.10
C PRO H 96 50.40 -38.26 -25.47
N TYR H 97 50.46 -37.03 -25.98
CA TYR H 97 49.62 -35.97 -25.43
C TYR H 97 48.16 -36.26 -25.88
N PHE H 98 48.04 -36.57 -27.16
CA PHE H 98 46.83 -36.99 -27.86
C PHE H 98 47.15 -38.28 -28.62
N PHE H 99 46.17 -39.21 -28.66
CA PHE H 99 46.37 -40.47 -29.35
C PHE H 99 45.24 -40.69 -30.38
N VAL H 100 45.62 -41.19 -31.58
CA VAL H 100 44.67 -41.46 -32.68
C VAL H 100 44.48 -42.96 -32.78
N ARG H 101 43.22 -43.41 -32.72
CA ARG H 101 42.96 -44.85 -32.74
C ARG H 101 41.71 -45.19 -33.57
N ASN H 102 41.59 -46.46 -34.02
CA ASN H 102 40.45 -47.06 -34.76
C ASN H 102 40.16 -46.22 -36.03
N VAL H 103 41.19 -46.10 -36.84
CA VAL H 103 41.21 -45.30 -38.04
C VAL H 103 40.95 -46.17 -39.28
N SER H 104 40.01 -45.71 -40.13
CA SER H 104 39.63 -46.39 -41.36
C SER H 104 39.39 -45.36 -42.45
N PHE H 105 39.64 -45.74 -43.71
CA PHE H 105 39.46 -44.85 -44.87
C PHE H 105 38.72 -45.55 -45.97
N ALA H 106 37.97 -44.77 -46.78
CA ALA H 106 37.24 -45.28 -47.91
C ALA H 106 37.09 -44.24 -49.00
N LYS H 107 37.20 -44.65 -50.26
CA LYS H 107 36.96 -43.74 -51.39
C LYS H 107 35.46 -43.64 -51.56
N ASN H 108 34.94 -42.42 -51.65
CA ASN H 108 33.53 -42.11 -51.87
C ASN H 108 33.51 -40.95 -52.82
N GLY H 109 33.40 -41.28 -54.11
CA GLY H 109 33.40 -40.32 -55.20
C GLY H 109 34.79 -39.78 -55.44
N ASN H 110 34.94 -38.44 -55.36
CA ASN H 110 36.24 -37.77 -55.50
C ASN H 110 36.80 -37.46 -54.11
N LYS H 111 36.31 -38.18 -53.09
CA LYS H 111 36.69 -37.91 -51.71
C LYS H 111 37.13 -39.18 -50.97
N ILE H 112 37.89 -39.00 -49.90
CA ILE H 112 38.35 -40.06 -49.01
C ILE H 112 37.66 -39.83 -47.68
N THR H 113 36.82 -40.76 -47.28
CA THR H 113 36.08 -40.66 -46.03
C THR H 113 36.95 -41.25 -44.94
N ALA H 114 37.36 -40.40 -43.99
CA ALA H 114 38.20 -40.78 -42.87
C ALA H 114 37.38 -40.90 -41.61
N ARG H 115 37.49 -42.03 -40.91
CA ARG H 115 36.83 -42.29 -39.63
C ARG H 115 37.91 -42.54 -38.59
N PHE H 116 37.86 -41.84 -37.46
CA PHE H 116 38.90 -41.87 -36.44
C PHE H 116 38.40 -41.47 -35.07
N THR H 117 39.13 -41.90 -34.05
CA THR H 117 38.86 -41.60 -32.65
C THR H 117 40.08 -40.93 -32.09
N ILE H 118 39.88 -39.87 -31.27
CA ILE H 118 40.96 -39.11 -30.66
C ILE H 118 40.78 -39.11 -29.15
N ASN H 119 41.89 -39.38 -28.41
CA ASN H 119 41.93 -39.35 -26.96
C ASN H 119 42.88 -38.28 -26.45
N LYS H 120 42.48 -37.58 -25.39
CA LYS H 120 43.38 -36.61 -24.75
C LYS H 120 43.95 -37.37 -23.56
N VAL H 121 45.19 -37.86 -23.69
CA VAL H 121 45.89 -38.71 -22.73
C VAL H 121 46.53 -37.83 -21.63
N VAL H 122 47.15 -36.68 -22.02
CA VAL H 122 47.79 -35.74 -21.10
C VAL H 122 46.79 -34.62 -20.87
N ALA H 123 46.21 -34.54 -19.65
CA ALA H 123 45.17 -33.56 -19.27
C ALA H 123 45.63 -32.10 -19.43
N ASN H 124 46.92 -31.88 -19.20
CA ASN H 124 47.65 -30.61 -19.27
C ASN H 124 47.70 -30.05 -20.71
N ALA H 125 47.81 -30.95 -21.72
CA ALA H 125 47.96 -30.64 -23.16
C ALA H 125 46.73 -30.02 -23.76
N ASN H 126 46.94 -29.19 -24.78
CA ASN H 126 45.87 -28.52 -25.50
C ASN H 126 46.03 -28.77 -26.99
N MSE H 127 44.93 -29.20 -27.64
CA MSE H 127 44.89 -29.53 -29.06
C MSE H 127 45.08 -28.25 -29.95
O MSE H 127 44.51 -27.19 -29.67
CB MSE H 127 43.55 -30.19 -29.30
CG MSE H 127 43.25 -30.53 -30.74
SE MSE H 127 41.78 -31.83 -30.83
CE MSE H 127 40.33 -30.98 -29.71
N GLU H 128 45.94 -28.35 -30.98
CA GLU H 128 46.20 -27.25 -31.88
C GLU H 128 45.50 -27.41 -33.22
N ASN H 129 45.58 -28.61 -33.83
CA ASN H 129 44.95 -28.79 -35.13
C ASN H 129 44.98 -30.24 -35.54
N VAL H 130 43.84 -30.79 -35.93
CA VAL H 130 43.72 -32.18 -36.41
C VAL H 130 43.78 -32.13 -37.92
N GLY H 131 44.57 -33.01 -38.51
CA GLY H 131 44.71 -33.08 -39.96
C GLY H 131 44.53 -34.43 -40.58
N ILE H 132 43.97 -34.44 -41.81
CA ILE H 132 43.85 -35.61 -42.69
C ILE H 132 44.85 -35.36 -43.82
N TYR H 133 45.70 -36.37 -44.11
CA TYR H 133 46.75 -36.24 -45.13
C TYR H 133 46.63 -37.35 -46.15
N LEU H 134 46.85 -37.01 -47.43
CA LEU H 134 46.87 -37.92 -48.55
C LEU H 134 48.24 -37.81 -49.24
N GLY H 135 48.87 -38.96 -49.49
CA GLY H 135 50.18 -39.00 -50.10
C GLY H 135 50.32 -40.05 -51.19
N THR H 136 51.37 -39.93 -52.02
CA THR H 136 51.58 -40.88 -53.12
C THR H 136 52.21 -42.16 -52.58
N GLY H 137 53.08 -42.01 -51.58
CA GLY H 137 53.84 -43.09 -50.97
C GLY H 137 53.51 -43.42 -49.52
N ILE H 138 53.97 -44.61 -49.07
CA ILE H 138 53.76 -45.20 -47.74
C ILE H 138 54.16 -44.15 -46.66
N LEU H 139 55.12 -43.26 -46.91
CA LEU H 139 55.45 -42.20 -45.95
C LEU H 139 54.66 -40.94 -46.25
N THR H 140 53.65 -40.69 -45.41
CA THR H 140 52.73 -39.54 -45.49
C THR H 140 52.67 -38.92 -44.07
N ASP H 141 52.87 -37.60 -43.98
CA ASP H 141 52.92 -36.81 -42.74
C ASP H 141 52.62 -35.37 -43.05
N GLU H 142 52.53 -34.47 -42.04
CA GLU H 142 52.23 -33.05 -42.23
C GLU H 142 53.29 -32.38 -43.19
N LYS H 143 54.51 -32.94 -43.32
CA LYS H 143 55.53 -32.34 -44.19
C LYS H 143 55.48 -32.97 -45.64
N GLN H 144 55.27 -34.32 -45.72
CA GLN H 144 55.18 -35.05 -47.00
C GLN H 144 53.74 -35.44 -47.25
N LYS H 145 53.10 -34.82 -48.25
CA LYS H 145 51.70 -35.01 -48.63
C LYS H 145 51.41 -34.46 -50.03
N GLU H 146 50.23 -34.81 -50.51
CA GLU H 146 49.76 -34.35 -51.79
C GLU H 146 48.52 -33.50 -51.56
N ALA H 147 47.91 -33.66 -50.36
CA ALA H 147 46.74 -32.92 -49.90
C ALA H 147 46.60 -32.97 -48.39
N GLU H 148 46.12 -31.88 -47.78
CA GLU H 148 45.85 -31.87 -46.33
C GLU H 148 44.49 -31.22 -46.07
N LEU H 149 43.97 -31.53 -44.88
CA LEU H 149 42.72 -30.97 -44.40
C LEU H 149 42.92 -30.62 -42.94
N LYS H 150 42.84 -29.31 -42.59
CA LYS H 150 43.02 -28.88 -41.20
C LYS H 150 41.60 -28.71 -40.61
N LEU H 151 41.25 -29.55 -39.61
CA LEU H 151 39.89 -29.59 -39.03
C LEU H 151 39.71 -28.69 -37.79
N GLY H 152 40.77 -28.06 -37.34
CA GLY H 152 40.68 -27.21 -36.17
C GLY H 152 41.05 -27.95 -34.90
N ASN H 153 40.64 -27.40 -33.75
CA ASN H 153 41.06 -27.99 -32.48
C ASN H 153 39.88 -28.16 -31.52
N THR H 154 38.68 -28.44 -32.05
CA THR H 154 37.53 -28.66 -31.16
C THR H 154 36.87 -30.01 -31.54
N VAL H 155 37.65 -30.91 -32.17
CA VAL H 155 37.18 -32.25 -32.54
C VAL H 155 36.77 -32.99 -31.23
N SER H 156 35.55 -33.60 -31.21
CA SER H 156 35.08 -34.36 -30.05
C SER H 156 36.03 -35.54 -29.74
N LEU H 157 36.14 -35.85 -28.46
CA LEU H 157 37.06 -36.86 -27.98
C LEU H 157 36.37 -38.16 -27.59
N ASP H 158 37.15 -39.23 -27.49
CA ASP H 158 36.76 -40.58 -27.05
C ASP H 158 35.51 -41.11 -27.81
N GLN H 159 35.40 -40.78 -29.11
CA GLN H 159 34.30 -41.17 -29.98
C GLN H 159 34.71 -41.06 -31.44
N GLU H 160 34.05 -41.82 -32.32
CA GLU H 160 34.35 -41.80 -33.74
C GLU H 160 33.93 -40.47 -34.37
N ASN H 161 34.73 -39.97 -35.26
CA ASN H 161 34.39 -38.77 -36.05
C ASN H 161 34.67 -39.08 -37.50
N THR H 162 33.97 -38.44 -38.42
CA THR H 162 34.10 -38.62 -39.86
C THR H 162 34.46 -37.29 -40.49
N ALA H 163 35.42 -37.31 -41.41
CA ALA H 163 35.83 -36.17 -42.23
C ALA H 163 36.14 -36.63 -43.63
N GLU H 164 35.85 -35.78 -44.62
CA GLU H 164 36.06 -36.11 -46.02
C GLU H 164 37.02 -35.14 -46.65
N ILE H 165 38.14 -35.69 -47.17
CA ILE H 165 39.19 -34.93 -47.87
C ILE H 165 39.08 -35.24 -49.36
N GLU H 166 39.12 -34.20 -50.19
CA GLU H 166 39.01 -34.32 -51.61
C GLU H 166 40.33 -34.83 -52.20
N ILE H 167 40.23 -35.81 -53.12
CA ILE H 167 41.37 -36.42 -53.79
C ILE H 167 41.95 -35.35 -54.74
N PRO H 168 43.25 -34.98 -54.57
CA PRO H 168 43.84 -33.94 -55.43
C PRO H 168 44.00 -34.40 -56.87
N SER H 169 44.14 -33.43 -57.79
CA SER H 169 44.29 -33.64 -59.24
C SER H 169 45.42 -34.62 -59.60
N GLY H 170 46.56 -34.48 -58.93
CA GLY H 170 47.71 -35.32 -59.21
C GLY H 170 47.71 -36.68 -58.54
N LEU H 171 46.53 -37.11 -58.09
CA LEU H 171 46.46 -38.38 -57.39
C LEU H 171 45.18 -39.12 -57.79
N VAL H 172 44.26 -38.44 -58.48
CA VAL H 172 42.93 -38.94 -58.86
C VAL H 172 43.05 -40.08 -59.93
N ASN H 173 44.11 -40.12 -60.74
CA ASN H 173 44.18 -41.17 -61.75
C ASN H 173 45.21 -42.23 -61.36
N GLU H 174 45.57 -42.27 -60.08
CA GLU H 174 46.50 -43.28 -59.55
C GLU H 174 45.72 -44.52 -59.11
N SER H 175 46.40 -45.67 -59.09
CA SER H 175 45.83 -46.97 -58.75
C SER H 175 45.39 -47.03 -57.29
N TYR H 176 46.11 -46.28 -56.41
CA TYR H 176 45.88 -46.18 -54.97
C TYR H 176 46.64 -45.00 -54.38
N LEU H 177 46.38 -44.68 -53.11
CA LEU H 177 47.08 -43.63 -52.37
C LEU H 177 47.22 -44.05 -50.89
N TYR H 178 47.94 -43.23 -50.10
CA TYR H 178 48.11 -43.49 -48.68
C TYR H 178 47.47 -42.37 -47.90
N ALA H 179 46.64 -42.74 -46.91
CA ALA H 179 45.91 -41.78 -46.11
C ALA H 179 46.30 -41.89 -44.65
N ARG H 180 46.23 -40.77 -43.93
CA ARG H 180 46.64 -40.73 -42.54
C ARG H 180 45.97 -39.57 -41.77
N VAL H 181 45.76 -39.76 -40.46
CA VAL H 181 45.17 -38.78 -39.55
C VAL H 181 46.24 -38.38 -38.55
N GLY H 182 46.47 -37.07 -38.42
CA GLY H 182 47.41 -36.47 -37.47
C GLY H 182 46.77 -35.52 -36.48
N VAL H 183 47.21 -35.54 -35.17
CA VAL H 183 46.73 -34.59 -34.14
C VAL H 183 47.97 -33.90 -33.49
N LYS H 184 48.00 -32.56 -33.49
CA LYS H 184 49.10 -31.78 -32.89
C LYS H 184 48.65 -31.07 -31.62
N SER H 185 49.48 -31.16 -30.56
CA SER H 185 49.25 -30.47 -29.29
C SER H 185 50.18 -29.28 -29.15
N ASP H 186 49.97 -28.46 -28.11
CA ASP H 186 50.80 -27.31 -27.78
C ASP H 186 52.07 -27.75 -27.01
N LYS H 187 52.25 -29.07 -26.70
CA LYS H 187 53.35 -29.55 -25.88
C LYS H 187 54.47 -30.23 -26.71
N SER H 188 54.27 -30.39 -28.03
CA SER H 188 55.26 -30.99 -28.95
C SER H 188 55.22 -30.29 -30.31
N SER H 189 56.38 -30.23 -30.99
CA SER H 189 56.53 -29.61 -32.29
C SER H 189 56.12 -30.58 -33.40
N GLU H 190 55.80 -31.84 -32.99
CA GLU H 190 55.41 -32.90 -33.89
C GLU H 190 53.96 -33.37 -33.66
N TYR H 191 53.32 -33.82 -34.77
CA TYR H 191 51.99 -34.44 -34.73
C TYR H 191 52.09 -35.89 -34.29
N CYS H 192 51.01 -36.40 -33.74
CA CYS H 192 50.87 -37.80 -33.45
C CYS H 192 49.89 -38.39 -34.48
N TYR H 193 50.28 -39.48 -35.16
CA TYR H 193 49.49 -39.96 -36.26
C TYR H 193 48.96 -41.36 -36.10
N SER H 194 47.98 -41.65 -36.98
CA SER H 194 47.41 -42.97 -37.21
C SER H 194 48.36 -43.76 -38.05
N GLN H 195 48.00 -44.98 -38.41
CA GLN H 195 48.88 -45.69 -39.33
C GLN H 195 48.66 -45.17 -40.77
N SER H 196 49.70 -45.23 -41.61
CA SER H 196 49.55 -44.84 -43.01
C SER H 196 48.88 -45.99 -43.72
N ILE H 197 47.63 -45.80 -44.14
CA ILE H 197 46.81 -46.85 -44.73
C ILE H 197 46.62 -46.63 -46.26
N LYS H 198 46.96 -47.68 -47.07
CA LYS H 198 46.75 -47.75 -48.51
C LYS H 198 45.23 -47.72 -48.78
N VAL H 199 44.81 -46.92 -49.77
CA VAL H 199 43.39 -46.78 -50.15
C VAL H 199 43.30 -46.97 -51.66
N ALA H 200 42.57 -48.01 -52.11
CA ALA H 200 42.41 -48.28 -53.55
C ALA H 200 41.56 -47.22 -54.20
N LEU H 201 41.98 -46.73 -55.38
CA LEU H 201 41.22 -45.71 -56.11
C LEU H 201 40.59 -46.31 -57.39
N LYS H 202 41.09 -47.47 -57.81
CA LYS H 202 40.66 -48.23 -58.96
C LYS H 202 40.36 -49.67 -58.54
N LYS I 7 37.00 17.70 1.74
CA LYS I 7 38.40 17.91 2.09
C LYS I 7 39.34 17.41 0.95
N ALA I 8 40.62 17.91 0.91
CA ALA I 8 41.64 17.64 -0.12
C ALA I 8 42.31 16.27 0.02
N THR I 9 43.10 15.87 -1.03
CA THR I 9 43.83 14.59 -1.08
C THR I 9 45.33 14.83 -1.26
N LEU I 10 46.14 14.36 -0.29
CA LEU I 10 47.62 14.41 -0.36
C LEU I 10 48.14 13.05 -0.77
N THR I 11 48.81 12.99 -1.93
CA THR I 11 49.37 11.72 -2.42
C THR I 11 50.88 11.91 -2.68
N GLY I 12 51.59 10.80 -2.89
CA GLY I 12 53.03 10.83 -3.15
C GLY I 12 53.64 9.46 -3.05
N LYS I 13 54.97 9.41 -2.85
CA LYS I 13 55.78 8.19 -2.73
C LYS I 13 56.96 8.36 -1.80
N ALA I 14 57.40 7.26 -1.12
CA ALA I 14 58.65 7.25 -0.36
C ALA I 14 59.78 7.04 -1.37
N ILE I 15 60.60 8.07 -1.61
CA ILE I 15 61.60 8.06 -2.68
C ILE I 15 63.05 7.96 -2.15
N TYR I 16 63.86 7.19 -2.89
CA TYR I 16 65.30 7.03 -2.76
C TYR I 16 65.90 6.86 -4.16
N ASP I 17 66.91 7.68 -4.50
CA ASP I 17 67.62 7.68 -5.80
C ASP I 17 66.57 7.71 -6.95
N GLY I 18 65.51 8.50 -6.75
CA GLY I 18 64.42 8.67 -7.70
C GLY I 18 63.51 7.47 -7.92
N GLU I 19 63.58 6.48 -7.01
CA GLU I 19 62.77 5.27 -7.07
C GLU I 19 61.88 5.13 -5.84
N ALA I 20 60.66 4.57 -6.00
CA ALA I 20 59.76 4.29 -4.87
C ALA I 20 60.33 3.12 -4.06
N VAL I 21 60.49 3.32 -2.75
CA VAL I 21 61.08 2.32 -1.85
C VAL I 21 59.98 1.29 -1.45
N GLY I 22 60.13 0.06 -1.94
CA GLY I 22 59.18 -1.02 -1.67
C GLY I 22 59.20 -1.44 -0.22
N VAL I 23 58.04 -1.69 0.37
CA VAL I 23 57.97 -2.05 1.78
C VAL I 23 56.83 -3.13 2.00
N ARG I 24 56.69 -3.66 3.22
CA ARG I 24 55.62 -4.62 3.53
C ARG I 24 54.29 -3.89 3.75
N SER I 25 53.22 -4.36 3.09
CA SER I 25 51.91 -3.71 3.23
C SER I 25 51.47 -3.79 4.71
N GLY I 26 51.02 -2.64 5.22
CA GLY I 26 50.59 -2.45 6.60
C GLY I 26 51.68 -2.50 7.65
N SER I 27 52.90 -2.01 7.32
CA SER I 27 54.02 -2.01 8.27
C SER I 27 54.62 -0.62 8.50
N SER I 28 54.63 0.22 7.43
CA SER I 28 55.31 1.50 7.44
C SER I 28 54.36 2.65 7.25
N GLU I 29 54.71 3.78 7.90
CA GLU I 29 53.94 5.03 7.96
C GLU I 29 54.79 6.27 8.00
N PHE I 30 54.09 7.41 7.91
CA PHE I 30 54.56 8.77 8.16
C PHE I 30 53.59 9.40 9.12
N ALA I 31 54.06 10.39 9.87
CA ALA I 31 53.24 11.12 10.82
C ALA I 31 53.11 12.56 10.36
N LEU I 32 51.87 13.05 10.33
CA LEU I 32 51.55 14.39 9.87
C LEU I 32 51.04 15.22 11.03
N PHE I 33 51.63 16.39 11.25
CA PHE I 33 51.26 17.34 12.32
C PHE I 33 50.82 18.68 11.75
N GLN I 34 49.89 19.36 12.39
CA GLN I 34 49.42 20.65 11.89
C GLN I 34 49.73 21.73 12.93
N ASP I 35 49.97 22.97 12.45
CA ASP I 35 50.30 24.11 13.33
C ASP I 35 49.00 24.64 13.96
N GLY I 36 48.61 24.00 15.08
CA GLY I 36 47.42 24.31 15.86
C GLY I 36 47.10 23.27 16.91
N SER I 42 48.67 13.64 16.19
CA SER I 42 49.23 13.43 14.84
C SER I 42 48.26 12.68 13.93
N ILE I 43 48.41 12.85 12.60
CA ILE I 43 47.61 12.18 11.56
C ILE I 43 48.46 11.08 10.91
N PRO I 44 48.00 9.79 10.92
CA PRO I 44 48.81 8.74 10.30
C PRO I 44 48.68 8.77 8.79
N VAL I 45 49.80 8.47 8.13
CA VAL I 45 49.90 8.37 6.67
C VAL I 45 50.37 6.94 6.42
N TYR I 46 49.45 6.09 5.97
CA TYR I 46 49.75 4.69 5.75
C TYR I 46 50.31 4.49 4.35
N ILE I 47 51.53 3.90 4.29
CA ILE I 47 52.26 3.66 3.06
C ILE I 47 51.92 2.28 2.49
N ALA I 48 51.53 2.22 1.19
CA ALA I 48 51.25 0.98 0.47
C ALA I 48 52.55 0.19 0.29
N GLN I 49 52.46 -1.05 -0.22
CA GLN I 49 53.65 -1.87 -0.37
C GLN I 49 54.58 -1.32 -1.48
N ASP I 50 54.04 -0.54 -2.45
CA ASP I 50 54.83 -0.02 -3.57
C ASP I 50 55.44 1.35 -3.24
N GLY I 51 55.46 1.71 -1.96
CA GLY I 51 55.99 2.97 -1.47
C GLY I 51 55.10 4.18 -1.64
N SER I 52 53.91 4.03 -2.23
CA SER I 52 53.01 5.16 -2.45
C SER I 52 52.04 5.33 -1.31
N TYR I 53 51.44 6.52 -1.21
CA TYR I 53 50.47 6.81 -0.16
C TYR I 53 49.38 7.76 -0.68
N SER I 54 48.34 7.93 0.17
CA SER I 54 47.22 8.86 0.00
C SER I 54 46.59 9.07 1.36
N VAL I 55 46.22 10.32 1.66
CA VAL I 55 45.62 10.72 2.93
C VAL I 55 44.71 11.90 2.63
N SER I 56 43.45 11.85 3.11
CA SER I 56 42.55 12.99 2.92
C SER I 56 42.72 13.90 4.11
N LEU I 57 42.88 15.19 3.83
CA LEU I 57 43.13 16.22 4.83
C LEU I 57 42.35 17.47 4.59
N PHE I 58 42.23 18.32 5.63
CA PHE I 58 41.68 19.65 5.43
C PHE I 58 42.82 20.53 4.92
N ASN I 59 42.49 21.55 4.12
CA ASN I 59 43.50 22.47 3.60
C ASN I 59 44.22 23.16 4.75
N GLY I 60 45.54 23.26 4.65
CA GLY I 60 46.36 23.87 5.68
C GLY I 60 47.84 23.61 5.52
N ASP I 61 48.61 23.99 6.54
CA ASP I 61 50.05 23.82 6.57
C ASP I 61 50.38 22.69 7.54
N TYR I 62 51.04 21.64 7.03
CA TYR I 62 51.40 20.43 7.78
C TYR I 62 52.90 20.21 7.84
N LYS I 63 53.34 19.51 8.89
CA LYS I 63 54.73 19.07 9.12
C LYS I 63 54.74 17.55 9.16
N LEU I 64 55.51 16.90 8.24
CA LEU I 64 55.60 15.44 8.16
C LEU I 64 56.91 14.97 8.77
N VAL I 65 56.82 13.95 9.64
CA VAL I 65 58.00 13.31 10.22
C VAL I 65 57.94 11.82 9.91
N ARG I 66 59.13 11.23 9.77
CA ARG I 66 59.32 9.80 9.56
C ARG I 66 59.35 9.15 10.91
N MSE I 67 58.79 7.95 10.99
CA MSE I 67 58.72 7.19 12.25
C MSE I 67 58.30 5.75 11.97
O MSE I 67 58.42 5.24 10.84
CB MSE I 67 57.75 7.86 13.25
CG MSE I 67 56.44 8.41 12.63
SE MSE I 67 55.18 7.15 11.86
CE MSE I 67 54.62 6.19 13.46
N GLY I 68 57.82 5.11 13.04
CA GLY I 68 57.36 3.73 13.02
C GLY I 68 58.51 2.75 12.88
N ASN I 69 58.22 1.62 12.23
CA ASN I 69 59.16 0.54 12.04
C ASN I 69 59.68 0.47 10.61
N ALA I 70 59.39 1.51 9.79
CA ALA I 70 59.84 1.63 8.39
C ALA I 70 61.35 1.31 8.22
N PRO I 71 61.72 0.62 7.11
CA PRO I 71 63.13 0.23 6.93
C PRO I 71 64.02 1.37 6.40
N TRP I 72 63.88 2.57 6.95
CA TRP I 72 64.71 3.72 6.61
C TRP I 72 64.96 4.57 7.83
N GLU I 73 65.91 5.52 7.74
CA GLU I 73 66.22 6.43 8.84
C GLU I 73 64.99 7.23 9.18
N ARG I 74 64.70 7.33 10.49
CA ARG I 74 63.53 8.00 11.04
C ARG I 74 63.96 9.13 12.02
N PRO I 75 64.58 10.25 11.52
CA PRO I 75 64.98 11.32 12.44
C PRO I 75 63.77 12.12 12.95
N SER I 76 63.79 12.37 14.28
CA SER I 76 62.78 13.11 15.03
C SER I 76 62.83 14.60 14.67
N ASN I 77 64.07 15.14 14.63
CA ASN I 77 64.44 16.52 14.33
C ASN I 77 64.06 16.97 12.90
N ASP I 78 64.19 16.07 11.90
CA ASP I 78 63.94 16.37 10.49
C ASP I 78 62.43 16.29 10.19
N THR I 79 61.85 17.44 9.80
CA THR I 79 60.46 17.63 9.41
C THR I 79 60.38 18.07 7.94
N ILE I 80 59.28 17.75 7.26
CA ILE I 80 59.01 18.15 5.89
C ILE I 80 57.75 18.99 5.88
N TYR I 81 57.86 20.24 5.45
CA TYR I 81 56.74 21.16 5.45
C TYR I 81 55.98 21.00 4.15
N ILE I 82 54.68 20.69 4.27
CA ILE I 82 53.76 20.45 3.17
C ILE I 82 52.60 21.42 3.26
N THR I 83 52.39 22.20 2.19
CA THR I 83 51.29 23.13 2.13
C THR I 83 50.24 22.50 1.23
N VAL I 84 49.06 22.21 1.80
CA VAL I 84 48.00 21.59 1.04
C VAL I 84 46.89 22.64 0.84
N ARG I 85 46.68 23.00 -0.43
CA ARG I 85 45.66 23.90 -0.96
C ARG I 85 45.08 23.19 -2.17
N GLY I 86 44.02 22.43 -1.93
CA GLY I 86 43.40 21.55 -2.91
C GLY I 86 44.20 20.26 -2.99
N ASN I 87 43.86 19.36 -3.92
CA ASN I 87 44.58 18.11 -4.07
C ASN I 87 46.05 18.44 -4.36
N THR I 88 46.94 17.89 -3.51
CA THR I 88 48.38 18.14 -3.53
C THR I 88 49.14 16.80 -3.60
N VAL I 89 50.29 16.82 -4.29
CA VAL I 89 51.15 15.66 -4.45
C VAL I 89 52.59 16.04 -4.03
N GLN I 90 53.20 15.26 -3.12
CA GLN I 90 54.57 15.51 -2.69
C GLN I 90 55.27 14.19 -2.32
N ASP I 91 56.38 13.88 -2.99
CA ASP I 91 57.15 12.69 -2.68
C ASP I 91 58.00 12.97 -1.43
N ILE I 92 58.20 11.94 -0.61
CA ILE I 92 58.93 12.06 0.65
C ILE I 92 60.27 11.34 0.54
N PRO I 93 61.39 12.09 0.56
CA PRO I 93 62.70 11.43 0.49
C PRO I 93 62.99 10.67 1.77
N VAL I 94 63.49 9.45 1.60
CA VAL I 94 63.86 8.56 2.69
C VAL I 94 65.26 8.04 2.40
N THR I 95 65.96 7.60 3.45
CA THR I 95 67.28 7.00 3.28
C THR I 95 67.17 5.59 3.89
N PRO I 96 66.93 4.55 3.04
CA PRO I 96 66.92 3.16 3.54
C PRO I 96 68.28 2.71 4.08
N TYR I 97 68.29 1.71 4.97
CA TYR I 97 69.57 1.23 5.51
C TYR I 97 70.29 0.46 4.40
N PHE I 98 69.51 -0.38 3.74
CA PHE I 98 69.84 -1.17 2.56
C PHE I 98 68.76 -0.96 1.52
N PHE I 99 69.16 -0.91 0.25
CA PHE I 99 68.20 -0.69 -0.84
C PHE I 99 68.34 -1.80 -1.91
N VAL I 100 67.19 -2.27 -2.43
CA VAL I 100 67.14 -3.32 -3.48
C VAL I 100 66.77 -2.67 -4.82
N ARG I 101 67.60 -2.88 -5.85
CA ARG I 101 67.32 -2.30 -7.17
C ARG I 101 67.61 -3.28 -8.29
N ASN I 102 67.20 -2.93 -9.54
CA ASN I 102 67.43 -3.62 -10.82
C ASN I 102 67.13 -5.14 -10.67
N VAL I 103 65.90 -5.39 -10.20
CA VAL I 103 65.37 -6.71 -9.89
C VAL I 103 64.60 -7.29 -11.07
N SER I 104 64.92 -8.52 -11.46
CA SER I 104 64.27 -9.26 -12.52
C SER I 104 64.07 -10.71 -12.13
N PHE I 105 63.04 -11.35 -12.66
CA PHE I 105 62.78 -12.76 -12.38
C PHE I 105 62.43 -13.52 -13.64
N ALA I 106 62.73 -14.81 -13.63
CA ALA I 106 62.44 -15.67 -14.76
C ALA I 106 62.20 -17.08 -14.31
N LYS I 107 61.23 -17.76 -14.93
CA LYS I 107 61.01 -19.17 -14.64
C LYS I 107 62.07 -19.99 -15.41
N ASN I 108 62.77 -20.87 -14.71
CA ASN I 108 63.76 -21.77 -15.27
C ASN I 108 63.54 -23.13 -14.62
N GLY I 109 62.74 -23.94 -15.31
CA GLY I 109 62.35 -25.25 -14.84
C GLY I 109 61.31 -25.16 -13.75
N ASN I 110 61.61 -25.75 -12.58
CA ASN I 110 60.75 -25.71 -11.39
C ASN I 110 61.26 -24.62 -10.45
N LYS I 111 62.06 -23.68 -10.99
CA LYS I 111 62.69 -22.63 -10.19
C LYS I 111 62.41 -21.24 -10.79
N ILE I 112 62.57 -20.23 -9.93
CA ILE I 112 62.46 -18.81 -10.30
C ILE I 112 63.83 -18.23 -10.12
N THR I 113 64.45 -17.80 -11.21
CA THR I 113 65.77 -17.19 -11.17
C THR I 113 65.61 -15.71 -10.85
N ALA I 114 66.12 -15.30 -9.67
CA ALA I 114 66.05 -13.92 -9.22
C ALA I 114 67.39 -13.24 -9.42
N ARG I 115 67.39 -12.07 -10.07
CA ARG I 115 68.57 -11.24 -10.29
C ARG I 115 68.31 -9.91 -9.62
N PHE I 116 69.26 -9.43 -8.80
CA PHE I 116 69.07 -8.23 -7.98
C PHE I 116 70.39 -7.61 -7.56
N THR I 117 70.34 -6.33 -7.22
CA THR I 117 71.48 -5.56 -6.73
C THR I 117 71.08 -5.00 -5.36
N ILE I 118 72.02 -5.00 -4.40
CA ILE I 118 71.82 -4.51 -3.03
C ILE I 118 72.86 -3.46 -2.71
N ASN I 119 72.39 -2.33 -2.14
CA ASN I 119 73.25 -1.23 -1.74
C ASN I 119 73.20 -1.02 -0.23
N LYS I 120 74.37 -0.76 0.40
CA LYS I 120 74.41 -0.40 1.80
C LYS I 120 74.44 1.13 1.81
N VAL I 121 73.29 1.75 2.11
CA VAL I 121 73.10 3.20 2.04
C VAL I 121 73.57 3.84 3.37
N VAL I 122 73.21 3.23 4.51
CA VAL I 122 73.61 3.70 5.86
C VAL I 122 74.83 2.87 6.28
N ALA I 123 76.03 3.49 6.36
CA ALA I 123 77.30 2.82 6.67
C ALA I 123 77.31 2.17 8.06
N ASN I 124 76.54 2.75 8.99
CA ASN I 124 76.36 2.31 10.36
C ASN I 124 75.62 0.95 10.45
N ALA I 125 74.67 0.69 9.54
CA ALA I 125 73.80 -0.49 9.49
C ALA I 125 74.55 -1.76 9.14
N ASN I 126 74.03 -2.90 9.61
CA ASN I 126 74.58 -4.23 9.36
C ASN I 126 73.46 -5.16 8.85
N MSE I 127 73.74 -5.89 7.76
CA MSE I 127 72.79 -6.79 7.11
C MSE I 127 72.49 -8.00 7.99
O MSE I 127 73.41 -8.60 8.52
CB MSE I 127 73.40 -7.24 5.79
CG MSE I 127 72.58 -8.23 5.00
SE MSE I 127 73.07 -8.04 3.13
CE MSE I 127 74.82 -8.73 3.05
N GLU I 128 71.22 -8.38 8.10
CA GLU I 128 70.81 -9.55 8.87
C GLU I 128 70.45 -10.71 7.96
N ASN I 129 69.71 -10.41 6.88
CA ASN I 129 69.28 -11.42 5.93
C ASN I 129 68.78 -10.77 4.62
N VAL I 130 68.93 -11.53 3.54
CA VAL I 130 68.40 -11.29 2.21
C VAL I 130 67.42 -12.40 1.97
N GLY I 131 66.22 -12.10 1.50
CA GLY I 131 65.24 -13.12 1.20
C GLY I 131 64.60 -12.96 -0.16
N ILE I 132 64.26 -14.10 -0.81
CA ILE I 132 63.48 -14.18 -2.05
C ILE I 132 62.15 -14.74 -1.65
N TYR I 133 61.07 -14.08 -2.06
CA TYR I 133 59.72 -14.51 -1.69
C TYR I 133 58.86 -14.73 -2.93
N LEU I 134 58.06 -15.79 -2.90
CA LEU I 134 57.06 -16.12 -3.92
C LEU I 134 55.67 -16.10 -3.27
N GLY I 135 54.72 -15.42 -3.89
CA GLY I 135 53.35 -15.36 -3.39
C GLY I 135 52.29 -15.57 -4.46
N THR I 136 51.04 -15.87 -4.04
CA THR I 136 49.95 -16.08 -5.01
C THR I 136 49.42 -14.71 -5.47
N GLY I 137 49.44 -13.74 -4.55
CA GLY I 137 48.91 -12.40 -4.76
C GLY I 137 49.92 -11.28 -4.81
N ILE I 138 49.47 -10.12 -5.33
CA ILE I 138 50.25 -8.89 -5.52
C ILE I 138 50.94 -8.51 -4.16
N LEU I 139 50.34 -8.79 -2.99
CA LEU I 139 51.04 -8.52 -1.73
C LEU I 139 51.86 -9.74 -1.29
N THR I 140 53.17 -9.64 -1.42
CA THR I 140 54.13 -10.69 -1.08
C THR I 140 55.21 -10.05 -0.21
N ASP I 141 55.55 -10.69 0.91
CA ASP I 141 56.54 -10.17 1.85
C ASP I 141 57.03 -11.28 2.77
N GLU I 142 57.81 -10.94 3.81
CA GLU I 142 58.35 -11.93 4.77
C GLU I 142 57.20 -12.60 5.57
N LYS I 143 55.99 -11.95 5.73
CA LYS I 143 54.86 -12.54 6.50
C LYS I 143 53.89 -13.32 5.55
N GLN I 144 53.54 -12.72 4.39
CA GLN I 144 52.69 -13.34 3.37
C GLN I 144 53.54 -13.84 2.23
N LYS I 145 53.69 -15.17 2.15
CA LYS I 145 54.52 -15.85 1.15
C LYS I 145 54.07 -17.29 1.02
N GLU I 146 54.25 -17.85 -0.17
CA GLU I 146 53.94 -19.24 -0.43
C GLU I 146 55.23 -20.02 -0.34
N ALA I 147 56.38 -19.32 -0.49
CA ALA I 147 57.74 -19.86 -0.40
C ALA I 147 58.74 -18.75 -0.10
N GLU I 148 59.81 -19.07 0.64
CA GLU I 148 60.87 -18.11 0.92
C GLU I 148 62.20 -18.78 0.79
N LEU I 149 63.24 -17.96 0.63
CA LEU I 149 64.64 -18.38 0.54
C LEU I 149 65.46 -17.39 1.33
N LYS I 150 66.11 -17.84 2.40
CA LYS I 150 66.94 -16.97 3.25
C LYS I 150 68.39 -17.18 2.79
N LEU I 151 69.02 -16.13 2.24
CA LEU I 151 70.36 -16.22 1.64
C LEU I 151 71.52 -15.88 2.61
N GLY I 152 71.20 -15.44 3.82
CA GLY I 152 72.19 -15.08 4.83
C GLY I 152 72.49 -13.60 4.78
N ASN I 153 73.68 -13.22 5.31
CA ASN I 153 74.02 -11.80 5.40
C ASN I 153 75.41 -11.51 4.86
N THR I 154 75.84 -12.24 3.82
CA THR I 154 77.17 -11.95 3.25
C THR I 154 77.03 -11.77 1.73
N VAL I 155 75.82 -11.41 1.26
CA VAL I 155 75.57 -11.14 -0.15
C VAL I 155 76.43 -9.93 -0.58
N SER I 156 77.12 -10.03 -1.73
CA SER I 156 77.94 -8.95 -2.25
C SER I 156 77.05 -7.72 -2.59
N LEU I 157 77.62 -6.55 -2.42
CA LEU I 157 76.97 -5.25 -2.59
C LEU I 157 77.33 -4.59 -3.90
N ASP I 158 76.47 -3.63 -4.32
CA ASP I 158 76.64 -2.73 -5.48
C ASP I 158 76.99 -3.51 -6.77
N GLN I 159 76.40 -4.73 -6.91
CA GLN I 159 76.62 -5.63 -8.06
C GLN I 159 75.46 -6.62 -8.14
N GLU I 160 75.20 -7.14 -9.35
CA GLU I 160 74.13 -8.10 -9.56
C GLU I 160 74.45 -9.42 -8.91
N ASN I 161 73.45 -10.04 -8.31
CA ASN I 161 73.56 -11.38 -7.76
C ASN I 161 72.39 -12.19 -8.28
N THR I 162 72.58 -13.52 -8.39
CA THR I 162 71.57 -14.46 -8.86
C THR I 162 71.28 -15.49 -7.79
N ALA I 163 70.01 -15.77 -7.57
CA ALA I 163 69.53 -16.80 -6.65
C ALA I 163 68.33 -17.50 -7.25
N GLU I 164 68.20 -18.79 -7.01
CA GLU I 164 67.09 -19.56 -7.53
C GLU I 164 66.28 -20.16 -6.41
N ILE I 165 64.99 -19.82 -6.38
CA ILE I 165 64.02 -20.32 -5.42
C ILE I 165 63.09 -21.32 -6.14
N GLU I 166 62.84 -22.49 -5.51
CA GLU I 166 62.00 -23.52 -6.07
C GLU I 166 60.52 -23.14 -5.93
N ILE I 167 59.76 -23.34 -7.03
CA ILE I 167 58.34 -23.06 -7.11
C ILE I 167 57.61 -24.08 -6.22
N PRO I 168 56.84 -23.62 -5.19
CA PRO I 168 56.17 -24.57 -4.28
C PRO I 168 55.03 -25.34 -4.96
N SER I 169 54.62 -26.47 -4.37
CA SER I 169 53.56 -27.35 -4.88
C SER I 169 52.23 -26.63 -5.06
N GLY I 170 51.90 -25.71 -4.17
CA GLY I 170 50.63 -25.00 -4.28
C GLY I 170 50.61 -23.79 -5.21
N LEU I 171 51.63 -23.65 -6.06
CA LEU I 171 51.72 -22.49 -6.93
C LEU I 171 52.24 -22.92 -8.31
N VAL I 172 52.64 -24.20 -8.42
CA VAL I 172 53.27 -24.78 -9.60
C VAL I 172 52.27 -24.85 -10.79
N ASN I 173 50.98 -25.12 -10.53
CA ASN I 173 49.98 -25.26 -11.59
C ASN I 173 49.26 -23.95 -11.86
N GLU I 174 49.76 -22.85 -11.33
CA GLU I 174 49.14 -21.55 -11.52
C GLU I 174 49.65 -20.88 -12.80
N SER I 175 48.85 -19.96 -13.34
CA SER I 175 49.10 -19.22 -14.57
C SER I 175 50.29 -18.26 -14.43
N TYR I 176 50.48 -17.73 -13.21
CA TYR I 176 51.53 -16.79 -12.81
C TYR I 176 51.65 -16.72 -11.29
N LEU I 177 52.79 -16.20 -10.80
CA LEU I 177 53.03 -15.94 -9.38
C LEU I 177 53.63 -14.53 -9.24
N TYR I 178 53.74 -14.00 -7.99
CA TYR I 178 54.37 -12.73 -7.68
C TYR I 178 55.66 -13.01 -6.93
N ALA I 179 56.75 -12.37 -7.35
CA ALA I 179 58.06 -12.59 -6.78
C ALA I 179 58.61 -11.28 -6.24
N ARG I 180 59.44 -11.38 -5.18
CA ARG I 180 59.99 -10.20 -4.54
C ARG I 180 61.30 -10.51 -3.78
N VAL I 181 62.17 -9.50 -3.68
CA VAL I 181 63.44 -9.62 -2.96
C VAL I 181 63.40 -8.64 -1.81
N GLY I 182 63.86 -9.08 -0.65
CA GLY I 182 63.88 -8.25 0.54
C GLY I 182 65.19 -8.33 1.29
N VAL I 183 65.62 -7.22 1.94
CA VAL I 183 66.85 -7.18 2.72
C VAL I 183 66.55 -6.54 4.09
N LYS I 184 66.94 -7.23 5.20
CA LYS I 184 66.73 -6.75 6.55
C LYS I 184 68.03 -6.36 7.22
N SER I 185 68.04 -5.18 7.90
CA SER I 185 69.19 -4.67 8.65
C SER I 185 68.96 -4.82 10.13
N ASP I 186 69.99 -4.54 10.93
CA ASP I 186 69.92 -4.59 12.40
C ASP I 186 69.33 -3.28 12.97
N LYS I 187 68.99 -2.28 12.09
CA LYS I 187 68.53 -0.97 12.53
C LYS I 187 66.98 -0.78 12.38
N SER I 188 66.28 -1.78 11.80
CA SER I 188 64.83 -1.77 11.63
C SER I 188 64.26 -3.18 11.81
N SER I 189 63.02 -3.28 12.28
CA SER I 189 62.32 -4.54 12.48
C SER I 189 61.68 -5.02 11.20
N GLU I 190 61.76 -4.20 10.15
CA GLU I 190 61.10 -4.43 8.88
C GLU I 190 62.12 -4.57 7.74
N TYR I 191 61.83 -5.47 6.76
CA TYR I 191 62.65 -5.62 5.55
C TYR I 191 62.39 -4.49 4.59
N CYS I 192 63.34 -4.24 3.72
CA CYS I 192 63.19 -3.32 2.61
C CYS I 192 63.11 -4.18 1.35
N TYR I 193 62.10 -3.93 0.52
CA TYR I 193 61.86 -4.80 -0.61
C TYR I 193 61.92 -4.14 -1.99
N SER I 194 61.92 -5.00 -2.99
CA SER I 194 61.82 -4.70 -4.40
C SER I 194 60.39 -4.59 -4.77
N GLN I 195 60.11 -4.40 -6.05
CA GLN I 195 58.71 -4.43 -6.50
C GLN I 195 58.15 -5.84 -6.40
N SER I 196 56.84 -5.96 -6.36
CA SER I 196 56.22 -7.27 -6.44
C SER I 196 55.96 -7.46 -7.88
N ILE I 197 56.79 -8.28 -8.51
CA ILE I 197 56.77 -8.50 -9.93
C ILE I 197 56.06 -9.79 -10.27
N LYS I 198 55.12 -9.71 -11.22
CA LYS I 198 54.40 -10.86 -11.73
C LYS I 198 55.31 -11.70 -12.59
N VAL I 199 55.29 -13.02 -12.43
CA VAL I 199 56.15 -13.95 -13.17
C VAL I 199 55.25 -15.00 -13.81
N ALA I 200 55.21 -15.06 -15.14
CA ALA I 200 54.42 -16.03 -15.87
C ALA I 200 54.99 -17.44 -15.67
N LEU I 201 54.11 -18.40 -15.42
CA LEU I 201 54.52 -19.80 -15.22
C LEU I 201 54.05 -20.66 -16.42
N LYS I 202 53.11 -20.13 -17.19
CA LYS I 202 52.52 -20.73 -18.37
C LYS I 202 52.67 -19.75 -19.55
N PRO J 6 56.26 -11.79 30.14
CA PRO J 6 54.89 -12.17 30.50
C PRO J 6 53.85 -11.70 29.45
N LYS J 7 52.57 -12.22 29.58
CA LYS J 7 51.46 -11.88 28.70
C LYS J 7 50.25 -11.38 29.56
N ALA J 8 49.59 -10.31 29.04
CA ALA J 8 48.48 -9.51 29.58
C ALA J 8 47.35 -10.34 30.17
N THR J 9 46.68 -9.74 31.16
CA THR J 9 45.54 -10.31 31.88
C THR J 9 44.28 -9.50 31.56
N LEU J 10 43.25 -10.16 30.99
CA LEU J 10 41.94 -9.57 30.73
C LEU J 10 40.98 -9.99 31.81
N THR J 11 40.48 -9.03 32.61
CA THR J 11 39.54 -9.34 33.69
C THR J 11 38.27 -8.49 33.51
N GLY J 12 37.19 -8.88 34.19
CA GLY J 12 35.93 -8.16 34.12
C GLY J 12 34.79 -8.94 34.74
N LYS J 13 33.54 -8.49 34.48
CA LYS J 13 32.31 -9.09 35.01
C LYS J 13 31.21 -9.16 33.95
N ALA J 14 30.30 -10.15 34.10
CA ALA J 14 29.10 -10.24 33.26
C ALA J 14 28.09 -9.31 33.89
N ILE J 15 27.88 -8.16 33.26
CA ILE J 15 27.10 -7.07 33.81
C ILE J 15 25.68 -7.02 33.22
N TYR J 16 24.72 -6.58 34.05
CA TYR J 16 23.31 -6.28 33.75
C TYR J 16 22.85 -5.25 34.76
N ASP J 17 22.31 -4.12 34.28
CA ASP J 17 21.82 -3.00 35.10
C ASP J 17 22.89 -2.62 36.19
N GLY J 18 24.16 -2.57 35.78
CA GLY J 18 25.27 -2.21 36.64
C GLY J 18 25.64 -3.22 37.71
N GLU J 19 25.08 -4.45 37.65
CA GLU J 19 25.35 -5.50 38.63
C GLU J 19 25.95 -6.75 37.97
N ALA J 20 26.86 -7.45 38.68
CA ALA J 20 27.39 -8.71 38.16
C ALA J 20 26.31 -9.79 38.20
N VAL J 21 26.30 -10.68 37.19
CA VAL J 21 25.29 -11.74 37.05
C VAL J 21 25.85 -13.04 37.63
N GLY J 22 25.26 -13.47 38.73
CA GLY J 22 25.61 -14.69 39.44
C GLY J 22 25.15 -15.87 38.62
N VAL J 23 26.04 -16.80 38.46
CA VAL J 23 25.77 -17.96 37.65
C VAL J 23 26.33 -19.21 38.39
N ARG J 24 26.09 -20.43 37.87
CA ARG J 24 26.59 -21.65 38.47
C ARG J 24 28.06 -21.83 38.11
N SER J 25 28.92 -22.12 39.11
CA SER J 25 30.34 -22.30 38.86
C SER J 25 30.53 -23.45 37.90
N GLY J 26 31.36 -23.22 36.89
CA GLY J 26 31.69 -24.19 35.85
C GLY J 26 30.58 -24.49 34.86
N SER J 27 29.74 -23.49 34.53
CA SER J 27 28.61 -23.70 33.61
C SER J 27 28.63 -22.73 32.44
N SER J 28 29.07 -21.49 32.69
CA SER J 28 28.98 -20.42 31.71
C SER J 28 30.35 -19.95 31.28
N GLU J 29 30.41 -19.51 30.01
CA GLU J 29 31.61 -19.04 29.33
C GLU J 29 31.34 -17.94 28.33
N PHE J 30 32.44 -17.38 27.82
CA PHE J 30 32.55 -16.50 26.67
C PHE J 30 33.61 -17.08 25.77
N ALA J 31 33.53 -16.75 24.47
CA ALA J 31 34.48 -17.20 23.51
C ALA J 31 35.21 -16.00 22.91
N LEU J 32 36.52 -16.05 22.90
CA LEU J 32 37.43 -15.04 22.37
C LEU J 32 38.04 -15.50 21.05
N PHE J 33 37.94 -14.67 20.01
CA PHE J 33 38.48 -14.93 18.69
C PHE J 33 39.45 -13.85 18.34
N GLN J 34 40.67 -14.22 18.01
CA GLN J 34 41.70 -13.27 17.66
C GLN J 34 41.64 -13.07 16.14
N ASP J 35 42.06 -11.89 15.67
CA ASP J 35 42.04 -11.59 14.24
C ASP J 35 43.31 -12.18 13.57
N GLY J 36 43.09 -13.02 12.55
CA GLY J 36 44.16 -13.70 11.80
C GLY J 36 44.50 -15.10 12.29
N TYR J 37 44.40 -15.31 13.63
CA TYR J 37 44.65 -16.57 14.35
C TYR J 37 43.33 -17.33 14.50
N ALA J 38 42.41 -17.04 13.54
CA ALA J 38 41.08 -17.62 13.35
C ALA J 38 41.17 -19.12 13.06
N LEU J 39 42.23 -19.53 12.32
CA LEU J 39 42.53 -20.89 11.92
C LEU J 39 42.87 -21.83 13.12
N LYS J 40 43.19 -21.28 14.36
CA LYS J 40 43.54 -22.15 15.49
C LYS J 40 42.42 -22.12 16.57
N GLY J 41 41.18 -21.93 16.12
CA GLY J 41 40.02 -21.93 16.99
C GLY J 41 39.89 -20.76 17.95
N SER J 42 38.98 -20.92 18.92
CA SER J 42 38.63 -19.89 19.88
C SER J 42 39.38 -20.05 21.20
N ILE J 43 39.39 -18.99 22.03
CA ILE J 43 39.97 -18.97 23.39
C ILE J 43 38.82 -18.95 24.40
N PRO J 44 38.71 -19.97 25.30
CA PRO J 44 37.60 -19.94 26.27
C PRO J 44 37.88 -18.93 27.40
N VAL J 45 36.83 -18.29 27.88
CA VAL J 45 36.86 -17.33 28.97
C VAL J 45 35.82 -17.83 29.99
N TYR J 46 36.29 -18.59 30.98
CA TYR J 46 35.48 -19.27 32.01
C TYR J 46 35.02 -18.25 33.04
N ILE J 47 33.70 -18.16 33.24
CA ILE J 47 33.07 -17.23 34.15
C ILE J 47 32.90 -17.89 35.53
N ALA J 48 33.42 -17.20 36.59
CA ALA J 48 33.26 -17.65 37.99
C ALA J 48 31.80 -17.46 38.46
N GLN J 49 31.44 -18.11 39.58
CA GLN J 49 30.05 -18.07 40.03
C GLN J 49 29.56 -16.64 40.36
N ASP J 50 30.47 -15.69 40.63
CA ASP J 50 30.06 -14.35 41.02
C ASP J 50 29.93 -13.43 39.83
N GLY J 51 30.06 -13.98 38.64
CA GLY J 51 29.96 -13.21 37.40
C GLY J 51 31.28 -12.67 36.90
N SER J 52 32.37 -12.82 37.69
CA SER J 52 33.72 -12.35 37.29
C SER J 52 34.44 -13.33 36.42
N TYR J 53 35.39 -12.86 35.63
CA TYR J 53 36.24 -13.71 34.79
C TYR J 53 37.69 -13.12 34.71
N SER J 54 38.63 -13.97 34.35
CA SER J 54 40.04 -13.62 34.12
C SER J 54 40.59 -14.59 33.10
N VAL J 55 41.35 -14.08 32.15
CA VAL J 55 41.91 -14.90 31.10
C VAL J 55 43.28 -14.28 30.73
N SER J 56 44.36 -15.09 30.69
CA SER J 56 45.63 -14.51 30.29
C SER J 56 45.74 -14.65 28.76
N LEU J 57 46.13 -13.54 28.10
CA LEU J 57 46.22 -13.44 26.66
C LEU J 57 47.46 -12.73 26.19
N PHE J 58 47.81 -12.92 24.91
CA PHE J 58 48.84 -12.11 24.31
C PHE J 58 48.19 -10.81 23.87
N ASN J 59 48.96 -9.70 23.82
CA ASN J 59 48.43 -8.40 23.38
C ASN J 59 47.90 -8.54 21.95
N GLY J 60 46.70 -7.99 21.72
CA GLY J 60 46.03 -8.08 20.45
C GLY J 60 44.57 -7.64 20.40
N ASP J 61 44.03 -7.64 19.18
CA ASP J 61 42.66 -7.25 18.93
C ASP J 61 41.84 -8.54 18.86
N TYR J 62 40.92 -8.68 19.82
CA TYR J 62 40.04 -9.84 19.95
C TYR J 62 38.58 -9.47 19.67
N LYS J 63 37.76 -10.50 19.41
CA LYS J 63 36.31 -10.45 19.25
C LYS J 63 35.70 -11.43 20.25
N LEU J 64 34.87 -10.93 21.21
CA LEU J 64 34.19 -11.76 22.23
C LEU J 64 32.76 -12.06 21.79
N VAL J 65 32.33 -13.31 21.95
CA VAL J 65 30.95 -13.70 21.66
C VAL J 65 30.38 -14.46 22.84
N ARG J 66 29.10 -14.22 23.07
CA ARG J 66 28.33 -14.91 24.08
C ARG J 66 27.83 -16.21 23.47
N MSE J 67 28.04 -17.31 24.19
CA MSE J 67 27.66 -18.65 23.76
C MSE J 67 27.53 -19.57 24.98
O MSE J 67 27.50 -19.11 26.14
CB MSE J 67 28.67 -19.20 22.73
CG MSE J 67 30.15 -18.91 23.07
SE MSE J 67 30.86 -19.63 24.77
CE MSE J 67 30.91 -21.54 24.33
N GLY J 68 27.45 -20.86 24.68
CA GLY J 68 27.35 -21.89 25.70
C GLY J 68 25.96 -22.04 26.24
N ASN J 69 25.86 -22.43 27.51
CA ASN J 69 24.58 -22.66 28.17
C ASN J 69 24.23 -21.55 29.15
N ALA J 70 24.99 -20.44 29.14
CA ALA J 70 24.81 -19.29 30.01
C ALA J 70 23.33 -18.83 30.07
N PRO J 71 22.83 -18.41 31.27
CA PRO J 71 21.43 -18.00 31.39
C PRO J 71 21.14 -16.57 30.87
N TRP J 72 21.69 -16.23 29.71
CA TRP J 72 21.44 -14.93 29.05
C TRP J 72 21.40 -15.11 27.55
N GLU J 73 20.93 -14.08 26.83
CA GLU J 73 20.89 -14.11 25.37
C GLU J 73 22.30 -14.31 24.84
N ARG J 74 22.45 -15.21 23.85
CA ARG J 74 23.72 -15.55 23.24
C ARG J 74 23.65 -15.27 21.70
N PRO J 75 23.60 -13.98 21.27
CA PRO J 75 23.51 -13.69 19.82
C PRO J 75 24.82 -13.96 19.10
N SER J 76 24.69 -14.60 17.93
CA SER J 76 25.78 -15.00 17.03
C SER J 76 26.42 -13.75 16.39
N ASN J 77 25.54 -12.87 15.87
CA ASN J 77 25.77 -11.61 15.17
C ASN J 77 26.49 -10.57 16.03
N ASP J 78 26.15 -10.48 17.34
CA ASP J 78 26.70 -9.49 18.27
C ASP J 78 28.08 -9.94 18.81
N THR J 79 29.07 -9.14 18.43
CA THR J 79 30.50 -9.28 18.75
C THR J 79 30.99 -8.06 19.52
N ILE J 80 31.82 -8.32 20.53
CA ILE J 80 32.39 -7.27 21.35
C ILE J 80 33.86 -7.19 21.00
N TYR J 81 34.26 -6.06 20.43
CA TYR J 81 35.63 -5.83 20.06
C TYR J 81 36.36 -5.24 21.27
N ILE J 82 37.41 -5.97 21.68
CA ILE J 82 38.25 -5.67 22.83
C ILE J 82 39.69 -5.55 22.38
N THR J 83 40.34 -4.45 22.79
CA THR J 83 41.75 -4.24 22.43
C THR J 83 42.56 -4.41 23.71
N VAL J 84 43.43 -5.43 23.74
CA VAL J 84 44.26 -5.68 24.91
C VAL J 84 45.70 -5.23 24.58
N ARG J 85 46.15 -4.22 25.33
CA ARG J 85 47.48 -3.63 25.34
C ARG J 85 47.87 -3.50 26.81
N GLY J 86 48.50 -4.55 27.33
CA GLY J 86 48.83 -4.66 28.73
C GLY J 86 47.61 -5.16 29.47
N ASN J 87 47.67 -5.20 30.82
CA ASN J 87 46.53 -5.70 31.60
C ASN J 87 45.32 -4.80 31.33
N THR J 88 44.23 -5.43 30.90
CA THR J 88 43.00 -4.77 30.46
C THR J 88 41.83 -5.31 31.26
N VAL J 89 40.90 -4.43 31.64
CA VAL J 89 39.72 -4.74 32.42
C VAL J 89 38.49 -4.23 31.66
N GLN J 90 37.51 -5.11 31.47
CA GLN J 90 36.28 -4.85 30.72
C GLN J 90 35.11 -5.68 31.18
N ASP J 91 34.01 -5.04 31.54
CA ASP J 91 32.84 -5.83 31.90
C ASP J 91 32.06 -6.14 30.61
N ILE J 92 31.40 -7.32 30.56
CA ILE J 92 30.69 -7.74 29.36
C ILE J 92 29.19 -7.68 29.64
N PRO J 93 28.46 -6.85 28.88
CA PRO J 93 27.02 -6.71 29.12
C PRO J 93 26.26 -7.93 28.61
N VAL J 94 25.40 -8.49 29.47
CA VAL J 94 24.59 -9.66 29.18
C VAL J 94 23.12 -9.25 29.42
N THR J 95 22.19 -9.92 28.74
CA THR J 95 20.76 -9.67 28.91
C THR J 95 20.17 -11.01 29.40
N PRO J 96 20.12 -11.23 30.75
CA PRO J 96 19.59 -12.49 31.29
C PRO J 96 18.12 -12.61 30.97
N TYR J 97 17.56 -13.83 30.84
CA TYR J 97 16.16 -14.00 30.50
C TYR J 97 15.33 -13.49 31.68
N PHE J 98 15.76 -13.88 32.88
CA PHE J 98 15.26 -13.48 34.18
C PHE J 98 16.46 -13.05 35.02
N PHE J 99 16.26 -12.05 35.87
CA PHE J 99 17.34 -11.52 36.70
C PHE J 99 16.90 -11.47 38.18
N VAL J 100 17.83 -11.86 39.09
CA VAL J 100 17.57 -11.85 40.55
C VAL J 100 18.32 -10.68 41.19
N ARG J 101 17.60 -9.82 41.92
CA ARG J 101 18.23 -8.67 42.58
C ARG J 101 17.67 -8.47 43.99
N ASN J 102 18.32 -7.57 44.77
CA ASN J 102 17.97 -7.09 46.11
C ASN J 102 17.63 -8.29 47.02
N VAL J 103 18.61 -9.19 47.11
CA VAL J 103 18.52 -10.46 47.83
C VAL J 103 19.15 -10.32 49.22
N SER J 104 18.40 -10.74 50.24
CA SER J 104 18.83 -10.75 51.63
C SER J 104 18.35 -12.03 52.32
N PHE J 105 19.11 -12.52 53.29
CA PHE J 105 18.78 -13.73 54.04
C PHE J 105 18.92 -13.51 55.54
N ALA J 106 18.16 -14.27 56.35
CA ALA J 106 18.22 -14.22 57.80
C ALA J 106 17.84 -15.54 58.42
N LYS J 107 18.55 -15.96 59.48
CA LYS J 107 18.21 -17.17 60.22
C LYS J 107 17.05 -16.83 61.15
N ASN J 108 15.98 -17.62 61.09
CA ASN J 108 14.76 -17.50 61.87
C ASN J 108 14.44 -18.90 62.34
N GLY J 109 14.98 -19.27 63.51
CA GLY J 109 14.83 -20.59 64.11
C GLY J 109 15.59 -21.65 63.36
N ASN J 110 14.88 -22.66 62.83
CA ASN J 110 15.47 -23.72 62.01
C ASN J 110 15.26 -23.41 60.52
N LYS J 111 15.01 -22.11 60.20
CA LYS J 111 14.68 -21.69 58.83
C LYS J 111 15.48 -20.45 58.39
N ILE J 112 15.67 -20.32 57.09
CA ILE J 112 16.37 -19.18 56.49
C ILE J 112 15.35 -18.38 55.72
N THR J 113 15.10 -17.14 56.14
CA THR J 113 14.12 -16.27 55.49
C THR J 113 14.80 -15.56 54.35
N ALA J 114 14.35 -15.84 53.12
CA ALA J 114 14.90 -15.26 51.91
C ALA J 114 13.99 -14.18 51.36
N ARG J 115 14.55 -12.99 51.07
CA ARG J 115 13.84 -11.86 50.45
C ARG J 115 14.52 -11.56 49.15
N PHE J 116 13.75 -11.43 48.06
CA PHE J 116 14.31 -11.28 46.72
C PHE J 116 13.31 -10.67 45.73
N THR J 117 13.84 -10.14 44.64
CA THR J 117 13.08 -9.53 43.56
C THR J 117 13.53 -10.23 42.26
N ILE J 118 12.56 -10.51 41.36
CA ILE J 118 12.80 -11.18 40.07
C ILE J 118 12.24 -10.33 38.96
N ASN J 119 13.03 -10.17 37.90
CA ASN J 119 12.65 -9.40 36.71
C ASN J 119 12.60 -10.27 35.46
N LYS J 120 11.60 -10.08 34.60
CA LYS J 120 11.56 -10.76 33.31
C LYS J 120 12.13 -9.77 32.33
N VAL J 121 13.39 -9.98 31.95
CA VAL J 121 14.17 -9.09 31.09
C VAL J 121 13.85 -9.38 29.59
N VAL J 122 13.80 -10.68 29.21
CA VAL J 122 13.47 -11.14 27.85
C VAL J 122 11.98 -11.50 27.84
N ALA J 123 11.18 -10.69 27.13
CA ALA J 123 9.71 -10.81 27.07
C ALA J 123 9.25 -12.17 26.49
N ASN J 124 10.06 -12.73 25.58
CA ASN J 124 9.89 -13.99 24.90
C ASN J 124 9.98 -15.21 25.86
N ALA J 125 10.82 -15.11 26.90
CA ALA J 125 11.13 -16.17 27.87
C ALA J 125 9.97 -16.47 28.80
N ASN J 126 9.94 -17.71 29.29
CA ASN J 126 8.92 -18.20 30.24
C ASN J 126 9.62 -18.89 31.41
N MSE J 127 9.17 -18.56 32.65
CA MSE J 127 9.69 -19.02 33.95
C MSE J 127 9.36 -20.50 34.22
O MSE J 127 8.19 -20.88 34.16
CB MSE J 127 9.06 -18.13 35.04
CG MSE J 127 9.35 -18.55 36.47
SE MSE J 127 8.83 -17.22 37.82
CE MSE J 127 7.00 -16.53 37.10
N GLU J 128 10.40 -21.32 34.47
CA GLU J 128 10.25 -22.75 34.78
C GLU J 128 10.28 -22.99 36.27
N ASN J 129 11.22 -22.33 36.97
CA ASN J 129 11.35 -22.48 38.41
C ASN J 129 12.05 -21.29 39.02
N VAL J 130 11.83 -21.13 40.33
CA VAL J 130 12.48 -20.23 41.28
C VAL J 130 12.82 -21.09 42.48
N GLY J 131 14.13 -21.23 42.74
CA GLY J 131 14.67 -22.02 43.83
C GLY J 131 15.53 -21.26 44.81
N ILE J 132 15.43 -21.69 46.09
CA ILE J 132 16.26 -21.23 47.20
C ILE J 132 17.20 -22.39 47.50
N TYR J 133 18.51 -22.11 47.57
CA TYR J 133 19.52 -23.14 47.81
C TYR J 133 20.35 -22.79 49.03
N LEU J 134 20.69 -23.82 49.83
CA LEU J 134 21.58 -23.74 51.00
C LEU J 134 22.77 -24.68 50.77
N GLY J 135 23.98 -24.19 50.99
CA GLY J 135 25.20 -24.98 50.82
C GLY J 135 26.22 -24.84 51.95
N THR J 136 27.17 -25.79 52.05
CA THR J 136 28.20 -25.72 53.09
C THR J 136 29.28 -24.72 52.64
N GLY J 137 29.56 -24.69 51.34
CA GLY J 137 30.59 -23.84 50.74
C GLY J 137 30.13 -22.70 49.86
N ILE J 138 31.07 -21.76 49.55
CA ILE J 138 30.88 -20.52 48.75
C ILE J 138 30.17 -20.91 47.44
N LEU J 139 30.43 -22.11 46.88
CA LEU J 139 29.76 -22.57 45.65
C LEU J 139 28.48 -23.33 46.00
N THR J 140 27.37 -22.66 45.78
CA THR J 140 26.03 -23.20 46.02
C THR J 140 25.21 -22.92 44.77
N ASP J 141 24.50 -23.95 44.29
CA ASP J 141 23.68 -23.87 43.08
C ASP J 141 22.67 -25.02 43.00
N GLU J 142 21.97 -25.14 41.86
CA GLU J 142 20.97 -26.19 41.68
C GLU J 142 21.65 -27.61 41.68
N LYS J 143 22.93 -27.75 41.31
CA LYS J 143 23.61 -29.05 41.32
C LYS J 143 24.29 -29.33 42.69
N GLN J 144 25.06 -28.33 43.23
CA GLN J 144 25.73 -28.37 44.53
C GLN J 144 24.92 -27.65 45.58
N LYS J 145 24.25 -28.43 46.42
CA LYS J 145 23.33 -27.87 47.42
C LYS J 145 23.10 -28.88 48.51
N GLU J 146 22.99 -28.37 49.73
CA GLU J 146 22.75 -29.24 50.86
C GLU J 146 21.26 -29.28 51.09
N ALA J 147 20.55 -28.30 50.52
CA ALA J 147 19.10 -28.13 50.58
C ALA J 147 18.57 -27.26 49.46
N GLU J 148 17.37 -27.62 48.92
CA GLU J 148 16.70 -26.79 47.92
C GLU J 148 15.24 -26.63 48.23
N LEU J 149 14.64 -25.57 47.67
CA LEU J 149 13.22 -25.27 47.76
C LEU J 149 12.76 -24.82 46.39
N LYS J 150 11.85 -25.59 45.77
CA LYS J 150 11.30 -25.30 44.43
C LYS J 150 9.99 -24.56 44.62
N LEU J 151 9.93 -23.27 44.24
CA LEU J 151 8.75 -22.42 44.52
C LEU J 151 7.71 -22.43 43.39
N GLY J 152 8.09 -23.04 42.29
CA GLY J 152 7.24 -23.08 41.12
C GLY J 152 7.64 -21.97 40.18
N ASN J 153 6.73 -21.66 39.29
CA ASN J 153 6.94 -20.68 38.24
C ASN J 153 5.82 -19.66 38.19
N THR J 154 5.28 -19.27 39.36
CA THR J 154 4.23 -18.26 39.40
C THR J 154 4.62 -17.15 40.42
N VAL J 155 5.94 -17.02 40.66
CA VAL J 155 6.48 -15.98 41.54
C VAL J 155 6.22 -14.62 40.88
N SER J 156 5.64 -13.66 41.65
CA SER J 156 5.37 -12.31 41.14
C SER J 156 6.71 -11.62 40.78
N LEU J 157 6.64 -10.77 39.76
CA LEU J 157 7.77 -10.04 39.19
C LEU J 157 7.84 -8.59 39.65
N ASP J 158 9.04 -8.00 39.51
CA ASP J 158 9.39 -6.60 39.76
C ASP J 158 8.91 -6.14 41.16
N GLN J 159 8.99 -7.03 42.17
CA GLN J 159 8.57 -6.76 43.53
C GLN J 159 9.21 -7.74 44.48
N GLU J 160 9.36 -7.34 45.77
CA GLU J 160 9.95 -8.21 46.79
C GLU J 160 9.05 -9.38 47.10
N ASN J 161 9.64 -10.56 47.28
CA ASN J 161 8.92 -11.74 47.73
C ASN J 161 9.73 -12.37 48.86
N THR J 162 9.05 -13.09 49.75
CA THR J 162 9.66 -13.75 50.91
C THR J 162 9.36 -15.25 50.85
N ALA J 163 10.38 -16.06 51.14
CA ALA J 163 10.26 -17.52 51.23
C ALA J 163 11.17 -18.03 52.36
N GLU J 164 10.77 -19.11 53.03
CA GLU J 164 11.56 -19.70 54.11
C GLU J 164 11.92 -21.13 53.78
N ILE J 165 13.22 -21.43 53.75
CA ILE J 165 13.76 -22.77 53.53
C ILE J 165 14.27 -23.32 54.87
N GLU J 166 13.95 -24.60 55.16
CA GLU J 166 14.36 -25.22 56.41
C GLU J 166 15.84 -25.63 56.32
N ILE J 167 16.61 -25.35 57.39
CA ILE J 167 18.04 -25.66 57.49
C ILE J 167 18.17 -27.18 57.61
N PRO J 168 18.90 -27.84 56.65
CA PRO J 168 19.01 -29.32 56.70
C PRO J 168 19.85 -29.82 57.89
N SER J 169 19.68 -31.10 58.20
CA SER J 169 20.32 -31.81 59.31
C SER J 169 21.85 -31.68 59.29
N GLY J 170 22.45 -31.82 58.13
CA GLY J 170 23.91 -31.74 58.02
C GLY J 170 24.48 -30.35 57.91
N LEU J 171 23.71 -29.34 58.31
CA LEU J 171 24.16 -27.98 58.18
C LEU J 171 23.73 -27.15 59.40
N VAL J 172 22.84 -27.69 60.23
CA VAL J 172 22.23 -27.04 61.39
C VAL J 172 23.31 -26.79 62.52
N ASN J 173 24.39 -27.57 62.56
CA ASN J 173 25.38 -27.40 63.62
C ASN J 173 26.63 -26.68 63.11
N GLU J 174 26.55 -26.12 61.91
CA GLU J 174 27.68 -25.40 61.32
C GLU J 174 27.70 -23.94 61.80
N SER J 175 28.88 -23.32 61.77
CA SER J 175 29.08 -21.94 62.21
C SER J 175 28.35 -20.94 61.29
N TYR J 176 28.25 -21.27 59.99
CA TYR J 176 27.60 -20.49 58.94
C TYR J 176 27.31 -21.36 57.74
N LEU J 177 26.45 -20.86 56.85
CA LEU J 177 26.10 -21.51 55.59
C LEU J 177 26.10 -20.44 54.46
N TYR J 178 25.94 -20.91 53.22
CA TYR J 178 25.84 -20.04 52.07
C TYR J 178 24.46 -20.24 51.47
N ALA J 179 23.76 -19.13 51.21
CA ALA J 179 22.39 -19.13 50.70
C ALA J 179 22.34 -18.44 49.37
N ARG J 180 21.43 -18.87 48.51
CA ARG J 180 21.33 -18.32 47.17
C ARG J 180 19.94 -18.54 46.54
N VAL J 181 19.52 -17.59 45.68
CA VAL J 181 18.26 -17.65 44.96
C VAL J 181 18.57 -17.79 43.47
N GLY J 182 17.80 -18.60 42.78
CA GLY J 182 17.99 -18.78 41.35
C GLY J 182 16.69 -19.00 40.63
N VAL J 183 16.59 -18.48 39.41
CA VAL J 183 15.41 -18.63 38.54
C VAL J 183 15.88 -19.30 37.22
N LYS J 184 15.10 -20.26 36.71
CA LYS J 184 15.34 -20.92 35.43
C LYS J 184 14.23 -20.63 34.43
N SER J 185 14.61 -20.32 33.17
CA SER J 185 13.69 -20.06 32.05
C SER J 185 13.69 -21.24 31.10
N ASP J 186 12.77 -21.22 30.13
CA ASP J 186 12.65 -22.24 29.09
C ASP J 186 13.64 -21.97 27.94
N LYS J 187 14.46 -20.88 28.03
CA LYS J 187 15.37 -20.48 26.94
C LYS J 187 16.87 -20.82 27.25
N SER J 188 17.17 -21.36 28.43
CA SER J 188 18.52 -21.79 28.84
C SER J 188 18.45 -23.02 29.73
N SER J 189 19.49 -23.87 29.68
CA SER J 189 19.59 -25.09 30.50
C SER J 189 20.10 -24.77 31.89
N GLU J 190 20.49 -23.51 32.12
CA GLU J 190 21.12 -23.06 33.33
C GLU J 190 20.25 -22.01 34.06
N TYR J 191 20.28 -22.02 35.41
CA TYR J 191 19.61 -21.02 36.25
C TYR J 191 20.40 -19.75 36.30
N CYS J 192 19.74 -18.64 36.58
CA CYS J 192 20.39 -17.37 36.84
C CYS J 192 20.29 -17.12 38.33
N TYR J 193 21.39 -16.78 38.98
CA TYR J 193 21.38 -16.69 40.43
C TYR J 193 21.73 -15.32 41.02
N SER J 194 21.38 -15.19 42.31
CA SER J 194 21.77 -14.12 43.20
C SER J 194 23.17 -14.36 43.61
N GLN J 195 23.71 -13.51 44.46
CA GLN J 195 25.07 -13.75 44.93
C GLN J 195 25.01 -14.81 46.03
N SER J 196 26.07 -15.60 46.18
CA SER J 196 26.13 -16.58 47.25
C SER J 196 26.49 -15.82 48.52
N ILE J 197 25.51 -15.69 49.45
CA ILE J 197 25.63 -14.91 50.67
C ILE J 197 25.80 -15.79 51.88
N LYS J 198 26.84 -15.51 52.68
CA LYS J 198 27.12 -16.19 53.93
C LYS J 198 26.06 -15.81 54.94
N VAL J 199 25.52 -16.79 55.66
CA VAL J 199 24.50 -16.57 56.70
C VAL J 199 25.01 -17.20 57.99
N ALA J 200 25.27 -16.39 59.03
CA ALA J 200 25.73 -16.93 60.33
C ALA J 200 24.62 -17.75 61.00
N LEU J 201 25.00 -18.91 61.56
CA LEU J 201 24.06 -19.81 62.21
C LEU J 201 24.31 -19.83 63.73
N LYS J 202 25.50 -19.33 64.12
CA LYS J 202 25.95 -19.21 65.50
C LYS J 202 26.37 -17.77 65.76
N GLU K 5 40.54 13.12 17.41
CA GLU K 5 39.23 13.64 16.98
C GLU K 5 38.61 14.55 18.07
N PRO K 6 38.20 15.81 17.73
CA PRO K 6 37.68 16.71 18.79
C PRO K 6 36.25 16.37 19.25
N LYS K 7 36.01 16.59 20.55
CA LYS K 7 34.69 16.35 21.13
C LYS K 7 33.72 17.40 20.70
N ALA K 8 32.49 16.96 20.42
CA ALA K 8 31.31 17.78 20.11
C ALA K 8 30.56 18.13 21.39
N THR K 9 29.62 19.06 21.31
CA THR K 9 28.82 19.49 22.46
C THR K 9 27.31 19.22 22.21
N LEU K 10 26.68 18.40 23.09
CA LEU K 10 25.23 18.13 23.06
C LEU K 10 24.55 18.99 24.10
N THR K 11 23.66 19.89 23.66
CA THR K 11 22.93 20.76 24.58
C THR K 11 21.42 20.60 24.34
N GLY K 12 20.64 21.08 25.28
CA GLY K 12 19.19 21.01 25.23
C GLY K 12 18.54 21.44 26.52
N LYS K 13 17.27 21.08 26.67
CA LYS K 13 16.43 21.40 27.82
C LYS K 13 15.43 20.30 28.13
N ALA K 14 15.10 20.10 29.42
CA ALA K 14 14.02 19.22 29.78
C ALA K 14 12.75 20.01 29.60
N ILE K 15 12.07 19.80 28.47
CA ILE K 15 10.90 20.53 28.03
C ILE K 15 9.61 19.81 28.41
N TYR K 16 8.60 20.64 28.72
CA TYR K 16 7.19 20.35 28.94
C TYR K 16 6.39 21.55 28.46
N ASP K 17 5.39 21.32 27.61
CA ASP K 17 4.52 22.31 26.98
C ASP K 17 5.38 23.48 26.42
N GLY K 18 6.49 23.13 25.78
CA GLY K 18 7.39 24.10 25.17
C GLY K 18 8.24 24.91 26.13
N GLU K 19 8.06 24.76 27.47
CA GLU K 19 8.85 25.49 28.47
C GLU K 19 9.85 24.57 29.17
N ALA K 20 10.97 25.13 29.65
CA ALA K 20 11.97 24.35 30.39
C ALA K 20 11.48 24.06 31.81
N VAL K 21 11.62 22.81 32.22
CA VAL K 21 11.18 22.36 33.54
C VAL K 21 12.29 22.70 34.62
N GLY K 22 12.00 23.71 35.43
CA GLY K 22 12.89 24.16 36.50
C GLY K 22 13.05 23.08 37.55
N VAL K 23 14.27 22.88 38.02
CA VAL K 23 14.51 21.82 38.98
C VAL K 23 15.60 22.29 39.98
N ARG K 24 15.91 21.49 41.02
CA ARG K 24 16.92 21.87 42.00
C ARG K 24 18.29 21.55 41.43
N SER K 25 19.24 22.52 41.52
CA SER K 25 20.58 22.31 40.99
C SER K 25 21.23 21.14 41.71
N GLY K 26 21.80 20.24 40.91
CA GLY K 26 22.48 19.03 41.39
C GLY K 26 21.58 17.96 41.95
N SER K 27 20.37 17.81 41.39
CA SER K 27 19.41 16.82 41.86
C SER K 27 18.94 15.89 40.76
N SER K 28 18.81 16.44 39.52
CA SER K 28 18.26 15.74 38.40
C SER K 28 19.28 15.55 37.27
N GLU K 29 19.12 14.41 36.58
CA GLU K 29 19.98 13.94 35.51
C GLU K 29 19.25 13.15 34.43
N PHE K 30 19.97 12.85 33.37
CA PHE K 30 19.68 11.93 32.30
C PHE K 30 20.91 11.02 32.15
N ALA K 31 20.70 9.81 31.62
CA ALA K 31 21.75 8.84 31.36
C ALA K 31 21.86 8.62 29.88
N LEU K 32 23.07 8.68 29.35
CA LEU K 32 23.33 8.57 27.92
C LEU K 32 24.08 7.27 27.65
N PHE K 33 23.58 6.44 26.72
CA PHE K 33 24.18 5.15 26.32
C PHE K 33 24.58 5.14 24.85
N GLN K 34 25.61 4.38 24.45
CA GLN K 34 26.02 4.29 23.04
C GLN K 34 25.86 2.85 22.62
N ASP K 35 26.13 2.52 21.33
CA ASP K 35 26.02 1.16 20.76
C ASP K 35 27.41 0.63 20.26
N GLY K 41 30.39 2.37 29.20
CA GLY K 41 29.20 2.27 30.03
C GLY K 41 28.18 3.35 29.77
N SER K 42 27.55 3.94 30.81
CA SER K 42 26.63 5.07 30.61
C SER K 42 27.36 6.39 30.86
N ILE K 43 26.90 7.47 30.22
CA ILE K 43 27.45 8.83 30.37
C ILE K 43 26.45 9.68 31.15
N PRO K 44 26.85 10.28 32.28
CA PRO K 44 25.90 11.09 33.05
C PRO K 44 25.73 12.48 32.48
N VAL K 45 24.50 12.91 32.37
CA VAL K 45 24.06 14.22 31.91
C VAL K 45 23.46 14.92 33.10
N TYR K 46 24.10 16.02 33.52
CA TYR K 46 23.70 16.79 34.67
C TYR K 46 22.89 17.99 34.21
N ILE K 47 21.64 18.09 34.74
CA ILE K 47 20.66 19.10 34.39
C ILE K 47 20.79 20.26 35.35
N ALA K 48 20.99 21.46 34.77
CA ALA K 48 21.10 22.70 35.53
C ALA K 48 19.73 23.08 36.08
N GLN K 49 19.71 23.99 37.07
CA GLN K 49 18.48 24.40 37.75
C GLN K 49 17.42 24.99 36.80
N ASP K 50 17.83 25.58 35.64
CA ASP K 50 16.88 26.18 34.70
C ASP K 50 16.37 25.16 33.67
N GLY K 51 16.63 23.88 33.99
CA GLY K 51 16.29 22.72 33.19
C GLY K 51 17.13 22.52 31.94
N SER K 52 18.27 23.20 31.84
CA SER K 52 19.11 23.03 30.66
C SER K 52 20.21 22.06 30.95
N TYR K 53 20.85 21.55 29.89
CA TYR K 53 21.99 20.65 30.06
C TYR K 53 22.98 20.87 28.91
N SER K 54 24.23 20.42 29.12
CA SER K 54 25.32 20.36 28.16
C SER K 54 26.21 19.22 28.56
N VAL K 55 26.69 18.46 27.56
CA VAL K 55 27.58 17.32 27.78
C VAL K 55 28.50 17.23 26.56
N SER K 56 29.83 17.11 26.79
CA SER K 56 30.74 16.94 25.65
C SER K 56 30.86 15.46 25.37
N LEU K 57 30.71 15.10 24.09
CA LEU K 57 30.71 13.72 23.60
C LEU K 57 31.49 13.53 22.35
N PHE K 58 31.90 12.29 22.07
CA PHE K 58 32.45 11.99 20.76
C PHE K 58 31.30 11.79 19.80
N ASN K 59 31.51 12.10 18.51
CA ASN K 59 30.47 11.94 17.50
C ASN K 59 30.04 10.47 17.43
N GLY K 60 28.74 10.26 17.24
CA GLY K 60 28.14 8.94 17.19
C GLY K 60 26.66 8.90 17.49
N ASP K 61 26.11 7.70 17.67
CA ASP K 61 24.69 7.53 17.91
C ASP K 61 24.47 7.11 19.36
N TYR K 62 23.68 7.91 20.08
CA TYR K 62 23.40 7.69 21.50
C TYR K 62 21.91 7.47 21.80
N LYS K 63 21.61 6.87 22.97
CA LYS K 63 20.28 6.65 23.52
C LYS K 63 20.25 7.24 24.94
N LEU K 64 19.33 8.18 25.17
CA LEU K 64 19.14 8.89 26.44
C LEU K 64 17.94 8.36 27.20
N VAL K 65 18.09 8.11 28.51
CA VAL K 65 17.00 7.64 29.35
C VAL K 65 16.80 8.56 30.53
N ARG K 66 15.54 8.66 30.97
CA ARG K 66 15.15 9.43 32.14
C ARG K 66 15.30 8.53 33.33
N MSE K 67 15.96 9.05 34.38
CA MSE K 67 16.18 8.32 35.63
C MSE K 67 16.45 9.30 36.78
O MSE K 67 16.18 10.51 36.66
CB MSE K 67 17.34 7.30 35.48
CG MSE K 67 18.53 7.78 34.64
SE MSE K 67 19.48 9.34 35.29
CE MSE K 67 20.33 8.54 36.89
N GLY K 68 16.97 8.75 37.87
CA GLY K 68 17.31 9.48 39.07
C GLY K 68 16.11 9.84 39.92
N ASN K 69 16.21 10.99 40.60
CA ASN K 69 15.17 11.48 41.50
C ASN K 69 14.42 12.66 40.91
N ALA K 70 14.61 12.95 39.61
CA ALA K 70 13.96 14.04 38.86
C ALA K 70 12.44 14.07 39.09
N PRO K 71 11.84 15.29 39.20
CA PRO K 71 10.41 15.39 39.50
C PRO K 71 9.49 15.15 38.26
N TRP K 72 9.83 14.12 37.44
CA TRP K 72 9.03 13.74 36.27
C TRP K 72 9.04 12.24 36.10
N GLU K 73 8.16 11.71 35.23
CA GLU K 73 8.11 10.28 34.95
C GLU K 73 9.45 9.82 34.39
N ARG K 74 9.96 8.69 34.91
CA ARG K 74 11.26 8.14 34.53
C ARG K 74 11.09 6.70 34.01
N PRO K 75 10.53 6.49 32.78
CA PRO K 75 10.42 5.12 32.27
C PRO K 75 11.77 4.59 31.78
N SER K 76 12.09 3.35 32.19
CA SER K 76 13.30 2.61 31.85
C SER K 76 13.29 2.18 30.38
N ASN K 77 12.12 1.66 29.94
CA ASN K 77 11.79 1.17 28.62
C ASN K 77 11.90 2.26 27.52
N ASP K 78 11.46 3.50 27.82
CA ASP K 78 11.43 4.62 26.87
C ASP K 78 12.82 5.30 26.75
N THR K 79 13.42 5.25 25.53
CA THR K 79 14.69 5.92 25.22
C THR K 79 14.46 6.97 24.14
N ILE K 80 15.44 7.89 23.97
CA ILE K 80 15.49 8.95 22.96
C ILE K 80 16.77 8.76 22.17
N TYR K 81 16.65 8.59 20.85
CA TYR K 81 17.80 8.38 19.98
C TYR K 81 18.34 9.74 19.49
N ILE K 82 19.60 10.02 19.82
CA ILE K 82 20.26 11.27 19.49
C ILE K 82 21.48 11.01 18.63
N THR K 83 21.50 11.59 17.42
CA THR K 83 22.62 11.48 16.50
C THR K 83 23.43 12.76 16.62
N VAL K 84 24.65 12.66 17.15
CA VAL K 84 25.50 13.82 17.36
C VAL K 84 26.67 13.75 16.38
N ARG K 85 26.60 14.65 15.37
CA ARG K 85 27.57 14.89 14.29
C ARG K 85 27.87 16.38 14.35
N GLY K 86 28.90 16.71 15.12
CA GLY K 86 29.27 18.08 15.42
C GLY K 86 28.39 18.57 16.55
N ASN K 87 28.48 19.85 16.91
CA ASN K 87 27.64 20.39 17.99
C ASN K 87 26.16 20.17 17.61
N THR K 88 25.47 19.44 18.49
CA THR K 88 24.10 19.00 18.38
C THR K 88 23.28 19.59 19.53
N VAL K 89 21.99 19.85 19.25
CA VAL K 89 21.05 20.36 20.21
C VAL K 89 19.77 19.51 20.10
N GLN K 90 19.27 18.99 21.26
CA GLN K 90 18.02 18.24 21.28
C GLN K 90 17.33 18.38 22.67
N ASP K 91 16.12 18.90 22.66
CA ASP K 91 15.35 19.06 23.88
C ASP K 91 14.77 17.69 24.27
N ILE K 92 14.64 17.43 25.58
CA ILE K 92 14.16 16.16 26.08
C ILE K 92 12.76 16.35 26.68
N PRO K 93 11.72 15.78 26.03
CA PRO K 93 10.38 15.89 26.62
C PRO K 93 10.29 15.05 27.89
N VAL K 94 9.77 15.69 28.92
CA VAL K 94 9.54 15.11 30.23
C VAL K 94 8.05 15.28 30.51
N THR K 95 7.53 14.51 31.45
CA THR K 95 6.15 14.66 31.87
C THR K 95 6.22 14.81 33.40
N PRO K 96 6.27 16.08 33.89
CA PRO K 96 6.30 16.32 35.33
C PRO K 96 5.00 15.85 35.99
N TYR K 97 5.02 15.52 37.29
CA TYR K 97 3.80 15.09 37.99
C TYR K 97 2.90 16.31 38.14
N PHE K 98 3.53 17.39 38.60
CA PHE K 98 3.00 18.72 38.76
C PHE K 98 3.94 19.72 38.07
N PHE K 99 3.34 20.73 37.42
CA PHE K 99 4.12 21.72 36.70
C PHE K 99 3.74 23.14 37.16
N VAL K 100 4.75 24.02 37.34
CA VAL K 100 4.58 25.41 37.76
C VAL K 100 4.78 26.32 36.56
N ARG K 101 3.77 27.13 36.20
CA ARG K 101 3.89 28.05 35.07
C ARG K 101 3.38 29.46 35.42
N ASN K 102 3.64 30.43 34.49
CA ASN K 102 3.19 31.83 34.49
C ASN K 102 3.42 32.48 35.87
N VAL K 103 4.68 32.40 36.30
CA VAL K 103 5.20 32.83 37.59
C VAL K 103 5.80 34.24 37.48
N SER K 104 5.36 35.11 38.38
CA SER K 104 5.80 36.49 38.49
C SER K 104 5.95 36.87 39.96
N PHE K 105 6.92 37.75 40.25
CA PHE K 105 7.17 38.23 41.61
C PHE K 105 7.28 39.74 41.65
N ALA K 106 6.88 40.33 42.78
CA ALA K 106 6.93 41.77 42.95
C ALA K 106 7.12 42.12 44.40
N LYS K 107 7.97 43.13 44.65
CA LYS K 107 8.13 43.66 46.00
C LYS K 107 6.94 44.59 46.26
N ASN K 108 6.24 44.39 47.38
CA ASN K 108 5.12 45.24 47.82
C ASN K 108 5.26 45.38 49.33
N GLY K 109 6.06 46.37 49.73
CA GLY K 109 6.38 46.65 51.12
C GLY K 109 7.57 45.82 51.57
N ASN K 110 7.41 45.05 52.66
CA ASN K 110 8.43 44.15 53.20
C ASN K 110 8.08 42.73 52.77
N LYS K 111 7.24 42.64 51.73
CA LYS K 111 6.74 41.38 51.17
C LYS K 111 7.20 41.15 49.73
N ILE K 112 7.08 39.90 49.28
CA ILE K 112 7.27 39.50 47.89
C ILE K 112 5.97 38.87 47.50
N THR K 113 5.24 39.49 46.57
CA THR K 113 3.97 38.94 46.09
C THR K 113 4.30 37.97 44.95
N ALA K 114 3.99 36.69 45.17
CA ALA K 114 4.19 35.63 44.19
C ALA K 114 2.88 35.26 43.54
N ARG K 115 2.87 35.24 42.20
CA ARG K 115 1.71 34.85 41.39
C ARG K 115 2.13 33.68 40.55
N PHE K 116 1.34 32.59 40.56
CA PHE K 116 1.72 31.34 39.90
C PHE K 116 0.51 30.46 39.58
N THR K 117 0.69 29.56 38.62
CA THR K 117 -0.30 28.58 38.20
C THR K 117 0.31 27.19 38.35
N ILE K 118 -0.47 26.23 38.83
CA ILE K 118 -0.02 24.84 39.05
C ILE K 118 -0.95 23.89 38.30
N ASN K 119 -0.33 22.93 37.57
CA ASN K 119 -1.03 21.90 36.82
C ASN K 119 -0.75 20.51 37.36
N LYS K 120 -1.78 19.64 37.42
CA LYS K 120 -1.61 18.23 37.77
C LYS K 120 -1.52 17.50 36.43
N VAL K 121 -0.29 17.10 36.03
CA VAL K 121 0.02 16.50 34.72
C VAL K 121 -0.20 14.96 34.77
N VAL K 122 0.26 14.31 35.86
CA VAL K 122 0.10 12.87 36.05
C VAL K 122 -1.07 12.70 37.02
N ALA K 123 -2.20 12.16 36.53
CA ALA K 123 -3.47 11.98 37.27
C ALA K 123 -3.29 11.09 38.52
N ASN K 124 -2.37 10.12 38.43
CA ASN K 124 -2.01 9.17 39.48
C ASN K 124 -1.32 9.87 40.71
N ALA K 125 -0.55 10.93 40.46
CA ALA K 125 0.24 11.69 41.46
C ALA K 125 -0.65 12.47 42.43
N ASN K 126 -0.11 12.70 43.64
CA ASN K 126 -0.78 13.45 44.70
C ASN K 126 0.18 14.48 45.25
N MSE K 127 -0.31 15.73 45.41
CA MSE K 127 0.45 16.88 45.87
C MSE K 127 0.76 16.76 47.38
O MSE K 127 -0.13 16.37 48.15
CB MSE K 127 -0.38 18.14 45.57
CG MSE K 127 0.15 19.44 46.11
SE MSE K 127 -0.80 20.97 45.29
CE MSE K 127 -2.66 20.59 45.54
N GLU K 128 2.02 17.03 47.76
CA GLU K 128 2.48 16.98 49.16
C GLU K 128 2.62 18.39 49.76
N ASN K 129 3.22 19.32 48.99
CA ASN K 129 3.40 20.69 49.44
C ASN K 129 3.66 21.62 48.27
N VAL K 130 3.37 22.91 48.49
CA VAL K 130 3.69 24.01 47.59
C VAL K 130 4.48 25.00 48.40
N GLY K 131 5.64 25.40 47.90
CA GLY K 131 6.49 26.37 48.59
C GLY K 131 6.95 27.56 47.78
N ILE K 132 7.12 28.72 48.46
CA ILE K 132 7.70 29.95 47.92
C ILE K 132 9.05 30.09 48.59
N TYR K 133 10.11 30.29 47.83
CA TYR K 133 11.45 30.38 48.37
C TYR K 133 12.14 31.69 47.96
N LEU K 134 12.87 32.30 48.89
CA LEU K 134 13.69 33.50 48.67
C LEU K 134 15.15 33.16 48.99
N GLY K 135 16.08 33.53 48.11
CA GLY K 135 17.51 33.28 48.27
C GLY K 135 18.40 34.46 47.96
N THR K 136 19.67 34.43 48.44
CA THR K 136 20.61 35.53 48.18
C THR K 136 21.14 35.38 46.77
N GLY K 137 21.28 34.12 46.32
CA GLY K 137 21.82 33.72 45.02
C GLY K 137 20.88 32.98 44.07
N ILE K 138 21.30 32.83 42.79
CA ILE K 138 20.58 32.21 41.64
C ILE K 138 20.06 30.85 42.01
N LEU K 139 20.89 30.08 42.76
CA LEU K 139 20.46 28.77 43.22
C LEU K 139 19.61 28.92 44.48
N THR K 140 18.30 28.81 44.30
CA THR K 140 17.31 28.88 45.36
C THR K 140 16.37 27.69 45.18
N ASP K 141 16.03 27.02 46.28
CA ASP K 141 15.20 25.82 46.27
C ASP K 141 14.82 25.40 47.70
N GLU K 142 14.27 24.21 47.86
CA GLU K 142 13.82 23.78 49.18
C GLU K 142 15.04 23.53 50.10
N LYS K 143 16.24 23.19 49.57
CA LYS K 143 17.40 22.93 50.42
C LYS K 143 18.21 24.26 50.69
N GLN K 144 18.44 25.07 49.64
CA GLN K 144 19.11 26.38 49.76
C GLN K 144 18.10 27.53 49.71
N LYS K 145 17.94 28.24 50.84
CA LYS K 145 16.95 29.34 50.91
C LYS K 145 17.24 30.25 52.09
N GLU K 146 16.86 31.51 51.98
CA GLU K 146 17.00 32.45 53.09
C GLU K 146 15.64 32.53 53.83
N ALA K 147 14.57 32.14 53.14
CA ALA K 147 13.20 32.11 53.63
C ALA K 147 12.36 31.17 52.81
N GLU K 148 11.38 30.52 53.46
CA GLU K 148 10.41 29.65 52.77
C GLU K 148 9.03 29.90 53.32
N LEU K 149 8.05 29.51 52.52
CA LEU K 149 6.64 29.58 52.86
C LEU K 149 6.00 28.30 52.37
N LYS K 150 5.47 27.46 53.29
CA LYS K 150 4.84 26.18 52.96
C LYS K 150 3.33 26.42 52.93
N LEU K 151 2.70 26.26 51.75
CA LEU K 151 1.29 26.58 51.56
C LEU K 151 0.34 25.37 51.73
N GLY K 152 0.89 24.16 51.89
CA GLY K 152 0.07 22.97 52.03
C GLY K 152 -0.09 22.23 50.73
N ASN K 153 -1.12 21.37 50.65
CA ASN K 153 -1.32 20.56 49.45
C ASN K 153 -2.75 20.64 48.93
N THR K 154 -3.43 21.80 49.09
CA THR K 154 -4.78 21.92 48.56
C THR K 154 -4.87 23.22 47.73
N VAL K 155 -3.73 23.68 47.20
CA VAL K 155 -3.68 24.84 46.30
C VAL K 155 -4.51 24.51 45.04
N SER K 156 -5.42 25.43 44.61
CA SER K 156 -6.26 25.22 43.41
C SER K 156 -5.36 25.09 42.16
N LEU K 157 -5.83 24.29 41.21
CA LEU K 157 -5.12 23.97 39.98
C LEU K 157 -5.64 24.72 38.77
N ASP K 158 -4.79 24.77 37.71
CA ASP K 158 -5.03 25.34 36.38
C ASP K 158 -5.65 26.78 36.48
N GLN K 159 -5.16 27.56 37.46
CA GLN K 159 -5.58 28.95 37.70
C GLN K 159 -4.52 29.68 38.49
N GLU K 160 -4.48 31.01 38.36
CA GLU K 160 -3.49 31.82 39.08
C GLU K 160 -3.81 31.85 40.56
N ASN K 161 -2.77 31.80 41.39
CA ASN K 161 -2.89 31.96 42.83
C ASN K 161 -1.86 32.97 43.27
N THR K 162 -2.13 33.67 44.38
CA THR K 162 -1.26 34.69 44.94
C THR K 162 -0.88 34.30 46.35
N ALA K 163 0.40 34.47 46.68
CA ALA K 163 0.94 34.26 48.02
C ALA K 163 1.98 35.33 48.32
N GLU K 164 2.04 35.79 49.58
CA GLU K 164 3.01 36.81 49.98
C GLU K 164 3.93 36.27 51.04
N ILE K 165 5.25 36.28 50.75
CA ILE K 165 6.32 35.83 51.64
C ILE K 165 7.06 37.08 52.12
N GLU K 166 7.32 37.17 53.43
CA GLU K 166 8.01 38.32 53.99
C GLU K 166 9.52 38.23 53.73
N ILE K 167 10.12 39.38 53.35
CA ILE K 167 11.54 39.52 53.07
C ILE K 167 12.29 39.40 54.42
N PRO K 168 13.21 38.42 54.61
CA PRO K 168 13.90 38.30 55.91
C PRO K 168 14.84 39.51 56.18
N SER K 169 15.42 39.57 57.40
CA SER K 169 16.35 40.63 57.83
C SER K 169 17.62 40.64 57.00
N GLY K 170 18.10 39.43 56.67
CA GLY K 170 19.31 39.21 55.88
C GLY K 170 19.17 39.41 54.38
N LEU K 171 18.07 40.01 53.90
CA LEU K 171 17.89 40.31 52.48
C LEU K 171 17.30 41.69 52.26
N VAL K 172 16.81 42.33 53.33
CA VAL K 172 16.00 43.52 53.25
C VAL K 172 16.86 44.73 52.75
N ASN K 173 18.18 44.77 53.01
CA ASN K 173 18.96 45.92 52.56
C ASN K 173 19.88 45.53 51.37
N GLU K 174 19.55 44.44 50.70
CA GLU K 174 20.27 44.00 49.52
C GLU K 174 19.68 44.65 48.27
N SER K 175 20.46 44.69 47.18
CA SER K 175 20.03 45.31 45.93
C SER K 175 18.88 44.54 45.31
N TYR K 176 18.96 43.22 45.44
CA TYR K 176 18.00 42.30 44.87
C TYR K 176 18.05 40.95 45.59
N LEU K 177 17.13 40.05 45.23
CA LEU K 177 17.09 38.68 45.74
C LEU K 177 16.59 37.78 44.61
N TYR K 178 16.65 36.45 44.80
CA TYR K 178 16.11 35.52 43.83
C TYR K 178 14.90 34.79 44.47
N ALA K 179 13.77 34.71 43.75
CA ALA K 179 12.52 34.13 44.22
C ALA K 179 12.12 32.96 43.35
N ARG K 180 11.42 31.97 43.95
CA ARG K 180 11.06 30.75 43.22
C ARG K 180 9.89 30.04 43.87
N VAL K 181 9.09 29.33 43.05
CA VAL K 181 7.93 28.55 43.51
C VAL K 181 8.21 27.08 43.23
N GLY K 182 7.91 26.21 44.19
CA GLY K 182 8.07 24.76 44.07
C GLY K 182 6.86 23.93 44.47
N VAL K 183 6.65 22.80 43.79
CA VAL K 183 5.54 21.88 44.12
C VAL K 183 6.10 20.43 44.19
N LYS K 184 5.85 19.73 45.32
CA LYS K 184 6.31 18.36 45.52
C LYS K 184 5.15 17.38 45.52
N SER K 185 5.34 16.24 44.79
CA SER K 185 4.36 15.15 44.70
C SER K 185 4.84 13.98 45.53
N ASP K 186 3.96 12.97 45.69
CA ASP K 186 4.27 11.74 46.40
C ASP K 186 5.04 10.74 45.49
N LYS K 187 5.32 11.09 44.20
CA LYS K 187 5.92 10.18 43.25
C LYS K 187 7.44 10.48 43.00
N SER K 188 7.97 11.57 43.58
CA SER K 188 9.39 11.94 43.48
C SER K 188 9.87 12.56 44.78
N SER K 189 11.19 12.40 45.06
CA SER K 189 11.84 12.95 46.27
C SER K 189 12.22 14.41 46.08
N GLU K 190 12.01 14.91 44.87
CA GLU K 190 12.41 16.25 44.48
C GLU K 190 11.20 17.11 44.09
N TYR K 191 11.25 18.42 44.42
CA TYR K 191 10.24 19.41 44.01
C TYR K 191 10.42 19.77 42.56
N CYS K 192 9.36 20.25 41.95
CA CYS K 192 9.42 20.81 40.62
C CYS K 192 9.26 22.30 40.79
N TYR K 193 10.15 23.08 40.17
CA TYR K 193 10.15 24.51 40.40
C TYR K 193 9.89 25.39 39.18
N SER K 194 9.57 26.62 39.47
CA SER K 194 9.49 27.73 38.54
C SER K 194 10.89 28.17 38.21
N GLN K 195 11.04 29.19 37.39
CA GLN K 195 12.37 29.69 37.13
C GLN K 195 12.83 30.52 38.32
N SER K 196 14.16 30.56 38.60
CA SER K 196 14.68 31.41 39.67
C SER K 196 14.72 32.83 39.12
N ILE K 197 13.83 33.71 39.61
CA ILE K 197 13.65 35.06 39.10
C ILE K 197 14.21 36.10 40.06
N LYS K 198 15.04 37.02 39.53
CA LYS K 198 15.59 38.12 40.33
C LYS K 198 14.48 39.12 40.64
N VAL K 199 14.43 39.59 41.90
CA VAL K 199 13.48 40.62 42.31
C VAL K 199 14.30 41.79 42.84
N ALA K 200 14.19 42.99 42.20
CA ALA K 200 14.88 44.19 42.67
C ALA K 200 14.25 44.65 44.00
N LEU K 201 15.07 45.09 44.97
CA LEU K 201 14.56 45.52 46.28
C LEU K 201 14.84 47.01 46.50
N LYS K 202 15.53 47.60 45.53
CA LYS K 202 15.87 49.01 45.51
C LYS K 202 15.44 49.59 44.17
N LYS L 7 -5.77 7.42 -34.33
CA LYS L 7 -6.75 7.20 -33.26
C LYS L 7 -8.21 7.34 -33.81
N ALA L 8 -9.19 6.71 -33.11
CA ALA L 8 -10.61 6.63 -33.48
C ALA L 8 -11.36 7.94 -33.24
N THR L 9 -12.60 8.04 -33.79
CA THR L 9 -13.47 9.20 -33.65
C THR L 9 -14.80 8.81 -33.01
N LEU L 10 -15.13 9.41 -31.84
CA LEU L 10 -16.41 9.23 -31.15
C LEU L 10 -17.32 10.40 -31.45
N THR L 11 -18.46 10.15 -32.13
CA THR L 11 -19.41 11.20 -32.47
C THR L 11 -20.79 10.83 -31.92
N GLY L 12 -21.69 11.79 -31.88
CA GLY L 12 -23.04 11.61 -31.36
C GLY L 12 -23.75 12.93 -31.19
N LYS L 13 -24.82 12.93 -30.36
CA LYS L 13 -25.68 14.07 -30.04
C LYS L 13 -26.23 14.01 -28.61
N ALA L 14 -26.49 15.19 -27.99
CA ALA L 14 -27.21 15.27 -26.71
C ALA L 14 -28.68 15.15 -27.03
N ILE L 15 -29.31 14.01 -26.66
CA ILE L 15 -30.69 13.70 -27.04
C ILE L 15 -31.68 13.78 -25.86
N TYR L 16 -32.89 14.27 -26.18
CA TYR L 16 -34.10 14.34 -25.37
C TYR L 16 -35.28 14.12 -26.29
N ASP L 17 -36.15 13.14 -25.97
CA ASP L 17 -37.36 12.76 -26.75
C ASP L 17 -36.99 12.61 -28.23
N GLY L 18 -35.84 11.96 -28.46
CA GLY L 18 -35.29 11.66 -29.78
C GLY L 18 -34.86 12.84 -30.61
N GLU L 19 -34.68 14.01 -29.96
CA GLU L 19 -34.25 15.23 -30.63
C GLU L 19 -32.95 15.76 -30.07
N ALA L 20 -32.09 16.35 -30.92
CA ALA L 20 -30.85 16.99 -30.45
C ALA L 20 -31.20 18.25 -29.66
N VAL L 21 -30.65 18.38 -28.44
CA VAL L 21 -30.93 19.51 -27.53
C VAL L 21 -30.01 20.67 -27.91
N GLY L 22 -30.58 21.72 -28.51
CA GLY L 22 -29.86 22.92 -28.93
C GLY L 22 -29.35 23.73 -27.75
N VAL L 23 -28.07 24.12 -27.79
CA VAL L 23 -27.45 24.81 -26.67
C VAL L 23 -26.57 25.99 -27.21
N ARG L 24 -25.97 26.80 -26.32
CA ARG L 24 -25.13 27.92 -26.74
C ARG L 24 -23.75 27.40 -27.08
N SER L 25 -23.20 27.93 -28.18
CA SER L 25 -21.87 27.52 -28.62
C SER L 25 -20.82 27.84 -27.54
N GLY L 26 -20.00 26.85 -27.24
CA GLY L 26 -18.94 26.95 -26.25
C GLY L 26 -19.41 27.15 -24.82
N SER L 27 -20.51 26.49 -24.43
CA SER L 27 -21.04 26.60 -23.08
C SER L 27 -21.19 25.25 -22.37
N SER L 28 -21.55 24.22 -23.16
CA SER L 28 -21.85 22.91 -22.64
C SER L 28 -20.90 21.85 -23.15
N GLU L 29 -20.65 20.89 -22.25
CA GLU L 29 -19.70 19.78 -22.39
C GLU L 29 -20.14 18.52 -21.68
N PHE L 30 -19.39 17.45 -21.94
CA PHE L 30 -19.40 16.15 -21.28
C PHE L 30 -17.99 15.84 -20.86
N ALA L 31 -17.83 15.03 -19.81
CA ALA L 31 -16.53 14.61 -19.32
C ALA L 31 -16.40 13.12 -19.52
N LEU L 32 -15.32 12.72 -20.13
CA LEU L 32 -15.09 11.33 -20.48
C LEU L 32 -13.84 10.84 -19.85
N PHE L 33 -13.82 9.58 -19.40
CA PHE L 33 -12.61 8.97 -18.84
C PHE L 33 -12.77 7.48 -18.64
N GLN L 34 -11.74 6.74 -19.07
CA GLN L 34 -11.57 5.29 -18.97
C GLN L 34 -11.23 4.85 -17.54
N ASP L 35 -11.28 3.53 -17.22
CA ASP L 35 -10.90 3.09 -15.88
C ASP L 35 -9.36 2.90 -15.79
N GLY L 41 -6.45 11.32 -15.82
CA GLY L 41 -7.55 12.28 -15.61
C GLY L 41 -8.83 12.09 -16.44
N SER L 42 -9.54 13.22 -16.85
CA SER L 42 -10.79 13.26 -17.68
C SER L 42 -10.61 14.00 -19.02
N ILE L 43 -11.30 13.53 -20.09
CA ILE L 43 -11.23 14.10 -21.43
C ILE L 43 -12.48 14.94 -21.70
N PRO L 44 -12.32 16.25 -22.02
CA PRO L 44 -13.50 17.10 -22.25
C PRO L 44 -14.07 16.90 -23.65
N VAL L 45 -15.40 16.76 -23.71
CA VAL L 45 -16.16 16.59 -24.94
C VAL L 45 -16.93 17.87 -25.16
N TYR L 46 -16.61 18.60 -26.23
CA TYR L 46 -17.27 19.88 -26.52
C TYR L 46 -18.48 19.66 -27.41
N ILE L 47 -19.64 20.11 -26.92
CA ILE L 47 -20.94 20.04 -27.58
C ILE L 47 -21.11 21.28 -28.42
N ALA L 48 -21.39 21.11 -29.73
CA ALA L 48 -21.66 22.23 -30.63
C ALA L 48 -23.07 22.80 -30.37
N GLN L 49 -23.37 23.94 -31.01
CA GLN L 49 -24.63 24.66 -30.88
C GLN L 49 -25.85 23.77 -31.18
N ASP L 50 -25.73 22.87 -32.15
CA ASP L 50 -26.86 22.01 -32.55
C ASP L 50 -26.96 20.69 -31.71
N GLY L 51 -26.29 20.64 -30.57
CA GLY L 51 -26.30 19.48 -29.69
C GLY L 51 -25.35 18.36 -30.08
N SER L 52 -24.73 18.42 -31.29
CA SER L 52 -23.81 17.37 -31.75
C SER L 52 -22.40 17.46 -31.10
N TYR L 53 -21.59 16.39 -31.21
CA TYR L 53 -20.22 16.40 -30.67
C TYR L 53 -19.33 15.42 -31.45
N SER L 54 -18.02 15.61 -31.38
CA SER L 54 -16.97 14.73 -31.93
C SER L 54 -15.74 14.89 -31.08
N VAL L 55 -15.10 13.78 -30.77
CA VAL L 55 -13.90 13.75 -29.95
C VAL L 55 -13.01 12.60 -30.47
N SER L 56 -11.73 12.88 -30.73
CA SER L 56 -10.84 11.80 -31.17
C SER L 56 -10.24 11.16 -29.93
N LEU L 57 -10.24 9.83 -29.89
CA LEU L 57 -9.79 9.04 -28.74
C LEU L 57 -8.99 7.83 -29.15
N PHE L 58 -8.22 7.28 -28.21
CA PHE L 58 -7.60 5.99 -28.46
C PHE L 58 -8.63 4.92 -28.16
N ASN L 59 -8.53 3.75 -28.83
CA ASN L 59 -9.47 2.64 -28.60
C ASN L 59 -9.39 2.20 -27.13
N GLY L 60 -10.55 1.94 -26.53
CA GLY L 60 -10.65 1.54 -25.13
C GLY L 60 -12.05 1.63 -24.56
N ASP L 61 -12.16 1.43 -23.25
CA ASP L 61 -13.43 1.50 -22.52
C ASP L 61 -13.47 2.79 -21.71
N TYR L 62 -14.46 3.65 -21.99
CA TYR L 62 -14.63 4.96 -21.36
C TYR L 62 -15.94 5.08 -20.59
N LYS L 63 -15.96 5.99 -19.60
CA LYS L 63 -17.12 6.35 -18.78
C LYS L 63 -17.40 7.84 -18.99
N LEU L 64 -18.63 8.19 -19.44
CA LEU L 64 -19.02 9.58 -19.71
C LEU L 64 -19.94 10.08 -18.60
N VAL L 65 -19.74 11.33 -18.17
CA VAL L 65 -20.58 11.97 -17.15
C VAL L 65 -21.04 13.35 -17.65
N ARG L 66 -22.32 13.66 -17.30
CA ARG L 66 -22.98 14.94 -17.56
C ARG L 66 -22.45 15.91 -16.55
N MSE L 67 -21.97 17.10 -17.00
CA MSE L 67 -21.39 18.09 -16.08
C MSE L 67 -21.28 19.50 -16.73
O MSE L 67 -21.64 19.71 -17.91
CB MSE L 67 -19.99 17.62 -15.60
CG MSE L 67 -19.08 17.14 -16.72
SE MSE L 67 -18.54 18.46 -18.06
CE MSE L 67 -17.53 19.68 -16.89
N GLY L 68 -20.77 20.46 -15.94
CA GLY L 68 -20.58 21.82 -16.38
C GLY L 68 -21.79 22.69 -16.09
N ASN L 69 -22.05 23.63 -16.99
CA ASN L 69 -23.17 24.56 -16.86
C ASN L 69 -24.31 24.22 -17.82
N ALA L 70 -24.24 23.06 -18.52
CA ALA L 70 -25.23 22.59 -19.48
C ALA L 70 -26.68 22.73 -18.95
N PRO L 71 -27.65 23.13 -19.81
CA PRO L 71 -29.03 23.33 -19.34
C PRO L 71 -29.83 22.02 -19.16
N TRP L 72 -29.22 20.99 -18.57
CA TRP L 72 -29.86 19.72 -18.28
C TRP L 72 -29.33 19.16 -16.97
N GLU L 73 -29.99 18.11 -16.44
CA GLU L 73 -29.56 17.49 -15.19
C GLU L 73 -28.17 16.93 -15.36
N ARG L 74 -27.29 17.16 -14.36
CA ARG L 74 -25.90 16.73 -14.41
C ARG L 74 -25.58 15.85 -13.18
N PRO L 75 -26.08 14.59 -13.13
CA PRO L 75 -25.76 13.74 -11.96
C PRO L 75 -24.32 13.24 -11.99
N SER L 76 -23.64 13.32 -10.84
CA SER L 76 -22.24 12.87 -10.66
C SER L 76 -22.15 11.35 -10.69
N ASN L 77 -23.09 10.71 -9.96
CA ASN L 77 -23.28 9.27 -9.77
C ASN L 77 -23.57 8.50 -11.07
N ASP L 78 -24.36 9.11 -12.00
CA ASP L 78 -24.78 8.46 -13.26
C ASP L 78 -23.69 8.59 -14.33
N THR L 79 -23.16 7.44 -14.76
CA THR L 79 -22.11 7.31 -15.80
C THR L 79 -22.66 6.53 -17.00
N ILE L 80 -22.12 6.78 -18.19
CA ILE L 80 -22.50 6.10 -19.44
C ILE L 80 -21.25 5.38 -19.96
N TYR L 81 -21.32 4.05 -20.04
CA TYR L 81 -20.19 3.26 -20.51
C TYR L 81 -20.19 3.23 -22.04
N ILE L 82 -19.07 3.66 -22.63
CA ILE L 82 -18.84 3.73 -24.08
C ILE L 82 -17.63 2.89 -24.43
N THR L 83 -17.81 1.89 -25.30
CA THR L 83 -16.72 1.05 -25.76
C THR L 83 -16.35 1.55 -27.16
N VAL L 84 -15.13 2.07 -27.31
CA VAL L 84 -14.69 2.57 -28.60
C VAL L 84 -13.64 1.58 -29.17
N ARG L 85 -14.03 0.97 -30.30
CA ARG L 85 -13.26 0.03 -31.14
C ARG L 85 -13.51 0.50 -32.56
N GLY L 86 -12.61 1.38 -33.03
CA GLY L 86 -12.70 2.06 -34.31
C GLY L 86 -13.66 3.23 -34.17
N ASN L 87 -13.98 3.92 -35.29
CA ASN L 87 -14.93 5.03 -35.26
C ASN L 87 -16.25 4.54 -34.68
N THR L 88 -16.68 5.19 -33.59
CA THR L 88 -17.86 4.82 -32.81
C THR L 88 -18.80 6.03 -32.73
N VAL L 89 -20.11 5.77 -32.75
CA VAL L 89 -21.14 6.77 -32.66
C VAL L 89 -22.11 6.38 -31.53
N GLN L 90 -22.35 7.30 -30.57
CA GLN L 90 -23.28 7.06 -29.46
C GLN L 90 -23.93 8.36 -29.00
N ASP L 91 -25.25 8.42 -29.07
CA ASP L 91 -25.98 9.58 -28.60
C ASP L 91 -26.08 9.53 -27.07
N ILE L 92 -26.03 10.71 -26.42
CA ILE L 92 -26.05 10.80 -24.97
C ILE L 92 -27.41 11.35 -24.50
N PRO L 93 -28.23 10.53 -23.82
CA PRO L 93 -29.50 11.05 -23.29
C PRO L 93 -29.28 12.07 -22.17
N VAL L 94 -30.04 13.15 -22.22
CA VAL L 94 -30.02 14.20 -21.21
C VAL L 94 -31.44 14.53 -20.85
N THR L 95 -31.66 15.12 -19.68
CA THR L 95 -32.99 15.53 -19.27
C THR L 95 -32.92 17.06 -19.03
N PRO L 96 -33.26 17.89 -20.05
CA PRO L 96 -33.22 19.36 -19.86
C PRO L 96 -34.25 19.78 -18.80
N TYR L 97 -34.08 20.96 -18.20
CA TYR L 97 -35.03 21.42 -17.19
C TYR L 97 -36.30 21.84 -17.93
N PHE L 98 -36.10 22.60 -19.00
CA PHE L 98 -37.09 23.07 -19.95
C PHE L 98 -36.62 22.71 -21.35
N PHE L 99 -37.55 22.32 -22.23
CA PHE L 99 -37.19 21.95 -23.60
C PHE L 99 -38.03 22.75 -24.61
N VAL L 100 -37.38 23.21 -25.70
CA VAL L 100 -38.02 23.99 -26.77
C VAL L 100 -38.18 23.09 -27.99
N ARG L 101 -39.41 22.95 -28.50
CA ARG L 101 -39.67 22.11 -29.69
C ARG L 101 -40.62 22.81 -30.67
N ASN L 102 -40.81 22.20 -31.86
CA ASN L 102 -41.75 22.57 -32.94
C ASN L 102 -41.71 24.09 -33.21
N VAL L 103 -40.49 24.55 -33.48
CA VAL L 103 -40.11 25.94 -33.68
C VAL L 103 -40.09 26.26 -35.18
N SER L 104 -40.79 27.36 -35.52
CA SER L 104 -40.87 27.88 -36.88
C SER L 104 -40.78 29.39 -36.85
N PHE L 105 -40.23 29.98 -37.90
CA PHE L 105 -40.10 31.44 -38.03
C PHE L 105 -40.55 31.91 -39.39
N ALA L 106 -41.06 33.17 -39.46
CA ALA L 106 -41.47 33.77 -40.71
C ALA L 106 -41.34 35.27 -40.68
N LYS L 107 -40.90 35.87 -41.79
CA LYS L 107 -40.85 37.34 -41.88
C LYS L 107 -42.26 37.84 -42.18
N ASN L 108 -42.73 38.81 -41.40
CA ASN L 108 -44.03 39.45 -41.57
C ASN L 108 -43.77 40.93 -41.35
N GLY L 109 -43.57 41.64 -42.46
CA GLY L 109 -43.26 43.06 -42.48
C GLY L 109 -41.85 43.31 -42.01
N ASN L 110 -41.71 44.13 -40.95
CA ASN L 110 -40.42 44.46 -40.31
C ASN L 110 -40.23 43.58 -39.07
N LYS L 111 -40.98 42.46 -39.00
CA LYS L 111 -40.96 41.58 -37.84
C LYS L 111 -40.75 40.10 -38.24
N ILE L 112 -40.27 39.30 -37.27
CA ILE L 112 -40.08 37.87 -37.42
C ILE L 112 -41.09 37.21 -36.49
N THR L 113 -42.06 36.48 -37.06
CA THR L 113 -43.07 35.78 -36.26
C THR L 113 -42.50 34.42 -35.84
N ALA L 114 -42.30 34.25 -34.53
CA ALA L 114 -41.77 33.04 -33.95
C ALA L 114 -42.87 32.22 -33.34
N ARG L 115 -42.96 30.94 -33.69
CA ARG L 115 -43.92 29.97 -33.15
C ARG L 115 -43.12 28.87 -32.50
N PHE L 116 -43.45 28.54 -31.25
CA PHE L 116 -42.67 27.58 -30.47
C PHE L 116 -43.49 26.95 -29.35
N THR L 117 -43.04 25.78 -28.89
CA THR L 117 -43.63 25.03 -27.80
C THR L 117 -42.55 24.84 -26.73
N ILE L 118 -42.93 24.96 -25.44
CA ILE L 118 -42.03 24.81 -24.30
C ILE L 118 -42.60 23.75 -23.35
N ASN L 119 -41.72 22.85 -22.90
CA ASN L 119 -42.06 21.79 -21.95
C ASN L 119 -41.28 21.95 -20.66
N LYS L 120 -41.93 21.73 -19.50
CA LYS L 120 -41.25 21.70 -18.21
C LYS L 120 -41.00 20.23 -17.95
N VAL L 121 -39.74 19.80 -18.18
CA VAL L 121 -39.33 18.40 -18.07
C VAL L 121 -39.01 18.06 -16.60
N VAL L 122 -38.26 18.94 -15.90
CA VAL L 122 -37.90 18.77 -14.49
C VAL L 122 -38.91 19.58 -13.67
N ALA L 123 -39.79 18.88 -12.91
CA ALA L 123 -40.88 19.47 -12.11
C ALA L 123 -40.37 20.45 -11.05
N ASN L 124 -39.19 20.18 -10.53
CA ASN L 124 -38.48 20.95 -9.51
C ASN L 124 -38.06 22.35 -10.01
N ALA L 125 -37.68 22.46 -11.31
CA ALA L 125 -37.17 23.67 -11.98
C ALA L 125 -38.23 24.76 -12.11
N ASN L 126 -37.78 26.02 -12.15
CA ASN L 126 -38.64 27.19 -12.31
C ASN L 126 -38.08 28.06 -13.41
N MSE L 127 -38.95 28.48 -14.32
CA MSE L 127 -38.63 29.28 -15.50
C MSE L 127 -38.23 30.71 -15.09
O MSE L 127 -38.86 31.30 -14.21
CB MSE L 127 -39.88 29.27 -16.41
CG MSE L 127 -39.79 30.16 -17.61
SE MSE L 127 -41.22 29.78 -18.92
CE MSE L 127 -42.83 29.72 -17.84
N GLU L 128 -37.12 31.22 -15.68
CA GLU L 128 -36.62 32.57 -15.40
C GLU L 128 -36.94 33.53 -16.52
N ASN L 129 -36.72 33.09 -17.77
CA ASN L 129 -36.98 33.89 -18.95
C ASN L 129 -37.09 33.04 -20.19
N VAL L 130 -37.82 33.58 -21.16
CA VAL L 130 -38.00 33.06 -22.51
C VAL L 130 -37.53 34.17 -23.44
N GLY L 131 -36.70 33.83 -24.38
CA GLY L 131 -36.19 34.82 -25.31
C GLY L 131 -36.20 34.38 -26.75
N ILE L 132 -36.38 35.35 -27.66
CA ILE L 132 -36.28 35.21 -29.12
C ILE L 132 -35.04 35.98 -29.52
N TYR L 133 -34.17 35.35 -30.31
CA TYR L 133 -32.91 35.96 -30.71
C TYR L 133 -32.78 35.97 -32.22
N LEU L 134 -32.25 37.08 -32.76
CA LEU L 134 -31.94 37.27 -34.17
C LEU L 134 -30.44 37.56 -34.30
N GLY L 135 -29.77 36.86 -35.21
CA GLY L 135 -28.35 37.01 -35.45
C GLY L 135 -28.00 37.09 -36.92
N THR L 136 -26.78 37.59 -37.23
CA THR L 136 -26.32 37.68 -38.62
C THR L 136 -25.82 36.29 -39.06
N GLY L 137 -25.21 35.55 -38.13
CA GLY L 137 -24.61 34.25 -38.38
C GLY L 137 -25.28 33.07 -37.72
N ILE L 138 -24.91 31.85 -38.19
CA ILE L 138 -25.44 30.53 -37.77
C ILE L 138 -25.34 30.41 -36.24
N LEU L 139 -24.35 31.05 -35.59
CA LEU L 139 -24.25 31.04 -34.13
C LEU L 139 -25.01 32.25 -33.55
N THR L 140 -26.18 31.97 -32.97
CA THR L 140 -27.06 32.95 -32.36
C THR L 140 -27.48 32.38 -31.00
N ASP L 141 -27.42 33.21 -29.95
CA ASP L 141 -27.75 32.85 -28.58
C ASP L 141 -27.96 34.11 -27.73
N GLU L 142 -28.08 33.94 -26.39
CA GLU L 142 -28.31 35.06 -25.48
C GLU L 142 -27.06 35.97 -25.44
N LYS L 143 -25.83 35.45 -25.73
CA LYS L 143 -24.65 36.29 -25.71
C LYS L 143 -24.38 36.92 -27.12
N GLN L 144 -24.49 36.13 -28.21
CA GLN L 144 -24.32 36.58 -29.61
CA GLN L 144 -24.27 36.68 -29.55
C GLN L 144 -25.64 36.76 -30.30
N LYS L 145 -26.04 38.00 -30.65
CA LYS L 145 -27.34 38.32 -31.32
C LYS L 145 -27.33 39.76 -31.85
N GLU L 146 -28.13 40.05 -32.86
CA GLU L 146 -28.21 41.42 -33.36
C GLU L 146 -29.45 42.09 -32.73
N ALA L 147 -30.37 41.26 -32.13
CA ALA L 147 -31.63 41.64 -31.44
C ALA L 147 -32.15 40.54 -30.50
N GLU L 148 -32.78 40.92 -29.38
CA GLU L 148 -33.39 39.97 -28.46
C GLU L 148 -34.77 40.47 -28.03
N LEU L 149 -35.59 39.54 -27.55
CA LEU L 149 -36.93 39.78 -27.02
C LEU L 149 -37.10 38.95 -25.78
N LYS L 150 -37.23 39.58 -24.61
CA LYS L 150 -37.38 38.88 -23.34
C LYS L 150 -38.85 38.82 -23.03
N LEU L 151 -39.44 37.61 -23.00
CA LEU L 151 -40.90 37.41 -22.85
C LEU L 151 -41.36 37.22 -21.39
N GLY L 152 -40.42 37.03 -20.48
CA GLY L 152 -40.79 36.80 -19.10
C GLY L 152 -40.75 35.32 -18.77
N ASN L 153 -41.43 34.92 -17.71
CA ASN L 153 -41.39 33.55 -17.22
C ASN L 153 -42.78 33.01 -16.91
N THR L 154 -43.80 33.44 -17.67
CA THR L 154 -45.15 32.93 -17.45
C THR L 154 -45.72 32.40 -18.79
N VAL L 155 -44.85 32.07 -19.73
CA VAL L 155 -45.24 31.53 -21.03
C VAL L 155 -45.94 30.16 -20.78
N SER L 156 -47.10 29.94 -21.43
CA SER L 156 -47.83 28.67 -21.29
C SER L 156 -46.98 27.51 -21.83
N LEU L 157 -47.18 26.34 -21.21
CA LEU L 157 -46.46 25.10 -21.48
C LEU L 157 -47.23 24.12 -22.34
N ASP L 158 -46.50 23.18 -22.98
CA ASP L 158 -47.00 22.04 -23.77
C ASP L 158 -48.03 22.49 -24.84
N GLN L 159 -47.82 23.69 -25.42
CA GLN L 159 -48.68 24.28 -26.44
C GLN L 159 -47.91 25.32 -27.21
N GLU L 160 -48.34 25.59 -28.45
CA GLU L 160 -47.72 26.57 -29.31
C GLU L 160 -47.98 27.97 -28.81
N ASN L 161 -46.97 28.82 -28.88
CA ASN L 161 -47.08 30.24 -28.56
C ASN L 161 -46.47 31.02 -29.70
N THR L 162 -46.93 32.25 -29.90
CA THR L 162 -46.47 33.13 -30.97
C THR L 162 -45.93 34.43 -30.37
N ALA L 163 -44.76 34.87 -30.88
CA ALA L 163 -44.12 36.11 -30.50
C ALA L 163 -43.50 36.76 -31.72
N GLU L 164 -43.54 38.09 -31.80
CA GLU L 164 -42.99 38.84 -32.94
C GLU L 164 -41.88 39.76 -32.47
N ILE L 165 -40.66 39.55 -33.00
CA ILE L 165 -39.47 40.33 -32.73
C ILE L 165 -39.19 41.20 -33.97
N GLU L 166 -38.90 42.49 -33.73
CA GLU L 166 -38.64 43.45 -34.78
C GLU L 166 -37.23 43.26 -35.34
N ILE L 167 -37.12 43.27 -36.69
CA ILE L 167 -35.87 43.13 -37.41
C ILE L 167 -35.04 44.41 -37.16
N PRO L 168 -33.82 44.28 -36.56
CA PRO L 168 -33.00 45.47 -36.26
C PRO L 168 -32.46 46.16 -37.53
N SER L 169 -32.09 47.44 -37.38
CA SER L 169 -31.61 48.33 -38.43
C SER L 169 -30.41 47.73 -39.19
N GLY L 170 -29.46 47.12 -38.48
CA GLY L 170 -28.29 46.52 -39.12
C GLY L 170 -28.49 45.14 -39.72
N LEU L 171 -29.73 44.73 -39.90
CA LEU L 171 -30.01 43.39 -40.39
C LEU L 171 -31.15 43.41 -41.41
N VAL L 172 -31.83 44.55 -41.52
CA VAL L 172 -33.01 44.76 -42.37
C VAL L 172 -32.62 44.71 -43.88
N ASN L 173 -31.37 45.00 -44.25
CA ASN L 173 -31.02 44.99 -45.68
C ASN L 173 -30.19 43.74 -46.05
N GLU L 174 -30.19 42.74 -45.17
CA GLU L 174 -29.48 41.50 -45.41
C GLU L 174 -30.38 40.51 -46.15
N SER L 175 -29.76 39.58 -46.84
CA SER L 175 -30.41 38.57 -47.66
C SER L 175 -31.19 37.57 -46.81
N TYR L 176 -30.69 37.30 -45.59
CA TYR L 176 -31.28 36.38 -44.61
C TYR L 176 -30.71 36.64 -43.23
N LEU L 177 -31.28 36.00 -42.20
CA LEU L 177 -30.82 36.06 -40.82
C LEU L 177 -31.07 34.71 -40.16
N TYR L 178 -30.56 34.55 -38.93
CA TYR L 178 -30.73 33.33 -38.14
C TYR L 178 -31.53 33.67 -36.92
N ALA L 179 -32.55 32.85 -36.67
CA ALA L 179 -33.48 33.06 -35.57
C ALA L 179 -33.48 31.88 -34.64
N ARG L 180 -33.74 32.13 -33.36
CA ARG L 180 -33.67 31.09 -32.34
C ARG L 180 -34.48 31.45 -31.10
N VAL L 181 -35.00 30.43 -30.43
CA VAL L 181 -35.76 30.58 -29.18
C VAL L 181 -34.98 29.90 -28.07
N GLY L 182 -34.82 30.58 -26.95
CA GLY L 182 -34.19 30.02 -25.76
C GLY L 182 -35.06 30.16 -24.51
N VAL L 183 -34.94 29.21 -23.54
CA VAL L 183 -35.63 29.24 -22.24
C VAL L 183 -34.58 28.96 -21.11
N LYS L 184 -34.52 29.85 -20.10
CA LYS L 184 -33.62 29.70 -18.97
C LYS L 184 -34.39 29.35 -17.68
N SER L 185 -33.86 28.37 -16.92
CA SER L 185 -34.40 27.94 -15.62
C SER L 185 -33.52 28.44 -14.51
N ASP L 186 -34.00 28.27 -13.25
CA ASP L 186 -33.27 28.66 -12.03
C ASP L 186 -32.24 27.57 -11.64
N LYS L 187 -32.16 26.43 -12.41
CA LYS L 187 -31.31 25.29 -12.05
C LYS L 187 -30.02 25.21 -12.91
N SER L 188 -29.87 26.09 -13.92
CA SER L 188 -28.69 26.18 -14.79
C SER L 188 -28.40 27.63 -15.15
N SER L 189 -27.10 27.96 -15.34
CA SER L 189 -26.63 29.29 -15.72
C SER L 189 -26.77 29.52 -17.23
N GLU L 190 -27.20 28.48 -17.96
CA GLU L 190 -27.27 28.47 -19.40
C GLU L 190 -28.69 28.27 -19.90
N TYR L 191 -29.06 28.94 -21.02
CA TYR L 191 -30.36 28.75 -21.67
C TYR L 191 -30.38 27.47 -22.44
N CYS L 192 -31.58 26.94 -22.66
CA CYS L 192 -31.79 25.81 -23.54
C CYS L 192 -32.45 26.35 -24.78
N TYR L 193 -31.92 26.01 -25.95
CA TYR L 193 -32.42 26.63 -27.18
C TYR L 193 -33.01 25.67 -28.21
N SER L 194 -33.74 26.28 -29.14
CA SER L 194 -34.23 25.67 -30.37
C SER L 194 -33.08 25.56 -31.34
N GLN L 195 -33.33 25.05 -32.54
CA GLN L 195 -32.27 25.03 -33.53
C GLN L 195 -32.13 26.44 -34.12
N SER L 196 -30.91 26.79 -34.57
CA SER L 196 -30.71 28.09 -35.22
C SER L 196 -31.21 27.94 -36.66
N ILE L 197 -32.33 28.62 -36.99
CA ILE L 197 -33.01 28.50 -38.27
C ILE L 197 -32.82 29.76 -39.13
N LYS L 198 -32.39 29.55 -40.38
CA LYS L 198 -32.24 30.62 -41.36
C LYS L 198 -33.62 31.15 -41.75
N VAL L 199 -33.75 32.46 -41.87
CA VAL L 199 -35.00 33.11 -42.27
C VAL L 199 -34.69 34.06 -43.42
N ALA L 200 -35.26 33.80 -44.61
CA ALA L 200 -35.06 34.67 -45.76
C ALA L 200 -35.72 36.04 -45.53
N LEU L 201 -35.01 37.13 -45.89
CA LEU L 201 -35.53 38.49 -45.74
C LEU L 201 -35.83 39.09 -47.12
N LYS L 202 -35.23 38.48 -48.15
CA LYS L 202 -35.34 38.85 -49.56
C LYS L 202 -35.75 37.64 -50.40
N PHE M 3 -28.89 -17.66 -14.22
CA PHE M 3 -29.28 -17.78 -12.81
C PHE M 3 -29.80 -16.45 -12.22
N GLU M 4 -30.89 -16.53 -11.43
CA GLU M 4 -31.51 -15.43 -10.69
C GLU M 4 -32.00 -15.92 -9.33
N GLU M 5 -31.46 -15.34 -8.22
CA GLU M 5 -31.79 -15.67 -6.82
C GLU M 5 -33.28 -15.59 -6.60
N PRO M 6 -33.90 -16.63 -6.00
CA PRO M 6 -35.36 -16.63 -5.85
C PRO M 6 -35.87 -15.57 -4.87
N LYS M 7 -36.81 -14.73 -5.34
CA LYS M 7 -37.49 -13.70 -4.55
C LYS M 7 -38.65 -14.28 -3.75
N ALA M 8 -39.29 -13.40 -2.99
CA ALA M 8 -40.49 -13.67 -2.20
C ALA M 8 -41.71 -13.13 -2.92
N THR M 9 -42.86 -13.77 -2.75
CA THR M 9 -44.10 -13.38 -3.39
C THR M 9 -45.12 -12.91 -2.33
N LEU M 10 -45.59 -11.65 -2.45
CA LEU M 10 -46.65 -11.10 -1.60
C LEU M 10 -47.97 -11.15 -2.35
N THR M 11 -48.92 -11.94 -1.85
CA THR M 11 -50.25 -12.06 -2.49
C THR M 11 -51.35 -11.67 -1.47
N GLY M 12 -52.53 -11.41 -1.99
CA GLY M 12 -53.66 -11.03 -1.16
C GLY M 12 -54.82 -10.56 -2.00
N LYS M 13 -55.77 -9.85 -1.35
CA LYS M 13 -57.00 -9.31 -1.95
C LYS M 13 -57.45 -8.00 -1.30
N ALA M 14 -58.12 -7.12 -2.07
CA ALA M 14 -58.77 -5.92 -1.55
C ALA M 14 -60.10 -6.37 -0.96
N ILE M 15 -60.26 -6.30 0.39
CA ILE M 15 -61.46 -6.84 1.04
C ILE M 15 -62.42 -5.73 1.55
N TYR M 16 -63.70 -6.12 1.58
CA TYR M 16 -64.82 -5.41 2.17
C TYR M 16 -65.88 -6.44 2.55
N ASP M 17 -66.31 -6.42 3.81
CA ASP M 17 -67.31 -7.31 4.40
C ASP M 17 -66.97 -8.80 3.99
N GLY M 18 -65.69 -9.13 4.08
CA GLY M 18 -65.15 -10.46 3.78
C GLY M 18 -65.21 -10.91 2.33
N GLU M 19 -65.45 -9.97 1.40
CA GLU M 19 -65.53 -10.24 -0.03
C GLU M 19 -64.50 -9.43 -0.79
N ALA M 20 -63.91 -10.05 -1.85
CA ALA M 20 -62.95 -9.35 -2.70
C ALA M 20 -63.70 -8.32 -3.51
N VAL M 21 -63.18 -7.08 -3.48
CA VAL M 21 -63.81 -5.95 -4.16
C VAL M 21 -63.39 -5.97 -5.63
N GLY M 22 -64.36 -6.30 -6.51
CA GLY M 22 -64.12 -6.35 -7.95
C GLY M 22 -63.86 -4.98 -8.51
N VAL M 23 -62.90 -4.87 -9.42
CA VAL M 23 -62.53 -3.60 -10.00
C VAL M 23 -62.18 -3.78 -11.52
N ARG M 24 -61.88 -2.68 -12.24
CA ARG M 24 -61.50 -2.76 -13.64
C ARG M 24 -60.03 -3.17 -13.76
N SER M 25 -59.73 -4.17 -14.62
CA SER M 25 -58.37 -4.62 -14.83
C SER M 25 -57.54 -3.46 -15.37
N GLY M 26 -56.36 -3.26 -14.75
CA GLY M 26 -55.40 -2.21 -15.08
C GLY M 26 -55.82 -0.80 -14.71
N SER M 27 -56.56 -0.65 -13.59
CA SER M 27 -57.03 0.67 -13.16
C SER M 27 -56.61 1.00 -11.72
N SER M 28 -56.62 -0.04 -10.87
CA SER M 28 -56.39 0.12 -9.44
C SER M 28 -55.13 -0.53 -9.01
N GLU M 29 -54.51 0.13 -8.02
CA GLU M 29 -53.21 -0.23 -7.43
C GLU M 29 -53.15 0.08 -5.95
N PHE M 30 -52.04 -0.38 -5.35
CA PHE M 30 -51.54 -0.05 -4.02
C PHE M 30 -50.06 0.37 -4.22
N ALA M 31 -49.52 1.22 -3.36
CA ALA M 31 -48.11 1.62 -3.42
C ALA M 31 -47.42 1.06 -2.23
N LEU M 32 -46.24 0.53 -2.46
CA LEU M 32 -45.45 -0.13 -1.43
C LEU M 32 -44.16 0.65 -1.25
N PHE M 33 -43.90 1.04 0.00
CA PHE M 33 -42.71 1.81 0.41
C PHE M 33 -41.87 1.04 1.39
N GLN M 34 -40.57 1.33 1.39
CA GLN M 34 -39.61 0.70 2.30
C GLN M 34 -38.90 1.83 3.07
N ASP M 35 -37.81 1.53 3.78
CA ASP M 35 -37.06 2.53 4.54
C ASP M 35 -35.65 2.69 3.91
N GLY M 36 -35.54 3.69 3.02
CA GLY M 36 -34.34 4.07 2.28
C GLY M 36 -34.62 5.14 1.24
N SER M 42 -40.95 4.12 -4.51
CA SER M 42 -42.17 3.31 -4.31
C SER M 42 -42.31 2.16 -5.34
N ILE M 43 -42.93 1.05 -4.89
CA ILE M 43 -43.17 -0.15 -5.69
C ILE M 43 -44.65 -0.24 -6.01
N PRO M 44 -45.05 -0.33 -7.30
CA PRO M 44 -46.49 -0.51 -7.61
C PRO M 44 -47.00 -1.91 -7.29
N VAL M 45 -48.21 -2.01 -6.83
CA VAL M 45 -48.90 -3.27 -6.56
C VAL M 45 -50.15 -3.24 -7.43
N TYR M 46 -50.14 -4.02 -8.53
CA TYR M 46 -51.22 -4.02 -9.50
C TYR M 46 -52.30 -5.02 -9.08
N ILE M 47 -53.54 -4.49 -8.93
CA ILE M 47 -54.71 -5.26 -8.52
C ILE M 47 -55.42 -5.81 -9.76
N ALA M 48 -55.62 -7.15 -9.78
CA ALA M 48 -56.35 -7.88 -10.81
C ALA M 48 -57.85 -7.53 -10.74
N GLN M 49 -58.62 -7.80 -11.81
CA GLN M 49 -60.02 -7.38 -11.82
C GLN M 49 -60.86 -8.07 -10.71
N ASP M 50 -60.43 -9.23 -10.17
CA ASP M 50 -61.19 -9.95 -9.15
C ASP M 50 -60.78 -9.52 -7.72
N GLY M 51 -60.12 -8.37 -7.64
CA GLY M 51 -59.69 -7.76 -6.39
C GLY M 51 -58.41 -8.30 -5.77
N SER M 52 -57.83 -9.36 -6.38
CA SER M 52 -56.60 -9.95 -5.85
C SER M 52 -55.36 -9.38 -6.53
N TYR M 53 -54.21 -9.45 -5.84
CA TYR M 53 -52.94 -9.00 -6.40
C TYR M 53 -51.83 -10.01 -6.07
N SER M 54 -50.64 -9.74 -6.61
CA SER M 54 -49.37 -10.47 -6.43
C SER M 54 -48.23 -9.57 -6.83
N VAL M 55 -47.19 -9.51 -6.02
CA VAL M 55 -46.03 -8.65 -6.27
C VAL M 55 -44.79 -9.39 -5.75
N SER M 56 -43.74 -9.50 -6.59
CA SER M 56 -42.53 -10.15 -6.11
C SER M 56 -41.66 -9.08 -5.50
N LEU M 57 -41.14 -9.38 -4.30
CA LEU M 57 -40.34 -8.44 -3.50
C LEU M 57 -39.15 -9.07 -2.87
N PHE M 58 -38.18 -8.26 -2.47
CA PHE M 58 -37.10 -8.78 -1.64
C PHE M 58 -37.60 -8.77 -0.21
N ASN M 59 -37.06 -9.69 0.62
CA ASN M 59 -37.45 -9.79 2.03
C ASN M 59 -37.15 -8.46 2.74
N GLY M 60 -38.11 -8.03 3.57
CA GLY M 60 -37.98 -6.79 4.32
C GLY M 60 -39.26 -6.30 4.94
N ASP M 61 -39.22 -5.07 5.48
CA ASP M 61 -40.37 -4.42 6.12
C ASP M 61 -40.87 -3.31 5.19
N TYR M 62 -42.15 -3.44 4.79
CA TYR M 62 -42.81 -2.52 3.85
C TYR M 62 -44.01 -1.83 4.45
N LYS M 63 -44.33 -0.63 3.91
CA LYS M 63 -45.51 0.18 4.25
C LYS M 63 -46.36 0.32 2.98
N LEU M 64 -47.62 -0.17 3.01
CA LEU M 64 -48.56 -0.13 1.88
C LEU M 64 -49.62 0.98 2.11
N VAL M 65 -49.89 1.74 1.03
CA VAL M 65 -50.89 2.80 1.02
C VAL M 65 -51.76 2.66 -0.20
N ARG M 66 -53.04 2.88 0.05
CA ARG M 66 -54.08 2.97 -0.94
C ARG M 66 -53.90 4.29 -1.61
N MSE M 67 -54.00 4.29 -2.93
CA MSE M 67 -53.87 5.47 -3.79
C MSE M 67 -54.42 5.16 -5.19
O MSE M 67 -55.10 4.14 -5.40
CB MSE M 67 -52.40 5.98 -3.86
CG MSE M 67 -51.35 4.86 -4.00
SE MSE M 67 -51.56 3.64 -5.53
CE MSE M 67 -50.93 4.85 -6.98
N GLY M 68 -54.11 6.05 -6.13
CA GLY M 68 -54.53 5.94 -7.50
C GLY M 68 -55.97 6.36 -7.68
N ASN M 69 -56.62 5.71 -8.65
CA ASN M 69 -57.99 6.04 -9.00
C ASN M 69 -58.96 4.96 -8.52
N ALA M 70 -58.51 4.06 -7.62
CA ALA M 70 -59.28 2.95 -7.05
C ALA M 70 -60.66 3.41 -6.53
N PRO M 71 -61.75 2.62 -6.74
CA PRO M 71 -63.09 3.04 -6.29
C PRO M 71 -63.35 2.85 -4.78
N TRP M 72 -62.36 3.19 -3.95
CA TRP M 72 -62.47 3.12 -2.49
C TRP M 72 -61.70 4.28 -1.85
N GLU M 73 -61.92 4.50 -0.55
CA GLU M 73 -61.21 5.56 0.18
C GLU M 73 -59.72 5.30 0.12
N ARG M 74 -58.96 6.36 -0.19
CA ARG M 74 -57.50 6.29 -0.35
C ARG M 74 -56.82 7.30 0.61
N PRO M 75 -56.82 7.05 1.94
CA PRO M 75 -56.12 7.98 2.85
C PRO M 75 -54.60 7.85 2.73
N SER M 76 -53.93 9.01 2.64
CA SER M 76 -52.47 9.15 2.54
C SER M 76 -51.79 8.78 3.85
N ASN M 77 -52.37 9.29 4.96
CA ASN M 77 -51.97 9.14 6.37
C ASN M 77 -52.01 7.67 6.85
N ASP M 78 -53.02 6.88 6.40
CA ASP M 78 -53.23 5.49 6.82
C ASP M 78 -52.33 4.55 6.00
N THR M 79 -51.40 3.87 6.71
CA THR M 79 -50.45 2.91 6.14
C THR M 79 -50.70 1.51 6.72
N ILE M 80 -50.32 0.46 5.96
CA ILE M 80 -50.41 -0.92 6.40
C ILE M 80 -49.00 -1.49 6.41
N TYR M 81 -48.55 -1.91 7.58
CA TYR M 81 -47.20 -2.44 7.75
C TYR M 81 -47.23 -3.93 7.46
N ILE M 82 -46.39 -4.35 6.50
CA ILE M 82 -46.28 -5.72 6.02
C ILE M 82 -44.83 -6.18 6.19
N THR M 83 -44.65 -7.28 6.92
CA THR M 83 -43.34 -7.88 7.11
C THR M 83 -43.27 -9.09 6.19
N VAL M 84 -42.40 -9.02 5.19
CA VAL M 84 -42.32 -10.13 4.25
C VAL M 84 -40.97 -10.86 4.48
N ARG M 85 -41.08 -12.12 4.93
CA ARG M 85 -40.00 -13.08 5.18
C ARG M 85 -40.45 -14.38 4.52
N GLY M 86 -40.00 -14.59 3.28
CA GLY M 86 -40.43 -15.69 2.41
C GLY M 86 -41.76 -15.32 1.74
N ASN M 87 -42.47 -16.28 1.12
CA ASN M 87 -43.78 -16.00 0.50
C ASN M 87 -44.78 -15.66 1.60
N THR M 88 -45.41 -14.48 1.48
CA THR M 88 -46.33 -13.90 2.47
C THR M 88 -47.67 -13.55 1.79
N VAL M 89 -48.76 -13.69 2.55
CA VAL M 89 -50.12 -13.41 2.09
C VAL M 89 -50.81 -12.45 3.10
N GLN M 90 -51.34 -11.32 2.60
CA GLN M 90 -52.02 -10.35 3.46
C GLN M 90 -53.14 -9.63 2.69
N ASP M 91 -54.39 -9.77 3.16
CA ASP M 91 -55.51 -9.08 2.53
C ASP M 91 -55.51 -7.62 3.01
N ILE M 92 -55.90 -6.69 2.11
CA ILE M 92 -55.89 -5.25 2.39
C ILE M 92 -57.34 -4.76 2.58
N PRO M 93 -57.72 -4.37 3.81
CA PRO M 93 -59.10 -3.88 4.01
C PRO M 93 -59.26 -2.52 3.35
N VAL M 94 -60.28 -2.41 2.49
CA VAL M 94 -60.61 -1.17 1.78
C VAL M 94 -62.05 -0.80 2.14
N THR M 95 -62.44 0.45 1.88
CA THR M 95 -63.81 0.89 2.14
C THR M 95 -64.33 1.53 0.82
N PRO M 96 -65.08 0.74 0.01
CA PRO M 96 -65.62 1.30 -1.25
C PRO M 96 -66.67 2.38 -0.98
N TYR M 97 -66.89 3.29 -1.93
CA TYR M 97 -67.87 4.34 -1.74
C TYR M 97 -69.25 3.68 -1.82
N PHE M 98 -69.42 2.82 -2.84
CA PHE M 98 -70.55 1.96 -3.12
C PHE M 98 -70.06 0.54 -3.34
N PHE M 99 -70.82 -0.45 -2.86
CA PHE M 99 -70.41 -1.84 -2.98
C PHE M 99 -71.54 -2.67 -3.65
N VAL M 100 -71.15 -3.58 -4.60
CA VAL M 100 -72.08 -4.46 -5.31
C VAL M 100 -71.97 -5.87 -4.74
N ARG M 101 -73.09 -6.46 -4.28
CA ARG M 101 -73.09 -7.81 -3.73
C ARG M 101 -74.29 -8.64 -4.20
N ASN M 102 -74.29 -9.96 -3.88
CA ASN M 102 -75.34 -10.97 -4.13
C ASN M 102 -75.86 -10.85 -5.58
N VAL M 103 -74.90 -10.95 -6.51
CA VAL M 103 -75.07 -10.79 -7.95
C VAL M 103 -75.24 -12.15 -8.60
N SER M 104 -76.30 -12.26 -9.41
CA SER M 104 -76.62 -13.45 -10.20
C SER M 104 -77.10 -13.06 -11.60
N PHE M 105 -76.79 -13.90 -12.59
CA PHE M 105 -77.19 -13.69 -13.98
C PHE M 105 -77.82 -14.92 -14.58
N ALA M 106 -78.77 -14.72 -15.50
CA ALA M 106 -79.44 -15.80 -16.19
C ALA M 106 -79.83 -15.37 -17.57
N LYS M 107 -79.69 -16.29 -18.54
CA LYS M 107 -80.12 -16.03 -19.90
C LYS M 107 -81.64 -16.22 -19.95
N ASN M 108 -82.36 -15.22 -20.48
CA ASN M 108 -83.81 -15.33 -20.64
C ASN M 108 -84.13 -14.80 -22.05
N GLY M 109 -84.14 -15.73 -23.02
CA GLY M 109 -84.34 -15.45 -24.43
C GLY M 109 -83.09 -14.82 -25.03
N ASN M 110 -83.24 -13.61 -25.57
CA ASN M 110 -82.14 -12.83 -26.16
C ASN M 110 -81.62 -11.82 -25.14
N LYS M 111 -81.97 -12.01 -23.84
CA LYS M 111 -81.60 -11.06 -22.79
C LYS M 111 -80.87 -11.80 -21.63
N ILE M 112 -80.18 -11.04 -20.76
CA ILE M 112 -79.47 -11.48 -19.56
C ILE M 112 -80.15 -10.81 -18.35
N THR M 113 -80.80 -11.62 -17.49
CA THR M 113 -81.46 -11.08 -16.31
C THR M 113 -80.43 -10.96 -15.21
N ALA M 114 -80.13 -9.72 -14.82
CA ALA M 114 -79.18 -9.41 -13.77
C ALA M 114 -79.90 -9.07 -12.48
N ARG M 115 -79.53 -9.74 -11.38
CA ARG M 115 -80.05 -9.49 -10.04
C ARG M 115 -78.88 -9.08 -9.17
N PHE M 116 -79.03 -7.97 -8.43
CA PHE M 116 -77.92 -7.39 -7.65
C PHE M 116 -78.41 -6.50 -6.50
N THR M 117 -77.53 -6.32 -5.51
CA THR M 117 -77.77 -5.48 -4.35
C THR M 117 -76.64 -4.44 -4.32
N ILE M 118 -76.97 -3.20 -3.97
CA ILE M 118 -76.02 -2.07 -3.90
C ILE M 118 -76.10 -1.43 -2.53
N ASN M 119 -74.92 -1.17 -1.93
CA ASN M 119 -74.80 -0.51 -0.62
C ASN M 119 -74.07 0.81 -0.74
N LYS M 120 -74.53 1.83 -0.02
CA LYS M 120 -73.82 3.11 0.08
C LYS M 120 -73.01 3.02 1.38
N VAL M 121 -71.70 2.75 1.24
CA VAL M 121 -70.77 2.49 2.35
C VAL M 121 -70.26 3.86 2.92
N VAL M 122 -69.87 4.79 2.03
CA VAL M 122 -69.41 6.14 2.38
C VAL M 122 -70.64 7.09 2.24
N ALA M 123 -71.17 7.59 3.36
CA ALA M 123 -72.36 8.46 3.44
C ALA M 123 -72.20 9.76 2.64
N ASN M 124 -70.96 10.27 2.58
CA ASN M 124 -70.52 11.47 1.88
C ASN M 124 -70.66 11.34 0.34
N ALA M 125 -70.43 10.12 -0.20
CA ALA M 125 -70.43 9.80 -1.64
C ALA M 125 -71.81 9.88 -2.27
N ASN M 126 -71.84 10.20 -3.56
CA ASN M 126 -73.07 10.30 -4.34
C ASN M 126 -72.94 9.46 -5.61
N MSE M 127 -73.94 8.62 -5.88
CA MSE M 127 -74.01 7.70 -7.00
C MSE M 127 -74.15 8.46 -8.32
O MSE M 127 -74.94 9.40 -8.39
CB MSE M 127 -75.20 6.76 -6.75
CG MSE M 127 -75.51 5.78 -7.86
SE MSE M 127 -76.71 4.34 -7.19
CE MSE M 127 -78.19 5.32 -6.43
N GLU M 128 -73.34 8.09 -9.33
CA GLU M 128 -73.39 8.71 -10.65
C GLU M 128 -74.11 7.83 -11.65
N ASN M 129 -73.79 6.52 -11.63
CA ASN M 129 -74.38 5.55 -12.54
C ASN M 129 -74.23 4.13 -12.04
N VAL M 130 -75.15 3.27 -12.51
CA VAL M 130 -75.13 1.83 -12.32
C VAL M 130 -75.20 1.23 -13.70
N GLY M 131 -74.25 0.35 -14.01
CA GLY M 131 -74.18 -0.30 -15.30
C GLY M 131 -74.10 -1.81 -15.26
N ILE M 132 -74.74 -2.45 -16.29
CA ILE M 132 -74.66 -3.90 -16.57
C ILE M 132 -73.81 -4.02 -17.81
N TYR M 133 -72.81 -4.88 -17.75
CA TYR M 133 -71.88 -5.04 -18.87
C TYR M 133 -71.81 -6.52 -19.30
N LEU M 134 -71.75 -6.74 -20.64
CA LEU M 134 -71.57 -8.04 -21.27
C LEU M 134 -70.31 -7.99 -22.11
N GLY M 135 -69.43 -8.98 -21.98
CA GLY M 135 -68.20 -9.04 -22.75
C GLY M 135 -67.86 -10.46 -23.16
N THR M 136 -67.03 -10.59 -24.23
CA THR M 136 -66.66 -11.88 -24.78
C THR M 136 -65.68 -12.60 -23.84
N GLY M 137 -64.78 -11.84 -23.20
CA GLY M 137 -63.75 -12.36 -22.31
C GLY M 137 -63.93 -12.06 -20.83
N ILE M 138 -63.15 -12.80 -19.98
CA ILE M 138 -63.16 -12.76 -18.52
C ILE M 138 -63.01 -11.29 -18.05
N LEU M 139 -62.29 -10.44 -18.78
CA LEU M 139 -62.18 -9.01 -18.45
C LEU M 139 -63.32 -8.23 -19.09
N THR M 140 -64.30 -7.83 -18.28
CA THR M 140 -65.44 -7.05 -18.74
C THR M 140 -65.57 -5.90 -17.74
N ASP M 141 -65.74 -4.68 -18.27
CA ASP M 141 -65.85 -3.46 -17.48
C ASP M 141 -66.46 -2.34 -18.31
N GLU M 142 -66.45 -1.10 -17.79
CA GLU M 142 -67.04 0.04 -18.48
C GLU M 142 -66.24 0.36 -19.78
N LYS M 143 -64.93 0.01 -19.87
CA LYS M 143 -64.12 0.29 -21.07
C LYS M 143 -64.14 -0.91 -22.07
N GLN M 144 -64.00 -2.15 -21.58
CA GLN M 144 -64.08 -3.38 -22.38
C GLN M 144 -65.44 -4.00 -22.21
N LYS M 145 -66.30 -3.82 -23.22
CA LYS M 145 -67.72 -4.21 -23.21
C LYS M 145 -68.23 -4.49 -24.63
N GLU M 146 -69.00 -5.58 -24.80
CA GLU M 146 -69.62 -5.86 -26.08
C GLU M 146 -71.01 -5.19 -26.07
N ALA M 147 -71.53 -4.92 -24.86
CA ALA M 147 -72.82 -4.24 -24.59
C ALA M 147 -72.85 -3.67 -23.19
N GLU M 148 -73.55 -2.53 -23.03
CA GLU M 148 -73.73 -1.90 -21.70
C GLU M 148 -75.16 -1.43 -21.54
N LEU M 149 -75.55 -1.26 -20.29
CA LEU M 149 -76.84 -0.75 -19.89
C LEU M 149 -76.62 0.22 -18.76
N LYS M 150 -76.95 1.50 -18.98
CA LYS M 150 -76.79 2.56 -17.97
C LYS M 150 -78.15 2.77 -17.30
N LEU M 151 -78.26 2.45 -16.00
CA LEU M 151 -79.52 2.47 -15.26
C LEU M 151 -79.79 3.80 -14.53
N GLY M 152 -78.81 4.70 -14.50
CA GLY M 152 -78.96 5.96 -13.80
C GLY M 152 -78.39 5.92 -12.41
N ASN M 153 -78.82 6.85 -11.55
CA ASN M 153 -78.26 6.97 -10.20
C ASN M 153 -79.32 7.04 -9.13
N THR M 154 -80.47 6.36 -9.32
CA THR M 154 -81.53 6.39 -8.31
C THR M 154 -81.93 4.95 -7.96
N VAL M 155 -81.05 3.97 -8.26
CA VAL M 155 -81.25 2.56 -7.95
C VAL M 155 -81.39 2.42 -6.42
N SER M 156 -82.44 1.70 -5.96
CA SER M 156 -82.65 1.50 -4.52
C SER M 156 -81.46 0.74 -3.90
N LEU M 157 -81.20 1.06 -2.64
CA LEU M 157 -80.09 0.52 -1.85
C LEU M 157 -80.52 -0.57 -0.90
N ASP M 158 -79.52 -1.38 -0.47
CA ASP M 158 -79.61 -2.44 0.54
C ASP M 158 -80.81 -3.40 0.26
N GLN M 159 -81.07 -3.69 -1.03
CA GLN M 159 -82.15 -4.57 -1.50
C GLN M 159 -81.86 -5.04 -2.92
N GLU M 160 -82.43 -6.19 -3.30
CA GLU M 160 -82.22 -6.76 -4.62
C GLU M 160 -82.95 -5.94 -5.68
N ASN M 161 -82.31 -5.78 -6.83
CA ASN M 161 -82.91 -5.12 -8.00
C ASN M 161 -82.67 -6.01 -9.21
N THR M 162 -83.57 -5.94 -10.21
CA THR M 162 -83.49 -6.75 -11.43
C THR M 162 -83.43 -5.83 -12.62
N ALA M 163 -82.56 -6.15 -13.58
CA ALA M 163 -82.40 -5.45 -14.85
C ALA M 163 -82.10 -6.45 -15.96
N GLU M 164 -82.58 -6.21 -17.17
CA GLU M 164 -82.36 -7.10 -18.31
C GLU M 164 -81.68 -6.36 -19.43
N ILE M 165 -80.48 -6.85 -19.80
CA ILE M 165 -79.64 -6.34 -20.89
C ILE M 165 -79.73 -7.32 -22.08
N GLU M 166 -79.93 -6.78 -23.30
CA GLU M 166 -80.05 -7.57 -24.51
C GLU M 166 -78.68 -8.06 -24.97
N ILE M 167 -78.62 -9.33 -25.43
CA ILE M 167 -77.44 -9.98 -25.97
C ILE M 167 -77.17 -9.39 -27.38
N PRO M 168 -75.96 -8.82 -27.64
CA PRO M 168 -75.72 -8.23 -28.95
C PRO M 168 -75.33 -9.29 -29.97
N SER M 169 -75.65 -9.00 -31.22
CA SER M 169 -75.46 -9.78 -32.43
C SER M 169 -74.09 -10.52 -32.45
N GLY M 170 -73.03 -9.85 -32.00
CA GLY M 170 -71.71 -10.44 -32.00
C GLY M 170 -71.40 -11.35 -30.85
N LEU M 171 -72.42 -11.81 -30.13
CA LEU M 171 -72.19 -12.64 -28.96
C LEU M 171 -73.26 -13.75 -28.88
N VAL M 172 -74.28 -13.68 -29.75
CA VAL M 172 -75.46 -14.57 -29.78
C VAL M 172 -75.08 -16.01 -30.22
N ASN M 173 -73.98 -16.21 -30.96
CA ASN M 173 -73.63 -17.56 -31.42
C ASN M 173 -72.46 -18.11 -30.63
N GLU M 174 -72.27 -17.60 -29.43
CA GLU M 174 -71.12 -17.98 -28.63
C GLU M 174 -71.50 -18.85 -27.47
N SER M 175 -70.69 -19.86 -27.26
CA SER M 175 -70.75 -20.90 -26.23
C SER M 175 -71.20 -20.36 -24.85
N TYR M 176 -70.80 -19.11 -24.55
CA TYR M 176 -70.98 -18.36 -23.29
C TYR M 176 -70.48 -16.93 -23.41
N LEU M 177 -70.68 -16.13 -22.37
CA LEU M 177 -70.18 -14.77 -22.26
C LEU M 177 -69.88 -14.45 -20.78
N TYR M 178 -69.42 -13.23 -20.52
CA TYR M 178 -69.15 -12.78 -19.17
C TYR M 178 -70.01 -11.58 -18.87
N ALA M 179 -70.65 -11.58 -17.71
CA ALA M 179 -71.55 -10.53 -17.29
C ALA M 179 -71.06 -9.91 -15.99
N ARG M 180 -71.35 -8.59 -15.80
CA ARG M 180 -70.88 -7.88 -14.64
C ARG M 180 -71.71 -6.62 -14.35
N VAL M 181 -71.79 -6.25 -13.07
CA VAL M 181 -72.52 -5.06 -12.59
C VAL M 181 -71.51 -4.10 -12.00
N GLY M 182 -71.59 -2.82 -12.38
CA GLY M 182 -70.70 -1.76 -11.88
C GLY M 182 -71.40 -0.50 -11.42
N VAL M 183 -70.94 0.10 -10.29
CA VAL M 183 -71.53 1.35 -9.73
C VAL M 183 -70.40 2.41 -9.58
N LYS M 184 -70.64 3.62 -10.15
CA LYS M 184 -69.69 4.73 -10.10
C LYS M 184 -70.20 5.83 -9.19
N SER M 185 -69.29 6.36 -8.32
CA SER M 185 -69.59 7.48 -7.42
C SER M 185 -68.92 8.75 -7.92
N ASP M 186 -69.25 9.89 -7.29
CA ASP M 186 -68.65 11.20 -7.60
C ASP M 186 -67.28 11.36 -6.90
N LYS M 187 -66.81 10.35 -6.12
CA LYS M 187 -65.58 10.44 -5.34
C LYS M 187 -64.38 9.66 -5.97
N SER M 188 -64.62 8.93 -7.08
CA SER M 188 -63.62 8.16 -7.81
C SER M 188 -63.90 8.20 -9.31
N SER M 189 -62.85 8.13 -10.14
CA SER M 189 -62.94 8.14 -11.60
C SER M 189 -63.21 6.72 -12.15
N GLU M 190 -63.21 5.73 -11.24
CA GLU M 190 -63.35 4.34 -11.56
C GLU M 190 -64.64 3.73 -10.94
N TYR M 191 -65.29 2.78 -11.65
CA TYR M 191 -66.46 2.04 -11.14
C TYR M 191 -66.04 0.97 -10.17
N CYS M 192 -66.95 0.56 -9.30
CA CYS M 192 -66.77 -0.58 -8.43
C CYS M 192 -67.64 -1.68 -8.97
N TYR M 193 -67.09 -2.88 -9.16
CA TYR M 193 -67.83 -3.94 -9.83
C TYR M 193 -68.07 -5.20 -9.01
N SER M 194 -69.01 -6.00 -9.52
CA SER M 194 -69.32 -7.36 -9.09
C SER M 194 -68.26 -8.27 -9.65
N GLN M 195 -68.37 -9.56 -9.40
CA GLN M 195 -67.43 -10.47 -10.02
C GLN M 195 -67.84 -10.68 -11.48
N SER M 196 -66.86 -10.92 -12.37
CA SER M 196 -67.15 -11.24 -13.77
C SER M 196 -67.58 -12.68 -13.80
N ILE M 197 -68.89 -12.90 -14.07
CA ILE M 197 -69.53 -14.21 -14.03
C ILE M 197 -69.83 -14.71 -15.44
N LYS M 198 -69.41 -15.94 -15.71
CA LYS M 198 -69.68 -16.65 -16.96
C LYS M 198 -71.16 -17.00 -17.03
N VAL M 199 -71.77 -16.77 -18.19
CA VAL M 199 -73.17 -17.05 -18.43
C VAL M 199 -73.23 -17.88 -19.68
N ALA M 200 -73.67 -19.14 -19.57
CA ALA M 200 -73.76 -20.05 -20.71
C ALA M 200 -74.83 -19.60 -21.69
N LEU M 201 -74.59 -19.80 -23.00
CA LEU M 201 -75.55 -19.41 -24.04
C LEU M 201 -75.95 -20.61 -24.91
N LYS M 202 -75.33 -21.75 -24.64
CA LYS M 202 -75.58 -23.02 -25.34
C LYS M 202 -75.63 -24.20 -24.36
N LYS N 7 -59.71 13.30 -17.72
CA LYS N 7 -60.75 14.31 -17.96
C LYS N 7 -61.84 14.26 -16.84
N ALA N 8 -62.48 15.42 -16.60
CA ALA N 8 -63.53 15.64 -15.57
C ALA N 8 -64.86 14.92 -15.93
N THR N 9 -65.85 14.96 -14.98
CA THR N 9 -67.18 14.34 -15.11
C THR N 9 -68.29 15.37 -14.85
N LEU N 10 -69.17 15.57 -15.84
CA LEU N 10 -70.34 16.45 -15.71
C LEU N 10 -71.57 15.60 -15.46
N THR N 11 -72.19 15.75 -14.28
CA THR N 11 -73.39 14.99 -13.94
C THR N 11 -74.52 15.97 -13.57
N GLY N 12 -75.74 15.47 -13.56
CA GLY N 12 -76.91 16.26 -13.23
C GLY N 12 -78.16 15.47 -13.43
N LYS N 13 -79.26 16.19 -13.71
CA LYS N 13 -80.62 15.67 -13.94
C LYS N 13 -81.45 16.62 -14.80
N ALA N 14 -82.39 16.06 -15.61
CA ALA N 14 -83.40 16.86 -16.33
C ALA N 14 -84.48 17.19 -15.31
N ILE N 15 -84.56 18.48 -14.92
CA ILE N 15 -85.42 18.92 -13.82
C ILE N 15 -86.62 19.74 -14.31
N TYR N 16 -87.75 19.50 -13.67
CA TYR N 16 -88.99 20.26 -13.73
C TYR N 16 -89.55 20.31 -12.35
N ASP N 17 -89.92 21.52 -11.87
CA ASP N 17 -90.49 21.84 -10.55
C ASP N 17 -89.65 21.14 -9.43
N GLY N 18 -88.32 21.18 -9.58
CA GLY N 18 -87.36 20.59 -8.66
C GLY N 18 -87.34 19.08 -8.59
N GLU N 19 -87.96 18.40 -9.57
CA GLU N 19 -88.04 16.93 -9.64
C GLU N 19 -87.38 16.37 -10.90
N ALA N 20 -86.84 15.15 -10.81
CA ALA N 20 -86.30 14.46 -11.96
C ALA N 20 -87.42 14.11 -12.93
N VAL N 21 -87.26 14.44 -14.23
CA VAL N 21 -88.28 14.11 -15.25
C VAL N 21 -87.98 12.70 -15.80
N GLY N 22 -88.82 11.73 -15.43
CA GLY N 22 -88.68 10.34 -15.84
C GLY N 22 -88.94 10.18 -17.33
N VAL N 23 -88.09 9.40 -18.01
CA VAL N 23 -88.21 9.24 -19.45
C VAL N 23 -87.89 7.75 -19.83
N ARG N 24 -88.07 7.37 -21.12
CA ARG N 24 -87.75 6.03 -21.56
C ARG N 24 -86.24 5.89 -21.77
N SER N 25 -85.65 4.80 -21.22
CA SER N 25 -84.21 4.58 -21.35
C SER N 25 -83.86 4.45 -22.81
N GLY N 26 -82.82 5.19 -23.21
CA GLY N 26 -82.29 5.25 -24.57
C GLY N 26 -83.17 5.97 -25.58
N SER N 27 -83.89 7.02 -25.14
CA SER N 27 -84.78 7.76 -26.03
C SER N 27 -84.44 9.26 -26.09
N SER N 28 -84.02 9.80 -24.94
CA SER N 28 -83.83 11.24 -24.78
C SER N 28 -82.39 11.60 -24.54
N GLU N 29 -82.03 12.77 -25.07
CA GLU N 29 -80.68 13.31 -25.05
C GLU N 29 -80.65 14.83 -24.96
N PHE N 30 -79.43 15.35 -24.77
CA PHE N 30 -79.03 16.72 -24.87
C PHE N 30 -77.82 16.77 -25.79
N ALA N 31 -77.63 17.93 -26.44
CA ALA N 31 -76.48 18.23 -27.30
C ALA N 31 -75.58 19.21 -26.58
N LEU N 32 -74.26 18.97 -26.60
CA LEU N 32 -73.29 19.82 -25.92
C LEU N 32 -72.39 20.53 -26.96
N PHE N 33 -72.76 21.79 -27.27
CA PHE N 33 -72.12 22.66 -28.24
C PHE N 33 -71.20 23.64 -27.55
N SER N 42 -70.71 17.57 -32.54
CA SER N 42 -71.25 17.86 -31.20
C SER N 42 -71.07 16.65 -30.26
N ILE N 43 -71.26 16.85 -28.92
CA ILE N 43 -71.10 15.81 -27.90
C ILE N 43 -72.49 15.33 -27.47
N PRO N 44 -72.77 14.01 -27.58
CA PRO N 44 -74.09 13.51 -27.15
C PRO N 44 -74.14 13.26 -25.64
N VAL N 45 -75.23 13.73 -25.00
CA VAL N 45 -75.46 13.56 -23.56
C VAL N 45 -76.67 12.67 -23.46
N TYR N 46 -76.45 11.40 -23.08
CA TYR N 46 -77.50 10.40 -22.98
C TYR N 46 -78.14 10.44 -21.59
N ILE N 47 -79.46 10.66 -21.58
CA ILE N 47 -80.24 10.78 -20.35
C ILE N 47 -80.79 9.39 -19.94
N ALA N 48 -80.54 8.99 -18.69
CA ALA N 48 -81.00 7.73 -18.13
C ALA N 48 -82.50 7.80 -17.86
N GLN N 49 -83.15 6.64 -17.62
CA GLN N 49 -84.60 6.62 -17.47
C GLN N 49 -85.10 7.42 -16.28
N ASP N 50 -84.25 7.63 -15.24
CA ASP N 50 -84.64 8.39 -14.04
C ASP N 50 -84.37 9.87 -14.20
N GLY N 51 -84.09 10.28 -15.43
CA GLY N 51 -83.81 11.64 -15.82
C GLY N 51 -82.38 12.11 -15.60
N SER N 52 -81.52 11.29 -15.00
CA SER N 52 -80.13 11.70 -14.72
C SER N 52 -79.22 11.52 -15.89
N TYR N 53 -78.11 12.27 -15.91
CA TYR N 53 -77.12 12.15 -16.95
C TYR N 53 -75.71 12.25 -16.36
N SER N 54 -74.71 11.76 -17.13
CA SER N 54 -73.28 11.83 -16.88
C SER N 54 -72.57 11.82 -18.20
N VAL N 55 -71.55 12.65 -18.33
CA VAL N 55 -70.77 12.77 -19.55
C VAL N 55 -69.34 13.15 -19.14
N SER N 56 -68.33 12.43 -19.65
CA SER N 56 -66.95 12.81 -19.32
C SER N 56 -66.49 13.83 -20.36
N LEU N 57 -65.91 14.93 -19.88
CA LEU N 57 -65.49 16.05 -20.72
C LEU N 57 -64.15 16.60 -20.33
N PHE N 58 -63.51 17.35 -21.25
CA PHE N 58 -62.32 18.10 -20.89
C PHE N 58 -62.78 19.39 -20.26
N ASN N 59 -61.97 19.96 -19.37
CA ASN N 59 -62.31 21.22 -18.70
C ASN N 59 -62.49 22.33 -19.76
N GLY N 60 -63.53 23.14 -19.59
CA GLY N 60 -63.83 24.22 -20.52
C GLY N 60 -65.17 24.88 -20.34
N ASP N 61 -65.69 25.53 -21.42
CA ASP N 61 -66.97 26.24 -21.41
C ASP N 61 -67.90 25.65 -22.51
N TYR N 62 -68.91 24.91 -22.05
CA TYR N 62 -69.91 24.25 -22.91
C TYR N 62 -71.31 24.82 -22.70
N LYS N 63 -72.07 24.99 -23.80
CA LYS N 63 -73.47 25.44 -23.77
C LYS N 63 -74.38 24.22 -24.18
N LEU N 64 -75.36 23.87 -23.33
CA LEU N 64 -76.22 22.71 -23.56
C LEU N 64 -77.50 23.15 -24.27
N VAL N 65 -77.92 22.38 -25.30
CA VAL N 65 -79.16 22.64 -26.06
C VAL N 65 -80.05 21.42 -25.97
N ARG N 66 -81.35 21.69 -25.90
CA ARG N 66 -82.39 20.69 -25.83
C ARG N 66 -82.72 20.25 -27.25
N MSE N 67 -82.94 18.93 -27.47
CA MSE N 67 -83.25 18.38 -28.79
C MSE N 67 -83.70 16.90 -28.70
O MSE N 67 -84.04 16.40 -27.61
CB MSE N 67 -82.05 18.51 -29.78
CG MSE N 67 -80.67 18.14 -29.18
SE MSE N 67 -80.35 16.27 -28.72
CE MSE N 67 -80.36 15.48 -30.54
N GLY N 68 -83.70 16.25 -29.87
CA GLY N 68 -84.07 14.87 -30.01
C GLY N 68 -85.56 14.70 -29.94
N ASN N 69 -85.99 13.55 -29.41
CA ASN N 69 -87.41 13.20 -29.31
C ASN N 69 -87.92 13.31 -27.89
N ALA N 70 -87.11 13.88 -26.97
CA ALA N 70 -87.42 14.08 -25.56
C ALA N 70 -88.85 14.65 -25.35
N PRO N 71 -89.59 14.18 -24.31
CA PRO N 71 -90.97 14.65 -24.09
C PRO N 71 -91.06 16.04 -23.41
N TRP N 72 -90.23 17.00 -23.85
CA TRP N 72 -90.25 18.37 -23.34
C TRP N 72 -89.92 19.34 -24.47
N GLU N 73 -90.14 20.65 -24.22
CA GLU N 73 -89.83 21.67 -25.20
C GLU N 73 -88.34 21.63 -25.53
N ARG N 74 -88.02 21.69 -26.83
CA ARG N 74 -86.66 21.63 -27.36
C ARG N 74 -86.35 22.90 -28.20
N PRO N 75 -86.20 24.10 -27.55
CA PRO N 75 -85.87 25.30 -28.34
C PRO N 75 -84.41 25.31 -28.77
N SER N 76 -84.20 25.66 -30.05
CA SER N 76 -82.89 25.74 -30.71
C SER N 76 -82.10 26.95 -30.18
N ASN N 77 -82.80 28.09 -30.07
CA ASN N 77 -82.35 29.42 -29.62
C ASN N 77 -81.86 29.43 -28.15
N ASP N 78 -82.54 28.66 -27.26
CA ASP N 78 -82.24 28.62 -25.83
C ASP N 78 -81.07 27.66 -25.52
N THR N 79 -79.96 28.23 -25.00
CA THR N 79 -78.72 27.55 -24.61
C THR N 79 -78.49 27.69 -23.11
N ILE N 80 -77.78 26.71 -22.51
CA ILE N 80 -77.43 26.72 -21.08
C ILE N 80 -75.92 26.69 -20.99
N TYR N 81 -75.33 27.72 -20.40
CA TYR N 81 -73.89 27.85 -20.28
C TYR N 81 -73.43 27.14 -19.01
N ILE N 82 -72.50 26.18 -19.20
CA ILE N 82 -71.92 25.33 -18.16
C ILE N 82 -70.42 25.47 -18.17
N THR N 83 -69.83 25.89 -17.04
CA THR N 83 -68.38 26.00 -16.92
C THR N 83 -67.89 24.79 -16.12
N VAL N 84 -67.09 23.93 -16.76
CA VAL N 84 -66.58 22.73 -16.12
C VAL N 84 -65.07 22.96 -15.83
N ARG N 85 -64.75 22.96 -14.53
CA ARG N 85 -63.42 23.07 -13.93
C ARG N 85 -63.38 22.01 -12.84
N GLY N 86 -62.92 20.82 -13.22
CA GLY N 86 -62.94 19.63 -12.38
C GLY N 86 -64.34 19.00 -12.45
N ASN N 87 -64.58 17.93 -11.67
CA ASN N 87 -65.90 17.29 -11.67
C ASN N 87 -66.94 18.33 -11.29
N THR N 88 -67.94 18.50 -12.17
CA THR N 88 -69.00 19.51 -12.05
C THR N 88 -70.36 18.83 -12.11
N VAL N 89 -71.34 19.40 -11.37
CA VAL N 89 -72.71 18.94 -11.32
C VAL N 89 -73.65 20.13 -11.62
N GLN N 90 -74.53 19.97 -12.62
CA GLN N 90 -75.51 21.01 -12.96
C GLN N 90 -76.80 20.37 -13.50
N ASP N 91 -77.93 20.64 -12.85
CA ASP N 91 -79.21 20.13 -13.30
C ASP N 91 -79.71 21.00 -14.48
N ILE N 92 -80.43 20.40 -15.44
CA ILE N 92 -80.88 21.11 -16.64
C ILE N 92 -82.41 21.27 -16.63
N PRO N 93 -82.90 22.51 -16.47
CA PRO N 93 -84.36 22.71 -16.45
C PRO N 93 -84.96 22.49 -17.83
N VAL N 94 -86.10 21.79 -17.84
CA VAL N 94 -86.89 21.50 -19.03
C VAL N 94 -88.31 21.79 -18.65
N THR N 95 -89.18 21.92 -19.66
CA THR N 95 -90.59 22.18 -19.41
C THR N 95 -91.34 21.08 -20.23
N PRO N 96 -91.71 19.94 -19.56
CA PRO N 96 -92.40 18.86 -20.28
C PRO N 96 -93.74 19.32 -20.81
N TYR N 97 -94.34 18.60 -21.78
CA TYR N 97 -95.62 19.03 -22.30
C TYR N 97 -96.65 18.70 -21.23
N PHE N 98 -96.52 17.48 -20.69
CA PHE N 98 -97.28 16.92 -19.58
C PHE N 98 -96.30 16.35 -18.56
N PHE N 99 -96.62 16.47 -17.27
CA PHE N 99 -95.73 15.96 -16.21
C PHE N 99 -96.51 15.04 -15.26
N VAL N 100 -95.88 13.93 -14.84
CA VAL N 100 -96.46 12.93 -13.92
C VAL N 100 -95.79 13.08 -12.54
N ARG N 101 -96.57 13.31 -11.49
CA ARG N 101 -96.06 13.45 -10.13
C ARG N 101 -96.92 12.68 -9.12
N ASN N 102 -96.40 12.57 -7.88
CA ASN N 102 -97.04 12.01 -6.66
C ASN N 102 -97.65 10.62 -7.00
N VAL N 103 -96.80 9.77 -7.55
CA VAL N 103 -97.10 8.43 -8.02
C VAL N 103 -96.78 7.39 -6.93
N SER N 104 -97.75 6.54 -6.66
CA SER N 104 -97.70 5.48 -5.68
C SER N 104 -98.42 4.22 -6.26
N PHE N 105 -97.90 3.03 -5.90
CA PHE N 105 -98.43 1.74 -6.34
C PHE N 105 -98.62 0.80 -5.17
N ALA N 106 -99.61 -0.10 -5.28
CA ALA N 106 -99.87 -1.08 -4.24
C ALA N 106 -100.49 -2.33 -4.84
N LYS N 107 -100.06 -3.50 -4.34
CA LYS N 107 -100.69 -4.76 -4.75
C LYS N 107 -101.98 -4.90 -3.97
N ASN N 108 -103.08 -5.15 -4.68
CA ASN N 108 -104.40 -5.39 -4.12
C ASN N 108 -104.99 -6.57 -4.89
N GLY N 109 -104.77 -7.76 -4.32
CA GLY N 109 -105.17 -9.04 -4.90
C GLY N 109 -104.30 -9.39 -6.09
N ASN N 110 -104.92 -9.54 -7.28
CA ASN N 110 -104.23 -9.84 -8.54
C ASN N 110 -104.04 -8.55 -9.32
N LYS N 111 -104.17 -7.40 -8.65
CA LYS N 111 -104.10 -6.10 -9.32
C LYS N 111 -103.10 -5.18 -8.64
N ILE N 112 -102.65 -4.17 -9.39
CA ILE N 112 -101.74 -3.13 -8.93
C ILE N 112 -102.54 -1.84 -8.96
N THR N 113 -102.77 -1.24 -7.79
CA THR N 113 -103.50 0.02 -7.71
C THR N 113 -102.49 1.16 -7.92
N ALA N 114 -102.65 1.91 -9.02
CA ALA N 114 -101.80 3.04 -9.35
C ALA N 114 -102.49 4.34 -9.03
N ARG N 115 -101.82 5.16 -8.22
CA ARG N 115 -102.31 6.49 -7.83
C ARG N 115 -101.30 7.49 -8.42
N PHE N 116 -101.80 8.65 -8.93
CA PHE N 116 -100.96 9.61 -9.67
C PHE N 116 -101.66 10.93 -10.02
N THR N 117 -100.84 11.98 -10.19
CA THR N 117 -101.27 13.29 -10.60
C THR N 117 -100.62 13.60 -12.00
N ILE N 118 -101.35 14.34 -12.87
CA ILE N 118 -100.88 14.76 -14.20
C ILE N 118 -101.10 16.25 -14.36
N ASN N 119 -100.08 16.96 -14.88
CA ASN N 119 -100.12 18.40 -15.13
C ASN N 119 -99.92 18.72 -16.59
N LYS N 120 -100.68 19.68 -17.12
CA LYS N 120 -100.48 20.16 -18.49
C LYS N 120 -99.60 21.40 -18.35
N VAL N 121 -98.31 21.25 -18.64
CA VAL N 121 -97.31 22.31 -18.46
C VAL N 121 -97.29 23.24 -19.71
N VAL N 122 -97.34 22.67 -20.94
CA VAL N 122 -97.39 23.42 -22.20
C VAL N 122 -98.85 23.52 -22.62
N ALA N 123 -99.42 24.73 -22.59
CA ALA N 123 -100.83 25.01 -22.90
C ALA N 123 -101.23 24.59 -24.32
N ASN N 124 -100.28 24.71 -25.25
CA ASN N 124 -100.39 24.38 -26.67
C ASN N 124 -100.61 22.86 -26.92
N ALA N 125 -99.97 22.00 -26.09
CA ALA N 125 -99.96 20.53 -26.18
C ALA N 125 -101.32 19.91 -25.90
N ASN N 126 -101.55 18.73 -26.49
CA ASN N 126 -102.78 17.94 -26.35
C ASN N 126 -102.41 16.50 -26.03
N MSE N 127 -103.07 15.96 -25.01
CA MSE N 127 -102.85 14.61 -24.48
C MSE N 127 -103.34 13.54 -25.49
O MSE N 127 -104.42 13.69 -26.08
CB MSE N 127 -103.59 14.52 -23.15
CG MSE N 127 -103.56 13.16 -22.47
SE MSE N 127 -104.12 13.26 -20.56
CE MSE N 127 -105.76 14.28 -20.64
N GLU N 128 -102.51 12.51 -25.72
CA GLU N 128 -102.83 11.39 -26.63
C GLU N 128 -103.23 10.14 -25.84
N ASN N 129 -102.47 9.81 -24.78
CA ASN N 129 -102.74 8.64 -23.94
C ASN N 129 -102.04 8.74 -22.61
N VAL N 130 -102.58 7.99 -21.65
CA VAL N 130 -102.04 7.76 -20.31
C VAL N 130 -101.96 6.27 -20.14
N GLY N 131 -100.80 5.78 -19.77
CA GLY N 131 -100.61 4.36 -19.56
C GLY N 131 -99.99 3.97 -18.24
N ILE N 132 -100.38 2.77 -17.74
CA ILE N 132 -99.80 2.11 -16.57
C ILE N 132 -99.05 0.93 -17.13
N TYR N 133 -97.76 0.79 -16.76
CA TYR N 133 -96.89 -0.28 -17.26
C TYR N 133 -96.31 -1.09 -16.13
N LEU N 134 -96.28 -2.41 -16.30
CA LEU N 134 -95.68 -3.36 -15.36
C LEU N 134 -94.55 -4.10 -16.08
N GLY N 135 -93.37 -4.18 -15.47
CA GLY N 135 -92.21 -4.86 -16.02
C GLY N 135 -91.48 -5.76 -15.04
N THR N 136 -90.63 -6.68 -15.56
CA THR N 136 -89.86 -7.59 -14.73
C THR N 136 -88.62 -6.83 -14.14
N GLY N 137 -88.04 -5.93 -14.95
CA GLY N 137 -86.84 -5.18 -14.59
C GLY N 137 -87.03 -3.68 -14.41
N ILE N 138 -86.00 -3.04 -13.77
CA ILE N 138 -85.91 -1.61 -13.43
C ILE N 138 -86.25 -0.76 -14.70
N LEU N 139 -85.90 -1.21 -15.92
CA LEU N 139 -86.30 -0.47 -17.12
C LEU N 139 -87.68 -0.94 -17.64
N THR N 140 -88.70 -0.11 -17.43
CA THR N 140 -90.09 -0.38 -17.84
C THR N 140 -90.58 0.88 -18.53
N ASP N 141 -91.25 0.74 -19.69
CA ASP N 141 -91.79 1.85 -20.48
C ASP N 141 -92.84 1.33 -21.48
N GLU N 142 -93.28 2.18 -22.40
CA GLU N 142 -94.28 1.80 -23.41
C GLU N 142 -93.68 0.73 -24.38
N LYS N 143 -92.34 0.67 -24.58
CA LYS N 143 -91.75 -0.35 -25.48
C LYS N 143 -91.39 -1.67 -24.70
N GLN N 144 -90.78 -1.56 -23.50
CA GLN N 144 -90.43 -2.69 -22.62
CA GLN N 144 -90.46 -2.75 -22.73
C GLN N 144 -91.42 -2.80 -21.51
N LYS N 145 -92.34 -3.79 -21.56
CA LYS N 145 -93.40 -4.00 -20.55
C LYS N 145 -93.89 -5.44 -20.57
N GLU N 146 -94.37 -5.91 -19.42
CA GLU N 146 -94.94 -7.25 -19.33
C GLU N 146 -96.45 -7.13 -19.39
N ALA N 147 -96.97 -5.90 -19.14
CA ALA N 147 -98.40 -5.55 -19.18
C ALA N 147 -98.59 -4.06 -19.31
N GLU N 148 -99.65 -3.63 -20.03
CA GLU N 148 -99.97 -2.20 -20.13
C GLU N 148 -101.48 -2.00 -19.97
N LEU N 149 -101.83 -0.76 -19.62
CA LEU N 149 -103.21 -0.31 -19.46
C LEU N 149 -103.30 1.06 -20.08
N LYS N 150 -104.09 1.20 -21.15
CA LYS N 150 -104.23 2.47 -21.86
C LYS N 150 -105.50 3.12 -21.34
N LEU N 151 -105.38 4.29 -20.68
CA LEU N 151 -106.52 4.96 -20.03
C LEU N 151 -107.22 6.02 -20.90
N GLY N 152 -106.63 6.32 -22.05
CA GLY N 152 -107.19 7.33 -22.94
C GLY N 152 -106.54 8.69 -22.73
N ASN N 153 -107.22 9.75 -23.15
CA ASN N 153 -106.66 11.10 -23.12
C ASN N 153 -107.63 12.11 -22.49
N THR N 154 -108.43 11.70 -21.50
CA THR N 154 -109.35 12.65 -20.87
C THR N 154 -109.18 12.59 -19.35
N VAL N 155 -108.05 12.05 -18.88
CA VAL N 155 -107.70 11.95 -17.46
C VAL N 155 -107.65 13.37 -16.88
N SER N 156 -108.34 13.60 -15.72
CA SER N 156 -108.37 14.92 -15.06
C SER N 156 -106.95 15.32 -14.65
N LEU N 157 -106.72 16.63 -14.69
CA LEU N 157 -105.45 17.27 -14.40
C LEU N 157 -105.37 17.87 -12.99
N ASP N 158 -104.12 18.09 -12.53
CA ASP N 158 -103.75 18.75 -11.27
C ASP N 158 -104.50 18.17 -10.05
N GLN N 159 -104.76 16.84 -10.06
CA GLN N 159 -105.48 16.11 -8.99
C GLN N 159 -105.15 14.61 -9.10
N GLU N 160 -105.24 13.88 -7.97
CA GLU N 160 -104.90 12.45 -7.96
C GLU N 160 -105.98 11.58 -8.62
N ASN N 161 -105.53 10.63 -9.44
CA ASN N 161 -106.41 9.67 -10.09
C ASN N 161 -105.94 8.25 -9.74
N THR N 162 -106.88 7.29 -9.75
CA THR N 162 -106.59 5.90 -9.40
C THR N 162 -106.99 5.00 -10.57
N ALA N 163 -106.13 4.02 -10.87
CA ALA N 163 -106.34 3.02 -11.90
C ALA N 163 -105.79 1.69 -11.43
N GLU N 164 -106.44 0.57 -11.79
CA GLU N 164 -105.98 -0.76 -11.40
C GLU N 164 -105.67 -1.60 -12.64
N ILE N 165 -104.41 -2.07 -12.72
CA ILE N 165 -103.90 -2.92 -13.78
C ILE N 165 -103.74 -4.34 -13.22
N GLU N 166 -104.21 -5.35 -13.95
CA GLU N 166 -104.11 -6.74 -13.53
C GLU N 166 -102.68 -7.28 -13.74
N ILE N 167 -102.16 -8.00 -12.71
CA ILE N 167 -100.82 -8.58 -12.73
C ILE N 167 -100.81 -9.71 -13.77
N PRO N 168 -99.92 -9.63 -14.80
CA PRO N 168 -99.92 -10.65 -15.86
C PRO N 168 -99.42 -12.01 -15.36
N SER N 169 -99.77 -13.07 -16.11
CA SER N 169 -99.47 -14.48 -15.84
C SER N 169 -97.95 -14.71 -15.63
N GLY N 170 -97.13 -14.09 -16.47
CA GLY N 170 -95.69 -14.24 -16.37
C GLY N 170 -94.99 -13.40 -15.32
N LEU N 171 -95.75 -12.84 -14.38
CA LEU N 171 -95.17 -11.96 -13.38
C LEU N 171 -95.81 -12.18 -12.01
N VAL N 172 -96.87 -12.98 -11.97
CA VAL N 172 -97.69 -13.24 -10.79
C VAL N 172 -96.89 -14.08 -9.74
N ASN N 173 -95.89 -14.87 -10.16
CA ASN N 173 -95.17 -15.68 -9.17
C ASN N 173 -93.78 -15.11 -8.88
N GLU N 174 -93.55 -13.86 -9.26
CA GLU N 174 -92.27 -13.20 -9.01
C GLU N 174 -92.29 -12.53 -7.64
N SER N 175 -91.09 -12.29 -7.08
CA SER N 175 -90.89 -11.72 -5.75
C SER N 175 -91.34 -10.25 -5.71
N TYR N 176 -91.18 -9.55 -6.84
CA TYR N 176 -91.53 -8.14 -7.05
C TYR N 176 -91.60 -7.81 -8.53
N LEU N 177 -92.17 -6.63 -8.87
CA LEU N 177 -92.26 -6.10 -10.23
C LEU N 177 -92.03 -4.58 -10.20
N TYR N 178 -91.74 -3.98 -11.35
CA TYR N 178 -91.54 -2.55 -11.49
C TYR N 178 -92.75 -1.97 -12.19
N ALA N 179 -93.29 -0.90 -11.62
CA ALA N 179 -94.49 -0.25 -12.12
C ALA N 179 -94.19 1.18 -12.46
N ARG N 180 -94.94 1.71 -13.47
CA ARG N 180 -94.68 3.05 -13.96
C ARG N 180 -95.90 3.63 -14.68
N VAL N 181 -96.11 4.94 -14.58
CA VAL N 181 -97.20 5.67 -15.24
C VAL N 181 -96.56 6.56 -16.33
N GLY N 182 -97.14 6.58 -17.53
CA GLY N 182 -96.64 7.41 -18.63
C GLY N 182 -97.72 8.22 -19.32
N VAL N 183 -97.41 9.49 -19.74
CA VAL N 183 -98.39 10.33 -20.48
C VAL N 183 -97.73 10.83 -21.80
N LYS N 184 -98.43 10.62 -22.95
CA LYS N 184 -97.93 11.05 -24.27
C LYS N 184 -98.74 12.18 -24.83
N SER N 185 -98.06 13.21 -25.38
CA SER N 185 -98.67 14.37 -26.03
C SER N 185 -98.54 14.28 -27.55
N ASP N 186 -99.22 15.19 -28.26
CA ASP N 186 -99.17 15.28 -29.71
C ASP N 186 -97.91 16.07 -30.18
N LYS N 187 -97.07 16.57 -29.22
CA LYS N 187 -95.93 17.42 -29.56
C LYS N 187 -94.56 16.67 -29.46
N SER N 188 -94.57 15.41 -29.02
CA SER N 188 -93.39 14.56 -28.91
C SER N 188 -93.74 13.10 -29.26
N SER N 189 -92.74 12.37 -29.80
CA SER N 189 -92.90 10.95 -30.17
C SER N 189 -92.70 10.05 -28.94
N GLU N 190 -92.33 10.64 -27.82
CA GLU N 190 -91.97 9.94 -26.62
C GLU N 190 -92.92 10.27 -25.43
N TYR N 191 -93.23 9.27 -24.59
CA TYR N 191 -94.02 9.48 -23.35
C TYR N 191 -93.17 10.13 -22.29
N CYS N 192 -93.82 10.78 -21.35
CA CYS N 192 -93.19 11.30 -20.16
C CYS N 192 -93.65 10.40 -19.01
N TYR N 193 -92.70 9.89 -18.23
CA TYR N 193 -93.04 8.92 -17.22
C TYR N 193 -92.76 9.34 -15.78
N SER N 194 -93.37 8.58 -14.88
CA SER N 194 -93.12 8.60 -13.46
C SER N 194 -91.83 7.87 -13.19
N GLN N 195 -91.43 7.74 -11.94
CA GLN N 195 -90.25 6.95 -11.65
C GLN N 195 -90.63 5.47 -11.71
N SER N 196 -89.67 4.60 -12.09
CA SER N 196 -89.92 3.16 -12.09
C SER N 196 -89.82 2.69 -10.65
N ILE N 197 -90.98 2.33 -10.05
CA ILE N 197 -91.09 1.96 -8.65
C ILE N 197 -91.29 0.45 -8.49
N LYS N 198 -90.47 -0.15 -7.60
CA LYS N 198 -90.56 -1.55 -7.25
C LYS N 198 -91.82 -1.77 -6.45
N VAL N 199 -92.54 -2.86 -6.74
CA VAL N 199 -93.76 -3.24 -6.04
C VAL N 199 -93.61 -4.68 -5.58
N ALA N 200 -93.60 -4.92 -4.26
CA ALA N 200 -93.49 -6.27 -3.70
C ALA N 200 -94.73 -7.08 -4.02
N LEU N 201 -94.55 -8.34 -4.43
CA LEU N 201 -95.67 -9.23 -4.74
C LEU N 201 -95.78 -10.35 -3.69
N LYS N 202 -94.68 -10.55 -2.94
CA LYS N 202 -94.52 -11.53 -1.88
C LYS N 202 -94.06 -10.81 -0.59
C1 EDO O . 29.68 -32.76 -45.94
O1 EDO O . 30.66 -33.52 -45.21
C2 EDO O . 29.05 -33.52 -47.16
O2 EDO O . 28.21 -34.59 -46.78
C1 EDO P . 4.83 4.37 5.02
O1 EDO P . 3.81 4.39 6.02
C2 EDO P . 5.43 5.77 4.74
O2 EDO P . 6.06 6.31 5.90
C1 EDO Q . 8.08 -14.50 2.49
O1 EDO Q . 8.10 -15.77 1.77
C2 EDO Q . 7.60 -13.30 1.55
O2 EDO Q . 7.48 -12.06 2.26
C1 EDO R . -11.53 -19.28 -21.36
O1 EDO R . -11.67 -18.29 -20.36
C2 EDO R . -10.19 -19.15 -22.15
O2 EDO R . -9.02 -19.31 -21.35
C1 EDO S . -20.11 9.37 7.90
O1 EDO S . -20.12 10.18 9.06
C2 EDO S . -20.21 10.25 6.61
O2 EDO S . -19.12 11.16 6.50
C1 EDO T . -43.50 15.13 14.70
O1 EDO T . -43.93 16.46 14.43
C2 EDO T . -44.10 14.12 13.70
O2 EDO T . -43.88 14.50 12.34
C1 EDO U . 28.78 -3.40 4.57
O1 EDO U . 29.38 -4.57 5.12
C2 EDO U . 28.70 -3.44 3.00
O2 EDO U . 27.86 -4.50 2.54
C1 EDO V . 73.24 -23.98 -8.38
O1 EDO V . 72.95 -22.81 -7.62
C2 EDO V . 72.57 -23.83 -9.78
O2 EDO V . 73.11 -24.71 -10.75
C1 EDO W . -66.27 23.33 22.73
O1 EDO W . -66.27 22.04 22.15
C2 EDO W . -66.28 24.49 21.66
O2 EDO W . -67.45 24.52 20.84
C1 EDO X . 53.81 -38.07 -49.57
O1 EDO X . 53.61 -39.48 -49.71
C2 EDO X . 53.87 -37.33 -50.97
O2 EDO X . 52.69 -37.47 -51.78
C1 EDO Y . 50.72 -15.47 -0.24
O1 EDO Y . 50.70 -16.39 -1.33
C2 EDO Y . 51.12 -14.06 -0.75
O2 EDO Y . 50.21 -13.59 -1.76
C1 EDO Z . 26.99 -28.22 49.07
O1 EDO Z . 26.94 -28.10 50.50
C2 EDO Z . 27.14 -26.85 48.37
O2 EDO Z . 28.31 -26.16 48.82
C1 EDO AA . 20.56 30.96 49.86
O1 EDO AA . 20.00 32.19 50.27
C2 EDO AA . 20.17 30.63 48.38
O2 EDO AA . 20.54 31.67 47.49
C1 EDO BA . -25.01 36.73 -34.23
O1 EDO BA . -24.82 35.95 -35.40
C2 EDO BA . -24.61 38.23 -34.46
O2 EDO BA . -25.41 38.92 -35.39
C1 EDO CA . -64.92 -7.41 -22.96
O1 EDO CA . -64.56 -8.77 -22.79
C2 EDO CA . -64.90 -6.97 -24.44
O2 EDO CA . -65.88 -7.69 -25.14
C1 EDO DA . -90.15 -6.20 -19.31
O1 EDO DA . -90.58 -6.95 -18.17
C2 EDO DA . -89.82 -4.72 -18.93
O2 EDO DA . -88.88 -4.64 -17.85
#